data_9RAZ
#
_entry.id   9RAZ
#
_cell.length_a   97.150
_cell.length_b   97.435
_cell.length_c   100.710
_cell.angle_alpha   77.060
_cell.angle_beta   78.190
_cell.angle_gamma   68.920
#
_symmetry.space_group_name_H-M   'P 1'
#
loop_
_entity.id
_entity.type
_entity.pdbx_description
1 polymer 'NADP-dependent glyceraldehyde-3-phosphate dehydrogenase'
2 non-polymer 'NADP NICOTINAMIDE-ADENINE-DINUCLEOTIDE PHOSPHATE'
3 non-polymer GLYCEROL
4 non-polymer GLYCERALDEHYDE-3-PHOSPHATE
5 water water
#
_entity_poly.entity_id   1
_entity_poly.type   'polypeptide(L)'
_entity_poly.pdbx_seq_one_letter_code
;ASWSHPQFEKIEGRRDRGPEFLAKQYKNLVNGEWKLSENEITIYAPATGEELGSVPAMTQAEVDAVYASAKKALSDWRTL
SYVERAAYLHKAADILVRDAEKIGAILSKEVAKGHKAAVSEVIRTAEIINYAAEEGLRMEGEVLEGGSFEAASKKKIAIV
RREPVGLVLAISPFNYPVNLAGSKIAPALIAGNVVALKPPTQGSISGLLLAEAFAEAGIPAGVFNTITGRGSVIGDYIVE
HEAVNFINFTGSTPIGEGIGKLAGMRPIMLELGGKDSAIVLEDADLALAAKNIVAGAFGYSGQRSTAVKRVLVMDKVADQ
LAAEIKTLVEKLSVGMPEDDADITPLIDTSAADFVEGLIKDATDKGATALTAFNREGNLISPVLFDHVTTDMRLAWEEPF
GPVLPIIRVTTVEEAIKISNESEYGLQASIFTTNFPKAFGIAEQLEVGTVHLNNKTQRGTDNFPFLGAKKSGAGVQGVKY
SIEAMTTVKSVVFDIQ
;
_entity_poly.pdbx_strand_id   A,B,C,D,E,F,G,H
#
loop_
_chem_comp.id
_chem_comp.type
_chem_comp.name
_chem_comp.formula
G3H non-polymer GLYCERALDEHYDE-3-PHOSPHATE 'C3 H7 O6 P'
GOL non-polymer GLYCEROL 'C3 H8 O3'
NAP non-polymer 'NADP NICOTINAMIDE-ADENINE-DINUCLEOTIDE PHOSPHATE' 'C21 H28 N7 O17 P3'
#
# COMPACT_ATOMS: atom_id res chain seq x y z
N ALA A 23 34.22 -18.54 12.51
CA ALA A 23 33.90 -17.22 13.03
C ALA A 23 33.40 -16.32 11.91
N LYS A 24 32.76 -15.21 12.28
CA LYS A 24 32.29 -14.24 11.30
C LYS A 24 31.96 -12.94 12.02
N GLN A 25 31.79 -11.89 11.22
CA GLN A 25 31.42 -10.56 11.72
C GLN A 25 29.93 -10.37 11.48
N TYR A 26 29.17 -10.27 12.56
CA TYR A 26 27.72 -10.14 12.47
C TYR A 26 27.30 -8.68 12.38
N LYS A 27 26.06 -8.47 11.97
CA LYS A 27 25.53 -7.14 11.74
C LYS A 27 24.12 -7.06 12.33
N ASN A 28 23.72 -5.84 12.67
CA ASN A 28 22.37 -5.60 13.16
C ASN A 28 21.38 -5.41 12.02
N LEU A 29 20.14 -5.84 12.25
CA LEU A 29 19.05 -5.60 11.33
C LEU A 29 18.46 -4.23 11.64
N VAL A 30 18.54 -3.32 10.66
CA VAL A 30 18.05 -1.95 10.83
C VAL A 30 17.29 -1.54 9.59
N ASN A 31 15.99 -1.31 9.72
CA ASN A 31 15.16 -0.86 8.62
C ASN A 31 15.29 -1.76 7.40
N GLY A 32 15.29 -3.06 7.64
CA GLY A 32 15.39 -4.04 6.58
C GLY A 32 16.77 -4.21 6.00
N GLU A 33 17.78 -3.58 6.60
CA GLU A 33 19.14 -3.61 6.08
C GLU A 33 20.08 -4.09 7.18
N TRP A 34 21.12 -4.82 6.78
CA TRP A 34 22.13 -5.34 7.70
C TRP A 34 23.27 -4.33 7.77
N LYS A 35 23.42 -3.71 8.93
CA LYS A 35 24.36 -2.62 9.11
C LYS A 35 25.45 -3.01 10.10
N LEU A 36 26.70 -2.86 9.68
CA LEU A 36 27.83 -2.94 10.59
C LEU A 36 27.95 -1.64 11.37
N SER A 37 28.85 -1.63 12.35
CA SER A 37 29.14 -0.44 13.13
C SER A 37 30.64 -0.19 13.15
N GLU A 38 30.99 1.08 13.38
CA GLU A 38 32.40 1.46 13.44
C GLU A 38 33.19 0.56 14.39
N ASN A 39 32.66 0.30 15.58
CA ASN A 39 33.28 -0.54 16.58
C ASN A 39 32.53 -1.87 16.66
N GLU A 40 33.17 -2.86 17.30
CA GLU A 40 32.57 -4.17 17.44
C GLU A 40 33.11 -4.86 18.68
N ILE A 41 32.41 -5.92 19.10
CA ILE A 41 32.73 -6.67 20.30
C ILE A 41 32.90 -8.13 19.91
N THR A 42 34.04 -8.72 20.28
CA THR A 42 34.32 -10.11 19.98
C THR A 42 33.76 -11.01 21.07
N ILE A 43 33.12 -12.09 20.65
CA ILE A 43 32.46 -13.03 21.56
CA ILE A 43 32.45 -13.03 21.55
C ILE A 43 33.20 -14.36 21.50
N TYR A 44 33.46 -14.94 22.68
CA TYR A 44 34.16 -16.21 22.79
C TYR A 44 33.27 -17.22 23.49
N ALA A 45 33.50 -18.50 23.19
CA ALA A 45 32.74 -19.58 23.82
C ALA A 45 33.17 -19.75 25.27
N PRO A 46 32.25 -19.63 26.23
CA PRO A 46 32.68 -19.71 27.65
C PRO A 46 33.29 -21.05 28.04
N ALA A 47 32.95 -22.13 27.35
CA ALA A 47 33.47 -23.44 27.74
C ALA A 47 34.86 -23.71 27.19
N THR A 48 35.26 -23.04 26.11
CA THR A 48 36.54 -23.28 25.46
C THR A 48 37.36 -22.04 25.17
N GLY A 49 36.77 -20.85 25.20
CA GLY A 49 37.44 -19.66 24.73
C GLY A 49 37.48 -19.50 23.23
N GLU A 50 36.90 -20.45 22.47
CA GLU A 50 36.89 -20.36 21.02
C GLU A 50 36.25 -19.05 20.57
N GLU A 51 36.93 -18.34 19.68
CA GLU A 51 36.36 -17.13 19.10
C GLU A 51 35.21 -17.50 18.19
N LEU A 52 34.03 -16.96 18.48
CA LEU A 52 32.83 -17.28 17.72
C LEU A 52 32.46 -16.21 16.70
N GLY A 53 32.93 -14.99 16.89
CA GLY A 53 32.62 -13.90 15.99
C GLY A 53 32.60 -12.59 16.75
N SER A 54 32.10 -11.56 16.08
CA SER A 54 31.97 -10.23 16.66
C SER A 54 30.58 -9.68 16.35
N VAL A 55 30.12 -8.77 17.20
CA VAL A 55 28.82 -8.13 17.01
C VAL A 55 29.01 -6.61 17.06
N PRO A 56 28.17 -5.83 16.38
CA PRO A 56 28.38 -4.39 16.38
C PRO A 56 28.25 -3.78 17.77
N ALA A 57 29.01 -2.70 17.99
CA ALA A 57 28.90 -1.87 19.20
C ALA A 57 28.26 -0.57 18.75
N MET A 58 26.95 -0.45 18.96
CA MET A 58 26.18 0.62 18.36
C MET A 58 26.39 1.96 19.08
N THR A 59 26.36 3.03 18.30
CA THR A 59 26.39 4.38 18.82
C THR A 59 24.96 4.83 19.13
N GLN A 60 24.85 5.98 19.81
CA GLN A 60 23.54 6.50 20.15
C GLN A 60 22.80 7.02 18.94
N ALA A 61 23.52 7.57 17.95
CA ALA A 61 22.89 7.93 16.70
C ALA A 61 22.36 6.71 15.96
N GLU A 62 23.07 5.58 16.06
CA GLU A 62 22.60 4.36 15.42
C GLU A 62 21.37 3.81 16.14
N VAL A 63 21.33 3.95 17.46
CA VAL A 63 20.11 3.60 18.21
C VAL A 63 18.95 4.49 17.76
N ASP A 64 19.19 5.80 17.68
CA ASP A 64 18.15 6.72 17.24
C ASP A 64 17.58 6.31 15.89
N ALA A 65 18.46 5.87 14.97
CA ALA A 65 18.01 5.47 13.64
C ALA A 65 17.14 4.23 13.72
N VAL A 66 17.54 3.25 14.52
CA VAL A 66 16.70 2.06 14.74
C VAL A 66 15.30 2.49 15.16
N TYR A 67 15.22 3.31 16.21
CA TYR A 67 13.91 3.71 16.73
C TYR A 67 13.15 4.55 15.70
N ALA A 68 13.85 5.40 14.95
CA ALA A 68 13.16 6.23 13.96
C ALA A 68 12.53 5.37 12.86
N SER A 69 13.27 4.39 12.34
CA SER A 69 12.71 3.51 11.34
C SER A 69 11.54 2.69 11.88
N ALA A 70 11.59 2.32 13.16
CA ALA A 70 10.50 1.56 13.77
C ALA A 70 9.23 2.39 13.84
N LYS A 71 9.33 3.63 14.34
CA LYS A 71 8.15 4.47 14.44
C LYS A 71 7.61 4.84 13.06
N LYS A 72 8.49 4.89 12.06
CA LYS A 72 8.05 5.17 10.70
C LYS A 72 7.27 3.99 10.11
N ALA A 73 7.68 2.76 10.45
CA ALA A 73 7.03 1.58 9.93
C ALA A 73 5.77 1.20 10.70
N LEU A 74 5.58 1.78 11.88
CA LEU A 74 4.47 1.36 12.74
C LEU A 74 3.12 1.48 12.03
N SER A 75 2.87 2.60 11.35
CA SER A 75 1.54 2.84 10.81
C SER A 75 1.15 1.77 9.80
N ASP A 76 2.05 1.49 8.84
CA ASP A 76 1.74 0.50 7.82
C ASP A 76 1.68 -0.90 8.39
N TRP A 77 2.31 -1.13 9.53
CA TRP A 77 2.30 -2.44 10.17
C TRP A 77 1.02 -2.65 10.96
N ARG A 78 0.61 -1.66 11.74
CA ARG A 78 -0.57 -1.81 12.57
C ARG A 78 -1.87 -1.83 11.76
N THR A 79 -1.85 -1.30 10.53
CA THR A 79 -3.02 -1.30 9.67
C THR A 79 -3.12 -2.53 8.79
N LEU A 80 -2.09 -3.37 8.75
CA LEU A 80 -2.25 -4.70 8.18
C LEU A 80 -3.32 -5.47 8.97
N SER A 81 -3.86 -6.50 8.33
CA SER A 81 -4.76 -7.40 9.01
C SER A 81 -3.99 -8.28 9.99
N TYR A 82 -4.71 -8.78 11.00
CA TYR A 82 -4.10 -9.75 11.90
C TYR A 82 -3.56 -10.96 11.14
N VAL A 83 -4.32 -11.47 10.17
N VAL A 83 -4.30 -11.44 10.15
CA VAL A 83 -3.89 -12.66 9.44
CA VAL A 83 -3.89 -12.66 9.46
C VAL A 83 -2.55 -12.40 8.75
C VAL A 83 -2.63 -12.45 8.63
N GLU A 84 -2.41 -11.23 8.12
CA GLU A 84 -1.16 -10.95 7.40
C GLU A 84 0.02 -10.90 8.36
N ARG A 85 -0.17 -10.31 9.54
CA ARG A 85 0.93 -10.28 10.50
C ARG A 85 1.25 -11.68 10.98
N ALA A 86 0.22 -12.50 11.21
CA ALA A 86 0.44 -13.88 11.63
C ALA A 86 1.20 -14.65 10.57
N ALA A 87 0.93 -14.36 9.29
CA ALA A 87 1.60 -15.08 8.21
C ALA A 87 3.10 -14.85 8.23
N TYR A 88 3.53 -13.61 8.53
CA TYR A 88 4.95 -13.35 8.67
C TYR A 88 5.54 -14.14 9.84
N LEU A 89 4.83 -14.20 10.97
CA LEU A 89 5.35 -14.91 12.12
C LEU A 89 5.45 -16.40 11.85
N HIS A 90 4.44 -16.98 11.20
CA HIS A 90 4.50 -18.40 10.86
C HIS A 90 5.69 -18.70 9.96
N LYS A 91 5.96 -17.82 9.00
CA LYS A 91 7.12 -18.02 8.10
C LYS A 91 8.43 -17.97 8.87
N ALA A 92 8.57 -17.03 9.80
CA ALA A 92 9.78 -16.96 10.61
C ALA A 92 9.97 -18.21 11.43
N ALA A 93 8.89 -18.74 12.01
CA ALA A 93 8.99 -19.97 12.78
C ALA A 93 9.42 -21.14 11.92
N ASP A 94 8.88 -21.23 10.70
CA ASP A 94 9.28 -22.31 9.81
C ASP A 94 10.78 -22.26 9.50
N ILE A 95 11.32 -21.06 9.33
CA ILE A 95 12.75 -20.89 9.05
C ILE A 95 13.58 -21.32 10.26
N LEU A 96 13.12 -20.96 11.46
CA LEU A 96 13.84 -21.38 12.66
C LEU A 96 13.89 -22.90 12.77
N VAL A 97 12.77 -23.58 12.52
CA VAL A 97 12.77 -25.04 12.52
C VAL A 97 13.76 -25.58 11.50
N ARG A 98 13.76 -25.01 10.29
CA ARG A 98 14.68 -25.46 9.24
C ARG A 98 16.12 -25.34 9.71
N ASP A 99 16.45 -24.23 10.38
CA ASP A 99 17.81 -23.93 10.78
C ASP A 99 18.09 -24.23 12.24
N ALA A 100 17.28 -25.08 12.88
CA ALA A 100 17.43 -25.30 14.31
C ALA A 100 18.81 -25.87 14.64
N GLU A 101 19.30 -26.83 13.85
CA GLU A 101 20.60 -27.42 14.13
CA GLU A 101 20.60 -27.42 14.13
C GLU A 101 21.72 -26.41 13.96
N LYS A 102 21.67 -25.61 12.89
CA LYS A 102 22.73 -24.64 12.65
C LYS A 102 22.73 -23.53 13.68
N ILE A 103 21.54 -23.04 14.07
CA ILE A 103 21.47 -22.00 15.09
C ILE A 103 21.85 -22.57 16.45
N GLY A 104 21.31 -23.75 16.77
CA GLY A 104 21.59 -24.36 18.05
C GLY A 104 23.06 -24.64 18.25
N ALA A 105 23.74 -25.07 17.19
CA ALA A 105 25.18 -25.34 17.29
C ALA A 105 25.95 -24.11 17.75
N ILE A 106 25.56 -22.93 17.27
CA ILE A 106 26.21 -21.70 17.67
C ILE A 106 25.75 -21.24 19.04
N LEU A 107 24.45 -21.32 19.29
CA LEU A 107 23.93 -20.98 20.60
C LEU A 107 24.59 -21.82 21.69
N SER A 108 24.75 -23.12 21.44
CA SER A 108 25.41 -24.00 22.41
C SER A 108 26.80 -23.49 22.77
N LYS A 109 27.55 -23.03 21.77
CA LYS A 109 28.90 -22.51 22.04
C LYS A 109 28.83 -21.17 22.77
N GLU A 110 27.89 -20.31 22.39
CA GLU A 110 27.92 -18.94 22.89
C GLU A 110 27.57 -18.85 24.37
N VAL A 111 26.76 -19.78 24.89
CA VAL A 111 26.36 -19.72 26.30
C VAL A 111 26.67 -21.02 27.03
N ALA A 112 27.49 -21.86 26.42
CA ALA A 112 27.95 -23.10 27.07
C ALA A 112 26.75 -23.95 27.51
N LYS A 113 25.75 -24.01 26.66
CA LYS A 113 24.58 -24.86 26.87
C LYS A 113 24.75 -26.14 26.05
N GLY A 114 24.31 -27.25 26.62
CA GLY A 114 24.37 -28.53 25.93
C GLY A 114 23.85 -28.43 24.51
N HIS A 115 24.53 -29.09 23.57
CA HIS A 115 24.16 -28.97 22.16
C HIS A 115 22.68 -29.28 21.95
N LYS A 116 22.24 -30.47 22.38
CA LYS A 116 20.85 -30.86 22.19
C LYS A 116 19.91 -29.87 22.87
N ALA A 117 20.26 -29.44 24.08
CA ALA A 117 19.42 -28.47 24.78
C ALA A 117 19.32 -27.16 24.01
N ALA A 118 20.41 -26.76 23.34
CA ALA A 118 20.38 -25.53 22.54
C ALA A 118 19.49 -25.68 21.33
N VAL A 119 19.58 -26.82 20.63
CA VAL A 119 18.69 -27.06 19.50
C VAL A 119 17.24 -27.06 19.98
N SER A 120 16.99 -27.66 21.15
CA SER A 120 15.64 -27.67 21.70
C SER A 120 15.12 -26.26 21.97
N GLU A 121 16.00 -25.37 22.45
CA GLU A 121 15.56 -23.99 22.69
C GLU A 121 15.06 -23.35 21.39
N VAL A 122 15.77 -23.59 20.29
CA VAL A 122 15.35 -23.04 19.01
C VAL A 122 13.99 -23.58 18.62
N ILE A 123 13.80 -24.90 18.76
CA ILE A 123 12.52 -25.52 18.42
C ILE A 123 11.41 -24.94 19.28
N ARG A 124 11.65 -24.79 20.60
CA ARG A 124 10.63 -24.21 21.48
C ARG A 124 10.31 -22.77 21.09
N THR A 125 11.31 -22.03 20.60
CA THR A 125 11.06 -20.66 20.16
C THR A 125 10.09 -20.64 18.97
N ALA A 126 10.30 -21.54 18.01
CA ALA A 126 9.39 -21.64 16.89
C ALA A 126 7.97 -21.97 17.37
N GLU A 127 7.87 -22.86 18.36
CA GLU A 127 6.55 -23.20 18.91
C GLU A 127 5.87 -21.97 19.51
N ILE A 128 6.63 -21.17 20.28
CA ILE A 128 6.05 -19.98 20.90
C ILE A 128 5.65 -18.97 19.84
N ILE A 129 6.47 -18.80 18.79
CA ILE A 129 6.15 -17.84 17.74
C ILE A 129 4.85 -18.23 17.03
N ASN A 130 4.74 -19.49 16.64
CA ASN A 130 3.51 -19.95 15.99
C ASN A 130 2.30 -19.77 16.89
N TYR A 131 2.44 -20.11 18.18
CA TYR A 131 1.29 -20.06 19.07
C TYR A 131 0.86 -18.61 19.30
N ALA A 132 1.83 -17.69 19.38
CA ALA A 132 1.49 -16.28 19.55
C ALA A 132 0.77 -15.73 18.34
N ALA A 133 1.21 -16.11 17.15
CA ALA A 133 0.56 -15.66 15.93
C ALA A 133 -0.93 -15.99 15.94
N GLU A 134 -1.26 -17.22 16.33
CA GLU A 134 -2.66 -17.65 16.30
C GLU A 134 -3.43 -17.17 17.51
N GLU A 135 -2.78 -17.03 18.67
CA GLU A 135 -3.46 -16.43 19.79
C GLU A 135 -3.82 -14.98 19.49
N GLY A 136 -2.87 -14.24 18.91
CA GLY A 136 -3.03 -12.80 18.75
C GLY A 136 -4.01 -12.40 17.68
N LEU A 137 -4.30 -13.28 16.73
CA LEU A 137 -5.21 -12.89 15.67
C LEU A 137 -6.67 -13.04 16.05
N ARG A 138 -6.97 -13.58 17.25
CA ARG A 138 -8.33 -13.78 17.72
C ARG A 138 -8.52 -13.27 19.15
N MET A 139 -7.93 -12.13 19.49
CA MET A 139 -8.13 -11.54 20.81
CA MET A 139 -8.14 -11.57 20.82
C MET A 139 -9.57 -11.04 20.94
N GLU A 140 -10.04 -10.96 22.18
CA GLU A 140 -11.41 -10.52 22.43
C GLU A 140 -11.58 -9.05 22.08
N GLY A 141 -12.77 -8.71 21.55
CA GLY A 141 -13.28 -7.36 21.58
C GLY A 141 -14.62 -7.39 22.29
N GLU A 142 -14.94 -6.31 23.00
CA GLU A 142 -16.10 -6.27 23.87
C GLU A 142 -17.13 -5.27 23.38
N VAL A 143 -18.41 -5.60 23.59
CA VAL A 143 -19.52 -4.66 23.38
C VAL A 143 -20.26 -4.59 24.70
N LEU A 144 -20.25 -3.43 25.33
CA LEU A 144 -20.85 -3.24 26.64
C LEU A 144 -22.11 -2.40 26.53
N GLU A 145 -23.09 -2.71 27.35
CA GLU A 145 -24.40 -2.09 27.30
C GLU A 145 -24.51 -1.02 28.39
N GLY A 146 -24.83 0.21 27.99
CA GLY A 146 -25.10 1.25 28.96
C GLY A 146 -26.20 0.89 29.92
N GLY A 147 -27.17 0.09 29.45
CA GLY A 147 -28.31 -0.30 30.27
C GLY A 147 -27.99 -1.34 31.32
N SER A 148 -26.76 -1.88 31.32
CA SER A 148 -26.30 -2.67 32.46
C SER A 148 -26.13 -1.83 33.71
N PHE A 149 -25.91 -0.51 33.54
CA PHE A 149 -25.62 0.37 34.67
C PHE A 149 -26.68 1.42 34.93
N GLU A 150 -27.34 1.94 33.89
CA GLU A 150 -28.36 2.96 34.10
CA GLU A 150 -28.28 3.04 34.03
C GLU A 150 -29.36 2.92 32.97
N ALA A 151 -30.63 2.94 33.37
CA ALA A 151 -31.73 2.78 32.43
C ALA A 151 -31.72 3.85 31.36
N ALA A 152 -31.41 5.09 31.73
CA ALA A 152 -31.41 6.19 30.78
C ALA A 152 -30.38 6.01 29.67
N SER A 153 -29.38 5.16 29.87
CA SER A 153 -28.34 4.91 28.88
C SER A 153 -28.52 3.59 28.15
N LYS A 154 -29.73 3.05 28.12
CA LYS A 154 -29.94 1.72 27.55
C LYS A 154 -29.67 1.68 26.05
N LYS A 155 -29.70 2.82 25.36
CA LYS A 155 -29.40 2.86 23.94
C LYS A 155 -27.94 3.17 23.65
N LYS A 156 -27.12 3.34 24.68
CA LYS A 156 -25.70 3.65 24.53
C LYS A 156 -24.90 2.37 24.66
N ILE A 157 -24.01 2.12 23.71
CA ILE A 157 -23.14 0.97 23.74
C ILE A 157 -21.68 1.40 23.55
N ALA A 158 -20.78 0.60 24.10
CA ALA A 158 -19.34 0.82 23.95
C ALA A 158 -18.73 -0.34 23.18
N ILE A 159 -18.07 -0.02 22.05
CA ILE A 159 -17.37 -1.01 21.23
CA ILE A 159 -17.37 -1.00 21.23
C ILE A 159 -15.88 -0.91 21.60
N VAL A 160 -15.36 -1.94 22.25
CA VAL A 160 -14.02 -1.89 22.81
C VAL A 160 -13.11 -2.87 22.07
N ARG A 161 -12.09 -2.34 21.40
CA ARG A 161 -11.18 -3.10 20.57
C ARG A 161 -9.75 -2.86 21.02
N ARG A 162 -8.91 -3.86 20.85
CA ARG A 162 -7.52 -3.76 21.28
C ARG A 162 -6.69 -3.06 20.21
N GLU A 163 -5.64 -2.37 20.66
CA GLU A 163 -4.71 -1.68 19.78
C GLU A 163 -3.29 -1.91 20.32
N PRO A 164 -2.28 -1.84 19.46
CA PRO A 164 -0.90 -1.94 19.94
C PRO A 164 -0.51 -0.71 20.74
N VAL A 165 0.53 -0.88 21.56
CA VAL A 165 1.07 0.24 22.33
C VAL A 165 2.09 1.03 21.53
N GLY A 166 2.74 0.42 20.55
CA GLY A 166 3.66 1.14 19.69
C GLY A 166 4.98 0.42 19.48
N LEU A 167 6.06 1.03 19.95
CA LEU A 167 7.39 0.45 19.87
C LEU A 167 7.68 -0.28 21.18
N VAL A 168 7.90 -1.58 21.09
CA VAL A 168 8.28 -2.41 22.24
C VAL A 168 9.79 -2.62 22.20
N LEU A 169 10.46 -2.33 23.30
CA LEU A 169 11.86 -2.69 23.47
C LEU A 169 11.93 -4.03 24.21
N ALA A 170 12.51 -5.03 23.56
CA ALA A 170 12.64 -6.36 24.13
C ALA A 170 14.10 -6.59 24.47
N ILE A 171 14.35 -7.02 25.71
CA ILE A 171 15.70 -7.24 26.23
C ILE A 171 15.75 -8.67 26.75
N SER A 172 16.53 -9.53 26.07
CA SER A 172 16.60 -10.95 26.39
C SER A 172 17.80 -11.25 27.28
N PRO A 173 17.80 -12.41 27.97
CA PRO A 173 18.91 -12.75 28.87
C PRO A 173 19.87 -13.74 28.23
N PHE A 174 21.02 -13.97 28.88
CA PHE A 174 22.02 -14.87 28.30
C PHE A 174 21.55 -16.33 28.32
N ASN A 175 20.73 -16.72 29.30
CA ASN A 175 20.47 -18.14 29.52
C ASN A 175 19.43 -18.71 28.57
N TYR A 176 18.59 -17.87 27.96
CA TYR A 176 17.69 -18.27 26.88
C TYR A 176 17.67 -17.15 25.85
N PRO A 177 18.79 -16.93 25.15
CA PRO A 177 18.89 -15.74 24.30
C PRO A 177 18.01 -15.79 23.06
N VAL A 178 17.54 -16.96 22.65
CA VAL A 178 16.60 -17.07 21.55
C VAL A 178 15.17 -17.24 22.04
N ASN A 179 14.93 -18.18 22.96
CA ASN A 179 13.57 -18.42 23.44
C ASN A 179 12.98 -17.18 24.10
N LEU A 180 13.74 -16.52 24.98
CA LEU A 180 13.19 -15.36 25.67
C LEU A 180 13.44 -14.05 24.91
N ALA A 181 13.88 -14.14 23.66
CA ALA A 181 13.65 -13.07 22.70
C ALA A 181 12.35 -13.30 21.94
N GLY A 182 12.16 -14.52 21.41
CA GLY A 182 10.94 -14.83 20.69
C GLY A 182 9.69 -14.68 21.52
N SER A 183 9.78 -14.98 22.83
CA SER A 183 8.62 -14.88 23.70
C SER A 183 8.15 -13.44 23.85
N LYS A 184 8.99 -12.47 23.54
CA LYS A 184 8.63 -11.07 23.54
C LYS A 184 8.31 -10.55 22.15
N ILE A 185 9.12 -10.93 21.16
CA ILE A 185 8.96 -10.42 19.80
C ILE A 185 7.60 -10.82 19.23
N ALA A 186 7.27 -12.11 19.29
CA ALA A 186 6.09 -12.57 18.55
C ALA A 186 4.80 -12.04 19.15
N PRO A 187 4.58 -12.10 20.45
CA PRO A 187 3.37 -11.47 21.00
C PRO A 187 3.27 -9.99 20.70
N ALA A 188 4.39 -9.27 20.72
CA ALA A 188 4.35 -7.85 20.37
C ALA A 188 3.93 -7.66 18.92
N LEU A 189 4.53 -8.42 18.00
CA LEU A 189 4.32 -8.17 16.57
C LEU A 189 2.91 -8.48 16.13
N ILE A 190 2.32 -9.58 16.62
CA ILE A 190 0.99 -9.97 16.17
C ILE A 190 -0.03 -8.89 16.49
N ALA A 191 0.14 -8.20 17.62
CA ALA A 191 -0.80 -7.16 18.02
C ALA A 191 -0.62 -5.86 17.25
N GLY A 192 0.40 -5.75 16.41
CA GLY A 192 0.62 -4.55 15.65
C GLY A 192 1.68 -3.62 16.20
N ASN A 193 2.41 -4.04 17.23
CA ASN A 193 3.55 -3.25 17.69
C ASN A 193 4.74 -3.47 16.76
N VAL A 194 5.66 -2.51 16.77
CA VAL A 194 6.97 -2.68 16.18
C VAL A 194 7.93 -2.99 17.33
N VAL A 195 9.09 -3.56 16.99
CA VAL A 195 9.97 -4.14 18.00
C VAL A 195 11.42 -3.83 17.70
N ALA A 196 12.18 -3.55 18.77
CA ALA A 196 13.63 -3.53 18.74
C ALA A 196 14.11 -4.52 19.80
N LEU A 197 15.01 -5.42 19.40
CA LEU A 197 15.56 -6.43 20.29
C LEU A 197 16.97 -6.03 20.70
N LYS A 198 17.20 -5.91 22.00
CA LYS A 198 18.53 -5.76 22.56
C LYS A 198 18.91 -7.10 23.19
N PRO A 199 19.66 -7.95 22.51
CA PRO A 199 20.09 -9.21 23.14
C PRO A 199 21.21 -8.94 24.13
N PRO A 200 21.50 -9.89 25.01
CA PRO A 200 22.69 -9.74 25.86
C PRO A 200 23.93 -9.83 25.00
N THR A 201 24.99 -9.15 25.43
CA THR A 201 26.24 -9.20 24.68
C THR A 201 26.71 -10.65 24.53
N GLN A 202 26.83 -11.38 25.64
CA GLN A 202 27.08 -12.81 25.58
C GLN A 202 25.75 -13.48 25.26
N GLY A 203 25.54 -13.77 23.98
CA GLY A 203 24.25 -14.22 23.49
C GLY A 203 23.79 -13.40 22.30
N SER A 204 24.55 -12.36 21.98
CA SER A 204 24.15 -11.47 20.89
C SER A 204 24.21 -12.14 19.54
N ILE A 205 25.15 -13.07 19.34
CA ILE A 205 25.19 -13.79 18.07
C ILE A 205 23.91 -14.60 17.89
N SER A 206 23.44 -15.25 18.96
CA SER A 206 22.20 -16.02 18.88
C SER A 206 21.01 -15.13 18.59
N GLY A 207 20.96 -13.95 19.22
CA GLY A 207 19.88 -13.03 18.94
C GLY A 207 19.88 -12.57 17.50
N LEU A 208 21.07 -12.33 16.93
CA LEU A 208 21.14 -11.91 15.54
C LEU A 208 20.81 -13.06 14.60
N LEU A 209 21.10 -14.30 15.00
CA LEU A 209 20.67 -15.44 14.20
C LEU A 209 19.15 -15.55 14.18
N LEU A 210 18.51 -15.27 15.31
CA LEU A 210 17.04 -15.21 15.33
C LEU A 210 16.54 -14.12 14.40
N ALA A 211 17.17 -12.95 14.43
CA ALA A 211 16.75 -11.85 13.56
C ALA A 211 16.83 -12.25 12.10
N GLU A 212 17.83 -13.07 11.74
CA GLU A 212 17.94 -13.50 10.35
C GLU A 212 16.66 -14.20 9.87
N ALA A 213 16.05 -15.01 10.75
CA ALA A 213 14.86 -15.74 10.37
C ALA A 213 13.70 -14.79 10.10
N PHE A 214 13.56 -13.76 10.94
CA PHE A 214 12.50 -12.77 10.72
C PHE A 214 12.74 -11.97 9.43
N ALA A 215 14.00 -11.63 9.14
CA ALA A 215 14.30 -10.92 7.91
C ALA A 215 13.98 -11.77 6.68
N GLU A 216 14.39 -13.04 6.70
CA GLU A 216 14.11 -13.92 5.57
C GLU A 216 12.61 -14.10 5.39
N ALA A 217 11.86 -14.12 6.49
CA ALA A 217 10.41 -14.23 6.41
C ALA A 217 9.78 -13.04 5.73
N GLY A 218 10.53 -11.96 5.53
CA GLY A 218 10.01 -10.78 4.83
C GLY A 218 9.39 -9.72 5.71
N ILE A 219 9.63 -9.77 7.02
CA ILE A 219 9.07 -8.79 7.94
C ILE A 219 9.36 -7.40 7.38
N PRO A 220 8.36 -6.52 7.27
CA PRO A 220 8.61 -5.22 6.61
C PRO A 220 9.70 -4.41 7.29
N ALA A 221 10.43 -3.65 6.47
CA ALA A 221 11.56 -2.87 6.96
C ALA A 221 11.14 -1.99 8.14
N GLY A 222 11.91 -2.08 9.22
CA GLY A 222 11.67 -1.28 10.39
C GLY A 222 10.71 -1.89 11.39
N VAL A 223 9.94 -2.90 10.99
CA VAL A 223 8.98 -3.51 11.91
C VAL A 223 9.71 -4.25 13.02
N PHE A 224 10.83 -4.89 12.69
CA PHE A 224 11.65 -5.58 13.67
C PHE A 224 13.11 -5.22 13.43
N ASN A 225 13.79 -4.78 14.48
CA ASN A 225 15.17 -4.34 14.39
C ASN A 225 15.93 -4.88 15.60
N THR A 226 17.26 -4.88 15.49
CA THR A 226 18.13 -5.33 16.57
C THR A 226 19.09 -4.23 16.97
N ILE A 227 19.55 -4.29 18.21
CA ILE A 227 20.52 -3.36 18.78
C ILE A 227 21.53 -4.19 19.56
N THR A 228 22.81 -4.00 19.27
CA THR A 228 23.88 -4.65 20.01
C THR A 228 24.83 -3.59 20.54
N GLY A 229 25.42 -3.87 21.69
CA GLY A 229 26.27 -2.95 22.41
C GLY A 229 26.23 -3.26 23.89
N ARG A 230 27.28 -2.83 24.59
CA ARG A 230 27.41 -3.16 26.01
C ARG A 230 26.24 -2.57 26.79
N GLY A 231 25.50 -3.44 27.47
CA GLY A 231 24.40 -2.97 28.30
C GLY A 231 24.83 -1.92 29.30
N SER A 232 26.06 -2.01 29.80
CA SER A 232 26.60 -1.02 30.72
C SER A 232 26.96 0.29 30.05
N VAL A 233 26.74 0.43 28.75
CA VAL A 233 27.07 1.66 28.04
C VAL A 233 25.81 2.27 27.44
N ILE A 234 25.09 1.48 26.62
CA ILE A 234 23.89 1.96 25.95
C ILE A 234 22.61 1.53 26.65
N GLY A 235 22.70 0.68 27.68
CA GLY A 235 21.50 0.15 28.30
C GLY A 235 20.55 1.24 28.79
N ASP A 236 21.10 2.21 29.53
CA ASP A 236 20.25 3.30 29.99
C ASP A 236 19.70 4.11 28.82
N TYR A 237 20.54 4.36 27.81
CA TYR A 237 20.10 5.17 26.68
C TYR A 237 18.94 4.52 25.94
N ILE A 238 19.05 3.22 25.64
CA ILE A 238 17.99 2.56 24.88
C ILE A 238 16.69 2.52 25.68
N VAL A 239 16.77 2.44 27.01
CA VAL A 239 15.57 2.33 27.82
C VAL A 239 14.88 3.68 27.99
N GLU A 240 15.65 4.76 28.21
CA GLU A 240 15.04 6.05 28.50
C GLU A 240 14.65 6.82 27.23
N HIS A 241 15.08 6.36 26.06
CA HIS A 241 14.68 7.00 24.81
C HIS A 241 13.15 7.05 24.73
N GLU A 242 12.62 8.23 24.42
CA GLU A 242 11.17 8.40 24.46
C GLU A 242 10.44 7.77 23.28
N ALA A 243 11.17 7.31 22.26
CA ALA A 243 10.51 6.55 21.19
C ALA A 243 9.95 5.23 21.72
N VAL A 244 10.52 4.71 22.79
CA VAL A 244 10.11 3.42 23.35
C VAL A 244 8.81 3.61 24.13
N ASN A 245 7.80 2.82 23.79
CA ASN A 245 6.50 2.89 24.44
C ASN A 245 6.28 1.77 25.46
N PHE A 246 7.16 0.77 25.51
CA PHE A 246 6.97 -0.40 26.34
C PHE A 246 8.31 -1.10 26.44
N ILE A 247 8.66 -1.54 27.64
CA ILE A 247 9.92 -2.25 27.88
C ILE A 247 9.58 -3.64 28.42
N ASN A 248 10.11 -4.66 27.75
CA ASN A 248 9.86 -6.06 28.10
C ASN A 248 11.23 -6.68 28.37
N PHE A 249 11.53 -6.90 29.67
CA PHE A 249 12.90 -7.20 30.10
C PHE A 249 12.94 -8.50 30.89
N THR A 250 13.92 -9.34 30.57
CA THR A 250 14.25 -10.51 31.39
C THR A 250 15.72 -10.42 31.73
N GLY A 251 16.04 -10.54 33.01
CA GLY A 251 17.43 -10.44 33.44
C GLY A 251 17.54 -10.35 34.96
N SER A 252 18.65 -9.76 35.41
CA SER A 252 18.95 -9.72 36.83
C SER A 252 18.05 -8.72 37.54
N THR A 253 17.78 -9.01 38.83
CA THR A 253 16.93 -8.13 39.63
C THR A 253 17.45 -6.70 39.69
N PRO A 254 18.75 -6.44 39.94
CA PRO A 254 19.18 -5.03 40.03
C PRO A 254 18.99 -4.24 38.74
N ILE A 255 19.29 -4.85 37.60
CA ILE A 255 19.06 -4.17 36.31
C ILE A 255 17.58 -3.94 36.11
N GLY A 256 16.75 -4.94 36.43
CA GLY A 256 15.31 -4.76 36.31
C GLY A 256 14.81 -3.63 37.19
N GLU A 257 15.27 -3.59 38.45
CA GLU A 257 14.87 -2.50 39.34
C GLU A 257 15.18 -1.15 38.71
N GLY A 258 16.36 -1.03 38.09
CA GLY A 258 16.71 0.22 37.43
C GLY A 258 15.74 0.58 36.32
N ILE A 259 15.33 -0.41 35.53
CA ILE A 259 14.37 -0.14 34.44
C ILE A 259 13.05 0.34 35.01
N GLY A 260 12.62 -0.23 36.14
CA GLY A 260 11.38 0.21 36.75
C GLY A 260 11.36 1.69 37.07
N LYS A 261 12.52 2.27 37.34
CA LYS A 261 12.60 3.71 37.60
C LYS A 261 12.56 4.49 36.29
N LEU A 262 13.37 4.09 35.31
CA LEU A 262 13.47 4.81 34.05
C LEU A 262 12.22 4.69 33.19
N ALA A 263 11.26 3.86 33.58
CA ALA A 263 10.06 3.69 32.77
C ALA A 263 9.06 4.84 32.96
N GLY A 264 9.09 5.49 34.12
CA GLY A 264 8.14 6.54 34.41
C GLY A 264 6.72 6.02 34.50
N MET A 265 5.86 6.48 33.59
CA MET A 265 4.50 5.96 33.49
C MET A 265 4.36 4.94 32.38
N ARG A 266 5.43 4.65 31.64
CA ARG A 266 5.35 3.72 30.52
C ARG A 266 5.20 2.29 31.04
N PRO A 267 4.35 1.48 30.41
CA PRO A 267 4.17 0.10 30.86
C PRO A 267 5.45 -0.72 30.66
N ILE A 268 5.62 -1.71 31.54
CA ILE A 268 6.81 -2.55 31.53
C ILE A 268 6.46 -3.99 31.88
N MET A 269 7.40 -4.87 31.55
CA MET A 269 7.36 -6.25 32.05
CA MET A 269 7.37 -6.27 31.99
C MET A 269 8.77 -6.61 32.49
N LEU A 270 8.86 -7.17 33.68
CA LEU A 270 10.14 -7.53 34.25
C LEU A 270 10.07 -8.99 34.69
N GLU A 271 11.02 -9.79 34.21
CA GLU A 271 11.17 -11.18 34.63
C GLU A 271 12.57 -11.27 35.26
N LEU A 272 12.63 -11.34 36.59
CA LEU A 272 13.86 -11.18 37.32
C LEU A 272 14.24 -12.50 38.01
N GLY A 273 14.93 -12.41 39.13
CA GLY A 273 15.46 -13.60 39.78
C GLY A 273 14.40 -14.42 40.48
N GLY A 274 14.79 -15.64 40.82
CA GLY A 274 13.95 -16.52 41.62
C GLY A 274 14.77 -17.28 42.64
N LYS A 275 14.11 -17.71 43.70
CA LYS A 275 14.68 -18.65 44.67
C LYS A 275 13.58 -19.66 45.02
N ASP A 276 13.14 -20.40 44.01
CA ASP A 276 11.97 -21.26 44.15
C ASP A 276 12.19 -22.33 45.22
N SER A 277 11.20 -22.48 46.10
N SER A 277 11.21 -22.45 46.11
CA SER A 277 11.25 -23.46 47.16
CA SER A 277 11.22 -23.47 47.12
C SER A 277 10.50 -24.72 46.75
C SER A 277 10.61 -24.76 46.58
N ALA A 278 11.06 -25.88 47.11
CA ALA A 278 10.40 -27.17 46.96
C ALA A 278 10.05 -27.64 48.38
N ILE A 279 8.76 -27.62 48.70
CA ILE A 279 8.27 -27.99 50.03
C ILE A 279 7.93 -29.47 50.01
N VAL A 280 8.56 -30.25 50.87
CA VAL A 280 8.40 -31.72 50.90
C VAL A 280 7.81 -32.09 52.25
N LEU A 281 6.57 -32.57 52.24
CA LEU A 281 5.85 -32.92 53.46
C LEU A 281 6.10 -34.38 53.83
N GLU A 282 5.60 -34.76 55.01
N GLU A 282 5.62 -34.77 55.01
CA GLU A 282 5.88 -36.08 55.57
CA GLU A 282 5.91 -36.09 55.53
C GLU A 282 5.27 -37.22 54.75
C GLU A 282 5.34 -37.20 54.65
N ASP A 283 4.24 -36.94 53.95
CA ASP A 283 3.59 -37.97 53.15
C ASP A 283 4.01 -37.96 51.69
N ALA A 284 5.07 -37.25 51.34
CA ALA A 284 5.51 -37.19 49.95
C ALA A 284 6.12 -38.52 49.51
N ASP A 285 6.06 -38.75 48.19
CA ASP A 285 6.85 -39.79 47.53
C ASP A 285 8.27 -39.24 47.43
N LEU A 286 9.15 -39.71 48.30
CA LEU A 286 10.46 -39.08 48.45
C LEU A 286 11.34 -39.30 47.22
N ALA A 287 11.31 -40.51 46.64
CA ALA A 287 12.11 -40.75 45.45
C ALA A 287 11.62 -39.91 44.28
N LEU A 288 10.29 -39.74 44.17
CA LEU A 288 9.76 -38.90 43.10
C LEU A 288 10.09 -37.44 43.35
N ALA A 289 9.96 -36.99 44.60
CA ALA A 289 10.36 -35.63 44.94
C ALA A 289 11.81 -35.39 44.56
N ALA A 290 12.69 -36.33 44.94
CA ALA A 290 14.11 -36.18 44.63
C ALA A 290 14.35 -36.07 43.13
N LYS A 291 13.68 -36.91 42.34
CA LYS A 291 13.85 -36.88 40.89
C LYS A 291 13.52 -35.51 40.32
N ASN A 292 12.36 -34.96 40.70
CA ASN A 292 11.95 -33.67 40.18
C ASN A 292 12.84 -32.55 40.67
N ILE A 293 13.23 -32.63 41.94
CA ILE A 293 14.09 -31.60 42.54
C ILE A 293 15.42 -31.51 41.79
N VAL A 294 16.03 -32.67 41.52
CA VAL A 294 17.35 -32.66 40.88
C VAL A 294 17.25 -32.17 39.44
N ALA A 295 16.25 -32.66 38.70
CA ALA A 295 16.05 -32.17 37.34
C ALA A 295 15.85 -30.67 37.32
N GLY A 296 15.05 -30.13 38.22
CA GLY A 296 14.76 -28.73 38.24
C GLY A 296 15.89 -27.86 38.75
N ALA A 297 16.60 -28.35 39.77
CA ALA A 297 17.63 -27.53 40.39
C ALA A 297 18.88 -27.43 39.53
N PHE A 298 19.24 -28.50 38.83
CA PHE A 298 20.54 -28.58 38.16
C PHE A 298 20.47 -28.49 36.65
N GLY A 299 19.28 -28.30 36.08
CA GLY A 299 19.18 -28.04 34.65
C GLY A 299 20.02 -26.84 34.26
N TYR A 300 20.78 -26.96 33.16
CA TYR A 300 21.63 -25.87 32.69
C TYR A 300 22.48 -25.33 33.84
N SER A 301 23.00 -26.23 34.66
CA SER A 301 23.91 -25.89 35.75
C SER A 301 23.29 -24.93 36.76
N GLY A 302 21.97 -24.96 36.89
CA GLY A 302 21.29 -24.07 37.80
C GLY A 302 21.10 -22.65 37.30
N GLN A 303 21.44 -22.36 36.05
CA GLN A 303 21.37 -21.02 35.49
C GLN A 303 19.99 -20.74 34.91
N ARG A 304 18.99 -20.82 35.78
CA ARG A 304 17.60 -20.59 35.38
C ARG A 304 16.88 -19.92 36.53
N SER A 305 16.05 -18.94 36.20
CA SER A 305 15.31 -18.22 37.23
C SER A 305 14.25 -19.12 37.86
N THR A 306 13.53 -19.87 37.02
N THR A 306 13.77 -20.13 37.14
CA THR A 306 12.53 -20.82 37.45
CA THR A 306 12.69 -20.99 37.62
C THR A 306 13.25 -22.15 37.58
C THR A 306 13.17 -22.33 38.20
N ALA A 307 13.50 -22.55 38.81
N ALA A 307 14.42 -22.44 38.62
CA ALA A 307 14.36 -23.69 39.10
CA ALA A 307 14.90 -23.71 39.16
C ALA A 307 14.35 -23.87 40.59
C ALA A 307 14.48 -23.87 40.62
N VAL A 308 14.27 -25.12 41.04
CA VAL A 308 14.23 -25.41 42.47
C VAL A 308 15.58 -24.96 43.04
N LYS A 309 15.53 -24.00 43.95
CA LYS A 309 16.75 -23.44 44.54
C LYS A 309 16.82 -23.64 46.05
N ARG A 310 15.79 -24.19 46.68
CA ARG A 310 15.92 -24.56 48.08
C ARG A 310 14.86 -25.61 48.40
N VAL A 311 15.26 -26.62 49.16
CA VAL A 311 14.37 -27.69 49.60
C VAL A 311 14.00 -27.40 51.04
N LEU A 312 12.72 -27.30 51.31
CA LEU A 312 12.19 -27.12 52.66
C LEU A 312 11.46 -28.42 52.98
N VAL A 313 12.10 -29.26 53.80
CA VAL A 313 11.66 -30.63 54.03
C VAL A 313 11.37 -30.83 55.50
N MET A 314 10.22 -31.45 55.80
CA MET A 314 9.87 -31.78 57.18
C MET A 314 10.91 -32.72 57.78
N ASP A 315 11.24 -32.49 59.06
CA ASP A 315 12.32 -33.21 59.73
C ASP A 315 12.21 -34.72 59.54
N LYS A 316 11.02 -35.28 59.76
CA LYS A 316 10.86 -36.73 59.85
C LYS A 316 11.36 -37.43 58.59
N VAL A 317 11.30 -36.77 57.44
CA VAL A 317 11.67 -37.42 56.18
C VAL A 317 12.92 -36.80 55.56
N ALA A 318 13.59 -35.88 56.26
CA ALA A 318 14.70 -35.15 55.65
C ALA A 318 15.90 -36.04 55.38
N ASP A 319 16.25 -36.91 56.32
CA ASP A 319 17.37 -37.82 56.10
C ASP A 319 17.13 -38.68 54.87
N GLN A 320 15.91 -39.23 54.76
CA GLN A 320 15.60 -40.09 53.62
C GLN A 320 15.61 -39.32 52.32
N LEU A 321 15.06 -38.12 52.30
CA LEU A 321 15.04 -37.34 51.07
C LEU A 321 16.44 -36.94 50.66
N ALA A 322 17.27 -36.51 51.62
CA ALA A 322 18.63 -36.10 51.29
C ALA A 322 19.41 -37.24 50.64
N ALA A 323 19.25 -38.46 51.14
CA ALA A 323 19.93 -39.60 50.54
C ALA A 323 19.47 -39.82 49.10
N GLU A 324 18.17 -39.70 48.85
CA GLU A 324 17.67 -39.87 47.49
C GLU A 324 18.22 -38.81 46.56
N ILE A 325 18.26 -37.56 47.02
CA ILE A 325 18.79 -36.49 46.18
C ILE A 325 20.28 -36.68 45.95
N LYS A 326 21.03 -37.01 47.00
CA LYS A 326 22.48 -37.21 46.88
C LYS A 326 22.79 -38.22 45.80
N THR A 327 22.11 -39.37 45.82
CA THR A 327 22.41 -40.41 44.83
C THR A 327 22.21 -39.90 43.42
N LEU A 328 21.16 -39.11 43.18
CA LEU A 328 20.93 -38.59 41.85
C LEU A 328 21.98 -37.57 41.45
N VAL A 329 22.35 -36.67 42.37
CA VAL A 329 23.32 -35.63 42.04
C VAL A 329 24.67 -36.24 41.67
N GLU A 330 25.08 -37.30 42.39
CA GLU A 330 26.34 -37.98 42.10
C GLU A 330 26.36 -38.55 40.69
N LYS A 331 25.20 -38.83 40.10
CA LYS A 331 25.12 -39.44 38.78
C LYS A 331 25.12 -38.42 37.64
N LEU A 332 24.98 -37.14 37.95
CA LEU A 332 24.94 -36.13 36.89
C LEU A 332 26.28 -36.07 36.18
N SER A 333 26.24 -35.96 34.85
CA SER A 333 27.45 -35.79 34.06
C SER A 333 27.93 -34.34 34.19
N VAL A 334 29.24 -34.17 34.25
CA VAL A 334 29.88 -32.86 34.42
C VAL A 334 30.90 -32.74 33.31
N GLY A 335 30.67 -31.80 32.39
CA GLY A 335 31.54 -31.71 31.24
C GLY A 335 31.25 -30.59 30.26
N MET A 336 31.47 -30.85 28.97
CA MET A 336 31.42 -29.82 27.94
CA MET A 336 31.41 -29.82 27.96
C MET A 336 30.07 -29.82 27.24
N PRO A 337 29.68 -28.64 26.71
CA PRO A 337 28.41 -28.57 25.97
C PRO A 337 28.31 -29.55 24.82
N GLU A 338 29.41 -29.75 24.07
CA GLU A 338 29.37 -30.64 22.92
CA GLU A 338 29.36 -30.64 22.92
C GLU A 338 29.03 -32.06 23.30
N ASP A 339 29.28 -32.44 24.56
CA ASP A 339 28.99 -33.77 25.05
C ASP A 339 27.65 -33.86 25.77
N ASP A 340 26.85 -32.80 25.72
CA ASP A 340 25.50 -32.80 26.30
C ASP A 340 25.54 -33.11 27.79
N ALA A 341 26.57 -32.60 28.46
CA ALA A 341 26.69 -32.82 29.89
C ALA A 341 25.54 -32.15 30.64
N ASP A 342 25.11 -32.80 31.73
CA ASP A 342 24.10 -32.20 32.59
C ASP A 342 24.62 -30.88 33.16
N ILE A 343 25.85 -30.87 33.67
CA ILE A 343 26.47 -29.70 34.26
C ILE A 343 27.57 -29.24 33.31
N THR A 344 27.40 -28.03 32.77
CA THR A 344 28.35 -27.43 31.86
C THR A 344 29.01 -26.22 32.50
N PRO A 345 30.08 -25.71 31.92
CA PRO A 345 30.75 -24.54 32.50
C PRO A 345 29.79 -23.37 32.63
N LEU A 346 29.96 -22.60 33.69
CA LEU A 346 29.12 -21.43 33.92
C LEU A 346 29.49 -20.33 32.93
N ILE A 347 28.59 -19.34 32.84
CA ILE A 347 28.63 -18.38 31.73
C ILE A 347 29.94 -17.59 31.72
N ASP A 348 30.50 -17.29 32.88
CA ASP A 348 31.77 -16.57 32.93
C ASP A 348 32.45 -16.84 34.27
N THR A 349 33.64 -16.24 34.44
CA THR A 349 34.43 -16.49 35.64
C THR A 349 33.82 -15.83 36.86
N SER A 350 33.25 -14.63 36.69
CA SER A 350 32.61 -13.95 37.82
C SER A 350 31.45 -14.78 38.35
N ALA A 351 30.67 -15.40 37.46
CA ALA A 351 29.57 -16.23 37.90
C ALA A 351 30.06 -17.43 38.70
N ALA A 352 31.14 -18.06 38.25
CA ALA A 352 31.68 -19.21 38.98
C ALA A 352 32.26 -18.78 40.31
N ASP A 353 32.90 -17.59 40.36
CA ASP A 353 33.44 -17.07 41.61
C ASP A 353 32.32 -16.86 42.63
N PHE A 354 31.22 -16.24 42.18
CA PHE A 354 30.08 -16.00 43.06
C PHE A 354 29.52 -17.31 43.62
N VAL A 355 29.38 -18.31 42.76
CA VAL A 355 28.87 -19.61 43.20
C VAL A 355 29.83 -20.25 44.19
N GLU A 356 31.12 -20.24 43.87
CA GLU A 356 32.11 -20.80 44.79
C GLU A 356 32.07 -20.09 46.13
N GLY A 357 31.86 -18.77 46.10
CA GLY A 357 31.73 -18.03 47.35
C GLY A 357 30.56 -18.51 48.19
N LEU A 358 29.40 -18.73 47.57
CA LEU A 358 28.25 -19.21 48.31
C LEU A 358 28.50 -20.59 48.90
N ILE A 359 29.18 -21.46 48.14
CA ILE A 359 29.49 -22.80 48.63
C ILE A 359 30.42 -22.72 49.84
N LYS A 360 31.42 -21.85 49.76
CA LYS A 360 32.38 -21.71 50.85
C LYS A 360 31.70 -21.17 52.11
N ASP A 361 30.79 -20.21 51.96
CA ASP A 361 30.08 -19.67 53.12
C ASP A 361 29.27 -20.75 53.82
N ALA A 362 28.63 -21.64 53.04
CA ALA A 362 27.83 -22.70 53.66
C ALA A 362 28.71 -23.68 54.41
N THR A 363 29.83 -24.09 53.81
CA THR A 363 30.75 -24.99 54.48
C THR A 363 31.29 -24.36 55.76
N ASP A 364 31.63 -23.08 55.71
CA ASP A 364 32.19 -22.42 56.90
C ASP A 364 31.19 -22.38 58.04
N LYS A 365 29.91 -22.18 57.74
CA LYS A 365 28.87 -22.11 58.76
C LYS A 365 28.35 -23.48 59.18
N GLY A 366 28.91 -24.56 58.64
CA GLY A 366 28.64 -25.89 59.15
C GLY A 366 27.68 -26.75 58.35
N ALA A 367 27.28 -26.31 57.16
CA ALA A 367 26.45 -27.16 56.32
C ALA A 367 27.21 -28.40 55.90
N THR A 368 26.47 -29.49 55.66
CA THR A 368 27.05 -30.78 55.30
C THR A 368 27.07 -30.89 53.78
N ALA A 369 28.26 -30.91 53.19
CA ALA A 369 28.38 -31.13 51.75
C ALA A 369 28.19 -32.60 51.46
N LEU A 370 27.05 -32.96 50.86
CA LEU A 370 26.75 -34.36 50.58
C LEU A 370 27.41 -34.82 49.29
N THR A 371 27.66 -33.90 48.35
CA THR A 371 28.43 -34.18 47.15
C THR A 371 29.63 -33.25 47.12
N ALA A 372 30.70 -33.70 46.46
CA ALA A 372 31.99 -33.04 46.58
C ALA A 372 32.10 -31.84 45.65
N PHE A 373 32.59 -30.73 46.19
CA PHE A 373 32.88 -29.56 45.37
C PHE A 373 34.14 -29.79 44.55
N ASN A 374 34.12 -29.34 43.31
CA ASN A 374 35.32 -29.31 42.48
C ASN A 374 35.12 -28.24 41.42
N ARG A 375 36.20 -27.55 41.06
CA ARG A 375 36.14 -26.53 40.03
C ARG A 375 37.35 -26.67 39.13
N GLU A 376 37.11 -26.80 37.82
CA GLU A 376 38.15 -26.79 36.80
C GLU A 376 37.76 -25.69 35.82
N GLY A 377 38.56 -24.64 35.75
CA GLY A 377 38.15 -23.46 35.00
C GLY A 377 36.90 -22.89 35.64
N ASN A 378 35.82 -22.81 34.86
CA ASN A 378 34.53 -22.37 35.37
C ASN A 378 33.52 -23.51 35.42
N LEU A 379 33.98 -24.76 35.31
CA LEU A 379 33.11 -25.93 35.42
C LEU A 379 33.09 -26.33 36.89
N ILE A 380 32.01 -25.96 37.58
CA ILE A 380 31.82 -26.33 38.99
C ILE A 380 31.01 -27.62 39.04
N SER A 381 31.50 -28.60 39.79
CA SER A 381 30.75 -29.83 39.97
C SER A 381 29.58 -29.58 40.90
N PRO A 382 28.48 -30.31 40.73
CA PRO A 382 27.25 -30.01 41.50
C PRO A 382 27.41 -30.34 42.98
N VAL A 383 27.04 -29.38 43.83
CA VAL A 383 27.20 -29.49 45.27
C VAL A 383 25.83 -29.48 45.93
N LEU A 384 25.54 -30.53 46.70
CA LEU A 384 24.31 -30.64 47.48
C LEU A 384 24.66 -30.46 48.95
N PHE A 385 23.99 -29.52 49.61
CA PHE A 385 24.19 -29.24 51.03
C PHE A 385 22.96 -29.66 51.83
N ASP A 386 23.20 -30.32 52.96
CA ASP A 386 22.18 -30.58 53.96
C ASP A 386 22.45 -29.71 55.19
N HIS A 387 21.44 -29.61 56.05
CA HIS A 387 21.55 -28.84 57.29
C HIS A 387 21.93 -27.40 57.00
N VAL A 388 21.35 -26.84 55.95
CA VAL A 388 21.49 -25.42 55.66
C VAL A 388 20.53 -24.64 56.56
N THR A 389 20.99 -23.50 57.06
CA THR A 389 20.20 -22.71 58.00
C THR A 389 19.99 -21.31 57.42
N THR A 390 19.03 -20.59 58.01
CA THR A 390 18.68 -19.27 57.51
C THR A 390 19.78 -18.24 57.74
N ASP A 391 20.83 -18.57 58.49
N ASP A 391 20.83 -18.56 58.49
CA ASP A 391 21.98 -17.71 58.67
CA ASP A 391 21.95 -17.64 58.62
C ASP A 391 22.97 -17.78 57.51
C ASP A 391 22.93 -17.73 57.46
N MET A 392 22.80 -18.74 56.60
CA MET A 392 23.73 -18.93 55.49
C MET A 392 23.23 -18.19 54.26
N ARG A 393 24.17 -17.60 53.51
CA ARG A 393 23.80 -16.88 52.30
C ARG A 393 23.07 -17.79 51.32
N LEU A 394 23.48 -19.06 51.24
CA LEU A 394 22.88 -20.00 50.29
C LEU A 394 21.40 -20.23 50.57
N ALA A 395 20.93 -19.90 51.77
CA ALA A 395 19.51 -20.03 52.04
C ALA A 395 18.68 -19.04 51.25
N TRP A 396 19.29 -17.92 50.82
CA TRP A 396 18.51 -16.81 50.27
C TRP A 396 18.97 -16.33 48.90
N GLU A 397 20.26 -16.25 48.64
CA GLU A 397 20.76 -15.61 47.43
C GLU A 397 20.66 -16.55 46.23
N GLU A 398 20.28 -15.98 45.09
CA GLU A 398 20.15 -16.79 43.87
C GLU A 398 21.55 -17.10 43.37
N PRO A 399 21.97 -18.37 43.34
CA PRO A 399 23.36 -18.66 42.94
C PRO A 399 23.61 -18.56 41.44
N PHE A 400 22.66 -19.02 40.64
CA PHE A 400 22.88 -19.22 39.21
C PHE A 400 24.10 -20.12 39.00
N GLY A 401 24.12 -21.22 39.75
CA GLY A 401 25.14 -22.22 39.65
C GLY A 401 24.64 -23.51 40.25
N PRO A 402 25.42 -24.59 40.09
CA PRO A 402 24.92 -25.93 40.49
C PRO A 402 25.16 -26.22 41.97
N VAL A 403 24.43 -25.51 42.82
CA VAL A 403 24.49 -25.74 44.26
C VAL A 403 23.07 -25.66 44.82
N LEU A 404 22.74 -26.61 45.69
CA LEU A 404 21.36 -26.73 46.18
C LEU A 404 21.32 -26.97 47.67
N PRO A 405 20.67 -26.09 48.43
CA PRO A 405 20.53 -26.30 49.88
C PRO A 405 19.27 -27.05 50.28
N ILE A 406 19.43 -27.92 51.27
CA ILE A 406 18.32 -28.57 51.96
C ILE A 406 18.19 -27.89 53.32
N ILE A 407 16.99 -27.39 53.61
CA ILE A 407 16.68 -26.71 54.86
C ILE A 407 15.59 -27.52 55.54
N ARG A 408 15.88 -27.99 56.75
CA ARG A 408 14.91 -28.78 57.50
C ARG A 408 13.96 -27.87 58.26
N VAL A 409 12.69 -28.23 58.23
CA VAL A 409 11.64 -27.50 58.95
C VAL A 409 10.86 -28.49 59.80
N THR A 410 10.21 -27.96 60.84
CA THR A 410 9.47 -28.77 61.79
C THR A 410 7.97 -28.76 61.55
N THR A 411 7.44 -27.75 60.84
CA THR A 411 6.02 -27.67 60.58
C THR A 411 5.79 -27.06 59.21
N VAL A 412 4.60 -27.32 58.65
CA VAL A 412 4.18 -26.67 57.41
C VAL A 412 4.15 -25.16 57.58
N GLU A 413 3.66 -24.70 58.74
CA GLU A 413 3.63 -23.26 59.01
C GLU A 413 5.02 -22.67 58.87
N GLU A 414 6.04 -23.35 59.39
CA GLU A 414 7.41 -22.84 59.27
C GLU A 414 7.89 -22.86 57.81
N ALA A 415 7.52 -23.91 57.07
CA ALA A 415 7.91 -23.96 55.65
C ALA A 415 7.35 -22.78 54.88
N ILE A 416 6.08 -22.47 55.11
CA ILE A 416 5.43 -21.33 54.44
C ILE A 416 6.13 -20.05 54.83
N LYS A 417 6.45 -19.90 56.11
CA LYS A 417 7.10 -18.68 56.58
C LYS A 417 8.46 -18.49 55.93
N ILE A 418 9.28 -19.54 55.90
CA ILE A 418 10.60 -19.42 55.30
C ILE A 418 10.48 -19.20 53.79
N SER A 419 9.58 -19.92 53.13
CA SER A 419 9.39 -19.71 51.70
C SER A 419 9.07 -18.25 51.42
N ASN A 420 8.11 -17.69 52.15
CA ASN A 420 7.65 -16.34 51.91
C ASN A 420 8.61 -15.26 52.41
N GLU A 421 9.54 -15.62 53.29
CA GLU A 421 10.52 -14.64 53.75
C GLU A 421 11.50 -14.23 52.65
N SER A 422 11.60 -14.99 51.57
CA SER A 422 12.46 -14.62 50.47
C SER A 422 11.95 -13.35 49.82
N GLU A 423 12.89 -12.53 49.33
CA GLU A 423 12.53 -11.40 48.48
C GLU A 423 12.04 -11.84 47.10
N TYR A 424 12.25 -13.10 46.74
CA TYR A 424 11.80 -13.62 45.45
C TYR A 424 10.49 -14.39 45.63
N GLY A 425 9.72 -14.46 44.55
CA GLY A 425 8.43 -15.12 44.58
C GLY A 425 8.01 -15.56 43.19
N LEU A 426 8.84 -16.33 42.53
CA LEU A 426 8.55 -16.77 41.18
C LEU A 426 7.61 -17.98 41.21
N GLN A 427 8.12 -19.13 41.62
CA GLN A 427 7.34 -20.35 41.67
C GLN A 427 7.71 -21.16 42.90
N ALA A 428 6.88 -22.16 43.20
CA ALA A 428 7.15 -23.10 44.27
C ALA A 428 6.61 -24.47 43.85
N SER A 429 7.19 -25.51 44.43
CA SER A 429 6.73 -26.89 44.31
C SER A 429 6.31 -27.38 45.68
N ILE A 430 5.26 -28.18 45.71
CA ILE A 430 4.80 -28.84 46.94
C ILE A 430 4.70 -30.33 46.64
N PHE A 431 5.38 -31.13 47.43
CA PHE A 431 5.39 -32.58 47.29
C PHE A 431 4.63 -33.17 48.47
N THR A 432 3.49 -33.79 48.18
CA THR A 432 2.60 -34.34 49.18
C THR A 432 1.53 -35.16 48.46
N THR A 433 0.90 -36.07 49.21
CA THR A 433 -0.20 -36.85 48.67
C THR A 433 -1.56 -36.27 49.05
N ASN A 434 -1.58 -35.18 49.81
CA ASN A 434 -2.83 -34.54 50.24
C ASN A 434 -3.04 -33.30 49.37
N PHE A 435 -3.82 -33.45 48.30
N PHE A 435 -3.83 -33.49 48.30
CA PHE A 435 -3.94 -32.35 47.37
CA PHE A 435 -4.02 -32.44 47.30
C PHE A 435 -4.80 -31.21 47.90
C PHE A 435 -4.82 -31.27 47.85
N PRO A 436 -5.93 -31.48 48.57
CA PRO A 436 -6.67 -30.34 49.13
C PRO A 436 -5.83 -29.50 50.08
N LYS A 437 -4.98 -30.16 50.87
CA LYS A 437 -4.07 -29.42 51.74
C LYS A 437 -3.03 -28.66 50.94
N ALA A 438 -2.50 -29.29 49.88
CA ALA A 438 -1.53 -28.61 49.04
C ALA A 438 -2.13 -27.37 48.41
N PHE A 439 -3.40 -27.44 48.01
CA PHE A 439 -4.08 -26.27 47.45
C PHE A 439 -4.19 -25.17 48.49
N GLY A 440 -4.48 -25.53 49.73
CA GLY A 440 -4.52 -24.54 50.80
C GLY A 440 -3.17 -23.89 51.06
N ILE A 441 -2.11 -24.70 51.01
CA ILE A 441 -0.75 -24.14 51.15
C ILE A 441 -0.43 -23.22 49.98
N ALA A 442 -0.77 -23.65 48.76
CA ALA A 442 -0.48 -22.83 47.57
C ALA A 442 -1.09 -21.45 47.68
N GLU A 443 -2.31 -21.35 48.22
CA GLU A 443 -2.94 -20.05 48.41
C GLU A 443 -2.11 -19.12 49.27
N GLN A 444 -1.32 -19.69 50.21
CA GLN A 444 -0.56 -18.89 51.13
C GLN A 444 0.83 -18.52 50.62
N LEU A 445 1.32 -19.19 49.58
CA LEU A 445 2.67 -18.95 49.10
C LEU A 445 2.68 -17.72 48.19
N GLU A 446 3.62 -16.81 48.46
CA GLU A 446 3.73 -15.55 47.71
C GLU A 446 4.56 -15.80 46.46
N VAL A 447 3.92 -16.48 45.49
CA VAL A 447 4.55 -16.86 44.24
C VAL A 447 3.53 -16.74 43.13
N GLY A 448 4.00 -16.74 41.89
CA GLY A 448 3.11 -16.74 40.75
C GLY A 448 2.45 -18.07 40.49
N THR A 449 3.23 -19.15 40.51
CA THR A 449 2.75 -20.48 40.15
C THR A 449 3.25 -21.48 41.18
N VAL A 450 2.37 -22.42 41.56
CA VAL A 450 2.72 -23.53 42.44
C VAL A 450 2.49 -24.81 41.67
N HIS A 451 3.55 -25.63 41.54
CA HIS A 451 3.46 -26.94 40.92
C HIS A 451 3.33 -28.03 41.98
N LEU A 452 2.28 -28.84 41.87
CA LEU A 452 2.08 -29.94 42.79
C LEU A 452 2.80 -31.18 42.28
N ASN A 453 3.64 -31.75 43.12
CA ASN A 453 4.36 -33.00 42.82
C ASN A 453 5.13 -32.93 41.51
N ASN A 454 5.68 -31.76 41.20
CA ASN A 454 6.54 -31.58 40.04
C ASN A 454 7.51 -30.44 40.31
N LYS A 455 8.58 -30.37 39.52
CA LYS A 455 9.50 -29.26 39.59
C LYS A 455 8.81 -27.98 39.09
N THR A 456 9.36 -26.84 39.48
CA THR A 456 8.90 -25.58 38.93
C THR A 456 9.39 -25.47 37.49
N GLN A 457 8.64 -24.72 36.67
CA GLN A 457 8.97 -24.55 35.26
C GLN A 457 8.11 -23.45 34.70
N ARG A 458 8.59 -22.82 33.63
CA ARG A 458 7.81 -21.77 32.97
C ARG A 458 6.67 -22.36 32.16
N GLY A 459 6.81 -23.58 31.66
CA GLY A 459 5.86 -24.12 30.73
C GLY A 459 4.64 -24.77 31.38
N THR A 460 3.69 -25.15 30.54
CA THR A 460 3.70 -24.93 29.09
C THR A 460 3.48 -23.44 28.82
N ASP A 461 3.89 -22.99 27.64
CA ASP A 461 4.02 -21.55 27.40
C ASP A 461 2.68 -20.84 27.23
N ASN A 462 1.57 -21.60 27.19
CA ASN A 462 0.25 -20.98 27.26
C ASN A 462 -0.16 -20.64 28.69
N PHE A 463 0.47 -21.26 29.69
CA PHE A 463 0.14 -20.99 31.07
C PHE A 463 0.70 -19.62 31.47
N PRO A 464 0.11 -18.97 32.48
CA PRO A 464 0.68 -17.71 32.96
C PRO A 464 2.04 -17.94 33.58
N PHE A 465 2.91 -16.96 33.41
CA PHE A 465 4.23 -16.96 34.02
C PHE A 465 4.43 -15.58 34.64
N LEU A 466 4.57 -15.57 35.96
CA LEU A 466 4.68 -14.30 36.68
C LEU A 466 5.36 -14.54 38.02
N GLY A 467 5.88 -13.46 38.57
CA GLY A 467 6.56 -13.52 39.85
C GLY A 467 6.17 -12.37 40.74
N ALA A 468 6.00 -12.64 42.02
CA ALA A 468 5.69 -11.62 43.00
C ALA A 468 6.99 -11.00 43.53
N LYS A 469 6.85 -9.88 44.23
CA LYS A 469 7.94 -9.26 44.98
C LYS A 469 9.06 -8.93 44.00
N LYS A 470 10.32 -9.24 44.30
CA LYS A 470 11.45 -8.83 43.48
C LYS A 470 11.68 -9.74 42.28
N SER A 471 10.77 -10.69 42.05
CA SER A 471 10.86 -11.56 40.87
C SER A 471 10.34 -10.90 39.60
N GLY A 472 9.70 -9.73 39.70
CA GLY A 472 9.43 -8.95 38.51
C GLY A 472 8.04 -8.33 38.56
N ALA A 473 7.53 -8.03 37.36
CA ALA A 473 6.25 -7.36 37.21
C ALA A 473 5.64 -7.75 35.87
N GLY A 474 4.33 -7.85 35.85
CA GLY A 474 3.61 -8.26 34.66
C GLY A 474 3.45 -9.77 34.58
N VAL A 475 2.55 -10.17 33.68
CA VAL A 475 2.19 -11.58 33.49
C VAL A 475 2.51 -11.97 32.06
N GLN A 476 3.35 -12.98 31.90
CA GLN A 476 3.65 -13.52 30.60
C GLN A 476 3.04 -14.92 30.49
N GLY A 477 3.55 -15.73 29.59
CA GLY A 477 2.72 -16.71 28.95
C GLY A 477 2.02 -16.05 27.77
N VAL A 478 1.70 -16.81 26.72
CA VAL A 478 1.46 -16.20 25.43
C VAL A 478 0.31 -15.20 25.48
N LYS A 479 -0.90 -15.67 25.81
CA LYS A 479 -2.03 -14.74 25.75
C LYS A 479 -1.85 -13.55 26.70
N TYR A 480 -1.23 -13.79 27.84
CA TYR A 480 -0.99 -12.73 28.82
C TYR A 480 0.01 -11.71 28.28
N SER A 481 1.04 -12.17 27.59
CA SER A 481 2.02 -11.25 27.01
CA SER A 481 2.02 -11.23 27.03
C SER A 481 1.38 -10.37 25.95
N ILE A 482 0.46 -10.93 25.16
CA ILE A 482 -0.21 -10.15 24.13
C ILE A 482 -1.09 -9.08 24.77
N GLU A 483 -1.84 -9.46 25.81
CA GLU A 483 -2.68 -8.49 26.50
CA GLU A 483 -2.69 -8.49 26.50
C GLU A 483 -1.84 -7.37 27.09
N ALA A 484 -0.66 -7.70 27.62
CA ALA A 484 0.18 -6.69 28.26
C ALA A 484 0.66 -5.64 27.26
N MET A 485 0.99 -6.06 26.03
CA MET A 485 1.57 -5.18 25.03
C MET A 485 0.51 -4.63 24.09
N THR A 486 -0.73 -4.59 24.55
CA THR A 486 -1.81 -3.89 23.85
C THR A 486 -2.54 -3.00 24.86
N THR A 487 -3.31 -2.06 24.33
CA THR A 487 -4.26 -1.25 25.10
C THR A 487 -5.63 -1.45 24.47
N VAL A 488 -6.61 -0.69 24.94
CA VAL A 488 -7.94 -0.75 24.34
C VAL A 488 -8.35 0.63 23.87
N LYS A 489 -9.18 0.65 22.82
CA LYS A 489 -9.85 1.84 22.30
C LYS A 489 -11.34 1.58 22.39
N SER A 490 -12.08 2.46 23.07
CA SER A 490 -13.52 2.34 23.21
C SER A 490 -14.19 3.40 22.37
N VAL A 491 -15.15 2.98 21.54
CA VAL A 491 -15.97 3.89 20.74
C VAL A 491 -17.40 3.75 21.24
N VAL A 492 -17.97 4.85 21.69
CA VAL A 492 -19.28 4.87 22.34
C VAL A 492 -20.24 5.63 21.44
N PHE A 493 -21.42 5.08 21.20
CA PHE A 493 -22.43 5.81 20.44
C PHE A 493 -23.81 5.39 20.91
N ASP A 494 -24.79 6.19 20.50
CA ASP A 494 -26.19 6.00 20.90
C ASP A 494 -26.98 5.49 19.72
N ILE A 495 -27.64 4.37 19.90
CA ILE A 495 -28.56 3.81 18.91
C ILE A 495 -29.84 4.63 18.91
N GLN A 496 -30.39 4.89 17.73
N GLN A 496 -30.35 4.91 17.72
CA GLN A 496 -31.62 5.68 17.65
CA GLN A 496 -31.56 5.71 17.57
C GLN A 496 -32.84 4.78 17.52
C GLN A 496 -32.80 4.86 17.79
N LEU B 22 -22.16 21.44 63.27
CA LEU B 22 -21.64 22.50 62.36
C LEU B 22 -20.13 22.28 62.15
N ALA B 23 -19.33 23.35 62.21
CA ALA B 23 -17.88 23.22 62.09
C ALA B 23 -17.38 22.19 63.10
N LYS B 24 -17.09 20.99 62.63
CA LYS B 24 -16.74 19.85 63.47
C LYS B 24 -15.26 19.52 63.31
N GLN B 25 -14.70 18.91 64.35
CA GLN B 25 -13.35 18.36 64.29
C GLN B 25 -13.45 16.91 63.85
N TYR B 26 -12.87 16.60 62.69
CA TYR B 26 -12.96 15.27 62.10
C TYR B 26 -11.75 14.43 62.44
N LYS B 27 -11.92 13.11 62.31
CA LYS B 27 -10.94 12.12 62.71
C LYS B 27 -10.73 11.10 61.60
N ASN B 28 -9.55 10.49 61.60
CA ASN B 28 -9.27 9.41 60.65
C ASN B 28 -9.72 8.07 61.19
N LEU B 29 -10.15 7.20 60.28
CA LEU B 29 -10.49 5.81 60.61
C LEU B 29 -9.21 5.00 60.54
N VAL B 30 -8.78 4.50 61.69
CA VAL B 30 -7.53 3.76 61.81
C VAL B 30 -7.82 2.50 62.61
N ASN B 31 -7.69 1.35 61.97
CA ASN B 31 -7.88 0.06 62.64
C ASN B 31 -9.19 0.03 63.42
N GLY B 32 -10.26 0.50 62.78
CA GLY B 32 -11.58 0.47 63.37
C GLY B 32 -11.85 1.52 64.42
N GLU B 33 -10.89 2.41 64.67
CA GLU B 33 -11.05 3.46 65.65
C GLU B 33 -10.94 4.81 64.96
N TRP B 34 -11.52 5.84 65.57
CA TRP B 34 -11.43 7.21 65.07
C TRP B 34 -10.36 7.95 65.87
N LYS B 35 -9.39 8.52 65.17
CA LYS B 35 -8.19 9.07 65.78
C LYS B 35 -7.93 10.49 65.35
N LEU B 36 -7.66 11.36 66.33
CA LEU B 36 -7.17 12.70 66.09
C LEU B 36 -5.65 12.67 66.00
N SER B 37 -5.09 13.74 65.42
CA SER B 37 -3.65 13.96 65.42
C SER B 37 -3.35 15.23 66.22
N GLU B 38 -2.06 15.41 66.55
CA GLU B 38 -1.67 16.58 67.33
C GLU B 38 -1.81 17.86 66.53
N ASN B 39 -1.62 17.79 65.21
CA ASN B 39 -1.78 18.91 64.32
C ASN B 39 -2.96 18.64 63.40
N GLU B 40 -3.62 19.71 62.96
CA GLU B 40 -4.76 19.57 62.07
C GLU B 40 -4.76 20.67 61.02
N ILE B 41 -5.66 20.52 60.05
CA ILE B 41 -5.78 21.44 58.92
C ILE B 41 -7.23 21.94 58.92
N THR B 42 -7.40 23.25 58.84
CA THR B 42 -8.74 23.85 58.78
C THR B 42 -9.18 23.97 57.32
N ILE B 43 -10.44 23.61 57.07
CA ILE B 43 -11.01 23.57 55.73
C ILE B 43 -12.12 24.60 55.64
N TYR B 44 -12.09 25.43 54.60
CA TYR B 44 -13.08 26.47 54.39
C TYR B 44 -13.82 26.23 53.08
N ALA B 45 -15.06 26.73 53.01
CA ALA B 45 -15.85 26.62 51.78
C ALA B 45 -15.33 27.59 50.72
N PRO B 46 -14.96 27.11 49.53
CA PRO B 46 -14.41 28.03 48.52
C PRO B 46 -15.37 29.10 48.05
N ALA B 47 -16.68 28.89 48.16
CA ALA B 47 -17.64 29.86 47.65
C ALA B 47 -17.98 30.96 48.65
N THR B 48 -17.67 30.77 49.93
CA THR B 48 -18.10 31.69 50.98
C THR B 48 -17.06 31.97 52.05
N GLY B 49 -16.03 31.15 52.21
CA GLY B 49 -15.09 31.29 53.30
C GLY B 49 -15.57 30.70 54.60
N GLU B 50 -16.80 30.20 54.68
CA GLU B 50 -17.30 29.56 55.88
C GLU B 50 -16.38 28.44 56.32
N GLU B 51 -16.07 28.42 57.61
CA GLU B 51 -15.25 27.33 58.17
C GLU B 51 -16.12 26.08 58.30
N LEU B 52 -15.68 25.00 57.66
CA LEU B 52 -16.46 23.77 57.66
C LEU B 52 -16.00 22.77 58.72
N GLY B 53 -14.76 22.87 59.16
CA GLY B 53 -14.21 21.93 60.11
C GLY B 53 -12.72 21.76 59.92
N SER B 54 -12.16 20.82 60.66
CA SER B 54 -10.73 20.52 60.58
C SER B 54 -10.53 19.02 60.40
N VAL B 55 -9.42 18.65 59.78
CA VAL B 55 -9.04 17.26 59.61
C VAL B 55 -7.61 17.07 60.12
N PRO B 56 -7.27 15.85 60.52
CA PRO B 56 -5.94 15.64 61.09
C PRO B 56 -4.82 15.82 60.08
N ALA B 57 -3.66 16.22 60.58
CA ALA B 57 -2.43 16.29 59.81
C ALA B 57 -1.51 15.19 60.34
N MET B 58 -1.58 14.02 59.71
CA MET B 58 -0.94 12.85 60.26
C MET B 58 0.58 12.94 60.18
N THR B 59 1.24 12.31 61.15
CA THR B 59 2.67 12.12 61.14
C THR B 59 3.04 10.86 60.38
N GLN B 60 4.34 10.72 60.08
CA GLN B 60 4.81 9.50 59.43
C GLN B 60 4.54 8.29 60.31
N ALA B 61 4.69 8.44 61.64
CA ALA B 61 4.44 7.33 62.53
C ALA B 61 2.97 6.92 62.51
N GLU B 62 2.06 7.90 62.37
CA GLU B 62 0.65 7.56 62.29
C GLU B 62 0.31 6.88 60.97
N VAL B 63 1.01 7.25 59.89
CA VAL B 63 0.87 6.51 58.63
C VAL B 63 1.34 5.08 58.82
N ASP B 64 2.49 4.89 59.47
CA ASP B 64 2.99 3.54 59.74
C ASP B 64 1.94 2.70 60.44
N ALA B 65 1.22 3.31 61.40
CA ALA B 65 0.21 2.57 62.14
C ALA B 65 -0.96 2.18 61.25
N VAL B 66 -1.40 3.09 60.39
CA VAL B 66 -2.45 2.76 59.43
C VAL B 66 -2.03 1.57 58.59
N TYR B 67 -0.82 1.62 58.03
CA TYR B 67 -0.38 0.55 57.15
C TYR B 67 -0.19 -0.76 57.90
N ALA B 68 0.36 -0.70 59.11
CA ALA B 68 0.52 -1.92 59.89
C ALA B 68 -0.82 -2.57 60.18
N SER B 69 -1.84 -1.76 60.52
CA SER B 69 -3.14 -2.33 60.82
C SER B 69 -3.77 -2.93 59.57
N ALA B 70 -3.54 -2.32 58.40
CA ALA B 70 -4.08 -2.85 57.16
C ALA B 70 -3.44 -4.20 56.82
N LYS B 71 -2.11 -4.28 56.90
CA LYS B 71 -1.45 -5.55 56.59
C LYS B 71 -1.85 -6.64 57.58
N LYS B 72 -2.08 -6.29 58.84
CA LYS B 72 -2.53 -7.27 59.80
C LYS B 72 -3.93 -7.78 59.47
N ALA B 73 -4.79 -6.89 58.96
CA ALA B 73 -6.17 -7.26 58.67
C ALA B 73 -6.32 -8.03 57.36
N LEU B 74 -5.29 -8.05 56.52
CA LEU B 74 -5.43 -8.59 55.17
C LEU B 74 -5.75 -10.08 55.19
N SER B 75 -5.10 -10.85 56.07
CA SER B 75 -5.28 -12.29 56.02
C SER B 75 -6.73 -12.69 56.27
N ASP B 76 -7.34 -12.11 57.31
CA ASP B 76 -8.72 -12.47 57.65
C ASP B 76 -9.72 -11.90 56.65
N TRP B 77 -9.37 -10.84 55.96
CA TRP B 77 -10.25 -10.24 54.98
C TRP B 77 -10.23 -11.03 53.67
N ARG B 78 -9.03 -11.37 53.20
CA ARG B 78 -8.95 -12.13 51.94
CA ARG B 78 -8.92 -12.14 51.96
C ARG B 78 -9.55 -13.52 52.08
N THR B 79 -9.61 -14.07 53.31
CA THR B 79 -10.16 -15.40 53.51
C THR B 79 -11.68 -15.41 53.66
N LEU B 80 -12.32 -14.25 53.81
CA LEU B 80 -13.77 -14.23 53.75
C LEU B 80 -14.23 -14.68 52.35
N SER B 81 -15.49 -15.06 52.26
CA SER B 81 -16.09 -15.32 50.96
C SER B 81 -16.31 -14.01 50.21
N TYR B 82 -16.44 -14.12 48.88
CA TYR B 82 -16.80 -12.96 48.09
C TYR B 82 -18.13 -12.40 48.52
N VAL B 83 -19.11 -13.27 48.80
N VAL B 83 -19.10 -13.26 48.83
CA VAL B 83 -20.44 -12.78 49.18
CA VAL B 83 -20.44 -12.77 49.15
C VAL B 83 -20.37 -11.96 50.45
C VAL B 83 -20.45 -12.02 50.49
N GLU B 84 -19.58 -12.42 51.43
CA GLU B 84 -19.47 -11.67 52.69
C GLU B 84 -18.86 -10.30 52.44
N ARG B 85 -17.79 -10.22 51.65
CA ARG B 85 -17.21 -8.92 51.33
C ARG B 85 -18.21 -8.05 50.59
N ALA B 86 -18.94 -8.62 49.64
CA ALA B 86 -19.96 -7.86 48.92
C ALA B 86 -21.04 -7.34 49.88
N ALA B 87 -21.39 -8.12 50.90
CA ALA B 87 -22.42 -7.68 51.83
C ALA B 87 -22.01 -6.40 52.56
N TYR B 88 -20.74 -6.28 52.95
CA TYR B 88 -20.29 -5.05 53.59
C TYR B 88 -20.40 -3.88 52.64
N LEU B 89 -20.03 -4.07 51.37
CA LEU B 89 -20.09 -2.97 50.42
C LEU B 89 -21.53 -2.56 50.15
N HIS B 90 -22.43 -3.53 50.00
CA HIS B 90 -23.83 -3.18 49.82
C HIS B 90 -24.37 -2.39 51.02
N LYS B 91 -23.97 -2.76 52.23
CA LYS B 91 -24.43 -2.03 53.41
CA LYS B 91 -24.42 -2.03 53.42
C LYS B 91 -23.87 -0.62 53.42
N ALA B 92 -22.60 -0.45 53.06
CA ALA B 92 -22.01 0.89 53.00
C ALA B 92 -22.73 1.75 51.97
N ALA B 93 -23.10 1.14 50.84
CA ALA B 93 -23.81 1.89 49.80
C ALA B 93 -25.21 2.30 50.27
N ASP B 94 -25.91 1.40 50.97
CA ASP B 94 -27.22 1.75 51.50
C ASP B 94 -27.14 2.93 52.46
N ILE B 95 -26.09 2.97 53.29
CA ILE B 95 -25.90 4.06 54.22
C ILE B 95 -25.64 5.37 53.48
N LEU B 96 -24.83 5.31 52.41
CA LEU B 96 -24.60 6.51 51.61
C LEU B 96 -25.89 7.05 51.01
N VAL B 97 -26.74 6.15 50.50
CA VAL B 97 -28.03 6.58 49.97
C VAL B 97 -28.85 7.25 51.06
N ARG B 98 -28.89 6.61 52.24
CA ARG B 98 -29.64 7.17 53.37
C ARG B 98 -29.17 8.59 53.69
N ASP B 99 -27.85 8.81 53.69
CA ASP B 99 -27.27 10.08 54.11
C ASP B 99 -26.84 10.95 52.94
N ALA B 100 -27.36 10.69 51.73
CA ALA B 100 -26.90 11.43 50.57
C ALA B 100 -27.13 12.92 50.73
N GLU B 101 -28.30 13.31 51.22
CA GLU B 101 -28.58 14.73 51.44
C GLU B 101 -27.63 15.32 52.47
N LYS B 102 -27.45 14.62 53.59
CA LYS B 102 -26.57 15.12 54.64
C LYS B 102 -25.15 15.27 54.12
N ILE B 103 -24.63 14.25 53.42
CA ILE B 103 -23.26 14.31 52.91
C ILE B 103 -23.17 15.30 51.77
N GLY B 104 -24.15 15.28 50.86
CA GLY B 104 -24.09 16.18 49.72
C GLY B 104 -24.01 17.64 50.13
N ALA B 105 -24.74 18.01 51.18
CA ALA B 105 -24.73 19.40 51.63
C ALA B 105 -23.33 19.84 52.02
N ILE B 106 -22.58 18.98 52.71
CA ILE B 106 -21.22 19.35 53.12
C ILE B 106 -20.28 19.31 51.92
N LEU B 107 -20.39 18.26 51.10
CA LEU B 107 -19.58 18.18 49.89
C LEU B 107 -19.78 19.41 49.03
N SER B 108 -21.02 19.86 48.87
CA SER B 108 -21.32 21.05 48.09
C SER B 108 -20.52 22.24 48.59
N LYS B 109 -20.51 22.46 49.90
CA LYS B 109 -19.75 23.58 50.46
C LYS B 109 -18.25 23.36 50.30
N GLU B 110 -17.78 22.13 50.51
CA GLU B 110 -16.35 21.90 50.62
C GLU B 110 -15.64 22.13 49.29
N VAL B 111 -16.26 21.76 48.17
CA VAL B 111 -15.63 21.90 46.87
C VAL B 111 -16.38 22.86 45.95
N ALA B 112 -17.34 23.61 46.50
CA ALA B 112 -18.06 24.62 45.70
C ALA B 112 -18.79 23.99 44.53
N LYS B 113 -19.41 22.84 44.78
CA LYS B 113 -20.19 22.12 43.78
C LYS B 113 -21.66 22.36 44.04
N GLY B 114 -22.42 22.56 42.97
CA GLY B 114 -23.86 22.71 43.08
C GLY B 114 -24.49 21.71 44.03
N HIS B 115 -25.43 22.18 44.86
CA HIS B 115 -25.98 21.32 45.91
C HIS B 115 -26.56 20.04 45.34
N LYS B 116 -27.44 20.16 44.35
CA LYS B 116 -28.04 18.96 43.76
C LYS B 116 -27.00 18.09 43.08
N ALA B 117 -25.98 18.70 42.46
CA ALA B 117 -24.93 17.92 41.84
C ALA B 117 -24.12 17.16 42.89
N ALA B 118 -23.91 17.76 44.06
CA ALA B 118 -23.16 17.09 45.11
C ALA B 118 -23.92 15.89 45.66
N VAL B 119 -25.23 16.05 45.88
CA VAL B 119 -26.06 14.92 46.29
C VAL B 119 -26.01 13.84 45.22
N SER B 120 -26.05 14.23 43.94
CA SER B 120 -25.98 13.26 42.85
C SER B 120 -24.66 12.51 42.88
N GLU B 121 -23.57 13.19 43.23
CA GLU B 121 -22.28 12.51 43.32
C GLU B 121 -22.35 11.40 44.36
N VAL B 122 -22.97 11.67 45.51
CA VAL B 122 -23.09 10.65 46.55
C VAL B 122 -23.92 9.47 46.05
N ILE B 123 -25.04 9.74 45.37
CA ILE B 123 -25.89 8.67 44.87
C ILE B 123 -25.14 7.84 43.84
N ARG B 124 -24.39 8.50 42.96
CA ARG B 124 -23.61 7.76 41.97
C ARG B 124 -22.55 6.90 42.63
N THR B 125 -21.94 7.40 43.71
CA THR B 125 -20.95 6.62 44.43
C THR B 125 -21.57 5.34 44.96
N ALA B 126 -22.76 5.43 45.54
CA ALA B 126 -23.45 4.24 46.00
C ALA B 126 -23.71 3.27 44.85
N GLU B 127 -24.08 3.81 43.67
CA GLU B 127 -24.32 2.94 42.52
C GLU B 127 -23.04 2.21 42.10
N ILE B 128 -21.91 2.92 42.12
CA ILE B 128 -20.64 2.29 41.77
C ILE B 128 -20.26 1.22 42.79
N ILE B 129 -20.41 1.52 44.08
CA ILE B 129 -20.07 0.56 45.13
C ILE B 129 -20.89 -0.72 44.97
N ASN B 130 -22.20 -0.56 44.78
CA ASN B 130 -23.07 -1.72 44.59
C ASN B 130 -22.67 -2.52 43.35
N TYR B 131 -22.38 -1.82 42.25
CA TYR B 131 -22.02 -2.51 41.01
C TYR B 131 -20.69 -3.23 41.15
N ALA B 132 -19.73 -2.61 41.84
CA ALA B 132 -18.44 -3.27 42.05
C ALA B 132 -18.60 -4.51 42.91
N ALA B 133 -19.46 -4.44 43.94
CA ALA B 133 -19.69 -5.60 44.79
C ALA B 133 -20.20 -6.79 43.98
N GLU B 134 -21.13 -6.56 43.07
CA GLU B 134 -21.71 -7.65 42.31
C GLU B 134 -20.81 -8.10 41.15
N GLU B 135 -20.04 -7.17 40.59
CA GLU B 135 -19.08 -7.55 39.57
C GLU B 135 -17.98 -8.41 40.16
N GLY B 136 -17.45 -7.97 41.31
CA GLY B 136 -16.29 -8.64 41.89
C GLY B 136 -16.56 -10.00 42.48
N LEU B 137 -17.79 -10.26 42.89
CA LEU B 137 -18.05 -11.56 43.51
C LEU B 137 -18.19 -12.68 42.51
N ARG B 138 -18.40 -12.37 41.23
N ARG B 138 -18.12 -12.38 41.21
CA ARG B 138 -18.54 -13.39 40.20
CA ARG B 138 -18.12 -13.37 40.14
C ARG B 138 -17.36 -13.40 39.25
C ARG B 138 -17.05 -13.04 39.09
N MET B 139 -16.30 -12.66 39.55
N MET B 139 -15.81 -12.81 39.55
CA MET B 139 -15.04 -12.86 38.87
CA MET B 139 -14.71 -12.58 38.62
C MET B 139 -14.64 -14.32 39.04
C MET B 139 -14.36 -13.87 37.89
N GLU B 140 -14.20 -14.92 37.96
N GLU B 140 -14.17 -14.96 38.64
CA GLU B 140 -13.89 -16.35 37.92
CA GLU B 140 -13.96 -16.27 38.06
C GLU B 140 -12.47 -16.55 37.42
C GLU B 140 -12.51 -16.45 37.63
N GLY B 141 -12.01 -17.78 37.53
N GLY B 141 -12.11 -17.70 37.40
CA GLY B 141 -10.69 -18.16 37.08
CA GLY B 141 -10.76 -18.02 36.98
C GLY B 141 -10.75 -19.03 35.84
C GLY B 141 -10.72 -18.86 35.73
N GLU B 142 -9.54 -19.39 35.39
CA GLU B 142 -9.35 -20.12 34.16
C GLU B 142 -8.74 -21.48 34.45
N VAL B 143 -9.07 -22.47 33.65
CA VAL B 143 -8.42 -23.78 33.65
C VAL B 143 -7.80 -23.95 32.27
N LEU B 144 -6.48 -24.02 32.23
CA LEU B 144 -5.76 -24.08 30.97
C LEU B 144 -5.20 -25.48 30.77
N GLU B 145 -5.25 -25.97 29.54
CA GLU B 145 -4.84 -27.32 29.20
C GLU B 145 -3.42 -27.33 28.67
N GLY B 146 -2.55 -28.11 29.30
CA GLY B 146 -1.21 -28.28 28.78
C GLY B 146 -1.20 -28.78 27.35
N GLY B 147 -2.18 -29.61 26.99
CA GLY B 147 -2.27 -30.17 25.66
C GLY B 147 -2.68 -29.18 24.59
N SER B 148 -3.04 -27.95 24.96
CA SER B 148 -3.18 -26.89 23.98
C SER B 148 -1.84 -26.55 23.34
N PHE B 149 -0.75 -26.76 24.08
CA PHE B 149 0.57 -26.35 23.63
C PHE B 149 1.48 -27.53 23.31
N GLU B 150 1.43 -28.61 24.08
CA GLU B 150 2.41 -29.69 24.00
C GLU B 150 1.73 -31.01 24.27
N ALA B 151 1.84 -31.95 23.33
CA ALA B 151 1.15 -33.22 23.47
C ALA B 151 1.59 -33.94 24.73
N ALA B 152 2.88 -33.90 25.04
CA ALA B 152 3.42 -34.59 26.20
C ALA B 152 2.86 -34.05 27.51
N SER B 153 2.31 -32.83 27.51
CA SER B 153 1.74 -32.21 28.71
C SER B 153 0.21 -32.30 28.74
N LYS B 154 -0.39 -33.25 28.01
CA LYS B 154 -1.84 -33.24 27.89
C LYS B 154 -2.56 -33.52 29.19
N LYS B 155 -1.91 -34.17 30.16
CA LYS B 155 -2.54 -34.41 31.46
C LYS B 155 -2.25 -33.31 32.47
N LYS B 156 -1.53 -32.25 32.08
CA LYS B 156 -1.17 -31.16 32.96
C LYS B 156 -2.14 -30.03 32.75
N ILE B 157 -2.76 -29.57 33.83
CA ILE B 157 -3.67 -28.45 33.77
C ILE B 157 -3.23 -27.38 34.75
N ALA B 158 -3.59 -26.14 34.45
CA ALA B 158 -3.30 -24.98 35.28
C ALA B 158 -4.62 -24.42 35.78
N ILE B 159 -4.79 -24.40 37.10
CA ILE B 159 -5.96 -23.80 37.73
CA ILE B 159 -5.96 -23.81 37.75
C ILE B 159 -5.56 -22.40 38.17
N VAL B 160 -6.10 -21.37 37.50
CA VAL B 160 -5.66 -20.00 37.63
C VAL B 160 -6.75 -19.16 38.28
N ARG B 161 -6.54 -18.77 39.54
CA ARG B 161 -7.52 -18.02 40.30
C ARG B 161 -6.96 -16.65 40.64
N ARG B 162 -7.86 -15.67 40.77
CA ARG B 162 -7.44 -14.32 41.10
C ARG B 162 -7.24 -14.16 42.61
N GLU B 163 -6.29 -13.32 42.98
CA GLU B 163 -6.01 -12.98 44.35
C GLU B 163 -5.82 -11.48 44.47
N PRO B 164 -6.02 -10.91 45.65
CA PRO B 164 -5.72 -9.48 45.84
C PRO B 164 -4.23 -9.21 45.71
N VAL B 165 -3.92 -7.96 45.37
CA VAL B 165 -2.51 -7.52 45.35
C VAL B 165 -2.01 -7.22 46.76
N GLY B 166 -2.91 -6.85 47.68
CA GLY B 166 -2.53 -6.62 49.06
C GLY B 166 -3.11 -5.34 49.62
N LEU B 167 -2.24 -4.38 49.94
CA LEU B 167 -2.64 -3.07 50.43
C LEU B 167 -2.68 -2.09 49.26
N VAL B 168 -3.87 -1.56 48.97
CA VAL B 168 -4.07 -0.56 47.94
C VAL B 168 -4.12 0.82 48.59
N LEU B 169 -3.23 1.72 48.15
CA LEU B 169 -3.31 3.13 48.53
C LEU B 169 -4.13 3.85 47.47
N ALA B 170 -5.27 4.40 47.90
CA ALA B 170 -6.18 5.12 47.01
C ALA B 170 -6.09 6.61 47.30
N ILE B 171 -5.84 7.40 46.27
CA ILE B 171 -5.70 8.85 46.39
C ILE B 171 -6.71 9.49 45.44
N SER B 172 -7.66 10.25 45.99
CA SER B 172 -8.74 10.83 45.22
C SER B 172 -8.54 12.32 45.01
N PRO B 173 -9.24 12.92 44.03
CA PRO B 173 -9.04 14.34 43.71
C PRO B 173 -10.13 15.23 44.28
N PHE B 174 -9.92 16.55 44.23
CA PHE B 174 -10.86 17.47 44.87
C PHE B 174 -12.20 17.50 44.15
N ASN B 175 -12.22 17.26 42.83
CA ASN B 175 -13.41 17.55 42.05
C ASN B 175 -14.47 16.46 42.14
N TYR B 176 -14.07 15.25 42.55
CA TYR B 176 -15.00 14.15 42.83
C TYR B 176 -14.47 13.42 44.06
N PRO B 177 -14.47 14.08 45.22
CA PRO B 177 -13.78 13.52 46.38
C PRO B 177 -14.46 12.30 46.97
N VAL B 178 -15.73 12.09 46.67
CA VAL B 178 -16.46 10.91 47.10
C VAL B 178 -16.57 9.88 45.99
N ASN B 179 -17.01 10.30 44.80
CA ASN B 179 -17.19 9.36 43.69
C ASN B 179 -15.88 8.70 43.31
N LEU B 180 -14.80 9.48 43.20
CA LEU B 180 -13.51 8.91 42.82
C LEU B 180 -12.69 8.47 44.03
N ALA B 181 -13.30 8.45 45.21
CA ALA B 181 -12.82 7.59 46.29
C ALA B 181 -13.48 6.22 46.18
N GLY B 182 -14.82 6.18 46.08
CA GLY B 182 -15.53 4.92 46.01
C GLY B 182 -15.19 4.09 44.79
N SER B 183 -14.87 4.73 43.66
CA SER B 183 -14.50 4.01 42.47
C SER B 183 -13.21 3.22 42.62
N LYS B 184 -12.42 3.54 43.64
CA LYS B 184 -11.19 2.82 43.98
C LYS B 184 -11.39 1.87 45.13
N ILE B 185 -12.13 2.29 46.14
CA ILE B 185 -12.27 1.51 47.36
C ILE B 185 -13.06 0.23 47.10
N ALA B 186 -14.20 0.35 46.42
CA ALA B 186 -15.08 -0.81 46.29
C ALA B 186 -14.47 -1.87 45.42
N PRO B 187 -13.94 -1.57 44.22
CA PRO B 187 -13.25 -2.61 43.46
C PRO B 187 -12.10 -3.24 44.21
N ALA B 188 -11.34 -2.45 44.96
CA ALA B 188 -10.24 -3.01 45.75
C ALA B 188 -10.76 -3.97 46.80
N LEU B 189 -11.77 -3.56 47.55
CA LEU B 189 -12.24 -4.35 48.68
C LEU B 189 -12.89 -5.65 48.25
N ILE B 190 -13.69 -5.63 47.18
CA ILE B 190 -14.39 -6.86 46.81
C ILE B 190 -13.39 -7.96 46.48
N ALA B 191 -12.27 -7.61 45.88
CA ALA B 191 -11.25 -8.59 45.50
C ALA B 191 -10.44 -9.09 46.68
N GLY B 192 -10.66 -8.56 47.88
CA GLY B 192 -9.93 -8.99 49.04
C GLY B 192 -8.71 -8.17 49.37
N ASN B 193 -8.53 -7.02 48.74
CA ASN B 193 -7.50 -6.09 49.15
C ASN B 193 -7.94 -5.32 50.39
N VAL B 194 -6.95 -4.80 51.12
CA VAL B 194 -7.17 -3.81 52.16
C VAL B 194 -6.80 -2.46 51.58
N VAL B 195 -7.37 -1.39 52.14
CA VAL B 195 -7.33 -0.07 51.53
C VAL B 195 -7.00 1.00 52.55
N ALA B 196 -6.13 1.93 52.16
CA ALA B 196 -5.96 3.21 52.82
C ALA B 196 -6.34 4.30 51.83
N LEU B 197 -7.26 5.17 52.21
CA LEU B 197 -7.70 6.28 51.37
C LEU B 197 -7.03 7.56 51.86
N LYS B 198 -6.33 8.24 50.96
CA LYS B 198 -5.80 9.58 51.17
C LYS B 198 -6.67 10.50 50.33
N PRO B 199 -7.68 11.14 50.90
CA PRO B 199 -8.49 12.09 50.12
C PRO B 199 -7.72 13.36 49.86
N PRO B 200 -8.23 14.22 48.99
CA PRO B 200 -7.65 15.57 48.85
C PRO B 200 -7.90 16.36 50.11
N THR B 201 -6.94 17.22 50.47
CA THR B 201 -7.11 18.07 51.64
C THR B 201 -8.39 18.88 51.50
N GLN B 202 -8.54 19.60 50.38
CA GLN B 202 -9.82 20.23 50.05
C GLN B 202 -10.71 19.12 49.49
N GLY B 203 -11.62 18.63 50.33
CA GLY B 203 -12.35 17.40 50.09
C GLY B 203 -12.13 16.34 51.14
N SER B 204 -11.23 16.57 52.11
CA SER B 204 -10.95 15.56 53.13
C SER B 204 -12.14 15.34 54.05
N ILE B 205 -12.91 16.38 54.33
CA ILE B 205 -14.13 16.20 55.13
C ILE B 205 -15.07 15.22 54.42
N SER B 206 -15.28 15.43 53.12
CA SER B 206 -16.16 14.54 52.37
C SER B 206 -15.61 13.12 52.33
N GLY B 207 -14.30 12.98 52.13
CA GLY B 207 -13.70 11.66 52.19
C GLY B 207 -13.91 10.97 53.54
N LEU B 208 -13.82 11.74 54.63
CA LEU B 208 -14.05 11.16 55.96
C LEU B 208 -15.53 10.85 56.19
N LEU B 209 -16.42 11.65 55.58
CA LEU B 209 -17.85 11.32 55.65
C LEU B 209 -18.13 10.00 54.93
N LEU B 210 -17.47 9.77 53.80
CA LEU B 210 -17.58 8.47 53.13
C LEU B 210 -17.08 7.36 54.04
N ALA B 211 -15.94 7.60 54.71
CA ALA B 211 -15.38 6.58 55.59
C ALA B 211 -16.37 6.20 56.69
N GLU B 212 -17.12 7.19 57.21
CA GLU B 212 -18.10 6.89 58.24
C GLU B 212 -19.08 5.83 57.77
N ALA B 213 -19.50 5.90 56.51
CA ALA B 213 -20.44 4.92 55.98
C ALA B 213 -19.85 3.52 56.04
N PHE B 214 -18.60 3.36 55.60
CA PHE B 214 -17.97 2.04 55.65
C PHE B 214 -17.82 1.56 57.08
N ALA B 215 -17.50 2.46 58.01
CA ALA B 215 -17.39 2.08 59.40
C ALA B 215 -18.73 1.62 59.96
N GLU B 216 -19.80 2.37 59.66
CA GLU B 216 -21.12 1.98 60.15
C GLU B 216 -21.57 0.66 59.54
N ALA B 217 -21.18 0.39 58.29
CA ALA B 217 -21.48 -0.90 57.67
C ALA B 217 -20.74 -2.05 58.34
N GLY B 218 -19.79 -1.75 59.22
CA GLY B 218 -19.10 -2.79 59.96
C GLY B 218 -17.86 -3.34 59.31
N ILE B 219 -17.31 -2.64 58.31
CA ILE B 219 -16.07 -3.10 57.67
C ILE B 219 -15.08 -3.48 58.76
N PRO B 220 -14.45 -4.67 58.71
CA PRO B 220 -13.58 -5.07 59.83
C PRO B 220 -12.41 -4.11 60.03
N ALA B 221 -11.96 -4.06 61.28
CA ALA B 221 -10.91 -3.10 61.65
C ALA B 221 -9.67 -3.32 60.80
N GLY B 222 -9.17 -2.23 60.21
CA GLY B 222 -7.97 -2.25 59.43
C GLY B 222 -8.18 -2.55 57.97
N VAL B 223 -9.35 -3.07 57.60
CA VAL B 223 -9.62 -3.40 56.21
C VAL B 223 -9.73 -2.13 55.37
N PHE B 224 -10.32 -1.09 55.95
CA PHE B 224 -10.42 0.23 55.31
C PHE B 224 -10.00 1.28 56.34
N ASN B 225 -9.09 2.15 55.93
CA ASN B 225 -8.55 3.20 56.79
C ASN B 225 -8.41 4.46 55.98
N THR B 226 -8.25 5.59 56.68
CA THR B 226 -8.05 6.87 56.02
C THR B 226 -6.75 7.50 56.50
N ILE B 227 -6.16 8.31 55.61
CA ILE B 227 -4.98 9.10 55.90
C ILE B 227 -5.26 10.52 55.43
N THR B 228 -5.00 11.50 56.30
N THR B 228 -5.06 11.49 56.31
CA THR B 228 -5.07 12.91 55.92
CA THR B 228 -5.14 12.90 55.94
C THR B 228 -3.80 13.61 56.39
C THR B 228 -3.87 13.57 56.44
N GLY B 229 -3.37 14.62 55.62
N GLY B 229 -3.34 14.52 55.69
CA GLY B 229 -2.20 15.39 55.99
CA GLY B 229 -2.18 15.24 56.17
C GLY B 229 -1.48 16.08 54.85
C GLY B 229 -1.47 16.02 55.08
N ARG B 230 -2.22 16.78 54.00
N ARG B 230 -0.22 16.37 55.39
CA ARG B 230 -1.69 17.54 52.86
CA ARG B 230 0.54 17.37 54.69
C ARG B 230 -0.71 16.77 52.00
C ARG B 230 1.54 16.71 53.74
N GLY B 231 -1.08 16.57 50.73
N GLY B 231 1.48 17.09 52.46
CA GLY B 231 -0.19 15.89 49.81
CA GLY B 231 2.52 16.66 51.55
C GLY B 231 1.17 16.53 49.70
C GLY B 231 3.91 16.93 52.09
N SER B 232 1.25 17.85 49.84
N SER B 232 4.05 18.03 52.84
CA SER B 232 2.54 18.52 49.75
CA SER B 232 5.29 18.33 53.55
C SER B 232 3.46 18.16 50.92
C SER B 232 5.75 17.16 54.41
N VAL B 233 2.91 17.65 52.01
N VAL B 233 4.85 16.25 54.78
CA VAL B 233 3.68 17.31 53.20
CA VAL B 233 5.22 15.14 55.65
C VAL B 233 3.80 15.80 53.38
C VAL B 233 4.61 13.82 55.20
N ILE B 234 2.72 15.06 53.17
N ILE B 234 3.61 13.87 54.31
CA ILE B 234 2.66 13.64 53.50
CA ILE B 234 2.75 12.71 54.04
C ILE B 234 2.63 12.74 52.28
C ILE B 234 2.87 12.17 52.63
N GLY B 235 2.52 13.31 51.07
N GLY B 235 2.53 12.96 51.61
CA GLY B 235 2.26 12.48 49.90
CA GLY B 235 2.34 12.46 50.26
C GLY B 235 3.40 11.56 49.53
C GLY B 235 3.42 11.53 49.74
N ASP B 236 4.64 12.04 49.64
CA ASP B 236 5.76 11.21 49.21
C ASP B 236 5.97 10.02 50.14
N TYR B 237 5.81 10.22 51.44
CA TYR B 237 6.04 9.13 52.39
C TYR B 237 4.99 8.03 52.24
N ILE B 238 3.73 8.41 52.01
CA ILE B 238 2.69 7.39 51.93
C ILE B 238 2.84 6.54 50.68
N VAL B 239 3.38 7.11 49.60
CA VAL B 239 3.55 6.38 48.35
C VAL B 239 4.78 5.48 48.40
N GLU B 240 5.88 5.98 48.97
CA GLU B 240 7.11 5.20 48.99
C GLU B 240 7.04 4.03 49.96
N HIS B 241 6.14 4.07 50.93
CA HIS B 241 6.14 3.09 52.01
C HIS B 241 6.09 1.66 51.48
N GLU B 242 6.94 0.79 52.03
CA GLU B 242 7.06 -0.56 51.53
C GLU B 242 5.81 -1.40 51.76
N ALA B 243 4.96 -1.01 52.71
CA ALA B 243 3.75 -1.77 52.97
C ALA B 243 2.78 -1.70 51.79
N VAL B 244 2.81 -0.62 51.03
CA VAL B 244 1.86 -0.40 49.95
C VAL B 244 2.22 -1.30 48.77
N ASN B 245 1.25 -2.08 48.30
CA ASN B 245 1.46 -2.99 47.17
C ASN B 245 0.88 -2.45 45.86
N PHE B 246 0.09 -1.38 45.90
CA PHE B 246 -0.59 -0.87 44.72
C PHE B 246 -1.00 0.57 45.00
N ILE B 247 -0.81 1.45 44.03
CA ILE B 247 -1.17 2.85 44.16
C ILE B 247 -2.19 3.20 43.08
N ASN B 248 -3.35 3.71 43.50
CA ASN B 248 -4.46 4.02 42.61
C ASN B 248 -4.75 5.51 42.81
N PHE B 249 -4.30 6.33 41.86
CA PHE B 249 -4.26 7.77 42.02
C PHE B 249 -5.05 8.47 40.91
N THR B 250 -5.79 9.50 41.30
CA THR B 250 -6.45 10.42 40.37
C THR B 250 -6.09 11.84 40.78
N GLY B 251 -5.58 12.61 39.83
CA GLY B 251 -5.17 13.98 40.14
C GLY B 251 -4.43 14.60 38.98
N SER B 252 -3.57 15.55 39.30
CA SER B 252 -2.85 16.30 38.28
C SER B 252 -1.72 15.46 37.69
N THR B 253 -1.42 15.75 36.43
CA THR B 253 -0.35 15.03 35.74
C THR B 253 1.00 15.14 36.44
N PRO B 254 1.46 16.31 36.90
CA PRO B 254 2.77 16.34 37.57
C PRO B 254 2.83 15.46 38.82
N ILE B 255 1.78 15.44 39.63
CA ILE B 255 1.78 14.58 40.82
C ILE B 255 1.79 13.13 40.40
N GLY B 256 1.03 12.79 39.35
CA GLY B 256 1.02 11.42 38.87
C GLY B 256 2.39 10.95 38.39
N GLU B 257 3.11 11.81 37.68
CA GLU B 257 4.46 11.45 37.24
C GLU B 257 5.34 11.13 38.44
N GLY B 258 5.29 11.98 39.47
CA GLY B 258 6.11 11.73 40.66
C GLY B 258 5.78 10.40 41.31
N ILE B 259 4.50 10.06 41.42
CA ILE B 259 4.10 8.77 41.96
C ILE B 259 4.67 7.64 41.11
N GLY B 260 4.62 7.79 39.79
CA GLY B 260 5.19 6.79 38.92
C GLY B 260 6.63 6.48 39.24
N LYS B 261 7.39 7.51 39.62
CA LYS B 261 8.81 7.30 39.94
C LYS B 261 8.95 6.57 41.27
N LEU B 262 8.20 6.99 42.29
CA LEU B 262 8.31 6.40 43.62
C LEU B 262 7.72 5.00 43.70
N ALA B 263 6.94 4.58 42.71
CA ALA B 263 6.31 3.27 42.77
C ALA B 263 7.29 2.13 42.51
N GLY B 264 8.40 2.40 41.83
CA GLY B 264 9.33 1.35 41.50
C GLY B 264 8.72 0.34 40.56
N MET B 265 8.69 -0.93 40.98
CA MET B 265 8.11 -1.99 40.18
C MET B 265 6.67 -2.28 40.56
N ARG B 266 6.14 -1.62 41.58
CA ARG B 266 4.80 -1.94 42.06
C ARG B 266 3.76 -1.46 41.05
N PRO B 267 2.65 -2.18 40.92
CA PRO B 267 1.60 -1.76 39.98
C PRO B 267 0.94 -0.47 40.44
N ILE B 268 0.59 0.37 39.47
CA ILE B 268 -0.09 1.64 39.74
C ILE B 268 -1.18 1.86 38.71
N MET B 269 -2.12 2.72 39.07
CA MET B 269 -3.11 3.25 38.13
C MET B 269 -3.13 4.75 38.31
N LEU B 270 -3.09 5.49 37.18
CA LEU B 270 -3.03 6.93 37.22
C LEU B 270 -4.12 7.47 36.31
N GLU B 271 -4.94 8.37 36.84
CA GLU B 271 -5.98 9.08 36.08
C GLU B 271 -5.62 10.55 36.20
N LEU B 272 -5.05 11.12 35.14
CA LEU B 272 -4.41 12.43 35.19
C LEU B 272 -5.23 13.43 34.36
N GLY B 273 -4.56 14.42 33.79
CA GLY B 273 -5.25 15.50 33.11
C GLY B 273 -5.78 15.12 31.75
N GLY B 274 -6.65 15.98 31.24
CA GLY B 274 -7.22 15.80 29.93
C GLY B 274 -7.39 17.12 29.22
N LYS B 275 -7.35 17.06 27.90
CA LYS B 275 -7.64 18.20 27.03
C LYS B 275 -8.50 17.67 25.88
N ASP B 276 -9.69 17.14 26.22
CA ASP B 276 -10.49 16.40 25.25
C ASP B 276 -10.92 17.30 24.09
N SER B 277 -10.70 16.82 22.89
CA SER B 277 -11.11 17.52 21.70
C SER B 277 -12.52 17.11 21.28
N ALA B 278 -13.27 18.07 20.77
CA ALA B 278 -14.57 17.83 20.13
C ALA B 278 -14.43 18.21 18.66
N ILE B 279 -14.36 17.20 17.80
CA ILE B 279 -14.16 17.40 16.37
C ILE B 279 -15.53 17.50 15.70
N VAL B 280 -15.77 18.61 15.00
CA VAL B 280 -17.06 18.88 14.39
C VAL B 280 -16.85 18.96 12.89
N LEU B 281 -17.43 18.02 12.17
CA LEU B 281 -17.28 17.95 10.73
C LEU B 281 -18.40 18.70 10.04
N GLU B 282 -18.27 18.85 8.71
CA GLU B 282 -19.19 19.67 7.95
C GLU B 282 -20.63 19.14 7.98
N ASP B 283 -20.81 17.83 8.13
CA ASP B 283 -22.14 17.23 8.08
C ASP B 283 -22.77 17.05 9.46
N ALA B 284 -22.28 17.74 10.47
CA ALA B 284 -22.79 17.59 11.83
C ALA B 284 -24.06 18.37 12.06
N ASP B 285 -24.90 17.83 12.95
N ASP B 285 -24.90 17.86 12.96
CA ASP B 285 -26.04 18.54 13.51
CA ASP B 285 -26.07 18.60 13.42
C ASP B 285 -25.52 19.56 14.51
C ASP B 285 -25.59 19.60 14.47
N LEU B 286 -25.54 20.85 14.13
N LEU B 286 -25.53 20.88 14.10
CA LEU B 286 -24.89 21.87 14.94
CA LEU B 286 -24.88 21.88 14.93
C LEU B 286 -25.65 22.15 16.22
C LEU B 286 -25.65 22.16 16.22
N ALA B 287 -26.98 22.10 16.18
CA ALA B 287 -27.76 22.33 17.39
C ALA B 287 -27.44 21.27 18.44
N LEU B 288 -27.33 20.01 18.03
CA LEU B 288 -27.01 18.96 18.98
C LEU B 288 -25.55 19.04 19.41
N ALA B 289 -24.65 19.34 18.47
CA ALA B 289 -23.25 19.47 18.85
C ALA B 289 -23.05 20.60 19.85
N ALA B 290 -23.72 21.73 19.62
CA ALA B 290 -23.59 22.85 20.55
C ALA B 290 -24.10 22.48 21.93
N LYS B 291 -25.24 21.77 21.99
CA LYS B 291 -25.80 21.38 23.27
C LYS B 291 -24.81 20.50 24.05
N ASN B 292 -24.25 19.50 23.37
CA ASN B 292 -23.34 18.58 24.06
CA ASN B 292 -23.32 18.58 24.03
C ASN B 292 -22.01 19.25 24.38
N ILE B 293 -21.50 20.10 23.49
CA ILE B 293 -20.24 20.80 23.77
C ILE B 293 -20.39 21.68 25.00
N VAL B 294 -21.50 22.42 25.10
CA VAL B 294 -21.66 23.32 26.24
C VAL B 294 -21.87 22.53 27.53
N ALA B 295 -22.69 21.49 27.49
CA ALA B 295 -22.88 20.67 28.69
C ALA B 295 -21.55 20.09 29.15
N GLY B 296 -20.74 19.59 28.21
CA GLY B 296 -19.50 18.95 28.54
C GLY B 296 -18.40 19.90 28.97
N ALA B 297 -18.34 21.07 28.32
CA ALA B 297 -17.25 22.00 28.59
C ALA B 297 -17.42 22.71 29.90
N PHE B 298 -18.65 23.07 30.27
CA PHE B 298 -18.88 23.95 31.41
C PHE B 298 -19.48 23.26 32.64
N GLY B 299 -19.68 21.95 32.59
CA GLY B 299 -20.12 21.23 33.77
C GLY B 299 -19.15 21.44 34.92
N TYR B 300 -19.67 21.74 36.11
CA TYR B 300 -18.84 22.00 37.28
C TYR B 300 -17.78 23.05 36.97
N SER B 301 -18.17 24.05 36.18
CA SER B 301 -17.30 25.17 35.83
C SER B 301 -16.04 24.71 35.10
N GLY B 302 -16.12 23.58 34.41
CA GLY B 302 -14.98 23.06 33.67
C GLY B 302 -13.96 22.30 34.49
N GLN B 303 -14.26 21.99 35.75
CA GLN B 303 -13.33 21.34 36.64
C GLN B 303 -13.51 19.83 36.59
N ARG B 304 -13.34 19.28 35.37
CA ARG B 304 -13.51 17.86 35.11
C ARG B 304 -12.44 17.43 34.12
N SER B 305 -11.80 16.29 34.39
CA SER B 305 -10.77 15.78 33.50
C SER B 305 -11.35 15.40 32.14
N THR B 306 -12.63 15.01 32.09
N THR B 306 -12.52 14.76 32.15
CA THR B 306 -13.26 14.61 30.84
CA THR B 306 -13.28 14.45 30.95
C THR B 306 -14.05 15.72 30.14
C THR B 306 -14.29 15.59 30.79
N ALA B 307 -13.91 16.96 30.56
N ALA B 307 -13.81 16.65 30.18
CA ALA B 307 -14.67 18.03 29.90
CA ALA B 307 -14.64 17.78 29.81
C ALA B 307 -14.24 18.15 28.44
C ALA B 307 -14.22 18.16 28.40
N VAL B 308 -15.18 18.57 27.59
CA VAL B 308 -14.82 19.10 26.28
C VAL B 308 -13.99 20.34 26.54
N LYS B 309 -12.72 20.32 26.12
CA LYS B 309 -11.80 21.42 26.40
C LYS B 309 -11.27 22.12 25.17
N ARG B 310 -11.56 21.63 23.97
CA ARG B 310 -11.22 22.36 22.76
C ARG B 310 -12.11 21.86 21.64
N VAL B 311 -12.68 22.80 20.88
CA VAL B 311 -13.49 22.49 19.72
C VAL B 311 -12.59 22.61 18.51
N LEU B 312 -12.50 21.52 17.73
CA LEU B 312 -11.80 21.52 16.45
C LEU B 312 -12.89 21.39 15.37
N VAL B 313 -13.17 22.50 14.68
CA VAL B 313 -14.34 22.58 13.81
C VAL B 313 -13.91 22.94 12.39
N MET B 314 -14.48 22.23 11.42
CA MET B 314 -14.29 22.55 10.01
C MET B 314 -14.76 23.97 9.74
N ASP B 315 -13.99 24.72 8.95
CA ASP B 315 -14.24 26.15 8.84
CA ASP B 315 -14.22 26.15 8.76
C ASP B 315 -15.65 26.45 8.33
N LYS B 316 -16.16 25.65 7.40
CA LYS B 316 -17.44 25.97 6.74
C LYS B 316 -18.64 25.89 7.68
N VAL B 317 -18.49 25.27 8.84
CA VAL B 317 -19.57 25.26 9.83
C VAL B 317 -19.20 25.98 11.11
N ALA B 318 -18.02 26.60 11.16
CA ALA B 318 -17.53 27.20 12.39
C ALA B 318 -18.35 28.41 12.84
N ASP B 319 -18.76 29.28 11.90
CA ASP B 319 -19.47 30.48 12.31
C ASP B 319 -20.79 30.13 13.01
N GLN B 320 -21.56 29.23 12.40
CA GLN B 320 -22.88 28.89 12.95
C GLN B 320 -22.74 28.06 14.21
N LEU B 321 -21.78 27.15 14.25
CA LEU B 321 -21.54 26.39 15.48
C LEU B 321 -21.21 27.33 16.62
N ALA B 322 -20.28 28.27 16.38
CA ALA B 322 -19.88 29.21 17.42
C ALA B 322 -21.07 30.03 17.90
N ALA B 323 -21.94 30.44 16.99
CA ALA B 323 -23.10 31.24 17.40
C ALA B 323 -24.07 30.41 18.23
N GLU B 324 -24.26 29.13 17.88
CA GLU B 324 -25.18 28.30 18.64
C GLU B 324 -24.60 27.95 20.01
N ILE B 325 -23.28 27.74 20.08
CA ILE B 325 -22.64 27.56 21.38
C ILE B 325 -22.81 28.82 22.22
N LYS B 326 -22.57 29.98 21.60
CA LYS B 326 -22.63 31.24 22.33
C LYS B 326 -23.99 31.43 23.00
N THR B 327 -25.06 31.22 22.23
CA THR B 327 -26.41 31.41 22.79
C THR B 327 -26.60 30.56 24.04
N LEU B 328 -26.07 29.33 24.04
CA LEU B 328 -26.23 28.44 25.19
C LEU B 328 -25.34 28.87 26.36
N VAL B 329 -24.09 29.27 26.06
CA VAL B 329 -23.23 29.75 27.13
C VAL B 329 -23.87 30.93 27.85
N GLU B 330 -24.48 31.85 27.09
CA GLU B 330 -25.09 33.03 27.69
C GLU B 330 -26.26 32.70 28.60
N LYS B 331 -26.88 31.53 28.44
CA LYS B 331 -28.02 31.15 29.26
C LYS B 331 -27.61 30.47 30.55
N LEU B 332 -26.35 30.09 30.69
CA LEU B 332 -25.90 29.42 31.90
C LEU B 332 -26.01 30.36 33.09
N SER B 333 -26.50 29.83 34.21
CA SER B 333 -26.55 30.60 35.44
C SER B 333 -25.16 30.64 36.07
N VAL B 334 -24.82 31.79 36.62
CA VAL B 334 -23.53 32.02 37.28
C VAL B 334 -23.84 32.49 38.68
N GLY B 335 -23.50 31.68 39.68
CA GLY B 335 -23.82 32.01 41.05
C GLY B 335 -23.25 31.04 42.06
N MET B 336 -24.01 30.81 43.15
CA MET B 336 -23.50 30.08 44.30
C MET B 336 -23.95 28.63 44.28
N PRO B 337 -23.16 27.74 44.89
CA PRO B 337 -23.55 26.32 44.94
C PRO B 337 -24.92 26.08 45.53
N GLU B 338 -25.30 26.81 46.58
CA GLU B 338 -26.58 26.57 47.23
CA GLU B 338 -26.58 26.56 47.23
C GLU B 338 -27.76 26.85 46.30
N ASP B 339 -27.55 27.62 45.25
CA ASP B 339 -28.60 27.94 44.30
C ASP B 339 -28.53 27.09 43.03
N ASP B 340 -27.72 26.03 43.04
CA ASP B 340 -27.62 25.10 41.92
C ASP B 340 -27.27 25.82 40.62
N ALA B 341 -26.37 26.81 40.72
CA ALA B 341 -25.92 27.53 39.54
C ALA B 341 -25.08 26.62 38.65
N ASP B 342 -25.15 26.85 37.34
CA ASP B 342 -24.36 26.07 36.41
C ASP B 342 -22.87 26.31 36.62
N ILE B 343 -22.49 27.57 36.77
CA ILE B 343 -21.10 27.98 36.96
C ILE B 343 -20.95 28.46 38.39
N THR B 344 -20.12 27.77 39.16
CA THR B 344 -19.86 28.09 40.55
C THR B 344 -18.43 28.56 40.72
N PRO B 345 -18.10 29.12 41.89
CA PRO B 345 -16.72 29.56 42.12
C PRO B 345 -15.73 28.41 42.01
N LEU B 346 -14.53 28.72 41.53
CA LEU B 346 -13.50 27.70 41.38
C LEU B 346 -12.92 27.29 42.74
N ILE B 347 -12.14 26.21 42.72
CA ILE B 347 -11.77 25.53 43.96
C ILE B 347 -10.97 26.44 44.89
N ASP B 348 -10.09 27.26 44.33
CA ASP B 348 -9.29 28.16 45.15
C ASP B 348 -8.82 29.32 44.29
N THR B 349 -8.13 30.27 44.92
CA THR B 349 -7.71 31.48 44.24
C THR B 349 -6.67 31.18 43.17
N SER B 350 -5.70 30.30 43.47
CA SER B 350 -4.67 29.99 42.49
C SER B 350 -5.26 29.36 41.22
N ALA B 351 -6.32 28.57 41.36
CA ALA B 351 -6.96 27.99 40.19
C ALA B 351 -7.59 29.07 39.32
N ALA B 352 -8.28 30.02 39.96
CA ALA B 352 -8.88 31.13 39.21
C ALA B 352 -7.80 32.01 38.57
N ASP B 353 -6.69 32.23 39.27
CA ASP B 353 -5.60 33.01 38.68
C ASP B 353 -5.04 32.32 37.44
N PHE B 354 -4.86 31.00 37.51
CA PHE B 354 -4.35 30.25 36.37
C PHE B 354 -5.29 30.37 35.17
N VAL B 355 -6.60 30.28 35.42
CA VAL B 355 -7.58 30.41 34.35
C VAL B 355 -7.56 31.83 33.78
N GLU B 356 -7.55 32.84 34.65
CA GLU B 356 -7.50 34.21 34.16
C GLU B 356 -6.27 34.42 33.28
N GLY B 357 -5.13 33.84 33.67
CA GLY B 357 -3.93 33.98 32.87
C GLY B 357 -4.06 33.37 31.49
N LEU B 358 -4.71 32.21 31.39
CA LEU B 358 -4.96 31.61 30.09
C LEU B 358 -5.87 32.51 29.26
N ILE B 359 -6.89 33.09 29.89
CA ILE B 359 -7.79 34.01 29.20
C ILE B 359 -7.01 35.21 28.70
N LYS B 360 -6.16 35.78 29.55
CA LYS B 360 -5.35 36.93 29.15
C LYS B 360 -4.47 36.59 27.97
N ASP B 361 -3.78 35.45 28.04
CA ASP B 361 -2.90 35.05 26.94
C ASP B 361 -3.68 34.92 25.62
N ALA B 362 -4.86 34.31 25.67
CA ALA B 362 -5.64 34.12 24.45
C ALA B 362 -6.10 35.46 23.86
N THR B 363 -6.57 36.37 24.72
CA THR B 363 -6.99 37.68 24.25
C THR B 363 -5.82 38.45 23.67
N ASP B 364 -4.65 38.38 24.32
CA ASP B 364 -3.49 39.13 23.83
C ASP B 364 -3.05 38.66 22.45
N LYS B 365 -3.27 37.39 22.14
CA LYS B 365 -2.84 36.85 20.85
C LYS B 365 -3.90 36.93 19.77
N GLY B 366 -5.08 37.49 20.08
CA GLY B 366 -6.06 37.81 19.05
C GLY B 366 -7.33 37.00 19.03
N ALA B 367 -7.55 36.12 20.00
CA ALA B 367 -8.79 35.36 19.99
C ALA B 367 -9.98 36.29 20.26
N THR B 368 -11.13 35.91 19.73
CA THR B 368 -12.34 36.72 19.86
C THR B 368 -13.15 36.21 21.04
N ALA B 369 -13.51 37.13 21.94
CA ALA B 369 -14.24 36.77 23.16
C ALA B 369 -15.72 36.86 22.86
N LEU B 370 -16.32 35.72 22.51
CA LEU B 370 -17.74 35.70 22.21
C LEU B 370 -18.57 35.97 23.46
N THR B 371 -18.04 35.63 24.63
CA THR B 371 -18.61 36.00 25.92
C THR B 371 -17.53 36.69 26.73
N ALA B 372 -17.95 37.56 27.63
CA ALA B 372 -17.03 38.48 28.31
C ALA B 372 -16.52 37.89 29.61
N PHE B 373 -15.22 38.07 29.84
CA PHE B 373 -14.63 37.66 31.11
C PHE B 373 -15.09 38.58 32.23
N ASN B 374 -15.49 37.98 33.35
CA ASN B 374 -15.79 38.71 34.57
C ASN B 374 -15.42 37.80 35.73
N ARG B 375 -14.90 38.39 36.80
CA ARG B 375 -14.45 37.62 37.96
C ARG B 375 -14.81 38.38 39.23
N GLU B 376 -15.53 37.70 40.12
CA GLU B 376 -15.86 38.22 41.45
C GLU B 376 -15.33 37.20 42.45
N GLY B 377 -14.25 37.54 43.14
CA GLY B 377 -13.54 36.57 43.93
C GLY B 377 -12.93 35.49 43.05
N ASN B 378 -13.42 34.26 43.16
CA ASN B 378 -13.00 33.18 42.29
C ASN B 378 -14.15 32.67 41.42
N LEU B 379 -15.23 33.42 41.32
CA LEU B 379 -16.36 33.10 40.44
C LEU B 379 -16.08 33.75 39.10
N ILE B 380 -15.58 32.96 38.15
CA ILE B 380 -15.32 33.43 36.79
C ILE B 380 -16.51 33.08 35.92
N SER B 381 -17.00 34.07 35.19
CA SER B 381 -18.09 33.84 34.27
C SER B 381 -17.60 33.05 33.06
N PRO B 382 -18.49 32.28 32.43
CA PRO B 382 -18.05 31.40 31.33
C PRO B 382 -17.59 32.21 30.13
N VAL B 383 -16.35 31.93 29.69
CA VAL B 383 -15.74 32.63 28.56
C VAL B 383 -15.64 31.66 27.37
N LEU B 384 -16.20 32.07 26.24
CA LEU B 384 -16.10 31.33 24.99
C LEU B 384 -15.21 32.13 24.04
N PHE B 385 -14.14 31.50 23.57
CA PHE B 385 -13.24 32.11 22.60
C PHE B 385 -13.41 31.45 21.23
N ASP B 386 -13.40 32.26 20.19
CA ASP B 386 -13.29 31.77 18.82
C ASP B 386 -11.94 32.21 18.24
N HIS B 387 -11.59 31.64 17.10
CA HIS B 387 -10.34 31.96 16.42
C HIS B 387 -9.13 31.74 17.32
N VAL B 388 -9.16 30.66 18.10
CA VAL B 388 -8.00 30.30 18.89
C VAL B 388 -7.01 29.56 18.00
N THR B 389 -5.73 29.81 18.20
CA THR B 389 -4.68 29.24 17.38
C THR B 389 -3.72 28.44 18.26
N THR B 390 -2.88 27.64 17.60
CA THR B 390 -2.00 26.74 18.33
C THR B 390 -0.88 27.44 19.06
N ASP B 391 -0.63 28.73 18.80
CA ASP B 391 0.36 29.47 19.57
C ASP B 391 -0.19 29.99 20.89
N MET B 392 -1.47 29.78 21.18
CA MET B 392 -2.08 30.21 22.42
C MET B 392 -2.07 29.08 23.45
N ARG B 393 -1.71 29.41 24.68
CA ARG B 393 -1.68 28.41 25.74
C ARG B 393 -3.01 27.69 25.86
N LEU B 394 -4.12 28.41 25.68
CA LEU B 394 -5.45 27.82 25.83
C LEU B 394 -5.70 26.68 24.87
N ALA B 395 -4.92 26.58 23.79
CA ALA B 395 -5.10 25.47 22.86
C ALA B 395 -4.60 24.16 23.45
N TRP B 396 -3.80 24.22 24.52
CA TRP B 396 -3.09 23.04 24.98
C TRP B 396 -3.22 22.77 26.47
N GLU B 397 -3.04 23.78 27.31
CA GLU B 397 -2.96 23.55 28.75
C GLU B 397 -4.35 23.32 29.33
N GLU B 398 -4.45 22.39 30.27
CA GLU B 398 -5.73 22.12 30.91
C GLU B 398 -6.08 23.26 31.86
N PRO B 399 -7.16 24.01 31.61
CA PRO B 399 -7.46 25.17 32.48
C PRO B 399 -8.04 24.80 33.83
N PHE B 400 -8.91 23.78 33.85
CA PHE B 400 -9.78 23.51 35.01
C PHE B 400 -10.55 24.77 35.42
N GLY B 401 -11.23 25.36 34.44
N GLY B 401 -11.21 25.36 34.43
CA GLY B 401 -12.07 26.51 34.65
CA GLY B 401 -12.04 26.53 34.62
C GLY B 401 -13.01 26.72 33.48
C GLY B 401 -13.04 26.69 33.50
N PRO B 402 -13.95 27.66 33.61
CA PRO B 402 -15.01 27.81 32.61
C PRO B 402 -14.61 28.64 31.39
N VAL B 403 -13.70 28.09 30.60
CA VAL B 403 -13.23 28.75 29.38
C VAL B 403 -13.07 27.68 28.30
N LEU B 404 -13.61 27.94 27.10
CA LEU B 404 -13.62 26.96 26.02
C LEU B 404 -13.07 27.61 24.76
N PRO B 405 -11.98 27.08 24.18
CA PRO B 405 -11.51 27.57 22.87
C PRO B 405 -12.14 26.84 21.69
N ILE B 406 -12.38 27.59 20.62
CA ILE B 406 -12.78 27.07 19.33
C ILE B 406 -11.62 27.27 18.37
N ILE B 407 -11.13 26.17 17.81
CA ILE B 407 -10.03 26.15 16.86
C ILE B 407 -10.57 25.71 15.52
N ARG B 408 -10.39 26.53 14.50
CA ARG B 408 -10.89 26.22 13.17
C ARG B 408 -9.86 25.42 12.38
N VAL B 409 -10.32 24.37 11.71
CA VAL B 409 -9.47 23.55 10.86
C VAL B 409 -10.07 23.53 9.45
N THR B 410 -9.22 23.19 8.48
CA THR B 410 -9.64 23.14 7.08
C THR B 410 -9.88 21.72 6.56
N THR B 411 -9.32 20.71 7.22
CA THR B 411 -9.51 19.33 6.82
C THR B 411 -9.62 18.46 8.05
N VAL B 412 -10.23 17.28 7.87
CA VAL B 412 -10.30 16.31 8.95
C VAL B 412 -8.91 15.85 9.34
N GLU B 413 -8.00 15.74 8.37
CA GLU B 413 -6.63 15.35 8.70
C GLU B 413 -5.97 16.35 9.64
N GLU B 414 -6.21 17.65 9.46
CA GLU B 414 -5.66 18.65 10.36
C GLU B 414 -6.26 18.52 11.76
N ALA B 415 -7.56 18.22 11.84
CA ALA B 415 -8.20 18.01 13.14
C ALA B 415 -7.53 16.85 13.88
N ILE B 416 -7.28 15.74 13.18
CA ILE B 416 -6.62 14.60 13.79
C ILE B 416 -5.23 14.98 14.28
N LYS B 417 -4.48 15.73 13.46
CA LYS B 417 -3.12 16.10 13.83
C LYS B 417 -3.09 16.99 15.07
N ILE B 418 -3.95 18.02 15.09
CA ILE B 418 -4.00 18.91 16.25
C ILE B 418 -4.48 18.16 17.49
N SER B 419 -5.48 17.28 17.33
CA SER B 419 -5.94 16.51 18.46
C SER B 419 -4.81 15.70 19.06
N ASN B 420 -4.05 14.99 18.20
CA ASN B 420 -3.01 14.08 18.66
C ASN B 420 -1.74 14.79 19.10
N GLU B 421 -1.55 16.06 18.71
CA GLU B 421 -0.39 16.80 19.16
C GLU B 421 -0.44 17.10 20.66
N SER B 422 -1.62 17.01 21.28
CA SER B 422 -1.73 17.22 22.70
C SER B 422 -0.96 16.14 23.46
N GLU B 423 -0.34 16.54 24.56
CA GLU B 423 0.27 15.57 25.47
C GLU B 423 -0.78 14.72 26.17
N TYR B 424 -2.03 15.17 26.16
CA TYR B 424 -3.12 14.46 26.80
C TYR B 424 -3.84 13.58 25.80
N GLY B 425 -4.53 12.57 26.32
CA GLY B 425 -5.21 11.62 25.48
C GLY B 425 -6.28 10.85 26.22
N LEU B 426 -7.17 11.56 26.88
CA LEU B 426 -8.19 10.91 27.70
C LEU B 426 -9.36 10.47 26.82
N GLN B 427 -10.12 11.42 26.29
CA GLN B 427 -11.24 11.11 25.43
C GLN B 427 -11.34 12.14 24.32
N ALA B 428 -12.20 11.85 23.35
CA ALA B 428 -12.52 12.77 22.29
C ALA B 428 -13.96 12.54 21.86
N SER B 429 -14.55 13.58 21.27
CA SER B 429 -15.87 13.46 20.65
CA SER B 429 -15.88 13.50 20.66
C SER B 429 -15.77 13.80 19.17
N ILE B 430 -16.58 13.12 18.37
CA ILE B 430 -16.68 13.39 16.94
C ILE B 430 -18.15 13.64 16.62
N PHE B 431 -18.44 14.80 16.03
CA PHE B 431 -19.79 15.18 15.65
C PHE B 431 -19.90 15.14 14.13
N THR B 432 -20.69 14.19 13.63
CA THR B 432 -20.81 13.97 12.20
C THR B 432 -21.98 13.04 11.99
N THR B 433 -22.45 12.98 10.73
CA THR B 433 -23.49 12.04 10.36
C THR B 433 -22.97 10.86 9.56
N ASN B 434 -21.65 10.73 9.41
CA ASN B 434 -21.01 9.62 8.71
C ASN B 434 -20.26 8.77 9.73
N PHE B 435 -20.94 7.75 10.25
CA PHE B 435 -20.35 6.97 11.33
C PHE B 435 -19.19 6.09 10.87
N PRO B 436 -19.29 5.42 9.71
CA PRO B 436 -18.12 4.65 9.23
C PRO B 436 -16.87 5.51 9.14
N LYS B 437 -16.99 6.74 8.65
CA LYS B 437 -15.86 7.64 8.64
C LYS B 437 -15.43 8.00 10.06
N ALA B 438 -16.40 8.23 10.95
CA ALA B 438 -16.08 8.55 12.34
C ALA B 438 -15.32 7.42 13.01
N PHE B 439 -15.72 6.16 12.74
CA PHE B 439 -14.99 5.03 13.28
CA PHE B 439 -14.98 5.03 13.29
C PHE B 439 -13.54 5.03 12.79
N GLY B 440 -13.33 5.34 11.52
CA GLY B 440 -11.98 5.41 11.00
C GLY B 440 -11.16 6.54 11.62
N ILE B 441 -11.83 7.66 11.90
CA ILE B 441 -11.16 8.76 12.61
C ILE B 441 -10.80 8.32 14.02
N ALA B 442 -11.75 7.67 14.70
CA ALA B 442 -11.53 7.25 16.09
C ALA B 442 -10.33 6.32 16.20
N GLU B 443 -10.15 5.43 15.22
N GLU B 443 -10.15 5.43 15.22
CA GLU B 443 -8.99 4.54 15.25
CA GLU B 443 -8.98 4.54 15.24
C GLU B 443 -7.69 5.32 15.28
C GLU B 443 -7.69 5.34 15.30
N GLN B 444 -7.66 6.53 14.70
CA GLN B 444 -6.45 7.33 14.62
C GLN B 444 -6.23 8.23 15.81
N LEU B 445 -7.26 8.47 16.64
CA LEU B 445 -7.13 9.40 17.75
C LEU B 445 -6.44 8.70 18.92
N GLU B 446 -5.41 9.35 19.46
CA GLU B 446 -4.64 8.81 20.58
C GLU B 446 -5.32 9.15 21.91
N VAL B 447 -6.44 8.46 22.14
CA VAL B 447 -7.24 8.62 23.34
C VAL B 447 -7.72 7.24 23.77
N GLY B 448 -8.30 7.18 24.97
CA GLY B 448 -8.89 5.97 25.46
C GLY B 448 -10.28 5.71 24.90
N THR B 449 -11.13 6.76 24.88
CA THR B 449 -12.51 6.61 24.45
C THR B 449 -12.90 7.74 23.50
N VAL B 450 -13.59 7.37 22.43
CA VAL B 450 -14.18 8.31 21.48
C VAL B 450 -15.69 8.21 21.55
N HIS B 451 -16.36 9.31 21.87
CA HIS B 451 -17.82 9.39 21.85
C HIS B 451 -18.30 10.00 20.53
N LEU B 452 -19.23 9.33 19.87
CA LEU B 452 -19.80 9.83 18.61
C LEU B 452 -21.06 10.62 18.90
N ASN B 453 -21.11 11.86 18.43
CA ASN B 453 -22.30 12.71 18.56
C ASN B 453 -22.75 12.86 20.00
N ASN B 454 -21.78 12.94 20.92
CA ASN B 454 -22.08 13.22 22.31
C ASN B 454 -20.83 13.76 22.98
N LYS B 455 -21.02 14.38 24.13
CA LYS B 455 -19.90 14.90 24.90
C LYS B 455 -19.08 13.74 25.46
N THR B 456 -17.82 14.02 25.75
CA THR B 456 -16.99 13.06 26.47
C THR B 456 -17.51 12.91 27.89
N GLN B 457 -17.25 11.75 28.49
CA GLN B 457 -17.71 11.45 29.83
C GLN B 457 -17.11 10.12 30.27
N ARG B 458 -16.97 10.00 31.59
CA ARG B 458 -16.44 8.76 32.15
C ARG B 458 -17.47 7.63 32.05
N GLY B 459 -18.76 7.97 32.08
CA GLY B 459 -19.78 6.94 32.17
C GLY B 459 -20.13 6.28 30.86
N THR B 460 -20.96 5.25 30.94
CA THR B 460 -21.45 4.65 32.18
C THR B 460 -20.30 3.91 32.86
N ASP B 461 -20.38 3.77 34.18
CA ASP B 461 -19.24 3.33 34.98
C ASP B 461 -18.85 1.87 34.74
N ASN B 462 -19.64 1.10 33.99
CA ASN B 462 -19.22 -0.21 33.56
C ASN B 462 -18.29 -0.16 32.35
N PHE B 463 -18.34 0.92 31.58
CA PHE B 463 -17.50 1.06 30.40
C PHE B 463 -16.04 1.29 30.83
N PRO B 464 -15.08 0.92 29.98
CA PRO B 464 -13.68 1.23 30.30
C PRO B 464 -13.42 2.72 30.32
N PHE B 465 -12.55 3.13 31.23
CA PHE B 465 -12.11 4.51 31.34
C PHE B 465 -10.59 4.52 31.42
N LEU B 466 -9.94 5.10 30.43
CA LEU B 466 -8.48 5.09 30.37
C LEU B 466 -8.00 6.28 29.55
N GLY B 467 -6.76 6.64 29.76
CA GLY B 467 -6.16 7.76 29.04
C GLY B 467 -4.80 7.38 28.51
N ALA B 468 -4.54 7.77 27.29
CA ALA B 468 -3.25 7.57 26.65
C ALA B 468 -2.30 8.71 27.03
N LYS B 469 -1.02 8.50 26.73
CA LYS B 469 0.01 9.53 26.88
C LYS B 469 0.01 10.04 28.31
N LYS B 470 0.06 11.34 28.55
CA LYS B 470 0.18 11.87 29.90
C LYS B 470 -1.14 11.87 30.68
N SER B 471 -2.20 11.31 30.10
CA SER B 471 -3.47 11.26 30.80
C SER B 471 -3.56 10.11 31.80
N GLY B 472 -2.58 9.21 31.81
CA GLY B 472 -2.45 8.28 32.91
C GLY B 472 -2.00 6.90 32.45
N ALA B 473 -2.29 5.91 33.29
CA ALA B 473 -1.87 4.53 33.08
C ALA B 473 -2.90 3.63 33.74
N GLY B 474 -3.18 2.49 33.10
CA GLY B 474 -4.15 1.55 33.60
C GLY B 474 -5.55 1.86 33.09
N VAL B 475 -6.43 0.89 33.30
CA VAL B 475 -7.79 0.94 32.77
C VAL B 475 -8.76 0.80 33.94
N GLN B 476 -9.63 1.79 34.09
CA GLN B 476 -10.69 1.76 35.10
C GLN B 476 -12.03 1.57 34.38
N GLY B 477 -13.11 1.99 35.04
CA GLY B 477 -14.37 1.31 34.81
C GLY B 477 -14.40 0.10 35.73
N VAL B 478 -15.59 -0.33 36.16
CA VAL B 478 -15.67 -1.19 37.35
C VAL B 478 -14.91 -2.50 37.15
N LYS B 479 -15.30 -3.29 36.13
CA LYS B 479 -14.64 -4.60 36.01
C LYS B 479 -13.15 -4.45 35.75
N TYR B 480 -12.77 -3.44 34.96
CA TYR B 480 -11.35 -3.24 34.65
C TYR B 480 -10.58 -2.87 35.91
N SER B 481 -11.19 -2.08 36.79
CA SER B 481 -10.50 -1.70 38.02
CA SER B 481 -10.53 -1.69 38.03
C SER B 481 -10.32 -2.89 38.94
N ILE B 482 -11.27 -3.82 38.95
CA ILE B 482 -11.12 -5.03 39.75
C ILE B 482 -9.97 -5.87 39.20
N GLU B 483 -9.90 -6.02 37.88
N GLU B 483 -9.90 -6.04 37.89
CA GLU B 483 -8.83 -6.81 37.27
CA GLU B 483 -8.82 -6.81 37.29
C GLU B 483 -7.47 -6.17 37.54
C GLU B 483 -7.47 -6.17 37.59
N ALA B 484 -7.41 -4.83 37.55
CA ALA B 484 -6.15 -4.15 37.78
C ALA B 484 -5.61 -4.40 39.19
N MET B 485 -6.49 -4.44 40.19
CA MET B 485 -6.10 -4.60 41.58
C MET B 485 -6.15 -6.04 42.06
N THR B 486 -6.02 -6.98 41.14
CA THR B 486 -5.83 -8.38 41.46
C THR B 486 -4.62 -8.89 40.67
N THR B 487 -4.05 -9.97 41.14
CA THR B 487 -3.08 -10.75 40.40
C THR B 487 -3.67 -12.15 40.24
N VAL B 488 -2.88 -13.06 39.70
CA VAL B 488 -3.33 -14.43 39.55
C VAL B 488 -2.36 -15.34 40.29
N LYS B 489 -2.91 -16.47 40.73
CA LYS B 489 -2.16 -17.57 41.35
C LYS B 489 -2.49 -18.81 40.54
N SER B 490 -1.48 -19.41 39.92
CA SER B 490 -1.66 -20.60 39.11
C SER B 490 -1.20 -21.83 39.89
N VAL B 491 -2.07 -22.83 39.97
CA VAL B 491 -1.73 -24.11 40.59
C VAL B 491 -1.77 -25.15 39.49
N VAL B 492 -0.64 -25.80 39.25
CA VAL B 492 -0.46 -26.73 38.13
C VAL B 492 -0.31 -28.13 38.70
N PHE B 493 -1.00 -29.10 38.11
CA PHE B 493 -0.81 -30.48 38.52
C PHE B 493 -1.13 -31.40 37.35
N ASP B 494 -0.71 -32.64 37.48
CA ASP B 494 -0.91 -33.68 36.48
C ASP B 494 -2.03 -34.60 36.91
N ILE B 495 -3.01 -34.78 36.03
CA ILE B 495 -4.04 -35.80 36.24
C ILE B 495 -3.45 -37.19 36.04
N GLN B 496 -3.84 -38.13 36.90
N GLN B 496 -3.83 -38.12 36.91
CA GLN B 496 -3.34 -39.48 36.83
CA GLN B 496 -3.32 -39.48 36.84
C GLN B 496 -4.41 -40.48 36.41
C GLN B 496 -4.38 -40.41 36.25
N LEU C 22 -12.68 -40.20 -16.14
CA LEU C 22 -14.06 -40.64 -16.49
C LEU C 22 -14.86 -40.88 -15.21
N ALA C 23 -15.95 -41.64 -15.31
CA ALA C 23 -16.84 -41.88 -14.18
C ALA C 23 -16.27 -42.99 -13.29
N LYS C 24 -16.07 -42.69 -12.02
CA LYS C 24 -15.46 -43.60 -11.06
C LYS C 24 -16.51 -44.10 -10.07
N GLN C 25 -16.20 -45.23 -9.44
N GLN C 25 -16.29 -45.30 -9.55
CA GLN C 25 -17.05 -45.82 -8.41
CA GLN C 25 -17.04 -45.80 -8.43
C GLN C 25 -16.48 -45.46 -7.04
C GLN C 25 -16.38 -45.27 -7.15
N TYR C 26 -17.12 -44.50 -6.38
CA TYR C 26 -16.60 -43.97 -5.12
C TYR C 26 -17.00 -44.88 -3.97
N LYS C 27 -16.28 -44.72 -2.86
CA LYS C 27 -16.40 -45.59 -1.69
C LYS C 27 -16.55 -44.75 -0.44
N ASN C 28 -17.26 -45.30 0.54
CA ASN C 28 -17.38 -44.65 1.83
C ASN C 28 -16.17 -44.95 2.70
N LEU C 29 -15.81 -43.95 3.52
CA LEU C 29 -14.77 -44.11 4.55
C LEU C 29 -15.42 -44.68 5.81
N VAL C 30 -15.01 -45.89 6.18
CA VAL C 30 -15.62 -46.59 7.30
C VAL C 30 -14.50 -47.21 8.11
N ASN C 31 -14.24 -46.67 9.29
CA ASN C 31 -13.23 -47.24 10.21
C ASN C 31 -11.88 -47.35 9.51
N GLY C 32 -11.50 -46.30 8.77
CA GLY C 32 -10.21 -46.26 8.13
C GLY C 32 -10.09 -47.06 6.84
N GLU C 33 -11.16 -47.72 6.40
CA GLU C 33 -11.13 -48.45 5.15
CA GLU C 33 -11.21 -48.52 5.20
C GLU C 33 -12.18 -47.88 4.20
N TRP C 34 -12.00 -48.19 2.93
CA TRP C 34 -12.87 -47.69 1.86
C TRP C 34 -13.78 -48.83 1.43
N LYS C 35 -15.09 -48.59 1.48
N LYS C 35 -15.09 -48.60 1.48
CA LYS C 35 -16.07 -49.66 1.31
CA LYS C 35 -16.07 -49.67 1.30
C LYS C 35 -17.06 -49.29 0.21
C LYS C 35 -17.07 -49.30 0.21
N LEU C 36 -17.18 -50.17 -0.79
CA LEU C 36 -18.33 -50.16 -1.68
C LEU C 36 -19.50 -50.82 -0.95
N SER C 37 -20.70 -50.66 -1.50
CA SER C 37 -21.87 -51.42 -1.08
C SER C 37 -22.37 -52.22 -2.29
N GLU C 38 -23.31 -53.14 -2.03
CA GLU C 38 -23.79 -54.00 -3.11
C GLU C 38 -24.62 -53.22 -4.13
N ASN C 39 -25.31 -52.17 -3.69
CA ASN C 39 -26.01 -51.26 -4.59
C ASN C 39 -25.31 -49.90 -4.53
N GLU C 40 -25.53 -49.11 -5.57
CA GLU C 40 -24.92 -47.80 -5.70
C GLU C 40 -25.93 -46.84 -6.31
N ILE C 41 -25.57 -45.56 -6.28
CA ILE C 41 -26.36 -44.49 -6.85
C ILE C 41 -25.48 -43.79 -7.87
N THR C 42 -25.92 -43.76 -9.14
CA THR C 42 -25.17 -43.06 -10.16
C THR C 42 -25.54 -41.58 -10.13
N ILE C 43 -24.52 -40.73 -10.17
CA ILE C 43 -24.68 -39.29 -10.05
C ILE C 43 -24.41 -38.67 -11.41
N TYR C 44 -25.30 -37.79 -11.85
CA TYR C 44 -25.19 -37.13 -13.13
C TYR C 44 -25.08 -35.62 -12.95
N ALA C 45 -24.44 -34.97 -13.93
CA ALA C 45 -24.27 -33.52 -13.88
C ALA C 45 -25.56 -32.82 -14.21
N PRO C 46 -26.09 -31.97 -13.32
CA PRO C 46 -27.38 -31.31 -13.62
C PRO C 46 -27.36 -30.45 -14.87
N ALA C 47 -26.20 -29.92 -15.28
CA ALA C 47 -26.21 -29.00 -16.42
C ALA C 47 -26.18 -29.73 -17.75
N THR C 48 -25.68 -30.96 -17.79
CA THR C 48 -25.40 -31.63 -19.05
C THR C 48 -25.91 -33.06 -19.12
N GLY C 49 -26.19 -33.71 -18.00
CA GLY C 49 -26.51 -35.11 -17.97
C GLY C 49 -25.32 -36.05 -17.92
N GLU C 50 -24.10 -35.52 -17.91
CA GLU C 50 -22.91 -36.34 -17.93
C GLU C 50 -22.85 -37.24 -16.70
N GLU C 51 -22.56 -38.52 -16.92
CA GLU C 51 -22.34 -39.44 -15.80
C GLU C 51 -21.04 -39.11 -15.10
N LEU C 52 -21.11 -38.87 -13.80
CA LEU C 52 -19.94 -38.44 -13.03
C LEU C 52 -19.30 -39.58 -12.25
N GLY C 53 -20.07 -40.62 -11.94
CA GLY C 53 -19.61 -41.72 -11.13
C GLY C 53 -20.73 -42.17 -10.23
N SER C 54 -20.41 -43.05 -9.29
CA SER C 54 -21.41 -43.61 -8.40
C SER C 54 -20.92 -43.56 -6.97
N VAL C 55 -21.88 -43.53 -6.04
CA VAL C 55 -21.59 -43.63 -4.61
C VAL C 55 -22.37 -44.81 -4.04
N PRO C 56 -21.92 -45.39 -2.94
CA PRO C 56 -22.62 -46.57 -2.41
C PRO C 56 -24.01 -46.23 -1.90
N ALA C 57 -24.91 -47.19 -2.02
CA ALA C 57 -26.26 -47.11 -1.44
C ALA C 57 -26.25 -48.01 -0.19
N MET C 58 -25.83 -47.43 0.93
CA MET C 58 -25.63 -48.20 2.14
C MET C 58 -26.92 -48.80 2.68
N THR C 59 -26.80 -49.97 3.29
CA THR C 59 -27.86 -50.60 4.04
C THR C 59 -27.84 -50.09 5.48
N GLN C 60 -28.91 -50.41 6.21
CA GLN C 60 -28.97 -50.05 7.62
C GLN C 60 -27.85 -50.72 8.41
N ALA C 61 -27.53 -51.97 8.08
CA ALA C 61 -26.45 -52.65 8.79
C ALA C 61 -25.10 -52.00 8.52
N GLU C 62 -24.92 -51.46 7.32
CA GLU C 62 -23.69 -50.72 7.02
C GLU C 62 -23.64 -49.40 7.78
N VAL C 63 -24.79 -48.75 7.95
CA VAL C 63 -24.84 -47.57 8.83
C VAL C 63 -24.48 -47.95 10.25
N ASP C 64 -25.02 -49.06 10.75
CA ASP C 64 -24.65 -49.53 12.08
C ASP C 64 -23.13 -49.65 12.21
N ALA C 65 -22.46 -50.16 11.17
CA ALA C 65 -21.02 -50.37 11.25
C ALA C 65 -20.28 -49.05 11.30
N VAL C 66 -20.75 -48.05 10.57
CA VAL C 66 -20.18 -46.71 10.66
C VAL C 66 -20.25 -46.20 12.08
N TYR C 67 -21.42 -46.28 12.70
CA TYR C 67 -21.60 -45.73 14.04
C TYR C 67 -20.84 -46.54 15.08
N ALA C 68 -20.84 -47.87 14.97
CA ALA C 68 -20.05 -48.68 15.92
C ALA C 68 -18.58 -48.32 15.83
N SER C 69 -18.07 -48.13 14.61
N SER C 69 -18.07 -48.14 14.60
CA SER C 69 -16.68 -47.73 14.43
CA SER C 69 -16.68 -47.73 14.42
C SER C 69 -16.40 -46.39 15.08
C SER C 69 -16.41 -46.40 15.10
N ALA C 70 -17.33 -45.43 14.95
CA ALA C 70 -17.11 -44.11 15.51
C ALA C 70 -17.10 -44.17 17.03
N LYS C 71 -18.06 -44.88 17.63
CA LYS C 71 -18.10 -44.92 19.08
C LYS C 71 -16.88 -45.63 19.66
N LYS C 72 -16.34 -46.62 18.95
CA LYS C 72 -15.13 -47.30 19.39
C LYS C 72 -13.91 -46.39 19.30
N ALA C 73 -13.87 -45.49 18.33
CA ALA C 73 -12.74 -44.60 18.17
C ALA C 73 -12.79 -43.42 19.13
N LEU C 74 -13.96 -43.13 19.70
CA LEU C 74 -14.14 -41.90 20.46
C LEU C 74 -13.22 -41.85 21.67
N SER C 75 -13.04 -42.97 22.36
CA SER C 75 -12.27 -42.92 23.61
C SER C 75 -10.83 -42.46 23.37
N ASP C 76 -10.16 -43.07 22.40
CA ASP C 76 -8.78 -42.72 22.12
C ASP C 76 -8.66 -41.37 21.41
N TRP C 77 -9.72 -40.89 20.78
CA TRP C 77 -9.67 -39.60 20.11
C TRP C 77 -9.87 -38.47 21.11
N ARG C 78 -10.85 -38.60 22.00
CA ARG C 78 -11.13 -37.54 22.96
C ARG C 78 -9.99 -37.34 23.96
N THR C 79 -9.16 -38.35 24.16
CA THR C 79 -8.04 -38.24 25.09
C THR C 79 -6.73 -37.86 24.42
N LEU C 80 -6.70 -37.75 23.09
CA LEU C 80 -5.55 -37.13 22.47
C LEU C 80 -5.46 -35.67 22.93
N SER C 81 -4.28 -35.09 22.80
CA SER C 81 -4.12 -33.67 23.06
C SER C 81 -4.81 -32.83 21.98
N TYR C 82 -5.15 -31.59 22.33
CA TYR C 82 -5.66 -30.66 21.34
C TYR C 82 -4.67 -30.49 20.19
N VAL C 83 -3.37 -30.38 20.51
CA VAL C 83 -2.38 -30.13 19.47
CA VAL C 83 -2.39 -30.12 19.46
C VAL C 83 -2.32 -31.29 18.48
N GLU C 84 -2.43 -32.52 18.96
CA GLU C 84 -2.43 -33.66 18.06
C GLU C 84 -3.67 -33.65 17.17
N ARG C 85 -4.83 -33.34 17.74
CA ARG C 85 -6.03 -33.28 16.91
C ARG C 85 -5.94 -32.16 15.88
N ALA C 86 -5.42 -31.00 16.28
CA ALA C 86 -5.26 -29.89 15.34
C ALA C 86 -4.29 -30.23 14.22
N ALA C 87 -3.26 -31.03 14.50
CA ALA C 87 -2.30 -31.36 13.47
C ALA C 87 -2.97 -32.15 12.34
N TYR C 88 -3.85 -33.07 12.68
CA TYR C 88 -4.59 -33.80 11.64
C TYR C 88 -5.41 -32.83 10.81
N LEU C 89 -6.09 -31.89 11.46
CA LEU C 89 -6.92 -30.94 10.73
CA LEU C 89 -6.92 -30.95 10.72
C LEU C 89 -6.09 -30.09 9.77
N HIS C 90 -4.95 -29.58 10.25
CA HIS C 90 -4.09 -28.77 9.38
C HIS C 90 -3.61 -29.58 8.19
N LYS C 91 -3.27 -30.85 8.41
CA LYS C 91 -2.81 -31.70 7.32
C LYS C 91 -3.91 -31.93 6.30
N ALA C 92 -5.14 -32.15 6.77
CA ALA C 92 -6.27 -32.31 5.85
C ALA C 92 -6.48 -31.04 5.04
N ALA C 93 -6.37 -29.88 5.68
CA ALA C 93 -6.56 -28.62 4.96
C ALA C 93 -5.49 -28.45 3.89
N ASP C 94 -4.23 -28.78 4.21
CA ASP C 94 -3.16 -28.64 3.22
C ASP C 94 -3.43 -29.53 2.00
N ILE C 95 -3.95 -30.73 2.22
CA ILE C 95 -4.28 -31.62 1.12
C ILE C 95 -5.43 -31.05 0.30
N LEU C 96 -6.43 -30.48 0.96
CA LEU C 96 -7.53 -29.88 0.21
C LEU C 96 -7.03 -28.76 -0.69
N VAL C 97 -6.12 -27.92 -0.18
CA VAL C 97 -5.56 -26.87 -0.99
C VAL C 97 -4.82 -27.47 -2.19
N ARG C 98 -4.00 -28.48 -1.93
CA ARG C 98 -3.28 -29.15 -3.00
C ARG C 98 -4.22 -29.64 -4.09
N ASP C 99 -5.35 -30.22 -3.69
CA ASP C 99 -6.28 -30.86 -4.61
C ASP C 99 -7.50 -30.00 -4.91
N ALA C 100 -7.40 -28.68 -4.74
CA ALA C 100 -8.60 -27.86 -4.86
C ALA C 100 -9.19 -27.93 -6.26
N GLU C 101 -8.34 -27.96 -7.30
CA GLU C 101 -8.85 -28.07 -8.67
C GLU C 101 -9.48 -29.45 -8.90
N LYS C 102 -8.78 -30.51 -8.50
CA LYS C 102 -9.29 -31.85 -8.71
C LYS C 102 -10.67 -32.02 -8.08
N ILE C 103 -10.84 -31.54 -6.86
CA ILE C 103 -12.11 -31.68 -6.15
C ILE C 103 -13.13 -30.70 -6.70
N GLY C 104 -12.70 -29.45 -6.88
CA GLY C 104 -13.60 -28.43 -7.37
C GLY C 104 -14.18 -28.73 -8.73
N ALA C 105 -13.38 -29.32 -9.61
CA ALA C 105 -13.88 -29.65 -10.95
C ALA C 105 -15.04 -30.64 -10.88
N ILE C 106 -14.99 -31.60 -9.95
CA ILE C 106 -16.09 -32.55 -9.81
C ILE C 106 -17.27 -31.92 -9.09
N LEU C 107 -17.01 -31.16 -8.02
CA LEU C 107 -18.06 -30.41 -7.34
C LEU C 107 -18.85 -29.56 -8.32
N SER C 108 -18.14 -28.84 -9.18
CA SER C 108 -18.78 -28.00 -10.19
C SER C 108 -19.78 -28.77 -11.01
N LYS C 109 -19.37 -29.94 -11.51
CA LYS C 109 -20.27 -30.76 -12.33
C LYS C 109 -21.41 -31.31 -11.49
N GLU C 110 -21.13 -31.72 -10.27
CA GLU C 110 -22.12 -32.42 -9.47
C GLU C 110 -23.30 -31.55 -9.14
N VAL C 111 -23.07 -30.26 -8.86
CA VAL C 111 -24.15 -29.37 -8.43
C VAL C 111 -24.34 -28.18 -9.37
N ALA C 112 -23.70 -28.22 -10.54
CA ALA C 112 -23.87 -27.16 -11.55
C ALA C 112 -23.46 -25.80 -11.01
N LYS C 113 -22.41 -25.78 -10.20
CA LYS C 113 -21.81 -24.54 -9.71
C LYS C 113 -20.67 -24.18 -10.64
N GLY C 114 -20.49 -22.88 -10.88
CA GLY C 114 -19.42 -22.44 -11.75
C GLY C 114 -18.09 -23.05 -11.33
N HIS C 115 -17.24 -23.39 -12.31
CA HIS C 115 -15.99 -24.06 -12.00
C HIS C 115 -15.14 -23.25 -11.01
N LYS C 116 -14.94 -21.97 -11.28
CA LYS C 116 -14.14 -21.14 -10.40
C LYS C 116 -14.75 -21.09 -9.01
N ALA C 117 -16.06 -20.92 -8.92
CA ALA C 117 -16.71 -20.87 -7.62
C ALA C 117 -16.57 -22.19 -6.88
N ALA C 118 -16.57 -23.32 -7.60
CA ALA C 118 -16.41 -24.61 -6.95
C ALA C 118 -15.01 -24.77 -6.38
N VAL C 119 -14.00 -24.42 -7.15
CA VAL C 119 -12.63 -24.48 -6.63
C VAL C 119 -12.48 -23.55 -5.45
N SER C 120 -13.07 -22.35 -5.54
CA SER C 120 -13.01 -21.41 -4.42
C SER C 120 -13.69 -21.99 -3.18
N GLU C 121 -14.78 -22.76 -3.37
CA GLU C 121 -15.43 -23.40 -2.22
C GLU C 121 -14.45 -24.30 -1.50
N VAL C 122 -13.66 -25.08 -2.26
CA VAL C 122 -12.71 -25.98 -1.62
C VAL C 122 -11.64 -25.21 -0.86
N ILE C 123 -11.14 -24.12 -1.45
CA ILE C 123 -10.16 -23.29 -0.76
C ILE C 123 -10.73 -22.71 0.53
N ARG C 124 -11.97 -22.22 0.47
CA ARG C 124 -12.60 -21.67 1.66
C ARG C 124 -12.77 -22.75 2.73
N THR C 125 -13.02 -23.99 2.31
CA THR C 125 -13.15 -25.07 3.28
C THR C 125 -11.84 -25.28 4.01
N ALA C 126 -10.72 -25.26 3.28
CA ALA C 126 -9.43 -25.39 3.95
C ALA C 126 -9.22 -24.26 4.94
N GLU C 127 -9.61 -23.03 4.58
CA GLU C 127 -9.48 -21.90 5.50
C GLU C 127 -10.28 -22.13 6.77
N ILE C 128 -11.52 -22.65 6.65
CA ILE C 128 -12.35 -22.89 7.82
CA ILE C 128 -12.32 -22.85 7.86
C ILE C 128 -11.76 -23.99 8.69
N ILE C 129 -11.26 -25.05 8.05
CA ILE C 129 -10.67 -26.17 8.79
C ILE C 129 -9.46 -25.70 9.60
N ASN C 130 -8.58 -24.94 8.97
CA ASN C 130 -7.41 -24.42 9.66
C ASN C 130 -7.81 -23.50 10.80
N TYR C 131 -8.79 -22.64 10.58
CA TYR C 131 -9.22 -21.68 11.61
C TYR C 131 -9.87 -22.41 12.77
N ALA C 132 -10.67 -23.44 12.48
CA ALA C 132 -11.29 -24.21 13.55
C ALA C 132 -10.25 -24.93 14.39
N ALA C 133 -9.22 -25.48 13.75
CA ALA C 133 -8.19 -26.17 14.50
C ALA C 133 -7.57 -25.22 15.53
N GLU C 134 -7.25 -24.01 15.11
CA GLU C 134 -6.54 -23.06 15.98
C GLU C 134 -7.48 -22.41 16.99
N GLU C 135 -8.74 -22.16 16.62
CA GLU C 135 -9.70 -21.68 17.59
C GLU C 135 -9.92 -22.73 18.67
N GLY C 136 -10.11 -23.99 18.27
CA GLY C 136 -10.45 -25.03 19.22
C GLY C 136 -9.34 -25.42 20.16
N LEU C 137 -8.09 -25.39 19.67
CA LEU C 137 -7.01 -25.94 20.48
C LEU C 137 -6.65 -25.07 21.67
N ARG C 138 -7.04 -23.80 21.67
CA ARG C 138 -6.75 -22.90 22.78
C ARG C 138 -7.99 -22.58 23.61
N MET C 139 -9.08 -23.33 23.43
N MET C 139 -9.07 -23.34 23.44
CA MET C 139 -10.22 -23.21 24.30
CA MET C 139 -10.22 -23.16 24.31
C MET C 139 -9.81 -23.54 25.73
C MET C 139 -9.87 -23.59 25.73
N GLU C 140 -10.54 -22.97 26.68
CA GLU C 140 -10.21 -23.07 28.08
C GLU C 140 -11.41 -23.54 28.90
N GLY C 141 -11.12 -24.08 30.07
CA GLY C 141 -12.12 -24.28 31.10
C GLY C 141 -12.14 -23.12 32.06
N GLU C 142 -12.87 -23.30 33.15
CA GLU C 142 -13.02 -22.24 34.13
C GLU C 142 -13.03 -22.84 35.52
N VAL C 143 -12.69 -22.01 36.49
CA VAL C 143 -12.79 -22.38 37.91
C VAL C 143 -13.74 -21.39 38.57
N LEU C 144 -14.78 -21.92 39.19
CA LEU C 144 -15.82 -21.13 39.83
C LEU C 144 -15.73 -21.28 41.35
N GLU C 145 -16.11 -20.21 42.05
CA GLU C 145 -15.95 -20.10 43.49
C GLU C 145 -17.29 -20.35 44.17
N GLY C 146 -17.34 -21.31 45.08
CA GLY C 146 -18.56 -21.47 45.85
C GLY C 146 -18.90 -20.25 46.67
N GLY C 147 -17.88 -19.52 47.12
CA GLY C 147 -18.10 -18.31 47.87
C GLY C 147 -18.63 -17.13 47.09
N SER C 148 -18.77 -17.26 45.77
CA SER C 148 -19.52 -16.27 45.01
C SER C 148 -21.00 -16.33 45.37
N PHE C 149 -21.48 -17.51 45.77
CA PHE C 149 -22.90 -17.73 46.00
C PHE C 149 -23.26 -17.83 47.48
N GLU C 150 -22.45 -18.49 48.29
CA GLU C 150 -22.79 -18.63 49.70
C GLU C 150 -21.51 -18.74 50.52
N ALA C 151 -21.51 -18.05 51.67
CA ALA C 151 -20.32 -18.01 52.52
C ALA C 151 -19.91 -19.39 52.97
N ALA C 152 -20.87 -20.24 53.26
CA ALA C 152 -20.56 -21.58 53.77
C ALA C 152 -19.80 -22.42 52.76
N SER C 153 -19.83 -22.06 51.47
CA SER C 153 -19.16 -22.84 50.44
C SER C 153 -17.90 -22.17 49.93
N LYS C 154 -17.29 -21.27 50.73
CA LYS C 154 -16.17 -20.49 50.24
C LYS C 154 -14.93 -21.33 49.93
N LYS C 155 -14.78 -22.48 50.55
CA LYS C 155 -13.64 -23.36 50.25
C LYS C 155 -13.94 -24.33 49.11
N LYS C 156 -15.14 -24.28 48.54
CA LYS C 156 -15.54 -25.19 47.48
C LYS C 156 -15.31 -24.54 46.14
N ILE C 157 -14.58 -25.22 45.26
CA ILE C 157 -14.37 -24.73 43.91
C ILE C 157 -14.78 -25.79 42.91
N ALA C 158 -15.18 -25.35 41.72
CA ALA C 158 -15.59 -26.22 40.63
C ALA C 158 -14.58 -26.01 39.50
N ILE C 159 -13.90 -27.09 39.14
CA ILE C 159 -12.97 -27.12 38.02
CA ILE C 159 -12.97 -27.10 38.02
C ILE C 159 -13.77 -27.60 36.81
N VAL C 160 -14.11 -26.69 35.91
CA VAL C 160 -15.02 -26.97 34.80
C VAL C 160 -14.19 -27.05 33.52
N ARG C 161 -14.19 -28.21 32.90
CA ARG C 161 -13.38 -28.45 31.72
C ARG C 161 -14.28 -28.84 30.55
N ARG C 162 -13.84 -28.52 29.33
CA ARG C 162 -14.63 -28.83 28.16
C ARG C 162 -14.52 -30.30 27.81
N GLU C 163 -15.61 -30.85 27.25
CA GLU C 163 -15.62 -32.20 26.72
C GLU C 163 -16.45 -32.26 25.45
N PRO C 164 -16.18 -33.22 24.58
CA PRO C 164 -17.03 -33.40 23.39
C PRO C 164 -18.41 -33.92 23.77
N VAL C 165 -19.37 -33.74 22.84
CA VAL C 165 -20.70 -34.31 23.04
C VAL C 165 -20.72 -35.79 22.64
N GLY C 166 -19.85 -36.23 21.74
CA GLY C 166 -19.75 -37.63 21.38
C GLY C 166 -19.66 -37.81 19.89
N LEU C 167 -20.67 -38.46 19.31
CA LEU C 167 -20.75 -38.68 17.88
C LEU C 167 -21.65 -37.61 17.28
N VAL C 168 -21.08 -36.82 16.37
CA VAL C 168 -21.80 -35.80 15.63
C VAL C 168 -22.15 -36.36 14.25
N LEU C 169 -23.43 -36.31 13.92
CA LEU C 169 -23.90 -36.57 12.56
C LEU C 169 -23.96 -35.23 11.83
N ALA C 170 -23.15 -35.09 10.80
CA ALA C 170 -23.07 -33.88 10.00
C ALA C 170 -23.73 -34.16 8.65
N ILE C 171 -24.67 -33.30 8.28
CA ILE C 171 -25.43 -33.45 7.04
C ILE C 171 -25.21 -32.17 6.23
N SER C 172 -24.51 -32.31 5.11
CA SER C 172 -24.16 -31.16 4.29
C SER C 172 -25.23 -30.90 3.25
N PRO C 173 -25.24 -29.69 2.69
CA PRO C 173 -26.26 -29.33 1.70
C PRO C 173 -25.74 -29.43 0.27
N PHE C 174 -26.63 -29.56 -0.71
CA PHE C 174 -26.17 -29.70 -2.09
C PHE C 174 -25.45 -28.45 -2.58
N ASN C 175 -25.82 -27.28 -2.06
CA ASN C 175 -25.31 -26.04 -2.61
C ASN C 175 -23.93 -25.66 -2.09
N TYR C 176 -23.46 -26.31 -1.01
CA TYR C 176 -22.10 -26.14 -0.50
C TYR C 176 -21.67 -27.49 0.05
N PRO C 177 -21.53 -28.49 -0.83
CA PRO C 177 -21.36 -29.86 -0.34
C PRO C 177 -20.00 -30.13 0.28
N VAL C 178 -19.02 -29.25 0.08
CA VAL C 178 -17.73 -29.36 0.73
C VAL C 178 -17.60 -28.34 1.86
N ASN C 179 -17.87 -27.07 1.57
CA ASN C 179 -17.70 -26.01 2.58
C ASN C 179 -18.57 -26.28 3.80
N LEU C 180 -19.85 -26.59 3.59
CA LEU C 180 -20.76 -26.82 4.70
C LEU C 180 -20.79 -28.29 5.12
N ALA C 181 -19.81 -29.06 4.66
CA ALA C 181 -19.37 -30.28 5.35
C ALA C 181 -18.21 -29.95 6.29
N GLY C 182 -17.18 -29.27 5.76
CA GLY C 182 -16.03 -28.90 6.57
C GLY C 182 -16.37 -27.99 7.73
N SER C 183 -17.35 -27.10 7.56
CA SER C 183 -17.79 -26.22 8.62
C SER C 183 -18.34 -26.96 9.83
N LYS C 184 -18.77 -28.21 9.64
CA LYS C 184 -19.25 -29.04 10.73
C LYS C 184 -18.18 -30.01 11.22
N ILE C 185 -17.44 -30.61 10.30
CA ILE C 185 -16.49 -31.64 10.64
C ILE C 185 -15.35 -31.07 11.49
N ALA C 186 -14.74 -29.96 11.05
CA ALA C 186 -13.54 -29.49 11.75
C ALA C 186 -13.86 -28.99 13.16
N PRO C 187 -14.87 -28.16 13.38
CA PRO C 187 -15.22 -27.78 14.76
C PRO C 187 -15.55 -28.97 15.63
N ALA C 188 -16.22 -29.98 15.08
CA ALA C 188 -16.53 -31.17 15.87
C ALA C 188 -15.25 -31.88 16.27
N LEU C 189 -14.36 -32.09 15.31
CA LEU C 189 -13.17 -32.91 15.54
C LEU C 189 -12.21 -32.26 16.51
N ILE C 190 -11.97 -30.95 16.41
CA ILE C 190 -10.99 -30.30 17.29
C ILE C 190 -11.40 -30.47 18.75
N ALA C 191 -12.71 -30.48 19.03
CA ALA C 191 -13.22 -30.62 20.39
C ALA C 191 -13.22 -32.06 20.89
N GLY C 192 -12.77 -33.00 20.09
CA GLY C 192 -12.74 -34.40 20.48
C GLY C 192 -13.97 -35.21 20.15
N ASN C 193 -14.90 -34.65 19.37
CA ASN C 193 -16.00 -35.46 18.88
C ASN C 193 -15.52 -36.37 17.76
N VAL C 194 -16.27 -37.44 17.51
CA VAL C 194 -16.13 -38.22 16.30
C VAL C 194 -17.29 -37.84 15.39
N VAL C 195 -17.14 -38.08 14.08
CA VAL C 195 -18.05 -37.52 13.10
C VAL C 195 -18.43 -38.57 12.06
N ALA C 196 -19.70 -38.58 11.68
CA ALA C 196 -20.15 -39.25 10.46
C ALA C 196 -20.75 -38.17 9.57
N LEU C 197 -20.26 -38.09 8.33
CA LEU C 197 -20.78 -37.16 7.34
C LEU C 197 -21.77 -37.90 6.43
N LYS C 198 -23.00 -37.39 6.36
CA LYS C 198 -23.98 -37.80 5.37
C LYS C 198 -24.15 -36.67 4.37
N PRO C 199 -23.48 -36.71 3.22
CA PRO C 199 -23.78 -35.73 2.18
C PRO C 199 -25.14 -36.00 1.55
N PRO C 200 -25.74 -35.00 0.90
CA PRO C 200 -26.93 -35.27 0.10
C PRO C 200 -26.49 -36.07 -1.10
N THR C 201 -27.44 -36.84 -1.66
CA THR C 201 -27.11 -37.70 -2.80
C THR C 201 -26.49 -36.88 -3.91
N GLN C 202 -27.13 -35.79 -4.31
CA GLN C 202 -26.53 -34.84 -5.25
C GLN C 202 -25.57 -34.00 -4.43
N GLY C 203 -24.29 -34.36 -4.47
N GLY C 203 -24.28 -34.36 -4.50
CA GLY C 203 -23.31 -33.76 -3.58
CA GLY C 203 -23.25 -33.78 -3.65
C GLY C 203 -22.63 -34.80 -2.71
C GLY C 203 -22.33 -34.84 -3.06
N SER C 204 -22.84 -36.08 -3.02
CA SER C 204 -22.15 -37.14 -2.28
C SER C 204 -20.75 -37.39 -2.80
N ILE C 205 -20.52 -37.27 -4.12
CA ILE C 205 -19.17 -37.42 -4.63
C ILE C 205 -18.24 -36.39 -3.99
N SER C 206 -18.68 -35.13 -3.95
CA SER C 206 -17.88 -34.07 -3.33
CA SER C 206 -17.86 -34.09 -3.33
C SER C 206 -17.60 -34.40 -1.87
N GLY C 207 -18.61 -34.88 -1.15
CA GLY C 207 -18.39 -35.23 0.24
C GLY C 207 -17.36 -36.33 0.41
N LEU C 208 -17.42 -37.36 -0.43
N LEU C 208 -17.42 -37.36 -0.43
CA LEU C 208 -16.44 -38.44 -0.35
CA LEU C 208 -16.44 -38.44 -0.33
C LEU C 208 -15.05 -37.96 -0.73
C LEU C 208 -15.05 -37.99 -0.76
N LEU C 209 -14.97 -36.99 -1.64
CA LEU C 209 -13.66 -36.44 -2.00
C LEU C 209 -13.04 -35.70 -0.82
N LEU C 210 -13.85 -34.92 -0.10
CA LEU C 210 -13.41 -34.32 1.15
C LEU C 210 -12.90 -35.39 2.11
N ALA C 211 -13.63 -36.50 2.23
CA ALA C 211 -13.24 -37.56 3.14
C ALA C 211 -11.85 -38.11 2.77
N GLU C 212 -11.56 -38.19 1.47
CA GLU C 212 -10.27 -38.69 1.03
C GLU C 212 -9.13 -37.84 1.59
N ALA C 213 -9.36 -36.52 1.69
CA ALA C 213 -8.31 -35.65 2.23
C ALA C 213 -8.06 -35.94 3.70
N PHE C 214 -9.12 -36.12 4.49
CA PHE C 214 -8.95 -36.46 5.89
C PHE C 214 -8.28 -37.80 6.06
N ALA C 215 -8.63 -38.78 5.23
CA ALA C 215 -7.99 -40.09 5.33
C ALA C 215 -6.52 -40.00 5.02
N GLU C 216 -6.16 -39.27 3.96
CA GLU C 216 -4.74 -39.13 3.61
C GLU C 216 -3.98 -38.39 4.70
N ALA C 217 -4.64 -37.46 5.39
CA ALA C 217 -4.01 -36.77 6.50
C ALA C 217 -3.77 -37.67 7.70
N GLY C 218 -4.31 -38.87 7.68
CA GLY C 218 -4.07 -39.83 8.75
C GLY C 218 -5.08 -39.83 9.86
N ILE C 219 -6.25 -39.24 9.66
CA ILE C 219 -7.28 -39.20 10.71
C ILE C 219 -7.45 -40.64 11.22
N PRO C 220 -7.42 -40.88 12.52
CA PRO C 220 -7.48 -42.26 12.99
C PRO C 220 -8.75 -42.97 12.57
N ALA C 221 -8.63 -44.28 12.38
CA ALA C 221 -9.75 -45.07 11.93
C ALA C 221 -10.96 -44.85 12.81
N GLY C 222 -12.09 -44.53 12.17
CA GLY C 222 -13.35 -44.38 12.87
C GLY C 222 -13.61 -42.99 13.42
N VAL C 223 -12.60 -42.12 13.44
CA VAL C 223 -12.80 -40.77 13.97
C VAL C 223 -13.67 -39.96 13.01
N PHE C 224 -13.48 -40.17 11.72
CA PHE C 224 -14.29 -39.55 10.69
C PHE C 224 -14.71 -40.64 9.70
N ASN C 225 -16.01 -40.71 9.43
CA ASN C 225 -16.56 -41.70 8.51
CA ASN C 225 -16.57 -41.71 8.52
C ASN C 225 -17.61 -41.03 7.64
N THR C 226 -17.97 -41.71 6.56
CA THR C 226 -18.98 -41.19 5.64
C THR C 226 -20.10 -42.22 5.46
N ILE C 227 -21.30 -41.70 5.22
CA ILE C 227 -22.50 -42.50 4.93
C ILE C 227 -23.08 -41.94 3.66
N THR C 228 -23.39 -42.81 2.70
CA THR C 228 -24.16 -42.42 1.51
C THR C 228 -25.23 -43.48 1.28
N GLY C 229 -26.34 -43.04 0.73
CA GLY C 229 -27.40 -43.97 0.41
C GLY C 229 -28.71 -43.28 0.14
N ARG C 230 -29.74 -44.11 -0.06
CA ARG C 230 -31.07 -43.65 -0.43
CA ARG C 230 -31.07 -43.64 -0.42
C ARG C 230 -31.89 -43.34 0.81
N GLY C 231 -32.61 -42.22 0.76
CA GLY C 231 -33.51 -41.90 1.87
C GLY C 231 -34.49 -43.02 2.17
N SER C 232 -35.01 -43.66 1.12
CA SER C 232 -35.99 -44.73 1.29
C SER C 232 -35.43 -45.91 2.06
N VAL C 233 -34.11 -46.04 2.15
CA VAL C 233 -33.49 -47.17 2.83
C VAL C 233 -32.96 -46.78 4.21
N ILE C 234 -32.34 -45.62 4.33
CA ILE C 234 -31.61 -45.28 5.54
C ILE C 234 -31.88 -43.86 6.01
N GLY C 235 -32.77 -43.13 5.34
CA GLY C 235 -32.94 -41.73 5.65
C GLY C 235 -33.22 -41.40 7.11
N ASP C 236 -34.34 -41.92 7.62
CA ASP C 236 -34.67 -41.73 9.03
C ASP C 236 -33.70 -42.51 9.91
N TYR C 237 -33.29 -43.69 9.46
CA TYR C 237 -32.45 -44.56 10.27
C TYR C 237 -31.18 -43.86 10.72
N ILE C 238 -30.57 -43.09 9.82
CA ILE C 238 -29.33 -42.38 10.12
CA ILE C 238 -29.32 -42.45 10.18
C ILE C 238 -29.52 -41.43 11.29
N VAL C 239 -30.67 -40.76 11.33
CA VAL C 239 -30.91 -39.71 12.33
C VAL C 239 -31.42 -40.29 13.64
N GLU C 240 -32.28 -41.30 13.56
CA GLU C 240 -32.89 -41.85 14.76
C GLU C 240 -31.95 -42.74 15.56
N HIS C 241 -30.82 -43.14 14.98
CA HIS C 241 -29.95 -44.11 15.61
C HIS C 241 -29.44 -43.61 16.96
N GLU C 242 -29.45 -44.50 17.96
CA GLU C 242 -29.10 -44.08 19.31
C GLU C 242 -27.62 -43.75 19.47
N ALA C 243 -26.75 -44.20 18.56
CA ALA C 243 -25.34 -43.84 18.67
C ALA C 243 -25.13 -42.34 18.46
N VAL C 244 -26.02 -41.68 17.73
CA VAL C 244 -25.85 -40.27 17.38
C VAL C 244 -26.16 -39.40 18.60
N ASN C 245 -25.22 -38.52 18.95
CA ASN C 245 -25.38 -37.65 20.11
C ASN C 245 -25.69 -36.19 19.74
N PHE C 246 -25.55 -35.83 18.47
CA PHE C 246 -25.69 -34.44 18.06
C PHE C 246 -25.93 -34.47 16.57
N ILE C 247 -26.86 -33.65 16.09
CA ILE C 247 -27.16 -33.59 14.67
C ILE C 247 -26.90 -32.17 14.19
N ASN C 248 -26.11 -32.02 13.13
CA ASN C 248 -25.70 -30.73 12.59
C ASN C 248 -26.04 -30.73 11.11
N PHE C 249 -27.07 -29.98 10.74
CA PHE C 249 -27.73 -30.09 9.44
C PHE C 249 -27.85 -28.74 8.73
N THR C 250 -27.52 -28.75 7.44
CA THR C 250 -27.85 -27.64 6.55
C THR C 250 -28.69 -28.16 5.39
N GLY C 251 -29.76 -27.43 5.07
CA GLY C 251 -30.63 -27.86 3.99
C GLY C 251 -31.90 -27.03 3.97
N SER C 252 -32.91 -27.56 3.31
CA SER C 252 -34.16 -26.84 3.15
C SER C 252 -34.94 -26.87 4.45
N THR C 253 -35.77 -25.83 4.64
CA THR C 253 -36.63 -25.80 5.82
C THR C 253 -37.46 -27.06 5.98
N PRO C 254 -38.21 -27.52 4.98
CA PRO C 254 -39.04 -28.73 5.20
C PRO C 254 -38.23 -29.95 5.60
N ILE C 255 -37.04 -30.14 5.01
CA ILE C 255 -36.21 -31.27 5.41
C ILE C 255 -35.70 -31.09 6.83
N GLY C 256 -35.25 -29.89 7.17
CA GLY C 256 -34.83 -29.64 8.54
C GLY C 256 -35.96 -29.84 9.54
N GLU C 257 -37.19 -29.51 9.15
CA GLU C 257 -38.32 -29.76 10.03
C GLU C 257 -38.46 -31.26 10.28
N GLY C 258 -38.22 -32.08 9.26
CA GLY C 258 -38.24 -33.52 9.46
C GLY C 258 -37.17 -33.98 10.44
N ILE C 259 -35.94 -33.49 10.26
CA ILE C 259 -34.85 -33.83 11.18
C ILE C 259 -35.25 -33.48 12.61
N GLY C 260 -35.86 -32.30 12.80
CA GLY C 260 -36.27 -31.91 14.13
C GLY C 260 -37.23 -32.91 14.76
N LYS C 261 -38.13 -33.48 13.96
CA LYS C 261 -39.09 -34.45 14.49
C LYS C 261 -38.43 -35.75 14.93
N LEU C 262 -37.15 -35.98 14.55
CA LEU C 262 -36.45 -37.20 14.90
C LEU C 262 -35.33 -36.99 15.90
N ALA C 263 -35.04 -35.76 16.27
CA ALA C 263 -33.90 -35.49 17.13
C ALA C 263 -34.12 -35.99 18.55
N GLY C 264 -35.36 -36.04 19.00
CA GLY C 264 -35.59 -36.45 20.39
C GLY C 264 -34.95 -35.46 21.33
N MET C 265 -34.17 -35.97 22.27
N MET C 265 -34.18 -35.97 22.30
CA MET C 265 -33.48 -35.12 23.22
CA MET C 265 -33.47 -35.13 23.24
C MET C 265 -32.08 -34.71 22.75
C MET C 265 -32.00 -34.93 22.86
N ARG C 266 -31.65 -35.20 21.59
CA ARG C 266 -30.31 -34.87 21.12
C ARG C 266 -30.26 -33.40 20.69
N PRO C 267 -29.22 -32.68 21.09
N PRO C 267 -29.21 -32.66 21.04
CA PRO C 267 -29.05 -31.31 20.60
CA PRO C 267 -29.09 -31.31 20.49
C PRO C 267 -28.87 -31.32 19.09
C PRO C 267 -28.93 -31.32 18.97
N ILE C 268 -29.42 -30.30 18.45
N ILE C 268 -29.50 -30.32 18.31
CA ILE C 268 -29.31 -30.15 17.02
CA ILE C 268 -29.49 -30.26 16.86
C ILE C 268 -28.85 -28.75 16.69
C ILE C 268 -29.34 -28.81 16.39
N MET C 269 -28.41 -28.58 15.46
CA MET C 269 -28.22 -27.29 14.83
C MET C 269 -28.80 -27.40 13.44
N LEU C 270 -29.50 -26.38 13.01
CA LEU C 270 -30.18 -26.37 11.73
C LEU C 270 -29.87 -25.06 11.01
N GLU C 271 -29.43 -25.17 9.77
CA GLU C 271 -29.24 -24.01 8.88
C GLU C 271 -30.18 -24.23 7.71
N LEU C 272 -31.28 -23.49 7.67
CA LEU C 272 -32.36 -23.75 6.74
C LEU C 272 -32.48 -22.58 5.75
N GLY C 273 -33.68 -22.30 5.30
CA GLY C 273 -33.87 -21.34 4.24
C GLY C 273 -33.86 -19.90 4.72
N GLY C 274 -33.86 -19.00 3.74
CA GLY C 274 -33.89 -17.57 4.01
C GLY C 274 -34.70 -16.85 2.94
N LYS C 275 -35.12 -15.64 3.29
CA LYS C 275 -35.74 -14.72 2.34
C LYS C 275 -35.21 -13.33 2.73
N ASP C 276 -33.89 -13.15 2.63
CA ASP C 276 -33.25 -11.97 3.19
C ASP C 276 -33.74 -10.71 2.49
N SER C 277 -34.09 -9.70 3.27
CA SER C 277 -34.50 -8.42 2.72
CA SER C 277 -34.52 -8.40 2.76
C SER C 277 -33.32 -7.47 2.59
N ALA C 278 -33.35 -6.66 1.55
CA ALA C 278 -32.44 -5.53 1.37
C ALA C 278 -33.34 -4.29 1.47
N ILE C 279 -33.21 -3.58 2.59
CA ILE C 279 -34.01 -2.39 2.86
C ILE C 279 -33.21 -1.19 2.37
N VAL C 280 -33.78 -0.43 1.44
CA VAL C 280 -33.06 0.66 0.79
C VAL C 280 -33.78 1.95 1.13
N LEU C 281 -33.13 2.83 1.88
CA LEU C 281 -33.75 4.06 2.35
C LEU C 281 -33.42 5.20 1.39
N GLU C 282 -34.07 6.36 1.62
CA GLU C 282 -33.99 7.45 0.64
C GLU C 282 -32.58 8.02 0.51
N ASP C 283 -31.75 7.91 1.55
CA ASP C 283 -30.40 8.47 1.51
C ASP C 283 -29.34 7.45 1.09
N ALA C 284 -29.74 6.28 0.60
CA ALA C 284 -28.76 5.26 0.27
C ALA C 284 -27.95 5.64 -0.97
N ASP C 285 -26.72 5.13 -1.03
CA ASP C 285 -25.92 5.13 -2.25
C ASP C 285 -26.54 4.08 -3.17
N LEU C 286 -27.32 4.52 -4.14
CA LEU C 286 -28.13 3.58 -4.93
C LEU C 286 -27.28 2.71 -5.84
N ALA C 287 -26.18 3.24 -6.38
CA ALA C 287 -25.29 2.40 -7.18
C ALA C 287 -24.64 1.31 -6.35
N LEU C 288 -24.18 1.65 -5.12
CA LEU C 288 -23.62 0.65 -4.22
C LEU C 288 -24.67 -0.38 -3.87
N ALA C 289 -25.88 0.08 -3.55
CA ALA C 289 -26.94 -0.84 -3.20
C ALA C 289 -27.21 -1.81 -4.34
N ALA C 290 -27.32 -1.29 -5.56
CA ALA C 290 -27.64 -2.13 -6.70
C ALA C 290 -26.56 -3.18 -6.92
N LYS C 291 -25.29 -2.77 -6.84
CA LYS C 291 -24.19 -3.72 -7.03
C LYS C 291 -24.25 -4.85 -6.01
N ASN C 292 -24.44 -4.51 -4.75
CA ASN C 292 -24.50 -5.53 -3.71
C ASN C 292 -25.73 -6.41 -3.88
N ILE C 293 -26.88 -5.80 -4.20
CA ILE C 293 -28.12 -6.55 -4.33
C ILE C 293 -27.97 -7.58 -5.44
N VAL C 294 -27.43 -7.18 -6.59
CA VAL C 294 -27.35 -8.13 -7.72
C VAL C 294 -26.33 -9.23 -7.42
N ALA C 295 -25.19 -8.88 -6.84
CA ALA C 295 -24.21 -9.89 -6.48
C ALA C 295 -24.79 -10.90 -5.50
N GLY C 296 -25.50 -10.40 -4.49
CA GLY C 296 -26.03 -11.31 -3.49
C GLY C 296 -27.21 -12.13 -4.00
N ALA C 297 -28.08 -11.51 -4.78
CA ALA C 297 -29.33 -12.19 -5.14
C ALA C 297 -29.09 -13.28 -6.16
N PHE C 298 -28.14 -13.07 -7.08
CA PHE C 298 -27.98 -13.92 -8.25
C PHE C 298 -26.77 -14.85 -8.20
N GLY C 299 -25.95 -14.75 -7.13
CA GLY C 299 -24.88 -15.71 -6.93
C GLY C 299 -25.38 -17.14 -6.95
N TYR C 300 -24.71 -18.03 -7.68
CA TYR C 300 -25.13 -19.42 -7.79
C TYR C 300 -26.62 -19.51 -8.17
N SER C 301 -27.04 -18.65 -9.08
CA SER C 301 -28.41 -18.64 -9.60
C SER C 301 -29.47 -18.46 -8.51
N GLY C 302 -29.12 -17.87 -7.38
CA GLY C 302 -30.04 -17.70 -6.27
C GLY C 302 -30.18 -18.89 -5.36
N GLN C 303 -29.39 -19.94 -5.57
CA GLN C 303 -29.50 -21.18 -4.79
C GLN C 303 -28.65 -21.09 -3.52
N ARG C 304 -28.93 -20.04 -2.73
CA ARG C 304 -28.26 -19.82 -1.47
CA ARG C 304 -28.25 -19.83 -1.47
C ARG C 304 -29.27 -19.36 -0.44
N SER C 305 -29.16 -19.89 0.78
CA SER C 305 -30.07 -19.48 1.84
CA SER C 305 -30.08 -19.48 1.83
C SER C 305 -29.78 -18.05 2.25
N THR C 306 -28.49 -17.69 2.30
CA THR C 306 -28.06 -16.33 2.60
CA THR C 306 -28.05 -16.34 2.59
C THR C 306 -27.87 -15.63 1.26
N ALA C 307 -28.76 -14.71 0.96
CA ALA C 307 -28.78 -14.06 -0.34
C ALA C 307 -29.93 -13.08 -0.32
N VAL C 308 -29.71 -11.88 -0.86
CA VAL C 308 -30.81 -10.93 -0.98
C VAL C 308 -31.89 -11.59 -1.84
N LYS C 309 -33.10 -11.73 -1.28
CA LYS C 309 -34.20 -12.32 -2.00
C LYS C 309 -35.40 -11.40 -2.16
N ARG C 310 -35.35 -10.20 -1.60
CA ARG C 310 -36.41 -9.22 -1.80
C ARG C 310 -35.83 -7.87 -1.48
N VAL C 311 -36.15 -6.89 -2.32
CA VAL C 311 -35.75 -5.52 -2.12
C VAL C 311 -36.97 -4.79 -1.58
N LEU C 312 -36.82 -4.15 -0.44
CA LEU C 312 -37.85 -3.30 0.16
C LEU C 312 -37.29 -1.88 0.08
N VAL C 313 -37.80 -1.10 -0.87
CA VAL C 313 -37.23 0.20 -1.23
C VAL C 313 -38.25 1.31 -1.05
N MET C 314 -37.80 2.41 -0.46
CA MET C 314 -38.63 3.60 -0.33
C MET C 314 -38.98 4.10 -1.72
N ASP C 315 -40.27 4.42 -1.92
CA ASP C 315 -40.76 4.66 -3.27
C ASP C 315 -40.04 5.80 -3.96
N LYS C 316 -39.58 6.81 -3.20
CA LYS C 316 -38.95 7.98 -3.83
C LYS C 316 -37.68 7.62 -4.61
N VAL C 317 -36.97 6.57 -4.20
CA VAL C 317 -35.75 6.14 -4.87
C VAL C 317 -35.91 4.86 -5.65
N ALA C 318 -37.11 4.30 -5.72
CA ALA C 318 -37.31 2.97 -6.31
C ALA C 318 -37.07 2.98 -7.81
N ASP C 319 -37.58 3.98 -8.54
CA ASP C 319 -37.36 4.01 -9.98
C ASP C 319 -35.87 3.97 -10.31
N GLN C 320 -35.09 4.80 -9.63
CA GLN C 320 -33.67 4.88 -9.91
C GLN C 320 -32.96 3.60 -9.51
N LEU C 321 -33.31 3.06 -8.35
CA LEU C 321 -32.71 1.80 -7.91
C LEU C 321 -33.02 0.68 -8.89
N ALA C 322 -34.29 0.57 -9.28
CA ALA C 322 -34.69 -0.49 -10.19
C ALA C 322 -33.91 -0.41 -11.50
N ALA C 323 -33.70 0.81 -12.01
CA ALA C 323 -32.95 0.97 -13.24
C ALA C 323 -31.51 0.52 -13.08
N GLU C 324 -30.89 0.88 -11.94
CA GLU C 324 -29.51 0.47 -11.69
CA GLU C 324 -29.51 0.48 -11.70
C GLU C 324 -29.40 -1.04 -11.57
N ILE C 325 -30.36 -1.66 -10.89
CA ILE C 325 -30.36 -3.11 -10.76
C ILE C 325 -30.55 -3.78 -12.13
N LYS C 326 -31.51 -3.28 -12.90
CA LYS C 326 -31.79 -3.84 -14.22
C LYS C 326 -30.54 -3.87 -15.10
N THR C 327 -29.81 -2.76 -15.15
CA THR C 327 -28.61 -2.72 -15.99
C THR C 327 -27.64 -3.81 -15.59
N LEU C 328 -27.47 -4.06 -14.29
CA LEU C 328 -26.56 -5.11 -13.85
C LEU C 328 -27.09 -6.51 -14.17
N VAL C 329 -28.38 -6.74 -13.95
CA VAL C 329 -28.95 -8.06 -14.23
C VAL C 329 -28.79 -8.41 -15.70
N GLU C 330 -28.95 -7.42 -16.58
CA GLU C 330 -28.81 -7.69 -18.01
C GLU C 330 -27.40 -8.08 -18.40
N LYS C 331 -26.40 -7.74 -17.59
N LYS C 331 -26.40 -7.75 -17.59
CA LYS C 331 -25.02 -8.09 -17.91
CA LYS C 331 -25.01 -8.08 -17.89
C LYS C 331 -24.67 -9.51 -17.49
C LYS C 331 -24.56 -9.41 -17.32
N LEU C 332 -25.44 -10.11 -16.59
CA LEU C 332 -25.09 -11.42 -16.05
C LEU C 332 -25.03 -12.45 -17.18
N SER C 333 -24.02 -13.31 -17.13
CA SER C 333 -23.94 -14.39 -18.11
C SER C 333 -24.82 -15.56 -17.70
N VAL C 334 -25.37 -16.23 -18.70
CA VAL C 334 -26.32 -17.33 -18.50
C VAL C 334 -25.81 -18.50 -19.34
N GLY C 335 -25.47 -19.60 -18.68
CA GLY C 335 -24.83 -20.69 -19.41
C GLY C 335 -24.32 -21.76 -18.49
N MET C 336 -23.22 -22.42 -18.92
CA MET C 336 -22.81 -23.66 -18.31
C MET C 336 -21.81 -23.46 -17.17
N PRO C 337 -21.81 -24.39 -16.22
CA PRO C 337 -20.81 -24.31 -15.13
C PRO C 337 -19.36 -24.22 -15.61
N GLU C 338 -18.99 -24.97 -16.64
CA GLU C 338 -17.60 -24.95 -17.10
C GLU C 338 -17.19 -23.57 -17.60
N ASP C 339 -18.15 -22.73 -17.96
CA ASP C 339 -17.89 -21.39 -18.46
C ASP C 339 -18.07 -20.33 -17.39
N ASP C 340 -18.14 -20.71 -16.13
CA ASP C 340 -18.24 -19.76 -15.03
C ASP C 340 -19.38 -18.77 -15.24
N ALA C 341 -20.47 -19.26 -15.81
CA ALA C 341 -21.62 -18.39 -16.00
C ALA C 341 -22.14 -17.91 -14.64
N ASP C 342 -22.59 -16.65 -14.60
CA ASP C 342 -23.24 -16.16 -13.39
C ASP C 342 -24.44 -17.02 -13.05
N ILE C 343 -25.25 -17.30 -14.07
CA ILE C 343 -26.50 -18.04 -13.94
C ILE C 343 -26.28 -19.38 -14.63
N THR C 344 -26.27 -20.45 -13.85
CA THR C 344 -26.13 -21.80 -14.32
C THR C 344 -27.45 -22.55 -14.17
N PRO C 345 -27.55 -23.74 -14.74
CA PRO C 345 -28.80 -24.50 -14.62
C PRO C 345 -29.06 -24.88 -13.17
N LEU C 346 -30.35 -24.92 -12.80
CA LEU C 346 -30.70 -25.24 -11.44
C LEU C 346 -30.51 -26.74 -11.17
N ILE C 347 -30.57 -27.07 -9.87
CA ILE C 347 -30.12 -28.38 -9.42
C ILE C 347 -30.90 -29.53 -10.04
N ASP C 348 -32.20 -29.36 -10.29
CA ASP C 348 -32.98 -30.40 -10.94
C ASP C 348 -34.24 -29.78 -11.55
N THR C 349 -35.00 -30.63 -12.25
CA THR C 349 -36.18 -30.15 -12.97
C THR C 349 -37.24 -29.62 -12.02
N SER C 350 -37.47 -30.30 -10.90
CA SER C 350 -38.47 -29.84 -9.94
CA SER C 350 -38.47 -29.83 -9.95
C SER C 350 -38.13 -28.44 -9.44
N ALA C 351 -36.85 -28.17 -9.19
CA ALA C 351 -36.45 -26.85 -8.73
C ALA C 351 -36.76 -25.78 -9.76
N ALA C 352 -36.47 -26.05 -11.03
CA ALA C 352 -36.77 -25.08 -12.08
C ALA C 352 -38.27 -24.92 -12.28
N ASP C 353 -39.02 -26.02 -12.22
CA ASP C 353 -40.48 -25.92 -12.31
C ASP C 353 -41.02 -25.00 -11.22
N PHE C 354 -40.50 -25.16 -10.00
CA PHE C 354 -40.96 -24.35 -8.88
C PHE C 354 -40.68 -22.88 -9.13
N VAL C 355 -39.48 -22.56 -9.60
CA VAL C 355 -39.12 -21.17 -9.87
C VAL C 355 -39.99 -20.60 -11.00
N GLU C 356 -40.19 -21.37 -12.07
CA GLU C 356 -41.06 -20.92 -13.14
C GLU C 356 -42.46 -20.58 -12.62
N GLY C 357 -42.96 -21.35 -11.67
CA GLY C 357 -44.29 -21.08 -11.13
C GLY C 357 -44.34 -19.77 -10.36
N LEU C 358 -43.30 -19.50 -9.57
CA LEU C 358 -43.22 -18.21 -8.87
C LEU C 358 -43.21 -17.06 -9.85
N ILE C 359 -42.44 -17.20 -10.94
CA ILE C 359 -42.36 -16.18 -11.96
C ILE C 359 -43.71 -15.97 -12.61
N LYS C 360 -44.41 -17.06 -12.93
CA LYS C 360 -45.69 -16.94 -13.62
C LYS C 360 -46.72 -16.26 -12.72
N ASP C 361 -46.70 -16.59 -11.42
CA ASP C 361 -47.66 -15.99 -10.49
C ASP C 361 -47.44 -14.49 -10.40
N ALA C 362 -46.18 -14.05 -10.40
CA ALA C 362 -45.90 -12.63 -10.33
C ALA C 362 -46.35 -11.94 -11.61
N THR C 363 -46.03 -12.53 -12.76
CA THR C 363 -46.50 -11.97 -14.04
C THR C 363 -48.01 -11.85 -14.03
N ASP C 364 -48.71 -12.94 -13.68
CA ASP C 364 -50.16 -12.96 -13.78
C ASP C 364 -50.82 -11.99 -12.81
N LYS C 365 -50.17 -11.69 -11.68
CA LYS C 365 -50.69 -10.74 -10.72
C LYS C 365 -50.22 -9.31 -10.97
N GLY C 366 -49.49 -9.07 -12.05
CA GLY C 366 -49.27 -7.72 -12.55
C GLY C 366 -47.91 -7.12 -12.29
N ALA C 367 -46.93 -7.90 -11.86
CA ALA C 367 -45.61 -7.34 -11.65
C ALA C 367 -44.98 -7.00 -13.00
N THR C 368 -44.03 -6.05 -12.96
CA THR C 368 -43.33 -5.62 -14.16
C THR C 368 -42.06 -6.45 -14.33
N ALA C 369 -41.96 -7.18 -15.43
CA ALA C 369 -40.74 -7.92 -15.72
C ALA C 369 -39.72 -6.96 -16.33
N LEU C 370 -38.71 -6.57 -15.56
CA LEU C 370 -37.69 -5.66 -16.06
C LEU C 370 -36.63 -6.40 -16.87
N THR C 371 -36.44 -7.70 -16.63
CA THR C 371 -35.63 -8.57 -17.48
C THR C 371 -36.47 -9.80 -17.81
N ALA C 372 -36.17 -10.43 -18.94
CA ALA C 372 -37.09 -11.35 -19.56
C ALA C 372 -36.88 -12.78 -19.09
N PHE C 373 -38.00 -13.48 -18.84
CA PHE C 373 -37.94 -14.89 -18.50
C PHE C 373 -37.68 -15.75 -19.73
N ASN C 374 -36.78 -16.71 -19.56
CA ASN C 374 -36.59 -17.77 -20.55
C ASN C 374 -36.09 -19.00 -19.81
N ARG C 375 -36.48 -20.18 -20.31
CA ARG C 375 -36.07 -21.44 -19.71
C ARG C 375 -35.68 -22.40 -20.83
N GLU C 376 -34.47 -22.94 -20.74
CA GLU C 376 -33.98 -23.97 -21.65
C GLU C 376 -33.49 -25.10 -20.78
N GLY C 377 -34.15 -26.25 -20.86
CA GLY C 377 -33.85 -27.30 -19.89
C GLY C 377 -34.20 -26.77 -18.49
N ASN C 378 -33.22 -26.80 -17.59
CA ASN C 378 -33.37 -26.20 -16.27
C ASN C 378 -32.53 -24.93 -16.09
N LEU C 379 -32.13 -24.32 -17.20
CA LEU C 379 -31.43 -23.05 -17.21
C LEU C 379 -32.44 -21.93 -17.36
N ILE C 380 -32.71 -21.23 -16.27
CA ILE C 380 -33.64 -20.11 -16.25
C ILE C 380 -32.85 -18.81 -16.29
N SER C 381 -33.21 -17.92 -17.20
CA SER C 381 -32.55 -16.63 -17.24
CA SER C 381 -32.60 -16.61 -17.27
C SER C 381 -32.97 -15.77 -16.05
N PRO C 382 -32.13 -14.81 -15.67
CA PRO C 382 -32.39 -14.04 -14.44
C PRO C 382 -33.53 -13.05 -14.64
N VAL C 383 -34.51 -13.12 -13.75
CA VAL C 383 -35.73 -12.34 -13.87
C VAL C 383 -35.82 -11.35 -12.72
N LEU C 384 -35.86 -10.06 -13.06
CA LEU C 384 -36.03 -8.97 -12.11
C LEU C 384 -37.44 -8.44 -12.26
N PHE C 385 -38.20 -8.45 -11.17
CA PHE C 385 -39.55 -7.90 -11.17
C PHE C 385 -39.61 -6.63 -10.34
N ASP C 386 -40.25 -5.60 -10.86
CA ASP C 386 -40.62 -4.41 -10.11
C ASP C 386 -42.11 -4.42 -9.85
N HIS C 387 -42.53 -3.55 -8.96
CA HIS C 387 -43.94 -3.43 -8.57
C HIS C 387 -44.50 -4.77 -8.10
N VAL C 388 -43.72 -5.47 -7.31
CA VAL C 388 -44.21 -6.69 -6.68
C VAL C 388 -45.07 -6.30 -5.50
N THR C 389 -46.21 -6.95 -5.37
CA THR C 389 -47.09 -6.77 -4.23
C THR C 389 -47.11 -8.06 -3.41
N THR C 390 -47.45 -7.93 -2.13
CA THR C 390 -47.26 -9.04 -1.20
C THR C 390 -48.36 -10.11 -1.27
N ASP C 391 -49.31 -9.97 -2.22
CA ASP C 391 -50.16 -11.09 -2.57
C ASP C 391 -49.49 -12.07 -3.53
N MET C 392 -48.29 -11.73 -4.01
CA MET C 392 -47.57 -12.59 -4.93
C MET C 392 -46.70 -13.58 -4.16
N ARG C 393 -46.71 -14.83 -4.61
CA ARG C 393 -45.93 -15.86 -3.95
C ARG C 393 -44.45 -15.48 -3.88
N LEU C 394 -43.94 -14.82 -4.91
CA LEU C 394 -42.55 -14.40 -4.95
C LEU C 394 -42.18 -13.42 -3.86
N ALA C 395 -43.14 -12.73 -3.24
CA ALA C 395 -42.82 -11.87 -2.13
C ALA C 395 -42.31 -12.66 -0.93
N TRP C 396 -42.63 -13.96 -0.84
CA TRP C 396 -42.43 -14.69 0.41
C TRP C 396 -41.67 -15.99 0.24
N GLU C 397 -41.98 -16.79 -0.78
CA GLU C 397 -41.45 -18.15 -0.85
C GLU C 397 -40.00 -18.11 -1.33
N GLU C 398 -39.17 -18.94 -0.72
CA GLU C 398 -37.76 -19.00 -1.12
C GLU C 398 -37.67 -19.68 -2.47
N PRO C 399 -37.21 -19.00 -3.54
CA PRO C 399 -37.26 -19.64 -4.86
C PRO C 399 -36.16 -20.67 -5.09
N PHE C 400 -34.97 -20.38 -4.56
CA PHE C 400 -33.75 -21.09 -4.96
C PHE C 400 -33.61 -21.10 -6.48
N GLY C 401 -33.71 -19.91 -7.04
CA GLY C 401 -33.58 -19.67 -8.45
C GLY C 401 -33.39 -18.19 -8.73
N PRO C 402 -33.10 -17.85 -9.97
CA PRO C 402 -32.60 -16.50 -10.27
C PRO C 402 -33.72 -15.52 -10.58
N VAL C 403 -34.46 -15.17 -9.54
CA VAL C 403 -35.58 -14.24 -9.63
C VAL C 403 -35.56 -13.36 -8.41
N LEU C 404 -35.75 -12.06 -8.62
CA LEU C 404 -35.64 -11.06 -7.55
C LEU C 404 -36.80 -10.09 -7.61
N PRO C 405 -37.62 -9.98 -6.56
CA PRO C 405 -38.69 -8.98 -6.53
C PRO C 405 -38.25 -7.68 -5.87
N ILE C 406 -38.74 -6.57 -6.41
CA ILE C 406 -38.63 -5.25 -5.82
C ILE C 406 -40.02 -4.87 -5.31
N ILE C 407 -40.12 -4.58 -4.01
CA ILE C 407 -41.36 -4.22 -3.35
C ILE C 407 -41.20 -2.79 -2.83
N ARG C 408 -42.05 -1.89 -3.29
CA ARG C 408 -41.98 -0.49 -2.90
C ARG C 408 -42.77 -0.25 -1.62
N VAL C 409 -42.18 0.55 -0.73
CA VAL C 409 -42.80 0.92 0.53
C VAL C 409 -42.72 2.44 0.64
N THR C 410 -43.52 2.99 1.56
CA THR C 410 -43.52 4.44 1.78
C THR C 410 -42.97 4.84 3.14
N THR C 411 -42.74 3.90 4.06
CA THR C 411 -42.13 4.23 5.33
C THR C 411 -41.19 3.11 5.75
N VAL C 412 -40.23 3.46 6.62
N VAL C 412 -40.23 3.47 6.61
CA VAL C 412 -39.34 2.44 7.15
CA VAL C 412 -39.33 2.47 7.19
C VAL C 412 -40.09 1.48 8.05
C VAL C 412 -40.13 1.47 8.00
N GLU C 413 -41.14 1.95 8.73
CA GLU C 413 -41.94 1.06 9.56
C GLU C 413 -42.61 -0.02 8.71
N GLU C 414 -43.11 0.35 7.53
CA GLU C 414 -43.68 -0.64 6.62
C GLU C 414 -42.63 -1.63 6.13
N ALA C 415 -41.41 -1.16 5.84
CA ALA C 415 -40.34 -2.06 5.45
C ALA C 415 -40.05 -3.07 6.55
N ILE C 416 -39.98 -2.58 7.80
CA ILE C 416 -39.71 -3.47 8.93
C ILE C 416 -40.83 -4.50 9.07
N LYS C 417 -42.07 -4.06 9.00
CA LYS C 417 -43.19 -4.99 9.13
C LYS C 417 -43.16 -6.06 8.04
N ILE C 418 -42.95 -5.64 6.78
CA ILE C 418 -42.93 -6.63 5.71
C ILE C 418 -41.75 -7.57 5.87
N SER C 419 -40.60 -7.04 6.25
CA SER C 419 -39.43 -7.88 6.50
C SER C 419 -39.75 -8.95 7.54
N ASN C 420 -40.31 -8.54 8.69
CA ASN C 420 -40.54 -9.45 9.79
C ASN C 420 -41.72 -10.38 9.56
N GLU C 421 -42.60 -10.05 8.62
CA GLU C 421 -43.73 -10.91 8.29
C GLU C 421 -43.30 -12.23 7.68
N SER C 422 -42.11 -12.29 7.10
CA SER C 422 -41.59 -13.54 6.60
C SER C 422 -41.51 -14.59 7.69
N GLU C 423 -41.75 -15.85 7.30
CA GLU C 423 -41.47 -16.98 8.17
C GLU C 423 -39.97 -17.23 8.35
N TYR C 424 -39.14 -16.59 7.54
CA TYR C 424 -37.69 -16.73 7.60
C TYR C 424 -37.08 -15.53 8.32
N GLY C 425 -35.91 -15.74 8.89
CA GLY C 425 -35.19 -14.69 9.60
C GLY C 425 -33.69 -14.93 9.62
N LEU C 426 -33.08 -15.04 8.44
CA LEU C 426 -31.65 -15.33 8.36
C LEU C 426 -30.83 -14.05 8.48
N GLN C 427 -30.81 -13.27 7.41
CA GLN C 427 -30.07 -12.01 7.43
C GLN C 427 -30.89 -10.89 6.79
N ALA C 428 -30.40 -9.67 6.92
CA ALA C 428 -30.95 -8.53 6.22
C ALA C 428 -29.82 -7.57 5.89
N SER C 429 -30.04 -6.77 4.84
CA SER C 429 -29.15 -5.67 4.49
C SER C 429 -29.92 -4.36 4.65
N ILE C 430 -29.23 -3.32 5.12
CA ILE C 430 -29.81 -1.99 5.21
C ILE C 430 -28.88 -1.03 4.48
N PHE C 431 -29.40 -0.34 3.47
CA PHE C 431 -28.63 0.63 2.71
C PHE C 431 -29.09 2.04 3.07
N THR C 432 -28.20 2.79 3.71
CA THR C 432 -28.49 4.12 4.21
C THR C 432 -27.18 4.73 4.69
N THR C 433 -27.17 6.06 4.81
CA THR C 433 -26.02 6.77 5.34
C THR C 433 -26.20 7.14 6.81
N ASN C 434 -27.32 6.79 7.42
CA ASN C 434 -27.63 7.11 8.82
C ASN C 434 -27.47 5.84 9.67
N PHE C 435 -26.28 5.67 10.24
CA PHE C 435 -25.96 4.42 10.93
C PHE C 435 -26.68 4.27 12.26
N PRO C 436 -26.77 5.31 13.10
CA PRO C 436 -27.57 5.15 14.34
C PRO C 436 -28.98 4.72 14.07
N LYS C 437 -29.61 5.25 13.02
CA LYS C 437 -30.94 4.79 12.62
C LYS C 437 -30.88 3.36 12.12
N ALA C 438 -29.89 3.03 11.31
CA ALA C 438 -29.77 1.66 10.81
C ALA C 438 -29.63 0.67 11.95
N PHE C 439 -28.87 1.05 12.99
CA PHE C 439 -28.75 0.16 14.15
C PHE C 439 -30.09 -0.01 14.85
N GLY C 440 -30.87 1.07 14.94
CA GLY C 440 -32.18 0.96 15.56
C GLY C 440 -33.14 0.09 14.74
N ILE C 441 -33.02 0.17 13.41
CA ILE C 441 -33.79 -0.73 12.54
C ILE C 441 -33.33 -2.17 12.75
N ALA C 442 -32.02 -2.39 12.78
CA ALA C 442 -31.48 -3.74 12.97
C ALA C 442 -32.01 -4.37 14.25
N GLU C 443 -32.14 -3.58 15.32
CA GLU C 443 -32.67 -4.13 16.56
C GLU C 443 -34.06 -4.70 16.36
N GLN C 444 -34.85 -4.10 15.45
CA GLN C 444 -36.23 -4.51 15.23
C GLN C 444 -36.37 -5.64 14.22
N LEU C 445 -35.34 -5.92 13.43
CA LEU C 445 -35.43 -6.95 12.43
C LEU C 445 -35.22 -8.32 13.05
N GLU C 446 -36.14 -9.24 12.77
CA GLU C 446 -36.09 -10.59 13.34
C GLU C 446 -35.20 -11.47 12.46
N VAL C 447 -33.89 -11.23 12.59
CA VAL C 447 -32.87 -11.92 11.81
C VAL C 447 -31.66 -12.18 12.70
N GLY C 448 -30.77 -13.03 12.21
CA GLY C 448 -29.51 -13.28 12.90
C GLY C 448 -28.48 -12.20 12.71
N THR C 449 -28.33 -11.72 11.46
CA THR C 449 -27.29 -10.77 11.13
C THR C 449 -27.84 -9.71 10.19
N VAL C 450 -27.49 -8.45 10.47
CA VAL C 450 -27.80 -7.31 9.61
C VAL C 450 -26.48 -6.75 9.07
N HIS C 451 -26.38 -6.65 7.75
CA HIS C 451 -25.24 -6.02 7.10
C HIS C 451 -25.62 -4.61 6.67
N LEU C 452 -24.81 -3.63 7.06
CA LEU C 452 -25.03 -2.24 6.71
C LEU C 452 -24.26 -1.92 5.42
N ASN C 453 -24.97 -1.45 4.41
CA ASN C 453 -24.38 -1.06 3.12
C ASN C 453 -23.56 -2.18 2.51
N ASN C 454 -24.06 -3.41 2.60
CA ASN C 454 -23.41 -4.57 2.01
C ASN C 454 -24.46 -5.65 1.87
N LYS C 455 -24.27 -6.52 0.89
CA LYS C 455 -25.11 -7.70 0.71
C LYS C 455 -25.00 -8.60 1.94
N THR C 456 -26.03 -9.40 2.16
CA THR C 456 -25.96 -10.43 3.18
C THR C 456 -24.94 -11.49 2.77
N GLN C 457 -24.31 -12.12 3.76
CA GLN C 457 -23.28 -13.10 3.51
C GLN C 457 -22.98 -13.86 4.81
N ARG C 458 -22.51 -15.09 4.65
CA ARG C 458 -22.17 -15.87 5.84
C ARG C 458 -20.87 -15.41 6.48
N GLY C 459 -19.93 -14.89 5.69
CA GLY C 459 -18.60 -14.58 6.16
C GLY C 459 -18.50 -13.24 6.85
N THR C 460 -17.31 -12.96 7.38
CA THR C 460 -16.18 -13.89 7.46
C THR C 460 -16.54 -15.02 8.44
N ASP C 461 -15.89 -16.19 8.27
CA ASP C 461 -16.39 -17.39 8.93
C ASP C 461 -16.11 -17.40 10.44
N ASN C 462 -15.37 -16.43 10.96
CA ASN C 462 -15.27 -16.26 12.41
C ASN C 462 -16.48 -15.56 13.01
N PHE C 463 -17.25 -14.83 12.20
CA PHE C 463 -18.42 -14.13 12.68
C PHE C 463 -19.56 -15.12 12.94
N PRO C 464 -20.50 -14.76 13.81
CA PRO C 464 -21.63 -15.67 14.03
C PRO C 464 -22.50 -15.78 12.79
N PHE C 465 -23.05 -16.96 12.58
CA PHE C 465 -23.99 -17.20 11.48
C PHE C 465 -25.17 -17.96 12.06
N LEU C 466 -26.35 -17.35 12.02
CA LEU C 466 -27.52 -17.96 12.62
C LEU C 466 -28.77 -17.39 11.97
N GLY C 467 -29.84 -18.17 12.03
CA GLY C 467 -31.13 -17.76 11.52
C GLY C 467 -32.18 -17.84 12.62
N ALA C 468 -33.06 -16.85 12.63
CA ALA C 468 -34.23 -16.85 13.49
C ALA C 468 -35.40 -17.57 12.80
N LYS C 469 -36.44 -17.88 13.58
CA LYS C 469 -37.70 -18.40 13.06
C LYS C 469 -37.44 -19.67 12.25
N LYS C 470 -37.98 -19.81 11.06
CA LYS C 470 -37.86 -21.02 10.27
C LYS C 470 -36.52 -21.12 9.54
N SER C 471 -35.61 -20.19 9.79
CA SER C 471 -34.29 -20.22 9.18
C SER C 471 -33.31 -21.12 9.91
N GLY C 472 -33.64 -21.56 11.11
CA GLY C 472 -32.84 -22.61 11.73
C GLY C 472 -32.80 -22.48 13.25
N ALA C 473 -31.74 -23.06 13.80
CA ALA C 473 -31.54 -23.15 15.23
C ALA C 473 -30.06 -23.33 15.50
N GLY C 474 -29.57 -22.68 16.53
CA GLY C 474 -28.15 -22.76 16.87
C GLY C 474 -27.35 -21.68 16.16
N VAL C 475 -26.13 -21.47 16.67
CA VAL C 475 -25.25 -20.41 16.18
C VAL C 475 -23.98 -21.05 15.63
N GLN C 476 -23.69 -20.79 14.37
CA GLN C 476 -22.45 -21.24 13.76
C GLN C 476 -21.55 -20.05 13.50
N GLY C 477 -20.63 -20.19 12.57
CA GLY C 477 -19.39 -19.42 12.68
C GLY C 477 -18.46 -20.22 13.57
N VAL C 478 -17.15 -20.10 13.39
CA VAL C 478 -16.24 -21.16 13.85
C VAL C 478 -16.33 -21.36 15.37
N LYS C 479 -16.03 -20.33 16.15
CA LYS C 479 -15.99 -20.54 17.59
C LYS C 479 -17.36 -20.92 18.14
N TYR C 480 -18.42 -20.37 17.52
CA TYR C 480 -19.78 -20.71 17.96
C TYR C 480 -20.11 -22.17 17.68
N SER C 481 -19.65 -22.69 16.53
CA SER C 481 -19.91 -24.09 16.21
CA SER C 481 -19.88 -24.08 16.20
C SER C 481 -19.16 -24.99 17.19
N ILE C 482 -17.95 -24.61 17.59
CA ILE C 482 -17.20 -25.41 18.56
C ILE C 482 -17.94 -25.42 19.90
N GLU C 483 -18.41 -24.25 20.34
CA GLU C 483 -19.17 -24.19 21.58
C GLU C 483 -20.39 -25.12 21.51
N ALA C 484 -21.09 -25.10 20.38
CA ALA C 484 -22.32 -25.88 20.27
C ALA C 484 -22.07 -27.36 20.39
N MET C 485 -20.91 -27.85 19.92
CA MET C 485 -20.61 -29.27 19.93
C MET C 485 -19.68 -29.66 21.05
N THR C 486 -19.63 -28.85 22.11
CA THR C 486 -18.91 -29.20 23.33
C THR C 486 -19.87 -29.08 24.51
N THR C 487 -19.62 -29.88 25.55
CA THR C 487 -20.33 -29.73 26.82
C THR C 487 -19.25 -29.48 27.88
N VAL C 488 -19.59 -29.65 29.14
CA VAL C 488 -18.62 -29.49 30.22
C VAL C 488 -18.68 -30.68 31.16
N LYS C 489 -17.58 -30.88 31.88
CA LYS C 489 -17.49 -31.81 33.00
C LYS C 489 -16.91 -31.00 34.15
N SER C 490 -17.66 -30.94 35.25
N SER C 490 -17.63 -30.95 35.27
CA SER C 490 -17.27 -30.20 36.43
CA SER C 490 -17.23 -30.16 36.42
C SER C 490 -16.75 -31.17 37.48
C SER C 490 -16.83 -31.06 37.58
N VAL C 491 -15.62 -30.84 38.11
CA VAL C 491 -15.09 -31.58 39.26
C VAL C 491 -15.04 -30.59 40.40
N VAL C 492 -15.74 -30.90 41.49
CA VAL C 492 -15.94 -29.99 42.61
C VAL C 492 -15.28 -30.59 43.84
N PHE C 493 -14.50 -29.77 44.55
CA PHE C 493 -13.84 -30.24 45.76
C PHE C 493 -13.65 -29.07 46.70
N ASP C 494 -13.36 -29.40 47.96
CA ASP C 494 -13.17 -28.42 49.02
C ASP C 494 -11.68 -28.29 49.32
N ILE C 495 -11.18 -27.06 49.31
CA ILE C 495 -9.80 -26.78 49.69
C ILE C 495 -9.67 -26.93 51.19
N GLN C 496 -8.51 -27.43 51.63
CA GLN C 496 -8.25 -27.65 53.05
C GLN C 496 -7.09 -26.80 53.56
N PHE D 21 -55.94 -25.69 56.69
CA PHE D 21 -56.90 -24.92 57.55
C PHE D 21 -58.10 -24.51 56.68
N LEU D 22 -57.87 -23.58 55.76
CA LEU D 22 -58.89 -23.13 54.82
C LEU D 22 -58.34 -23.30 53.41
N ALA D 23 -58.86 -24.28 52.69
CA ALA D 23 -58.50 -24.47 51.29
C ALA D 23 -59.02 -23.32 50.45
N LYS D 24 -58.24 -22.96 49.42
CA LYS D 24 -58.50 -21.80 48.59
C LYS D 24 -58.66 -22.21 47.14
N GLN D 25 -59.47 -21.44 46.41
CA GLN D 25 -59.58 -21.57 44.96
C GLN D 25 -58.53 -20.66 44.33
N TYR D 26 -57.49 -21.26 43.74
CA TYR D 26 -56.41 -20.50 43.15
C TYR D 26 -56.69 -20.20 41.68
N LYS D 27 -55.96 -19.21 41.16
CA LYS D 27 -56.17 -18.68 39.82
C LYS D 27 -54.84 -18.56 39.10
N ASN D 28 -54.88 -18.64 37.76
CA ASN D 28 -53.68 -18.43 36.98
C ASN D 28 -53.45 -16.94 36.73
N LEU D 29 -52.18 -16.56 36.65
CA LEU D 29 -51.79 -15.23 36.22
C LEU D 29 -51.76 -15.20 34.70
N VAL D 30 -52.62 -14.38 34.09
CA VAL D 30 -52.74 -14.30 32.64
C VAL D 30 -52.88 -12.83 32.27
N ASN D 31 -51.86 -12.28 31.63
CA ASN D 31 -51.88 -10.91 31.14
C ASN D 31 -52.20 -9.94 32.27
N GLY D 32 -51.60 -10.18 33.43
CA GLY D 32 -51.76 -9.29 34.55
C GLY D 32 -53.05 -9.45 35.33
N GLU D 33 -53.88 -10.41 34.97
CA GLU D 33 -55.13 -10.66 35.67
C GLU D 33 -55.11 -12.09 36.22
N TRP D 34 -55.94 -12.31 37.22
CA TRP D 34 -56.08 -13.63 37.85
C TRP D 34 -57.35 -14.27 37.31
N LYS D 35 -57.20 -15.46 36.72
CA LYS D 35 -58.26 -16.08 35.94
C LYS D 35 -58.56 -17.48 36.45
N LEU D 36 -59.84 -17.73 36.76
CA LEU D 36 -60.33 -19.07 36.94
C LEU D 36 -60.66 -19.69 35.57
N SER D 37 -60.88 -21.00 35.57
CA SER D 37 -61.36 -21.74 34.41
C SER D 37 -62.70 -22.38 34.76
N GLU D 38 -63.38 -22.90 33.72
CA GLU D 38 -64.67 -23.54 33.97
C GLU D 38 -64.54 -24.81 34.81
N ASN D 39 -63.40 -25.51 34.68
CA ASN D 39 -63.11 -26.71 35.44
C ASN D 39 -61.86 -26.45 36.29
N GLU D 40 -61.70 -27.24 37.35
CA GLU D 40 -60.56 -27.09 38.23
C GLU D 40 -60.09 -28.46 38.70
N ILE D 41 -58.94 -28.47 39.38
CA ILE D 41 -58.34 -29.67 39.92
C ILE D 41 -58.13 -29.43 41.41
N THR D 42 -58.68 -30.30 42.25
CA THR D 42 -58.48 -30.22 43.69
C THR D 42 -57.18 -30.92 44.05
N ILE D 43 -56.39 -30.28 44.89
CA ILE D 43 -55.07 -30.78 45.29
C ILE D 43 -55.15 -31.21 46.74
N TYR D 44 -54.65 -32.41 47.03
CA TYR D 44 -54.68 -32.97 48.38
C TYR D 44 -53.25 -33.20 48.85
N ALA D 45 -53.04 -33.05 50.16
CA ALA D 45 -51.73 -33.29 50.74
C ALA D 45 -51.40 -34.78 50.70
N PRO D 46 -50.25 -35.17 50.14
CA PRO D 46 -49.94 -36.60 50.04
C PRO D 46 -49.79 -37.31 51.39
N ALA D 47 -49.42 -36.60 52.44
CA ALA D 47 -49.17 -37.24 53.73
C ALA D 47 -50.44 -37.50 54.53
N THR D 48 -51.52 -36.77 54.24
CA THR D 48 -52.72 -36.80 55.07
C THR D 48 -54.03 -36.86 54.30
N GLY D 49 -54.05 -36.54 53.02
CA GLY D 49 -55.30 -36.42 52.29
C GLY D 49 -56.01 -35.10 52.46
N GLU D 50 -55.47 -34.19 53.27
CA GLU D 50 -56.11 -32.90 53.49
C GLU D 50 -56.29 -32.13 52.19
N GLU D 51 -57.50 -31.61 51.97
CA GLU D 51 -57.76 -30.77 50.82
C GLU D 51 -57.07 -29.42 51.02
N LEU D 52 -56.17 -29.09 50.08
CA LEU D 52 -55.40 -27.85 50.18
C LEU D 52 -55.99 -26.71 49.36
N GLY D 53 -56.76 -27.01 48.34
CA GLY D 53 -57.30 -26.00 47.47
C GLY D 53 -57.45 -26.57 46.07
N SER D 54 -57.78 -25.71 45.13
CA SER D 54 -57.95 -26.11 43.74
C SER D 54 -57.23 -25.14 42.82
N VAL D 55 -56.80 -25.66 41.67
CA VAL D 55 -56.18 -24.85 40.63
C VAL D 55 -56.96 -25.04 39.34
N PRO D 56 -56.95 -24.06 38.43
CA PRO D 56 -57.76 -24.17 37.21
C PRO D 56 -57.30 -25.32 36.32
N ALA D 57 -58.26 -25.90 35.60
CA ALA D 57 -57.97 -26.89 34.58
C ALA D 57 -58.15 -26.21 33.22
N MET D 58 -57.08 -25.58 32.73
CA MET D 58 -57.18 -24.75 31.54
C MET D 58 -57.48 -25.56 30.29
N THR D 59 -58.19 -24.92 29.36
CA THR D 59 -58.42 -25.48 28.04
C THR D 59 -57.32 -25.04 27.07
N GLN D 60 -57.28 -25.70 25.92
CA GLN D 60 -56.34 -25.28 24.88
C GLN D 60 -56.56 -23.83 24.49
N ALA D 61 -57.82 -23.40 24.39
CA ALA D 61 -58.09 -22.01 24.06
C ALA D 61 -57.55 -21.06 25.12
N GLU D 62 -57.55 -21.47 26.37
CA GLU D 62 -56.99 -20.63 27.42
C GLU D 62 -55.46 -20.60 27.37
N VAL D 63 -54.84 -21.70 26.99
CA VAL D 63 -53.40 -21.69 26.71
C VAL D 63 -53.08 -20.70 25.59
N ASP D 64 -53.88 -20.71 24.52
CA ASP D 64 -53.70 -19.75 23.44
C ASP D 64 -53.68 -18.33 23.98
N ALA D 65 -54.59 -18.00 24.90
CA ALA D 65 -54.66 -16.65 25.41
C ALA D 65 -53.41 -16.30 26.21
N VAL D 66 -52.91 -17.24 27.00
CA VAL D 66 -51.67 -17.02 27.74
C VAL D 66 -50.54 -16.68 26.77
N TYR D 67 -50.39 -17.49 25.72
CA TYR D 67 -49.27 -17.30 24.81
C TYR D 67 -49.44 -16.01 24.00
N ALA D 68 -50.67 -15.70 23.60
CA ALA D 68 -50.89 -14.45 22.86
C ALA D 68 -50.50 -13.25 23.71
N SER D 69 -50.90 -13.26 24.99
CA SER D 69 -50.51 -12.19 25.90
CA SER D 69 -50.52 -12.17 25.88
C SER D 69 -49.00 -12.10 26.02
N ALA D 70 -48.32 -13.23 26.11
CA ALA D 70 -46.88 -13.21 26.29
C ALA D 70 -46.20 -12.60 25.06
N LYS D 71 -46.57 -13.04 23.86
CA LYS D 71 -45.91 -12.52 22.67
C LYS D 71 -46.18 -11.03 22.48
N LYS D 72 -47.36 -10.55 22.90
CA LYS D 72 -47.62 -9.12 22.81
CA LYS D 72 -47.65 -9.12 22.83
C LYS D 72 -46.78 -8.33 23.80
N ALA D 73 -46.51 -8.89 24.99
CA ALA D 73 -45.70 -8.20 25.98
C ALA D 73 -44.21 -8.21 25.65
N LEU D 74 -43.80 -9.12 24.78
CA LEU D 74 -42.37 -9.34 24.55
C LEU D 74 -41.68 -8.09 24.00
N SER D 75 -42.34 -7.36 23.10
N SER D 75 -42.29 -7.46 23.00
CA SER D 75 -41.71 -6.18 22.53
CA SER D 75 -41.57 -6.44 22.24
C SER D 75 -41.29 -5.19 23.61
C SER D 75 -41.16 -5.28 23.12
N ASP D 76 -42.26 -4.70 24.40
N ASP D 76 -41.95 -4.95 24.14
CA ASP D 76 -41.95 -3.69 25.40
CA ASP D 76 -41.58 -3.89 25.06
C ASP D 76 -41.05 -4.21 26.50
C ASP D 76 -40.64 -4.42 26.15
N TRP D 77 -40.94 -5.53 26.66
N TRP D 77 -40.94 -5.58 26.70
CA TRP D 77 -40.13 -6.12 27.72
CA TRP D 77 -40.10 -6.15 27.76
C TRP D 77 -38.67 -6.25 27.28
C TRP D 77 -38.65 -6.29 27.30
N ARG D 78 -38.43 -6.76 26.08
CA ARG D 78 -37.07 -6.92 25.60
C ARG D 78 -36.35 -5.61 25.39
N THR D 79 -37.09 -4.51 25.23
CA THR D 79 -36.48 -3.20 24.98
C THR D 79 -36.20 -2.42 26.26
N LEU D 80 -36.65 -2.90 27.42
CA LEU D 80 -36.25 -2.31 28.68
C LEU D 80 -34.75 -2.51 28.90
N SER D 81 -34.17 -1.66 29.75
CA SER D 81 -32.79 -1.87 30.16
C SER D 81 -32.68 -3.11 31.04
N TYR D 82 -31.46 -3.65 31.11
CA TYR D 82 -31.18 -4.69 32.08
C TYR D 82 -31.51 -4.23 33.50
N VAL D 83 -31.18 -2.98 33.83
CA VAL D 83 -31.43 -2.46 35.17
CA VAL D 83 -31.42 -2.51 35.19
C VAL D 83 -32.91 -2.57 35.53
N GLU D 84 -33.78 -2.18 34.59
CA GLU D 84 -35.21 -2.19 34.88
C GLU D 84 -35.74 -3.61 35.06
N ARG D 85 -35.28 -4.55 34.23
CA ARG D 85 -35.73 -5.93 34.39
C ARG D 85 -35.20 -6.51 35.70
N ALA D 86 -33.95 -6.20 36.04
CA ALA D 86 -33.37 -6.71 37.28
C ALA D 86 -34.15 -6.23 38.50
N ALA D 87 -34.65 -5.00 38.46
CA ALA D 87 -35.35 -4.46 39.62
C ALA D 87 -36.59 -5.28 39.93
N TYR D 88 -37.31 -5.72 38.89
CA TYR D 88 -38.48 -6.55 39.13
C TYR D 88 -38.08 -7.85 39.80
N LEU D 89 -36.99 -8.48 39.33
CA LEU D 89 -36.57 -9.76 39.89
C LEU D 89 -36.14 -9.60 41.36
N HIS D 90 -35.41 -8.53 41.68
CA HIS D 90 -35.01 -8.32 43.07
C HIS D 90 -36.22 -8.12 43.97
N LYS D 91 -37.22 -7.38 43.51
CA LYS D 91 -38.43 -7.15 44.30
C LYS D 91 -39.20 -8.46 44.51
N ALA D 92 -39.28 -9.29 43.47
CA ALA D 92 -39.94 -10.59 43.63
C ALA D 92 -39.22 -11.46 44.66
N ALA D 93 -37.88 -11.46 44.62
CA ALA D 93 -37.11 -12.21 45.60
C ALA D 93 -37.36 -11.69 47.01
N ASP D 94 -37.40 -10.36 47.18
CA ASP D 94 -37.67 -9.80 48.49
C ASP D 94 -39.03 -10.26 49.02
N ILE D 95 -40.04 -10.30 48.15
CA ILE D 95 -41.37 -10.75 48.56
C ILE D 95 -41.35 -12.22 48.95
N LEU D 96 -40.58 -13.04 48.22
CA LEU D 96 -40.49 -14.45 48.59
C LEU D 96 -39.86 -14.62 49.96
N VAL D 97 -38.82 -13.85 50.26
CA VAL D 97 -38.22 -13.92 51.59
C VAL D 97 -39.25 -13.52 52.64
N ARG D 98 -39.99 -12.44 52.39
CA ARG D 98 -41.02 -12.00 53.33
C ARG D 98 -42.04 -13.10 53.60
N ASP D 99 -42.46 -13.80 52.54
CA ASP D 99 -43.54 -14.78 52.64
C ASP D 99 -43.03 -16.22 52.72
N ALA D 100 -41.77 -16.42 53.07
CA ALA D 100 -41.19 -17.76 53.02
C ALA D 100 -41.93 -18.73 53.93
N GLU D 101 -42.26 -18.29 55.15
N GLU D 101 -42.27 -18.29 55.15
CA GLU D 101 -43.00 -19.16 56.07
CA GLU D 101 -43.00 -19.16 56.08
C GLU D 101 -44.38 -19.48 55.52
C GLU D 101 -44.38 -19.48 55.54
N LYS D 102 -45.09 -18.47 55.02
CA LYS D 102 -46.43 -18.69 54.49
C LYS D 102 -46.40 -19.63 53.30
N ILE D 103 -45.48 -19.42 52.36
CA ILE D 103 -45.40 -20.26 51.18
C ILE D 103 -44.89 -21.64 51.54
N GLY D 104 -43.83 -21.71 52.34
CA GLY D 104 -43.29 -23.00 52.74
C GLY D 104 -44.30 -23.88 53.44
N ALA D 105 -45.17 -23.27 54.25
CA ALA D 105 -46.16 -24.06 54.97
C ALA D 105 -47.06 -24.82 54.01
N ILE D 106 -47.47 -24.17 52.91
CA ILE D 106 -48.34 -24.83 51.94
C ILE D 106 -47.57 -25.78 51.05
N LEU D 107 -46.38 -25.36 50.60
CA LEU D 107 -45.51 -26.25 49.83
C LEU D 107 -45.27 -27.56 50.59
N SER D 108 -44.97 -27.46 51.89
CA SER D 108 -44.75 -28.66 52.68
C SER D 108 -45.91 -29.64 52.56
N LYS D 109 -47.15 -29.14 52.68
CA LYS D 109 -48.30 -30.01 52.57
C LYS D 109 -48.48 -30.54 51.15
N GLU D 110 -48.25 -29.69 50.15
CA GLU D 110 -48.60 -30.07 48.77
C GLU D 110 -47.75 -31.24 48.27
N VAL D 111 -46.48 -31.30 48.66
CA VAL D 111 -45.59 -32.35 48.16
C VAL D 111 -44.98 -33.17 49.29
N ALA D 112 -45.54 -33.08 50.49
CA ALA D 112 -45.11 -33.89 51.62
C ALA D 112 -43.61 -33.71 51.86
N LYS D 113 -43.16 -32.46 51.81
CA LYS D 113 -41.80 -32.08 52.13
C LYS D 113 -41.79 -31.55 53.56
N GLY D 114 -40.75 -31.89 54.31
CA GLY D 114 -40.62 -31.41 55.68
C GLY D 114 -40.85 -29.91 55.74
N HIS D 115 -41.54 -29.44 56.78
CA HIS D 115 -41.92 -28.03 56.84
C HIS D 115 -40.70 -27.13 56.74
N LYS D 116 -39.67 -27.40 57.54
CA LYS D 116 -38.49 -26.54 57.51
C LYS D 116 -37.77 -26.64 56.17
N ALA D 117 -37.77 -27.83 55.56
CA ALA D 117 -37.13 -27.98 54.25
C ALA D 117 -37.88 -27.20 53.18
N ALA D 118 -39.21 -27.11 53.31
CA ALA D 118 -39.99 -26.36 52.34
C ALA D 118 -39.73 -24.87 52.46
N VAL D 119 -39.67 -24.35 53.68
CA VAL D 119 -39.30 -22.95 53.88
C VAL D 119 -37.92 -22.69 53.30
N SER D 120 -36.98 -23.61 53.52
N SER D 120 -36.98 -23.61 53.52
CA SER D 120 -35.64 -23.46 52.98
CA SER D 120 -35.64 -23.47 52.98
C SER D 120 -35.68 -23.39 51.45
C SER D 120 -35.67 -23.40 51.46
N GLU D 121 -36.56 -24.18 50.83
CA GLU D 121 -36.65 -24.13 49.37
C GLU D 121 -37.04 -22.75 48.89
N VAL D 122 -37.98 -22.11 49.58
CA VAL D 122 -38.41 -20.77 49.19
C VAL D 122 -37.25 -19.78 49.33
N ILE D 123 -36.51 -19.85 50.44
CA ILE D 123 -35.37 -18.95 50.65
C ILE D 123 -34.32 -19.16 49.57
N ARG D 124 -34.04 -20.42 49.23
CA ARG D 124 -33.08 -20.71 48.16
C ARG D 124 -33.55 -20.15 46.82
N THR D 125 -34.87 -20.16 46.59
CA THR D 125 -35.41 -19.60 45.36
C THR D 125 -35.14 -18.10 45.26
N ALA D 126 -35.33 -17.38 46.36
CA ALA D 126 -35.00 -15.96 46.36
C ALA D 126 -33.52 -15.75 46.07
N GLU D 127 -32.65 -16.59 46.63
CA GLU D 127 -31.22 -16.46 46.39
C GLU D 127 -30.90 -16.62 44.91
N ILE D 128 -31.51 -17.61 44.25
CA ILE D 128 -31.22 -17.86 42.84
CA ILE D 128 -31.19 -17.83 42.84
C ILE D 128 -31.76 -16.72 41.99
N ILE D 129 -32.94 -16.21 42.34
CA ILE D 129 -33.53 -15.10 41.57
C ILE D 129 -32.64 -13.87 41.64
N ASN D 130 -32.17 -13.53 42.85
CA ASN D 130 -31.29 -12.37 42.99
C ASN D 130 -29.99 -12.57 42.22
N TYR D 131 -29.39 -13.75 42.33
CA TYR D 131 -28.13 -14.02 41.64
C TYR D 131 -28.30 -13.94 40.13
N ALA D 132 -29.40 -14.48 39.62
CA ALA D 132 -29.66 -14.42 38.19
C ALA D 132 -29.81 -12.99 37.72
N ALA D 133 -30.53 -12.16 38.49
CA ALA D 133 -30.68 -10.76 38.10
C ALA D 133 -29.31 -10.10 37.93
N GLU D 134 -28.41 -10.31 38.89
CA GLU D 134 -27.11 -9.65 38.83
C GLU D 134 -26.18 -10.29 37.82
N GLU D 135 -26.28 -11.60 37.61
CA GLU D 135 -25.47 -12.23 36.59
C GLU D 135 -25.88 -11.71 35.22
N GLY D 136 -27.19 -11.68 34.96
CA GLY D 136 -27.65 -11.36 33.61
C GLY D 136 -27.46 -9.91 33.23
N LEU D 137 -27.53 -9.00 34.20
CA LEU D 137 -27.53 -7.58 33.87
C LEU D 137 -26.17 -7.10 33.39
N ARG D 138 -25.09 -7.82 33.69
CA ARG D 138 -23.75 -7.44 33.27
C ARG D 138 -23.21 -8.30 32.14
N MET D 139 -24.06 -9.12 31.52
CA MET D 139 -23.65 -9.85 30.34
CA MET D 139 -23.61 -9.85 30.34
C MET D 139 -23.26 -8.87 29.23
N GLU D 140 -22.36 -9.31 28.37
CA GLU D 140 -21.77 -8.46 27.35
C GLU D 140 -21.91 -9.08 25.98
N GLY D 141 -21.80 -8.21 24.97
CA GLY D 141 -21.61 -8.64 23.61
C GLY D 141 -20.14 -8.66 23.25
N GLU D 142 -19.87 -8.78 21.96
CA GLU D 142 -18.49 -8.83 21.49
C GLU D 142 -18.39 -8.17 20.14
N VAL D 143 -17.17 -7.78 19.77
CA VAL D 143 -16.85 -7.24 18.46
C VAL D 143 -15.77 -8.11 17.85
N LEU D 144 -16.04 -8.61 16.66
CA LEU D 144 -15.12 -9.49 15.95
C LEU D 144 -14.55 -8.77 14.73
N GLU D 145 -13.36 -9.21 14.33
CA GLU D 145 -12.57 -8.56 13.29
C GLU D 145 -12.55 -9.42 12.02
N GLY D 146 -12.99 -8.86 10.90
CA GLY D 146 -12.85 -9.58 9.66
C GLY D 146 -11.42 -9.96 9.36
N GLY D 147 -10.47 -9.12 9.77
CA GLY D 147 -9.06 -9.34 9.51
C GLY D 147 -8.46 -10.46 10.33
N SER D 148 -9.21 -11.02 11.27
CA SER D 148 -8.78 -12.26 11.93
CA SER D 148 -8.78 -12.25 11.93
C SER D 148 -8.78 -13.42 10.95
N PHE D 149 -9.62 -13.35 9.92
CA PHE D 149 -9.86 -14.47 9.02
C PHE D 149 -9.37 -14.21 7.61
N GLU D 150 -9.50 -12.98 7.11
CA GLU D 150 -9.08 -12.68 5.75
C GLU D 150 -8.66 -11.23 5.60
N ALA D 151 -7.52 -11.02 4.96
CA ALA D 151 -6.93 -9.70 4.87
C ALA D 151 -7.88 -8.72 4.19
N ALA D 152 -8.58 -9.18 3.15
CA ALA D 152 -9.45 -8.30 2.40
C ALA D 152 -10.59 -7.74 3.24
N SER D 153 -10.92 -8.38 4.36
CA SER D 153 -12.02 -7.96 5.21
C SER D 153 -11.55 -7.26 6.48
N LYS D 154 -10.32 -6.70 6.47
CA LYS D 154 -9.77 -6.16 7.71
C LYS D 154 -10.53 -4.94 8.24
N LYS D 155 -11.24 -4.21 7.39
CA LYS D 155 -12.04 -3.07 7.84
C LYS D 155 -13.46 -3.46 8.23
N LYS D 156 -13.82 -4.74 8.06
CA LYS D 156 -15.15 -5.21 8.41
C LYS D 156 -15.15 -5.71 9.84
N ILE D 157 -16.08 -5.20 10.63
CA ILE D 157 -16.25 -5.65 12.01
C ILE D 157 -17.70 -6.07 12.24
N ALA D 158 -17.88 -6.98 13.18
CA ALA D 158 -19.18 -7.51 13.56
C ALA D 158 -19.46 -7.12 15.00
N ILE D 159 -20.53 -6.37 15.21
CA ILE D 159 -20.96 -5.95 16.54
C ILE D 159 -22.06 -6.91 16.97
N VAL D 160 -21.74 -7.78 17.91
CA VAL D 160 -22.57 -8.91 18.29
C VAL D 160 -23.15 -8.63 19.66
N ARG D 161 -24.47 -8.53 19.75
CA ARG D 161 -25.15 -8.25 21.00
C ARG D 161 -26.13 -9.36 21.35
N ARG D 162 -26.40 -9.52 22.63
CA ARG D 162 -27.26 -10.58 23.08
C ARG D 162 -28.72 -10.16 22.91
N GLU D 163 -29.57 -11.15 22.66
CA GLU D 163 -31.00 -10.94 22.58
C GLU D 163 -31.70 -12.14 23.20
N PRO D 164 -32.92 -11.97 23.68
CA PRO D 164 -33.71 -13.12 24.16
C PRO D 164 -34.08 -14.03 23.02
N VAL D 165 -34.45 -15.26 23.38
CA VAL D 165 -34.98 -16.21 22.40
C VAL D 165 -36.46 -15.97 22.13
N GLY D 166 -37.19 -15.43 23.10
CA GLY D 166 -38.58 -15.08 22.92
C GLY D 166 -39.42 -15.53 24.10
N LEU D 167 -40.39 -16.40 23.83
CA LEU D 167 -41.25 -16.98 24.86
C LEU D 167 -40.65 -18.30 25.34
N VAL D 168 -40.35 -18.36 26.64
CA VAL D 168 -39.85 -19.56 27.29
C VAL D 168 -41.00 -20.23 28.03
N LEU D 169 -41.20 -21.50 27.76
CA LEU D 169 -42.10 -22.33 28.54
C LEU D 169 -41.27 -23.03 29.61
N ALA D 170 -41.57 -22.71 30.88
CA ALA D 170 -40.86 -23.29 32.02
C ALA D 170 -41.78 -24.30 32.68
N ILE D 171 -41.31 -25.52 32.83
CA ILE D 171 -42.07 -26.62 33.41
C ILE D 171 -41.31 -27.08 34.64
N SER D 172 -41.89 -26.89 35.82
CA SER D 172 -41.23 -27.20 37.07
C SER D 172 -41.63 -28.58 37.58
N PRO D 173 -40.86 -29.15 38.53
CA PRO D 173 -41.12 -30.52 38.97
C PRO D 173 -41.75 -30.57 40.34
N PHE D 174 -42.41 -31.68 40.68
CA PHE D 174 -43.11 -31.74 41.95
C PHE D 174 -42.15 -31.63 43.14
N ASN D 175 -40.90 -32.08 42.97
CA ASN D 175 -40.02 -32.19 44.12
C ASN D 175 -39.34 -30.87 44.46
N TYR D 176 -39.35 -29.90 43.57
CA TYR D 176 -38.87 -28.54 43.84
C TYR D 176 -39.77 -27.58 43.08
N PRO D 177 -41.05 -27.52 43.45
CA PRO D 177 -42.00 -26.78 42.61
C PRO D 177 -41.78 -25.27 42.61
N VAL D 178 -41.09 -24.73 43.60
CA VAL D 178 -40.76 -23.31 43.65
C VAL D 178 -39.34 -23.06 43.19
N ASN D 179 -38.37 -23.78 43.76
CA ASN D 179 -36.96 -23.54 43.44
C ASN D 179 -36.67 -23.78 41.96
N LEU D 180 -37.15 -24.88 41.40
CA LEU D 180 -36.91 -25.20 40.00
C LEU D 180 -38.02 -24.66 39.11
N ALA D 181 -38.84 -23.75 39.63
CA ALA D 181 -39.54 -22.77 38.81
C ALA D 181 -38.70 -21.50 38.71
N GLY D 182 -38.26 -20.99 39.86
CA GLY D 182 -37.45 -19.78 39.88
C GLY D 182 -36.14 -19.90 39.12
N SER D 183 -35.55 -21.10 39.13
CA SER D 183 -34.29 -21.32 38.43
C SER D 183 -34.43 -21.15 36.93
N LYS D 184 -35.66 -21.22 36.40
CA LYS D 184 -35.94 -21.03 35.00
C LYS D 184 -36.47 -19.64 34.73
N ILE D 185 -37.38 -19.17 35.57
CA ILE D 185 -38.04 -17.89 35.36
C ILE D 185 -37.04 -16.74 35.39
N ALA D 186 -36.21 -16.68 36.43
CA ALA D 186 -35.35 -15.50 36.58
C ALA D 186 -34.28 -15.41 35.50
N PRO D 187 -33.53 -16.46 35.19
CA PRO D 187 -32.60 -16.36 34.06
C PRO D 187 -33.28 -15.96 32.75
N ALA D 188 -34.48 -16.49 32.50
CA ALA D 188 -35.19 -16.14 31.28
C ALA D 188 -35.55 -14.66 31.27
N LEU D 189 -36.09 -14.16 32.38
CA LEU D 189 -36.61 -12.79 32.40
C LEU D 189 -35.51 -11.73 32.33
N ILE D 190 -34.38 -11.96 33.02
CA ILE D 190 -33.34 -10.92 32.99
C ILE D 190 -32.80 -10.71 31.57
N ALA D 191 -32.80 -11.77 30.76
CA ALA D 191 -32.33 -11.72 29.38
C ALA D 191 -33.36 -11.14 28.43
N GLY D 192 -34.55 -10.80 28.91
CA GLY D 192 -35.54 -10.18 28.07
C GLY D 192 -36.56 -11.12 27.47
N ASN D 193 -36.56 -12.39 27.89
CA ASN D 193 -37.59 -13.31 27.46
C ASN D 193 -38.87 -13.05 28.24
N VAL D 194 -39.99 -13.52 27.68
CA VAL D 194 -41.23 -13.64 28.40
C VAL D 194 -41.41 -15.11 28.74
N VAL D 195 -42.21 -15.38 29.77
CA VAL D 195 -42.25 -16.70 30.39
C VAL D 195 -43.67 -17.13 30.69
N ALA D 196 -43.95 -18.40 30.40
CA ALA D 196 -45.14 -19.08 30.90
C ALA D 196 -44.66 -20.25 31.76
N LEU D 197 -45.13 -20.28 33.02
CA LEU D 197 -44.78 -21.36 33.93
C LEU D 197 -45.91 -22.37 33.96
N LYS D 198 -45.58 -23.62 33.65
CA LYS D 198 -46.49 -24.74 33.84
C LYS D 198 -45.97 -25.53 35.04
N PRO D 199 -46.57 -25.39 36.21
CA PRO D 199 -46.17 -26.22 37.34
C PRO D 199 -46.72 -27.62 37.18
N PRO D 200 -46.20 -28.59 37.92
CA PRO D 200 -46.84 -29.90 37.97
C PRO D 200 -48.14 -29.76 38.73
N THR D 201 -49.11 -30.61 38.38
CA THR D 201 -50.40 -30.53 39.07
C THR D 201 -50.21 -30.65 40.58
N GLN D 202 -49.50 -31.70 41.01
CA GLN D 202 -49.09 -31.81 42.41
C GLN D 202 -47.90 -30.88 42.61
N GLY D 203 -48.17 -29.68 43.11
CA GLY D 203 -47.21 -28.59 43.09
C GLY D 203 -47.69 -27.35 42.39
N SER D 204 -48.92 -27.36 41.85
CA SER D 204 -49.43 -26.18 41.15
C SER D 204 -49.77 -25.05 42.11
N ILE D 205 -50.26 -25.37 43.31
CA ILE D 205 -50.51 -24.32 44.30
C ILE D 205 -49.21 -23.58 44.62
N SER D 206 -48.14 -24.34 44.87
CA SER D 206 -46.84 -23.74 45.17
C SER D 206 -46.36 -22.86 44.02
N GLY D 207 -46.52 -23.33 42.78
CA GLY D 207 -46.15 -22.51 41.64
C GLY D 207 -46.97 -21.24 41.54
N LEU D 208 -48.27 -21.31 41.80
CA LEU D 208 -49.10 -20.12 41.77
C LEU D 208 -48.79 -19.16 42.91
N LEU D 209 -48.36 -19.69 44.06
CA LEU D 209 -47.88 -18.81 45.14
C LEU D 209 -46.62 -18.06 44.72
N LEU D 210 -45.71 -18.75 44.02
CA LEU D 210 -44.56 -18.07 43.45
C LEU D 210 -45.01 -16.98 42.48
N ALA D 211 -46.00 -17.30 41.63
CA ALA D 211 -46.50 -16.31 40.68
C ALA D 211 -47.03 -15.07 41.38
N GLU D 212 -47.66 -15.25 42.54
CA GLU D 212 -48.19 -14.10 43.28
C GLU D 212 -47.09 -13.11 43.61
N ALA D 213 -45.89 -13.63 43.93
CA ALA D 213 -44.78 -12.75 44.29
C ALA D 213 -44.34 -11.90 43.09
N PHE D 214 -44.22 -12.52 41.91
CA PHE D 214 -43.84 -11.76 40.73
C PHE D 214 -44.92 -10.73 40.38
N ALA D 215 -46.18 -11.10 40.53
CA ALA D 215 -47.26 -10.14 40.26
C ALA D 215 -47.20 -8.96 41.23
N GLU D 216 -46.98 -9.24 42.52
CA GLU D 216 -46.90 -8.15 43.49
C GLU D 216 -45.68 -7.29 43.25
N ALA D 217 -44.59 -7.88 42.75
CA ALA D 217 -43.41 -7.11 42.38
C ALA D 217 -43.65 -6.19 41.20
N GLY D 218 -44.80 -6.31 40.53
CA GLY D 218 -45.14 -5.44 39.43
C GLY D 218 -44.73 -5.92 38.06
N ILE D 219 -44.44 -7.20 37.89
CA ILE D 219 -44.00 -7.72 36.60
C ILE D 219 -45.04 -7.27 35.58
N PRO D 220 -44.65 -6.72 34.43
CA PRO D 220 -45.65 -6.19 33.51
C PRO D 220 -46.57 -7.28 32.99
N ALA D 221 -47.81 -6.87 32.70
CA ALA D 221 -48.82 -7.82 32.24
C ALA D 221 -48.30 -8.62 31.05
N GLY D 222 -48.41 -9.95 31.15
CA GLY D 222 -48.04 -10.84 30.07
C GLY D 222 -46.58 -11.20 30.01
N VAL D 223 -45.72 -10.49 30.74
CA VAL D 223 -44.30 -10.83 30.77
C VAL D 223 -44.09 -12.18 31.45
N PHE D 224 -44.85 -12.45 32.50
CA PHE D 224 -44.84 -13.71 33.23
C PHE D 224 -46.29 -14.15 33.41
N ASN D 225 -46.56 -15.40 33.05
N ASN D 225 -46.56 -15.40 33.06
CA ASN D 225 -47.90 -15.98 33.13
CA ASN D 225 -47.90 -15.97 33.19
C ASN D 225 -47.77 -17.41 33.61
C ASN D 225 -47.76 -17.41 33.65
N THR D 226 -48.89 -17.97 34.07
CA THR D 226 -48.94 -19.36 34.53
C THR D 226 -49.99 -20.13 33.75
N ILE D 227 -49.76 -21.44 33.67
CA ILE D 227 -50.66 -22.39 33.03
C ILE D 227 -50.83 -23.55 34.02
N THR D 228 -52.07 -23.93 34.31
CA THR D 228 -52.34 -25.15 35.05
C THR D 228 -53.41 -25.95 34.30
N GLY D 229 -53.32 -27.25 34.38
CA GLY D 229 -54.34 -28.08 33.74
C GLY D 229 -53.93 -29.53 33.68
N ARG D 230 -54.79 -30.30 33.03
CA ARG D 230 -54.65 -31.74 32.94
C ARG D 230 -53.81 -32.11 31.72
N GLY D 231 -52.86 -33.04 31.91
CA GLY D 231 -52.07 -33.50 30.80
C GLY D 231 -52.91 -34.00 29.64
N SER D 232 -54.04 -34.64 29.95
CA SER D 232 -54.89 -35.18 28.88
C SER D 232 -55.53 -34.10 28.04
N VAL D 233 -55.61 -32.87 28.53
CA VAL D 233 -56.24 -31.78 27.81
C VAL D 233 -55.22 -30.87 27.14
N ILE D 234 -54.12 -30.54 27.84
CA ILE D 234 -53.19 -29.53 27.37
C ILE D 234 -51.74 -29.98 27.36
N GLY D 235 -51.44 -31.19 27.82
CA GLY D 235 -50.06 -31.61 27.99
C GLY D 235 -49.19 -31.47 26.76
N ASP D 236 -49.60 -32.08 25.65
CA ASP D 236 -48.84 -31.91 24.42
C ASP D 236 -49.04 -30.52 23.84
N TYR D 237 -50.25 -29.97 24.01
CA TYR D 237 -50.59 -28.69 23.38
C TYR D 237 -49.65 -27.57 23.83
N ILE D 238 -49.31 -27.53 25.12
CA ILE D 238 -48.50 -26.41 25.60
C ILE D 238 -47.12 -26.45 24.97
N VAL D 239 -46.61 -27.64 24.65
CA VAL D 239 -45.26 -27.77 24.10
C VAL D 239 -45.24 -27.56 22.58
N GLU D 240 -46.21 -28.10 21.86
N GLU D 240 -46.22 -28.09 21.86
CA GLU D 240 -46.18 -28.01 20.41
CA GLU D 240 -46.23 -28.04 20.41
C GLU D 240 -46.53 -26.61 19.90
C GLU D 240 -46.76 -26.72 19.85
N HIS D 241 -47.18 -25.79 20.71
CA HIS D 241 -47.67 -24.50 20.25
C HIS D 241 -46.54 -23.67 19.62
N GLU D 242 -46.83 -23.10 18.46
CA GLU D 242 -45.82 -22.36 17.71
C GLU D 242 -45.39 -21.08 18.38
N ALA D 243 -46.16 -20.56 19.35
CA ALA D 243 -45.74 -19.35 20.03
C ALA D 243 -44.50 -19.59 20.88
N VAL D 244 -44.30 -20.83 21.33
CA VAL D 244 -43.22 -21.16 22.26
C VAL D 244 -41.90 -21.25 21.49
N ASN D 245 -40.89 -20.54 21.98
CA ASN D 245 -39.58 -20.49 21.34
C ASN D 245 -38.51 -21.29 22.08
N PHE D 246 -38.81 -21.79 23.27
CA PHE D 246 -37.82 -22.46 24.09
C PHE D 246 -38.59 -23.24 25.15
N ILE D 247 -38.18 -24.48 25.40
CA ILE D 247 -38.78 -25.28 26.45
C ILE D 247 -37.72 -25.66 27.49
N ASN D 248 -38.01 -25.35 28.75
CA ASN D 248 -37.09 -25.56 29.87
C ASN D 248 -37.83 -26.41 30.89
N PHE D 249 -37.44 -27.68 31.00
CA PHE D 249 -38.21 -28.68 31.70
C PHE D 249 -37.37 -29.45 32.71
N THR D 250 -37.93 -29.66 33.90
CA THR D 250 -37.40 -30.60 34.89
C THR D 250 -38.50 -31.61 35.21
N GLY D 251 -38.14 -32.89 35.22
CA GLY D 251 -39.08 -33.95 35.52
C GLY D 251 -38.48 -35.30 35.20
N SER D 252 -39.36 -36.27 34.94
CA SER D 252 -38.92 -37.64 34.72
C SER D 252 -38.33 -37.80 33.32
N THR D 253 -37.47 -38.81 33.18
CA THR D 253 -36.91 -39.12 31.86
C THR D 253 -37.99 -39.42 30.82
N PRO D 254 -38.99 -40.26 31.07
CA PRO D 254 -39.98 -40.52 30.02
C PRO D 254 -40.77 -39.28 29.60
N ILE D 255 -41.14 -38.40 30.54
CA ILE D 255 -41.82 -37.18 30.13
C ILE D 255 -40.87 -36.29 29.33
N GLY D 256 -39.61 -36.21 29.75
CA GLY D 256 -38.64 -35.46 28.97
C GLY D 256 -38.47 -36.00 27.56
N GLU D 257 -38.44 -37.32 27.42
N GLU D 257 -38.47 -37.32 27.42
CA GLU D 257 -38.39 -37.91 26.09
CA GLU D 257 -38.39 -37.93 26.09
C GLU D 257 -39.57 -37.44 25.25
C GLU D 257 -39.59 -37.50 25.23
N GLY D 258 -40.77 -37.41 25.84
CA GLY D 258 -41.92 -36.95 25.10
C GLY D 258 -41.80 -35.49 24.66
N ILE D 259 -41.27 -34.64 25.54
N ILE D 259 -41.24 -34.65 25.52
CA ILE D 259 -41.05 -33.24 25.17
CA ILE D 259 -41.12 -33.23 25.18
C ILE D 259 -40.04 -33.14 24.03
C ILE D 259 -40.20 -33.05 23.99
N GLY D 260 -39.08 -34.07 23.98
N GLY D 260 -38.98 -33.58 24.08
CA GLY D 260 -38.16 -34.10 22.86
CA GLY D 260 -37.97 -33.41 23.05
C GLY D 260 -38.86 -34.47 21.56
C GLY D 260 -38.52 -33.53 21.64
N LYS D 261 -39.87 -35.36 21.66
N LYS D 261 -39.39 -34.53 21.40
CA LYS D 261 -40.61 -35.75 20.48
CA LYS D 261 -39.98 -34.69 20.09
C LYS D 261 -41.45 -34.61 19.93
C LYS D 261 -40.84 -33.48 19.73
N LEU D 262 -41.81 -33.64 20.79
N LEU D 262 -41.66 -33.02 20.67
CA LEU D 262 -42.68 -32.54 20.41
CA LEU D 262 -42.62 -31.96 20.38
C LEU D 262 -41.95 -31.22 20.22
C LEU D 262 -41.93 -30.63 20.13
N ALA D 263 -40.64 -31.19 20.53
N ALA D 263 -40.79 -30.39 20.77
CA ALA D 263 -39.91 -29.92 20.52
CA ALA D 263 -40.09 -29.12 20.57
C ALA D 263 -39.62 -29.43 19.11
C ALA D 263 -39.66 -28.92 19.12
N GLY D 264 -39.47 -30.35 18.15
N GLY D 264 -39.57 -29.99 18.35
CA GLY D 264 -39.18 -29.92 16.80
CA GLY D 264 -39.20 -29.85 16.95
C GLY D 264 -37.82 -29.24 16.74
C GLY D 264 -37.83 -29.20 16.82
N MET D 265 -37.79 -28.06 16.14
CA MET D 265 -36.56 -27.31 15.96
C MET D 265 -36.28 -26.35 17.11
N ARG D 266 -37.16 -26.30 18.11
CA ARG D 266 -36.91 -25.28 19.10
C ARG D 266 -35.95 -25.77 20.17
N PRO D 267 -35.09 -24.87 20.65
CA PRO D 267 -34.15 -25.25 21.70
C PRO D 267 -34.88 -25.72 22.95
N ILE D 268 -34.28 -26.67 23.63
CA ILE D 268 -34.84 -27.16 24.88
C ILE D 268 -33.72 -27.34 25.89
N MET D 269 -34.13 -27.43 27.14
CA MET D 269 -33.27 -27.88 28.21
C MET D 269 -34.07 -28.89 29.01
N LEU D 270 -33.43 -30.00 29.36
CA LEU D 270 -34.09 -31.09 30.07
C LEU D 270 -33.24 -31.47 31.27
N GLU D 271 -33.85 -31.52 32.43
CA GLU D 271 -33.24 -32.02 33.67
C GLU D 271 -34.08 -33.21 34.07
N LEU D 272 -33.56 -34.42 33.86
CA LEU D 272 -34.31 -35.64 33.97
C LEU D 272 -33.80 -36.48 35.15
N GLY D 273 -33.93 -37.81 35.05
CA GLY D 273 -33.58 -38.67 36.16
C GLY D 273 -32.10 -38.87 36.34
N GLY D 274 -31.76 -39.44 37.50
CA GLY D 274 -30.40 -39.80 37.79
C GLY D 274 -30.33 -41.12 38.54
N LYS D 275 -29.13 -41.72 38.49
CA LYS D 275 -28.79 -42.87 39.33
C LYS D 275 -27.34 -42.69 39.77
N ASP D 276 -27.10 -41.59 40.48
CA ASP D 276 -25.74 -41.15 40.79
C ASP D 276 -25.00 -42.22 41.58
N SER D 277 -23.79 -42.52 41.14
CA SER D 277 -22.93 -43.46 41.85
CA SER D 277 -22.92 -43.46 41.84
C SER D 277 -22.04 -42.74 42.85
N ALA D 278 -21.84 -43.37 43.99
CA ALA D 278 -20.86 -42.95 44.97
C ALA D 278 -19.78 -44.04 44.96
N ILE D 279 -18.62 -43.71 44.39
CA ILE D 279 -17.51 -44.64 44.27
C ILE D 279 -16.62 -44.45 45.50
N VAL D 280 -16.48 -45.50 46.28
CA VAL D 280 -15.76 -45.44 47.54
C VAL D 280 -14.52 -46.31 47.42
N LEU D 281 -13.37 -45.69 47.38
CA LEU D 281 -12.11 -46.38 47.20
C LEU D 281 -11.54 -46.83 48.55
N GLU D 282 -10.51 -47.67 48.47
N GLU D 282 -10.49 -47.65 48.47
CA GLU D 282 -9.96 -48.27 49.68
CA GLU D 282 -9.95 -48.28 49.67
C GLU D 282 -9.40 -47.21 50.63
C GLU D 282 -9.26 -47.28 50.59
N ASP D 283 -8.92 -46.10 50.10
CA ASP D 283 -8.28 -45.05 50.89
C ASP D 283 -9.25 -43.95 51.31
N ALA D 284 -10.55 -44.19 51.23
CA ALA D 284 -11.52 -43.16 51.60
C ALA D 284 -11.63 -42.99 53.11
N ASP D 285 -12.01 -41.77 53.51
CA ASP D 285 -12.51 -41.49 54.86
C ASP D 285 -13.91 -42.09 54.94
N LEU D 286 -14.02 -43.28 55.53
CA LEU D 286 -15.27 -44.03 55.44
C LEU D 286 -16.37 -43.39 56.28
N ALA D 287 -16.03 -42.80 57.43
CA ALA D 287 -17.06 -42.11 58.20
C ALA D 287 -17.62 -40.95 57.40
N LEU D 288 -16.76 -40.18 56.72
CA LEU D 288 -17.23 -39.05 55.93
C LEU D 288 -18.03 -39.53 54.72
N ALA D 289 -17.59 -40.60 54.06
CA ALA D 289 -18.34 -41.17 52.95
C ALA D 289 -19.73 -41.57 53.40
N ALA D 290 -19.83 -42.28 54.53
CA ALA D 290 -21.12 -42.74 55.01
C ALA D 290 -22.05 -41.57 55.30
N LYS D 291 -21.56 -40.54 55.98
CA LYS D 291 -22.37 -39.38 56.31
C LYS D 291 -22.90 -38.72 55.05
N ASN D 292 -22.03 -38.51 54.06
CA ASN D 292 -22.46 -37.87 52.83
C ASN D 292 -23.43 -38.75 52.05
N ILE D 293 -23.15 -40.05 51.97
CA ILE D 293 -24.01 -40.97 51.23
C ILE D 293 -25.42 -40.95 51.80
N VAL D 294 -25.55 -41.05 53.12
CA VAL D 294 -26.88 -41.11 53.72
C VAL D 294 -27.60 -39.78 53.55
N ALA D 295 -26.91 -38.67 53.75
CA ALA D 295 -27.55 -37.37 53.56
C ALA D 295 -28.04 -37.22 52.12
N GLY D 296 -27.19 -37.52 51.15
CA GLY D 296 -27.57 -37.39 49.76
C GLY D 296 -28.62 -38.38 49.31
N ALA D 297 -28.51 -39.63 49.77
CA ALA D 297 -29.41 -40.67 49.28
C ALA D 297 -30.83 -40.55 49.82
N PHE D 298 -30.98 -40.10 51.07
CA PHE D 298 -32.26 -40.15 51.75
C PHE D 298 -32.91 -38.79 51.95
N GLY D 299 -32.26 -37.71 51.53
CA GLY D 299 -32.90 -36.41 51.55
C GLY D 299 -34.21 -36.41 50.79
N TYR D 300 -35.27 -35.87 51.39
CA TYR D 300 -36.62 -35.86 50.78
C TYR D 300 -37.02 -37.27 50.34
N SER D 301 -36.67 -38.25 51.19
CA SER D 301 -37.04 -39.64 50.98
C SER D 301 -36.50 -40.22 49.67
N GLY D 302 -35.42 -39.66 49.15
CA GLY D 302 -34.85 -40.11 47.90
C GLY D 302 -35.52 -39.59 46.65
N GLN D 303 -36.46 -38.66 46.80
CA GLN D 303 -37.22 -38.13 45.66
C GLN D 303 -36.48 -36.95 45.04
N ARG D 304 -35.26 -37.24 44.59
CA ARG D 304 -34.40 -36.25 43.95
C ARG D 304 -33.61 -36.89 42.82
N SER D 305 -33.49 -36.18 41.70
CA SER D 305 -32.71 -36.68 40.59
CA SER D 305 -32.70 -36.71 40.59
C SER D 305 -31.23 -36.68 40.95
N THR D 306 -30.77 -35.64 41.64
CA THR D 306 -29.39 -35.52 42.10
C THR D 306 -29.37 -36.05 43.52
N ALA D 307 -28.80 -37.23 43.69
CA ALA D 307 -28.86 -37.96 44.95
C ALA D 307 -28.05 -39.21 44.78
N VAL D 308 -27.26 -39.59 45.79
CA VAL D 308 -26.56 -40.84 45.71
C VAL D 308 -27.62 -41.94 45.65
N LYS D 309 -27.59 -42.73 44.59
CA LYS D 309 -28.53 -43.82 44.41
C LYS D 309 -27.87 -45.19 44.28
N ARG D 310 -26.55 -45.25 44.26
CA ARG D 310 -25.88 -46.55 44.33
C ARG D 310 -24.46 -46.33 44.84
N VAL D 311 -24.05 -47.18 45.78
CA VAL D 311 -22.71 -47.15 46.33
C VAL D 311 -21.92 -48.23 45.61
N LEU D 312 -20.82 -47.84 45.00
CA LEU D 312 -19.88 -48.76 44.37
C LEU D 312 -18.62 -48.72 45.22
N VAL D 313 -18.46 -49.74 46.06
CA VAL D 313 -17.44 -49.74 47.11
C VAL D 313 -16.48 -50.89 46.89
N MET D 314 -15.18 -50.58 46.99
CA MET D 314 -14.15 -51.60 46.86
C MET D 314 -14.32 -52.64 47.98
N ASP D 315 -14.10 -53.91 47.62
CA ASP D 315 -14.37 -55.00 48.54
C ASP D 315 -13.75 -54.78 49.91
N LYS D 316 -12.49 -54.32 49.96
CA LYS D 316 -11.76 -54.35 51.21
C LYS D 316 -12.37 -53.46 52.29
N VAL D 317 -13.10 -52.40 51.90
CA VAL D 317 -13.71 -51.48 52.84
C VAL D 317 -15.22 -51.64 52.88
N ALA D 318 -15.77 -52.63 52.18
CA ALA D 318 -17.23 -52.72 52.02
C ALA D 318 -17.92 -53.02 53.35
N ASP D 319 -17.38 -53.98 54.11
CA ASP D 319 -17.98 -54.30 55.40
C ASP D 319 -18.00 -53.09 56.33
N GLN D 320 -16.87 -52.39 56.42
CA GLN D 320 -16.78 -51.23 57.30
C GLN D 320 -17.75 -50.14 56.86
N LEU D 321 -17.79 -49.88 55.54
CA LEU D 321 -18.67 -48.81 55.05
C LEU D 321 -20.13 -49.18 55.25
N ALA D 322 -20.48 -50.43 54.97
CA ALA D 322 -21.88 -50.85 55.16
C ALA D 322 -22.31 -50.64 56.60
N ALA D 323 -21.45 -50.96 57.56
CA ALA D 323 -21.80 -50.79 58.96
C ALA D 323 -22.01 -49.33 59.31
N GLU D 324 -21.12 -48.46 58.81
CA GLU D 324 -21.28 -47.03 59.05
C GLU D 324 -22.60 -46.51 58.49
N ILE D 325 -22.92 -46.89 57.24
CA ILE D 325 -24.14 -46.40 56.62
C ILE D 325 -25.36 -46.92 57.37
N LYS D 326 -25.35 -48.20 57.72
CA LYS D 326 -26.46 -48.79 58.49
C LYS D 326 -26.78 -47.98 59.74
N THR D 327 -25.74 -47.62 60.52
CA THR D 327 -25.96 -46.88 61.75
C THR D 327 -26.66 -45.56 61.48
N LEU D 328 -26.26 -44.86 60.42
CA LEU D 328 -26.85 -43.56 60.13
C LEU D 328 -28.27 -43.71 59.57
N VAL D 329 -28.52 -44.75 58.79
CA VAL D 329 -29.87 -44.96 58.27
C VAL D 329 -30.83 -45.23 59.42
N GLU D 330 -30.38 -45.98 60.43
CA GLU D 330 -31.23 -46.28 61.57
C GLU D 330 -31.60 -45.05 62.38
N LYS D 331 -30.79 -43.99 62.31
CA LYS D 331 -31.07 -42.76 63.06
C LYS D 331 -32.02 -41.82 62.33
N LEU D 332 -32.34 -42.10 61.05
CA LEU D 332 -33.25 -41.25 60.30
C LEU D 332 -34.65 -41.35 60.88
N SER D 333 -35.30 -40.19 61.03
CA SER D 333 -36.67 -40.16 61.50
C SER D 333 -37.63 -40.42 60.35
N VAL D 334 -38.70 -41.15 60.65
CA VAL D 334 -39.69 -41.58 59.67
C VAL D 334 -41.04 -41.10 60.14
N GLY D 335 -41.66 -40.19 59.38
CA GLY D 335 -42.94 -39.66 59.81
C GLY D 335 -43.49 -38.55 58.93
N MET D 336 -44.16 -37.58 59.56
CA MET D 336 -44.97 -36.64 58.80
C MET D 336 -44.19 -35.37 58.45
N PRO D 337 -44.55 -34.72 57.34
CA PRO D 337 -43.92 -33.44 57.00
C PRO D 337 -43.98 -32.39 58.09
N GLU D 338 -45.12 -32.27 58.78
CA GLU D 338 -45.24 -31.25 59.82
CA GLU D 338 -45.25 -31.26 59.83
C GLU D 338 -44.24 -31.49 60.95
N ASP D 339 -43.80 -32.72 61.14
CA ASP D 339 -42.84 -33.04 62.19
C ASP D 339 -41.40 -32.98 61.70
N ASP D 340 -41.18 -32.55 60.47
CA ASP D 340 -39.82 -32.43 59.93
C ASP D 340 -39.08 -33.76 59.93
N ALA D 341 -39.80 -34.85 59.72
CA ALA D 341 -39.14 -36.15 59.62
C ALA D 341 -38.20 -36.17 58.42
N ASP D 342 -37.10 -36.90 58.57
CA ASP D 342 -36.17 -37.09 57.46
C ASP D 342 -36.87 -37.80 56.30
N ILE D 343 -37.60 -38.85 56.62
CA ILE D 343 -38.28 -39.70 55.65
C ILE D 343 -39.77 -39.42 55.80
N THR D 344 -40.36 -38.84 54.77
CA THR D 344 -41.78 -38.50 54.72
C THR D 344 -42.49 -39.39 53.71
N PRO D 345 -43.82 -39.37 53.69
CA PRO D 345 -44.55 -40.21 52.73
C PRO D 345 -44.23 -39.77 51.31
N LEU D 346 -44.19 -40.75 50.41
CA LEU D 346 -43.88 -40.48 49.01
C LEU D 346 -45.07 -39.79 48.33
N ILE D 347 -44.80 -39.26 47.15
CA ILE D 347 -45.70 -38.32 46.50
C ILE D 347 -47.06 -38.94 46.21
N ASP D 348 -47.12 -40.23 45.89
CA ASP D 348 -48.39 -40.88 45.63
C ASP D 348 -48.23 -42.41 45.73
N THR D 349 -49.36 -43.11 45.61
CA THR D 349 -49.35 -44.55 45.82
C THR D 349 -48.56 -45.27 44.74
N SER D 350 -48.67 -44.82 43.49
CA SER D 350 -47.89 -45.44 42.41
C SER D 350 -46.40 -45.37 42.70
N ALA D 351 -45.92 -44.23 43.22
CA ALA D 351 -44.50 -44.11 43.52
C ALA D 351 -44.08 -45.10 44.60
N ALA D 352 -44.90 -45.23 45.65
CA ALA D 352 -44.57 -46.17 46.71
C ALA D 352 -44.64 -47.61 46.23
N ASP D 353 -45.63 -47.94 45.39
CA ASP D 353 -45.71 -49.28 44.83
C ASP D 353 -44.45 -49.61 44.03
N PHE D 354 -43.98 -48.65 43.21
CA PHE D 354 -42.78 -48.87 42.41
C PHE D 354 -41.57 -49.14 43.29
N VAL D 355 -41.40 -48.36 44.34
CA VAL D 355 -40.29 -48.55 45.27
C VAL D 355 -40.39 -49.91 45.95
N GLU D 356 -41.58 -50.30 46.38
CA GLU D 356 -41.73 -51.58 47.04
C GLU D 356 -41.35 -52.72 46.10
N GLY D 357 -41.64 -52.58 44.81
CA GLY D 357 -41.29 -53.62 43.86
C GLY D 357 -39.80 -53.75 43.65
N LEU D 358 -39.08 -52.63 43.64
CA LEU D 358 -37.63 -52.69 43.56
C LEU D 358 -37.06 -53.39 44.78
N ILE D 359 -37.64 -53.12 45.95
CA ILE D 359 -37.17 -53.73 47.19
C ILE D 359 -37.42 -55.23 47.17
N LYS D 360 -38.60 -55.64 46.69
CA LYS D 360 -38.91 -57.07 46.64
C LYS D 360 -37.99 -57.81 45.68
N ASP D 361 -37.71 -57.22 44.52
CA ASP D 361 -36.79 -57.85 43.58
C ASP D 361 -35.41 -58.07 44.21
N ALA D 362 -34.90 -57.07 44.93
CA ALA D 362 -33.59 -57.23 45.55
C ALA D 362 -33.62 -58.31 46.62
N THR D 363 -34.67 -58.31 47.45
CA THR D 363 -34.81 -59.33 48.49
C THR D 363 -34.87 -60.72 47.87
N ASP D 364 -35.70 -60.89 46.85
CA ASP D 364 -35.89 -62.22 46.25
C ASP D 364 -34.66 -62.70 45.51
N LYS D 365 -33.75 -61.80 45.13
CA LYS D 365 -32.52 -62.18 44.46
C LYS D 365 -31.34 -62.29 45.41
N GLY D 366 -31.55 -62.11 46.70
CA GLY D 366 -30.57 -62.45 47.70
C GLY D 366 -29.78 -61.31 48.28
N ALA D 367 -30.18 -60.07 48.05
CA ALA D 367 -29.53 -58.96 48.70
C ALA D 367 -29.83 -58.96 50.19
N THR D 368 -28.90 -58.43 50.98
CA THR D 368 -29.01 -58.38 52.43
C THR D 368 -29.66 -57.07 52.84
N ALA D 369 -30.85 -57.14 53.45
CA ALA D 369 -31.52 -55.95 53.97
C ALA D 369 -30.86 -55.60 55.30
N LEU D 370 -30.03 -54.55 55.29
CA LEU D 370 -29.37 -54.09 56.50
C LEU D 370 -30.29 -53.25 57.38
N THR D 371 -31.32 -52.63 56.81
CA THR D 371 -32.37 -52.00 57.57
C THR D 371 -33.70 -52.50 57.03
N ALA D 372 -34.71 -52.51 57.89
CA ALA D 372 -35.93 -53.26 57.64
C ALA D 372 -36.91 -52.45 56.80
N PHE D 373 -37.49 -53.12 55.82
CA PHE D 373 -38.56 -52.52 55.03
C PHE D 373 -39.85 -52.50 55.81
N ASN D 374 -40.54 -51.37 55.77
CA ASN D 374 -41.88 -51.24 56.31
C ASN D 374 -42.62 -50.19 55.48
N ARG D 375 -43.92 -50.40 55.29
CA ARG D 375 -44.74 -49.46 54.55
C ARG D 375 -46.07 -49.30 55.27
N GLU D 376 -46.42 -48.05 55.57
CA GLU D 376 -47.73 -47.70 56.11
C GLU D 376 -48.28 -46.60 55.22
N GLY D 377 -49.40 -46.87 54.54
CA GLY D 377 -49.83 -45.98 53.50
C GLY D 377 -48.74 -45.89 52.46
N ASN D 378 -48.29 -44.68 52.16
CA ASN D 378 -47.18 -44.45 51.24
C ASN D 378 -45.91 -44.03 51.97
N LEU D 379 -45.84 -44.28 53.28
CA LEU D 379 -44.66 -43.98 54.09
C LEU D 379 -43.80 -45.23 54.16
N ILE D 380 -42.71 -45.24 53.41
CA ILE D 380 -41.79 -46.38 53.37
C ILE D 380 -40.59 -46.03 54.23
N SER D 381 -40.25 -46.93 55.14
CA SER D 381 -39.09 -46.74 55.98
C SER D 381 -37.83 -46.94 55.15
N PRO D 382 -36.72 -46.30 55.53
CA PRO D 382 -35.53 -46.33 54.67
C PRO D 382 -34.85 -47.69 54.67
N VAL D 383 -34.58 -48.20 53.47
CA VAL D 383 -34.08 -49.57 53.29
C VAL D 383 -32.68 -49.50 52.68
N LEU D 384 -31.71 -50.06 53.38
CA LEU D 384 -30.33 -50.18 52.90
C LEU D 384 -30.09 -51.65 52.56
N PHE D 385 -29.67 -51.91 51.33
CA PHE D 385 -29.29 -53.24 50.89
C PHE D 385 -27.78 -53.34 50.66
N ASP D 386 -27.20 -54.45 51.07
CA ASP D 386 -25.82 -54.82 50.76
C ASP D 386 -25.86 -56.02 49.82
N HIS D 387 -24.73 -56.28 49.17
CA HIS D 387 -24.59 -57.41 48.27
C HIS D 387 -25.58 -57.33 47.12
N VAL D 388 -25.83 -56.13 46.62
CA VAL D 388 -26.66 -55.93 45.45
C VAL D 388 -25.82 -56.27 44.22
N THR D 389 -26.43 -56.97 43.26
CA THR D 389 -25.76 -57.40 42.05
C THR D 389 -26.46 -56.83 40.83
N THR D 390 -25.78 -56.85 39.69
CA THR D 390 -26.26 -56.19 38.50
C THR D 390 -27.49 -56.84 37.88
N ASP D 391 -27.86 -58.04 38.32
CA ASP D 391 -29.11 -58.65 37.88
C ASP D 391 -30.33 -58.08 38.61
N MET D 392 -30.13 -57.23 39.61
CA MET D 392 -31.23 -56.69 40.40
C MET D 392 -31.66 -55.35 39.83
N ARG D 393 -32.97 -55.15 39.75
CA ARG D 393 -33.50 -53.89 39.22
C ARG D 393 -32.95 -52.69 39.99
N LEU D 394 -32.78 -52.84 41.31
CA LEU D 394 -32.34 -51.74 42.16
C LEU D 394 -30.93 -51.28 41.82
N ALA D 395 -30.13 -52.10 41.13
CA ALA D 395 -28.83 -51.64 40.67
C ALA D 395 -28.95 -50.52 39.63
N TRP D 396 -30.10 -50.42 38.94
CA TRP D 396 -30.19 -49.55 37.77
C TRP D 396 -31.33 -48.56 37.79
N GLU D 397 -32.52 -48.96 38.22
CA GLU D 397 -33.70 -48.14 38.06
C GLU D 397 -33.78 -47.06 39.12
N GLU D 398 -34.19 -45.87 38.72
CA GLU D 398 -34.31 -44.77 39.66
C GLU D 398 -35.54 -44.98 40.54
N PRO D 399 -35.39 -45.17 41.84
CA PRO D 399 -36.58 -45.49 42.65
C PRO D 399 -37.46 -44.29 42.93
N PHE D 400 -36.84 -43.13 43.17
CA PHE D 400 -37.54 -41.98 43.75
C PHE D 400 -38.22 -42.39 45.06
N GLY D 401 -37.43 -43.06 45.90
CA GLY D 401 -37.86 -43.51 47.20
C GLY D 401 -36.68 -43.85 48.07
N PRO D 402 -36.93 -44.15 49.34
CA PRO D 402 -35.83 -44.28 50.32
C PRO D 402 -35.25 -45.68 50.38
N VAL D 403 -34.55 -46.06 49.31
CA VAL D 403 -33.88 -47.34 49.22
C VAL D 403 -32.53 -47.11 48.56
N LEU D 404 -31.48 -47.71 49.12
CA LEU D 404 -30.12 -47.51 48.63
C LEU D 404 -29.39 -48.85 48.51
N PRO D 405 -28.88 -49.20 47.33
CA PRO D 405 -28.04 -50.39 47.19
C PRO D 405 -26.55 -50.13 47.34
N ILE D 406 -25.87 -51.09 47.98
CA ILE D 406 -24.41 -51.15 48.04
C ILE D 406 -24.00 -52.26 47.10
N ILE D 407 -23.16 -51.92 46.12
CA ILE D 407 -22.63 -52.86 45.14
C ILE D 407 -21.13 -52.97 45.37
N ARG D 408 -20.69 -54.15 45.73
CA ARG D 408 -19.27 -54.38 45.98
C ARG D 408 -18.56 -54.64 44.66
N VAL D 409 -17.46 -53.93 44.45
CA VAL D 409 -16.67 -54.04 43.23
C VAL D 409 -15.24 -54.39 43.62
N THR D 410 -14.52 -54.97 42.66
CA THR D 410 -13.15 -55.37 42.91
C THR D 410 -12.14 -54.31 42.52
N THR D 411 -12.45 -53.48 41.52
CA THR D 411 -11.49 -52.51 41.02
C THR D 411 -12.20 -51.21 40.66
N VAL D 412 -11.41 -50.14 40.56
N VAL D 412 -11.41 -50.14 40.56
CA VAL D 412 -11.95 -48.87 40.09
CA VAL D 412 -11.95 -48.87 40.09
C VAL D 412 -12.45 -49.00 38.65
C VAL D 412 -12.46 -49.00 38.66
N GLU D 413 -11.79 -49.83 37.84
CA GLU D 413 -12.25 -50.03 36.47
C GLU D 413 -13.65 -50.61 36.46
N GLU D 414 -13.92 -51.57 37.33
CA GLU D 414 -15.26 -52.14 37.39
C GLU D 414 -16.27 -51.09 37.87
N ALA D 415 -15.87 -50.26 38.84
CA ALA D 415 -16.77 -49.20 39.28
C ALA D 415 -17.10 -48.25 38.14
N ILE D 416 -16.08 -47.85 37.36
CA ILE D 416 -16.32 -47.00 36.19
C ILE D 416 -17.26 -47.70 35.21
N LYS D 417 -16.99 -48.98 34.93
CA LYS D 417 -17.78 -49.71 33.96
C LYS D 417 -19.24 -49.78 34.39
N ILE D 418 -19.48 -50.15 35.66
CA ILE D 418 -20.85 -50.25 36.17
C ILE D 418 -21.51 -48.88 36.21
N SER D 419 -20.78 -47.87 36.65
CA SER D 419 -21.34 -46.52 36.69
C SER D 419 -21.79 -46.10 35.30
N ASN D 420 -20.94 -46.29 34.29
CA ASN D 420 -21.25 -45.84 32.94
C ASN D 420 -22.25 -46.73 32.21
N GLU D 421 -22.48 -47.93 32.70
CA GLU D 421 -23.50 -48.79 32.10
C GLU D 421 -24.91 -48.26 32.32
N SER D 422 -25.09 -47.39 33.30
CA SER D 422 -26.39 -46.77 33.53
C SER D 422 -26.80 -45.92 32.32
N GLU D 423 -28.10 -45.89 32.04
CA GLU D 423 -28.59 -44.96 31.06
C GLU D 423 -28.56 -43.52 31.58
N TYR D 424 -28.39 -43.32 32.87
CA TYR D 424 -28.34 -42.02 33.48
C TYR D 424 -26.89 -41.58 33.64
N GLY D 425 -26.70 -40.26 33.69
CA GLY D 425 -25.38 -39.69 33.80
C GLY D 425 -25.40 -38.29 34.37
N LEU D 426 -25.98 -38.15 35.56
CA LEU D 426 -26.16 -36.81 36.14
C LEU D 426 -24.91 -36.42 36.92
N GLN D 427 -24.69 -37.03 38.07
CA GLN D 427 -23.49 -36.73 38.85
C GLN D 427 -22.92 -38.02 39.41
N ALA D 428 -21.72 -37.88 39.97
CA ALA D 428 -21.09 -38.95 40.71
C ALA D 428 -20.31 -38.33 41.86
N SER D 429 -20.10 -39.15 42.90
CA SER D 429 -19.20 -38.83 44.00
C SER D 429 -18.05 -39.83 43.98
N ILE D 430 -16.84 -39.34 44.29
CA ILE D 430 -15.68 -40.21 44.51
C ILE D 430 -15.15 -39.90 45.90
N PHE D 431 -15.06 -40.92 46.73
CA PHE D 431 -14.49 -40.82 48.06
C PHE D 431 -13.13 -41.48 48.07
N THR D 432 -12.09 -40.67 48.27
CA THR D 432 -10.71 -41.10 48.16
C THR D 432 -9.82 -39.98 48.68
N THR D 433 -8.61 -40.34 49.07
CA THR D 433 -7.61 -39.35 49.43
C THR D 433 -6.58 -39.11 48.34
N ASN D 434 -6.77 -39.71 47.16
CA ASN D 434 -5.88 -39.55 46.01
C ASN D 434 -6.57 -38.69 44.95
N PHE D 435 -6.33 -37.39 45.05
N PHE D 435 -6.35 -37.39 45.03
CA PHE D 435 -7.01 -36.40 44.21
CA PHE D 435 -7.11 -36.52 44.13
C PHE D 435 -6.61 -36.52 42.75
C PHE D 435 -6.64 -36.59 42.68
N PRO D 436 -5.34 -36.60 42.38
CA PRO D 436 -4.98 -36.74 40.97
C PRO D 436 -5.56 -37.98 40.32
N LYS D 437 -5.60 -39.09 41.06
CA LYS D 437 -6.28 -40.29 40.57
C LYS D 437 -7.78 -40.04 40.43
N ALA D 438 -8.38 -39.34 41.40
CA ALA D 438 -9.81 -39.04 41.33
C ALA D 438 -10.16 -38.23 40.09
N PHE D 439 -9.30 -37.28 39.71
CA PHE D 439 -9.53 -36.55 38.48
C PHE D 439 -9.49 -37.46 37.26
N GLY D 440 -8.56 -38.42 37.26
CA GLY D 440 -8.49 -39.35 36.14
C GLY D 440 -9.72 -40.24 36.05
N ILE D 441 -10.27 -40.62 37.21
CA ILE D 441 -11.54 -41.34 37.24
C ILE D 441 -12.66 -40.44 36.72
N ALA D 442 -12.70 -39.19 37.20
CA ALA D 442 -13.78 -38.29 36.82
C ALA D 442 -13.82 -38.10 35.31
N GLU D 443 -12.65 -38.05 34.66
CA GLU D 443 -12.62 -37.90 33.21
C GLU D 443 -13.34 -39.05 32.51
N GLN D 444 -13.31 -40.24 33.10
CA GLN D 444 -13.91 -41.41 32.46
C GLN D 444 -15.38 -41.61 32.80
N LEU D 445 -15.88 -40.90 33.81
CA LEU D 445 -17.27 -41.03 34.22
C LEU D 445 -18.15 -40.21 33.30
N GLU D 446 -19.20 -40.85 32.78
CA GLU D 446 -20.13 -40.22 31.85
C GLU D 446 -21.22 -39.50 32.65
N VAL D 447 -20.82 -38.37 33.24
CA VAL D 447 -21.67 -37.56 34.09
C VAL D 447 -21.37 -36.09 33.84
N GLY D 448 -22.25 -35.24 34.32
CA GLY D 448 -22.01 -33.82 34.24
C GLY D 448 -21.06 -33.29 35.30
N THR D 449 -21.22 -33.76 36.54
CA THR D 449 -20.43 -33.23 37.64
C THR D 449 -19.95 -34.38 38.53
N VAL D 450 -18.68 -34.33 38.95
CA VAL D 450 -18.10 -35.26 39.91
C VAL D 450 -17.74 -34.48 41.18
N HIS D 451 -18.30 -34.89 42.31
CA HIS D 451 -17.96 -34.30 43.59
C HIS D 451 -16.95 -35.19 44.30
N LEU D 452 -15.83 -34.61 44.70
CA LEU D 452 -14.81 -35.33 45.44
C LEU D 452 -15.06 -35.20 46.95
N ASN D 453 -15.22 -36.34 47.61
CA ASN D 453 -15.39 -36.40 49.06
C ASN D 453 -16.60 -35.58 49.52
N ASN D 454 -17.66 -35.63 48.72
CA ASN D 454 -18.91 -34.98 49.08
CA ASN D 454 -18.91 -34.97 49.05
C ASN D 454 -20.02 -35.65 48.29
N LYS D 455 -21.23 -35.61 48.85
CA LYS D 455 -22.40 -36.11 48.14
C LYS D 455 -22.64 -35.30 46.87
N THR D 456 -23.34 -35.90 45.93
CA THR D 456 -23.76 -35.15 44.74
C THR D 456 -24.79 -34.11 45.15
N GLN D 457 -24.83 -33.02 44.39
CA GLN D 457 -25.69 -31.90 44.72
C GLN D 457 -25.72 -30.93 43.55
N ARG D 458 -26.82 -30.19 43.44
CA ARG D 458 -26.93 -29.20 42.40
C ARG D 458 -26.06 -27.98 42.66
N GLY D 459 -25.85 -27.63 43.91
CA GLY D 459 -25.21 -26.38 44.26
C GLY D 459 -23.69 -26.43 44.21
N THR D 460 -23.08 -25.26 44.42
CA THR D 460 -23.72 -23.96 44.54
C THR D 460 -24.34 -23.57 43.18
N ASP D 461 -25.40 -22.75 43.20
CA ASP D 461 -26.18 -22.53 41.98
C ASP D 461 -25.45 -21.75 40.90
N ASN D 462 -24.30 -21.16 41.18
CA ASN D 462 -23.46 -20.61 40.14
C ASN D 462 -22.69 -21.68 39.35
N PHE D 463 -22.52 -22.87 39.93
CA PHE D 463 -21.80 -23.94 39.26
C PHE D 463 -22.66 -24.54 38.14
N PRO D 464 -22.03 -25.15 37.14
CA PRO D 464 -22.81 -25.81 36.10
C PRO D 464 -23.58 -26.98 36.69
N PHE D 465 -24.80 -27.17 36.20
CA PHE D 465 -25.60 -28.34 36.53
C PHE D 465 -26.11 -28.93 35.22
N LEU D 466 -25.78 -30.19 34.96
CA LEU D 466 -26.13 -30.80 33.70
C LEU D 466 -26.05 -32.31 33.82
N GLY D 467 -26.81 -32.98 32.99
CA GLY D 467 -26.83 -34.43 32.94
C GLY D 467 -26.49 -34.95 31.57
N ALA D 468 -25.66 -35.99 31.54
CA ALA D 468 -25.32 -36.71 30.33
C ALA D 468 -26.39 -37.77 30.03
N LYS D 469 -26.36 -38.31 28.80
CA LYS D 469 -27.17 -39.47 28.43
C LYS D 469 -28.64 -39.17 28.72
N LYS D 470 -29.39 -40.06 29.35
CA LYS D 470 -30.81 -39.89 29.59
C LYS D 470 -31.12 -38.98 30.77
N SER D 471 -30.11 -38.39 31.39
CA SER D 471 -30.32 -37.46 32.50
C SER D 471 -30.65 -36.04 32.04
N GLY D 472 -30.49 -35.72 30.77
CA GLY D 472 -31.00 -34.45 30.31
C GLY D 472 -30.25 -33.93 29.10
N ALA D 473 -30.45 -32.63 28.88
CA ALA D 473 -29.86 -31.92 27.76
C ALA D 473 -29.72 -30.47 28.18
N GLY D 474 -28.61 -29.87 27.81
CA GLY D 474 -28.34 -28.48 28.14
C GLY D 474 -27.64 -28.36 29.47
N VAL D 475 -27.15 -27.15 29.73
CA VAL D 475 -26.37 -26.85 30.93
C VAL D 475 -27.07 -25.74 31.70
N GLN D 476 -27.39 -26.00 32.95
CA GLN D 476 -27.94 -24.99 33.86
C GLN D 476 -26.91 -24.66 34.94
N GLY D 477 -27.39 -24.15 36.08
CA GLY D 477 -26.57 -23.24 36.85
C GLY D 477 -26.78 -21.86 36.27
N VAL D 478 -26.61 -20.79 37.06
CA VAL D 478 -27.22 -19.51 36.70
C VAL D 478 -26.69 -18.97 35.38
N LYS D 479 -25.38 -18.75 35.26
CA LYS D 479 -24.90 -18.11 34.03
C LYS D 479 -25.14 -19.00 32.83
N TYR D 480 -25.05 -20.31 33.01
CA TYR D 480 -25.25 -21.24 31.91
C TYR D 480 -26.70 -21.22 31.44
N SER D 481 -27.64 -21.08 32.38
CA SER D 481 -29.04 -21.01 32.00
CA SER D 481 -29.05 -21.00 32.03
C SER D 481 -29.33 -19.75 31.23
N ILE D 482 -28.70 -18.63 31.60
CA ILE D 482 -28.91 -17.38 30.85
C ILE D 482 -28.35 -17.53 29.45
N GLU D 483 -27.15 -18.10 29.32
CA GLU D 483 -26.58 -18.35 28.00
C GLU D 483 -27.53 -19.18 27.13
N ALA D 484 -28.11 -20.23 27.71
CA ALA D 484 -28.94 -21.11 26.91
C ALA D 484 -30.20 -20.40 26.40
N MET D 485 -30.72 -19.45 27.16
CA MET D 485 -31.95 -18.76 26.83
C MET D 485 -31.70 -17.40 26.17
N THR D 486 -30.51 -17.21 25.61
CA THR D 486 -30.19 -16.03 24.84
C THR D 486 -29.63 -16.47 23.50
N THR D 487 -29.87 -15.62 22.48
CA THR D 487 -29.20 -15.77 21.21
C THR D 487 -28.41 -14.49 20.96
N VAL D 488 -28.00 -14.25 19.71
CA VAL D 488 -27.28 -13.03 19.38
C VAL D 488 -27.88 -12.40 18.15
N LYS D 489 -27.58 -11.10 18.00
CA LYS D 489 -27.88 -10.32 16.80
C LYS D 489 -26.58 -9.65 16.42
N SER D 490 -26.10 -9.92 15.21
CA SER D 490 -24.86 -9.36 14.72
C SER D 490 -25.16 -8.24 13.73
N VAL D 491 -24.49 -7.11 13.89
CA VAL D 491 -24.55 -6.01 12.96
C VAL D 491 -23.15 -5.81 12.40
N VAL D 492 -23.00 -5.90 11.09
CA VAL D 492 -21.70 -5.94 10.43
C VAL D 492 -21.58 -4.73 9.53
N PHE D 493 -20.45 -4.04 9.61
CA PHE D 493 -20.23 -2.90 8.75
C PHE D 493 -18.74 -2.70 8.49
N ASP D 494 -18.43 -1.91 7.47
CA ASP D 494 -17.06 -1.62 7.08
C ASP D 494 -16.66 -0.22 7.59
N ILE D 495 -15.57 -0.18 8.34
CA ILE D 495 -14.99 1.10 8.76
C ILE D 495 -14.40 1.80 7.54
N GLN D 496 -14.58 3.12 7.49
N GLN D 496 -14.63 3.12 7.47
CA GLN D 496 -14.00 3.91 6.40
CA GLN D 496 -14.21 3.94 6.35
C GLN D 496 -13.01 4.93 6.95
C GLN D 496 -13.22 5.00 6.82
N ALA E 23 -23.41 24.78 -63.46
CA ALA E 23 -23.50 23.33 -63.28
C ALA E 23 -22.14 22.69 -63.57
N LYS E 24 -21.09 23.22 -62.95
CA LYS E 24 -19.74 22.75 -63.20
C LYS E 24 -19.63 21.27 -62.85
N GLN E 25 -19.03 20.50 -63.77
CA GLN E 25 -18.74 19.10 -63.54
C GLN E 25 -17.30 19.02 -63.03
N TYR E 26 -17.14 18.82 -61.72
CA TYR E 26 -15.82 18.76 -61.15
C TYR E 26 -15.19 17.41 -61.45
N LYS E 27 -13.85 17.36 -61.33
CA LYS E 27 -13.05 16.22 -61.76
C LYS E 27 -12.07 15.82 -60.66
N ASN E 28 -11.70 14.55 -60.66
CA ASN E 28 -10.69 14.04 -59.75
C ASN E 28 -9.31 14.23 -60.35
N LEU E 29 -8.34 14.50 -59.48
CA LEU E 29 -6.94 14.58 -59.87
C LEU E 29 -6.35 13.18 -59.78
N VAL E 30 -5.91 12.65 -60.91
CA VAL E 30 -5.41 11.27 -60.98
C VAL E 30 -4.16 11.29 -61.85
N ASN E 31 -3.01 11.03 -61.24
CA ASN E 31 -1.75 10.94 -61.98
C ASN E 31 -1.47 12.21 -62.79
N GLY E 32 -1.76 13.36 -62.21
CA GLY E 32 -1.50 14.63 -62.86
C GLY E 32 -2.56 15.09 -63.83
N GLU E 33 -3.59 14.29 -64.06
CA GLU E 33 -4.66 14.64 -65.00
CA GLU E 33 -4.67 14.62 -65.00
C GLU E 33 -5.98 14.75 -64.24
N TRP E 34 -6.93 15.46 -64.82
CA TRP E 34 -8.24 15.68 -64.21
C TRP E 34 -9.26 14.84 -64.97
N LYS E 35 -9.93 13.95 -64.23
CA LYS E 35 -10.76 12.91 -64.83
C LYS E 35 -12.20 13.02 -64.37
N LEU E 36 -13.11 13.12 -65.33
CA LEU E 36 -14.52 12.86 -65.07
C LEU E 36 -14.76 11.34 -65.05
N SER E 37 -15.86 10.94 -64.43
CA SER E 37 -16.35 9.57 -64.49
C SER E 37 -17.62 9.55 -65.32
N GLU E 38 -18.02 8.34 -65.74
CA GLU E 38 -19.23 8.22 -66.53
C GLU E 38 -20.48 8.61 -65.74
N ASN E 39 -20.50 8.30 -64.45
CA ASN E 39 -21.58 8.73 -63.57
C ASN E 39 -21.07 9.76 -62.58
N GLU E 40 -21.98 10.63 -62.13
CA GLU E 40 -21.63 11.76 -61.30
C GLU E 40 -22.69 11.94 -60.21
N ILE E 41 -22.33 12.71 -59.19
CA ILE E 41 -23.21 12.99 -58.05
C ILE E 41 -23.42 14.51 -58.01
N THR E 42 -24.67 14.95 -58.12
CA THR E 42 -24.97 16.37 -58.03
C THR E 42 -25.01 16.80 -56.57
N ILE E 43 -24.37 17.94 -56.29
CA ILE E 43 -24.25 18.45 -54.93
CA ILE E 43 -24.23 18.45 -54.94
C ILE E 43 -25.08 19.72 -54.82
N TYR E 44 -25.85 19.81 -53.74
CA TYR E 44 -26.72 20.96 -53.48
C TYR E 44 -26.30 21.60 -52.16
N ALA E 45 -26.52 22.91 -52.07
CA ALA E 45 -26.23 23.64 -50.83
C ALA E 45 -27.27 23.28 -49.78
N PRO E 46 -26.86 22.80 -48.61
CA PRO E 46 -27.87 22.39 -47.61
C PRO E 46 -28.78 23.52 -47.13
N ALA E 47 -28.33 24.77 -47.20
CA ALA E 47 -29.13 25.88 -46.67
C ALA E 47 -30.16 26.40 -47.66
N THR E 48 -29.93 26.23 -48.97
CA THR E 48 -30.76 26.84 -49.98
C THR E 48 -31.25 25.89 -51.06
N GLY E 49 -30.68 24.70 -51.17
CA GLY E 49 -31.01 23.79 -52.26
C GLY E 49 -30.35 24.13 -53.57
N GLU E 50 -29.58 25.21 -53.63
CA GLU E 50 -28.91 25.60 -54.86
C GLU E 50 -28.01 24.47 -55.36
N GLU E 51 -28.07 24.21 -56.66
CA GLU E 51 -27.19 23.24 -57.29
C GLU E 51 -25.80 23.84 -57.46
N LEU E 52 -24.78 23.17 -56.90
CA LEU E 52 -23.43 23.70 -56.92
C LEU E 52 -22.56 23.07 -58.00
N GLY E 53 -22.93 21.90 -58.48
CA GLY E 53 -22.14 21.17 -59.45
C GLY E 53 -22.25 19.69 -59.17
N SER E 54 -21.38 18.92 -59.83
CA SER E 54 -21.36 17.48 -59.66
C SER E 54 -19.92 17.03 -59.44
N VAL E 55 -19.78 15.87 -58.83
CA VAL E 55 -18.47 15.24 -58.63
C VAL E 55 -18.54 13.81 -59.17
N PRO E 56 -17.42 13.25 -59.60
CA PRO E 56 -17.48 11.89 -60.19
C PRO E 56 -17.91 10.84 -59.16
N ALA E 57 -18.59 9.82 -59.67
CA ALA E 57 -18.91 8.62 -58.91
C ALA E 57 -17.97 7.53 -59.45
N MET E 58 -16.79 7.43 -58.84
CA MET E 58 -15.75 6.57 -59.37
C MET E 58 -16.13 5.10 -59.28
N THR E 59 -15.71 4.34 -60.30
CA THR E 59 -15.83 2.90 -60.26
C THR E 59 -14.64 2.30 -59.52
N GLN E 60 -14.70 0.99 -59.28
CA GLN E 60 -13.58 0.33 -58.64
C GLN E 60 -12.33 0.34 -59.52
N ALA E 61 -12.51 0.24 -60.85
CA ALA E 61 -11.35 0.30 -61.72
C ALA E 61 -10.70 1.67 -61.71
N GLU E 62 -11.48 2.74 -61.55
CA GLU E 62 -10.90 4.07 -61.48
C GLU E 62 -10.15 4.28 -60.17
N VAL E 63 -10.60 3.64 -59.08
CA VAL E 63 -9.85 3.65 -57.84
C VAL E 63 -8.54 2.89 -58.01
N ASP E 64 -8.59 1.72 -58.66
CA ASP E 64 -7.36 0.99 -58.94
C ASP E 64 -6.36 1.85 -59.68
N ALA E 65 -6.83 2.66 -60.63
CA ALA E 65 -5.93 3.50 -61.39
C ALA E 65 -5.29 4.57 -60.51
N VAL E 66 -6.06 5.15 -59.59
CA VAL E 66 -5.49 6.13 -58.66
C VAL E 66 -4.35 5.50 -57.88
N TYR E 67 -4.60 4.32 -57.30
CA TYR E 67 -3.59 3.71 -56.44
C TYR E 67 -2.37 3.26 -57.26
N ALA E 68 -2.59 2.73 -58.46
CA ALA E 68 -1.46 2.34 -59.30
C ALA E 68 -0.60 3.56 -59.64
N SER E 69 -1.24 4.69 -59.92
N SER E 69 -1.24 4.69 -59.91
CA SER E 69 -0.51 5.92 -60.19
CA SER E 69 -0.48 5.91 -60.19
C SER E 69 0.32 6.34 -58.98
C SER E 69 0.33 6.35 -58.98
N ALA E 70 -0.28 6.28 -57.78
CA ALA E 70 0.44 6.68 -56.57
C ALA E 70 1.64 5.78 -56.32
N LYS E 71 1.46 4.47 -56.42
CA LYS E 71 2.58 3.58 -56.16
C LYS E 71 3.71 3.77 -57.16
N LYS E 72 3.40 4.08 -58.42
CA LYS E 72 4.43 4.34 -59.40
C LYS E 72 5.20 5.61 -59.07
N ALA E 73 4.52 6.64 -58.56
CA ALA E 73 5.18 7.90 -58.24
C ALA E 73 5.99 7.84 -56.97
N LEU E 74 5.76 6.83 -56.12
CA LEU E 74 6.35 6.82 -54.79
C LEU E 74 7.87 6.73 -54.82
N SER E 75 8.43 5.92 -55.72
CA SER E 75 9.88 5.70 -55.70
C SER E 75 10.65 6.99 -55.91
N ASP E 76 10.26 7.79 -56.90
CA ASP E 76 10.97 9.04 -57.15
C ASP E 76 10.66 10.07 -56.08
N TRP E 77 9.42 10.08 -55.59
CA TRP E 77 9.02 11.10 -54.62
C TRP E 77 9.77 10.92 -53.30
N ARG E 78 9.91 9.68 -52.84
CA ARG E 78 10.57 9.45 -51.56
C ARG E 78 12.06 9.73 -51.63
N THR E 79 12.66 9.71 -52.83
CA THR E 79 14.09 9.96 -52.98
C THR E 79 14.41 11.43 -53.21
N LEU E 80 13.40 12.29 -53.37
CA LEU E 80 13.66 13.72 -53.42
C LEU E 80 14.20 14.18 -52.06
N SER E 81 14.89 15.31 -52.07
CA SER E 81 15.32 15.91 -50.82
C SER E 81 14.11 16.46 -50.07
N TYR E 82 14.26 16.62 -48.75
CA TYR E 82 13.22 17.29 -47.97
C TYR E 82 12.93 18.66 -48.54
N VAL E 83 13.96 19.42 -48.92
CA VAL E 83 13.74 20.79 -49.37
C VAL E 83 12.95 20.82 -50.65
N GLU E 84 13.13 19.85 -51.53
CA GLU E 84 12.36 19.80 -52.77
C GLU E 84 10.89 19.52 -52.49
N ARG E 85 10.60 18.60 -51.56
CA ARG E 85 9.20 18.32 -51.26
C ARG E 85 8.55 19.52 -50.56
N ALA E 86 9.31 20.19 -49.68
CA ALA E 86 8.75 21.34 -48.97
C ALA E 86 8.35 22.46 -49.91
N ALA E 87 9.11 22.64 -50.99
CA ALA E 87 8.83 23.75 -51.90
C ALA E 87 7.45 23.59 -52.55
N TYR E 88 7.07 22.35 -52.91
CA TYR E 88 5.74 22.14 -53.47
C TYR E 88 4.65 22.50 -52.45
N LEU E 89 4.86 22.14 -51.18
CA LEU E 89 3.85 22.43 -50.17
C LEU E 89 3.71 23.93 -49.93
N HIS E 90 4.83 24.65 -49.83
CA HIS E 90 4.75 26.09 -49.64
C HIS E 90 4.01 26.76 -50.81
N LYS E 91 4.28 26.30 -52.03
CA LYS E 91 3.59 26.85 -53.20
CA LYS E 91 3.60 26.84 -53.20
C LYS E 91 2.09 26.60 -53.12
N ALA E 92 1.69 25.38 -52.74
CA ALA E 92 0.27 25.08 -52.62
C ALA E 92 -0.40 25.97 -51.58
N ALA E 93 0.25 26.18 -50.44
CA ALA E 93 -0.30 27.06 -49.42
C ALA E 93 -0.47 28.48 -49.95
N ASP E 94 0.53 28.96 -50.69
CA ASP E 94 0.43 30.31 -51.26
C ASP E 94 -0.79 30.44 -52.17
N ILE E 95 -1.08 29.40 -52.94
CA ILE E 95 -2.22 29.43 -53.85
C ILE E 95 -3.53 29.42 -53.08
N LEU E 96 -3.60 28.62 -52.01
CA LEU E 96 -4.80 28.62 -51.17
C LEU E 96 -5.07 30.01 -50.60
N VAL E 97 -4.01 30.68 -50.12
CA VAL E 97 -4.18 32.05 -49.60
C VAL E 97 -4.70 32.96 -50.70
N ARG E 98 -4.11 32.87 -51.89
CA ARG E 98 -4.57 33.66 -53.02
C ARG E 98 -6.05 33.44 -53.30
N ASP E 99 -6.49 32.19 -53.25
CA ASP E 99 -7.86 31.82 -53.63
C ASP E 99 -8.77 31.59 -52.43
N ALA E 100 -8.42 32.12 -51.25
CA ALA E 100 -9.19 31.80 -50.05
C ALA E 100 -10.64 32.24 -50.16
N GLU E 101 -10.88 33.45 -50.67
CA GLU E 101 -12.26 33.91 -50.83
CA GLU E 101 -12.26 33.92 -50.84
C GLU E 101 -13.00 33.10 -51.88
N LYS E 102 -12.35 32.81 -53.00
CA LYS E 102 -12.96 31.99 -54.04
C LYS E 102 -13.36 30.62 -53.50
N ILE E 103 -12.45 29.95 -52.81
CA ILE E 103 -12.73 28.62 -52.28
C ILE E 103 -13.73 28.70 -51.14
N GLY E 104 -13.52 29.64 -50.21
CA GLY E 104 -14.41 29.75 -49.07
C GLY E 104 -15.84 30.03 -49.47
N ALA E 105 -16.04 30.75 -50.58
CA ALA E 105 -17.40 31.04 -51.01
C ALA E 105 -18.14 29.75 -51.38
N ILE E 106 -17.47 28.84 -52.06
CA ILE E 106 -18.10 27.56 -52.42
C ILE E 106 -18.23 26.67 -51.19
N LEU E 107 -17.17 26.60 -50.37
CA LEU E 107 -17.21 25.79 -49.17
C LEU E 107 -18.36 26.19 -48.26
N SER E 108 -18.57 27.50 -48.10
CA SER E 108 -19.69 27.98 -47.29
C SER E 108 -21.00 27.38 -47.76
N LYS E 109 -21.24 27.40 -49.07
CA LYS E 109 -22.50 26.87 -49.59
C LYS E 109 -22.56 25.37 -49.47
N GLU E 110 -21.44 24.69 -49.68
CA GLU E 110 -21.47 23.23 -49.79
C GLU E 110 -21.80 22.57 -48.45
N VAL E 111 -21.30 23.12 -47.34
CA VAL E 111 -21.51 22.51 -46.04
C VAL E 111 -22.30 23.44 -45.10
N ALA E 112 -22.91 24.49 -45.64
CA ALA E 112 -23.76 25.39 -44.85
C ALA E 112 -22.97 26.00 -43.68
N LYS E 113 -21.74 26.37 -43.94
CA LYS E 113 -20.86 27.02 -42.98
C LYS E 113 -20.89 28.51 -43.25
N GLY E 114 -20.85 29.31 -42.18
CA GLY E 114 -20.79 30.75 -42.34
C GLY E 114 -19.71 31.16 -43.32
N HIS E 115 -20.02 32.14 -44.18
CA HIS E 115 -19.06 32.52 -45.22
C HIS E 115 -17.71 32.91 -44.64
N LYS E 116 -17.71 33.77 -43.61
CA LYS E 116 -16.45 34.17 -43.01
C LYS E 116 -15.73 32.98 -42.39
N ALA E 117 -16.46 32.08 -41.75
CA ALA E 117 -15.83 30.90 -41.17
C ALA E 117 -15.24 30.00 -42.25
N ALA E 118 -15.89 29.93 -43.42
CA ALA E 118 -15.36 29.08 -44.50
C ALA E 118 -14.06 29.65 -45.04
N VAL E 119 -14.01 30.96 -45.27
CA VAL E 119 -12.76 31.58 -45.70
C VAL E 119 -11.68 31.35 -44.64
N SER E 120 -12.03 31.45 -43.37
CA SER E 120 -11.07 31.20 -42.30
C SER E 120 -10.54 29.78 -42.36
N GLU E 121 -11.41 28.80 -42.65
CA GLU E 121 -10.94 27.42 -42.76
C GLU E 121 -9.85 27.29 -43.81
N VAL E 122 -10.03 27.96 -44.95
CA VAL E 122 -9.05 27.88 -46.03
C VAL E 122 -7.72 28.48 -45.59
N ILE E 123 -7.77 29.66 -44.98
CA ILE E 123 -6.55 30.32 -44.50
C ILE E 123 -5.84 29.46 -43.47
N ARG E 124 -6.61 28.87 -42.55
CA ARG E 124 -6.02 27.98 -41.56
C ARG E 124 -5.36 26.79 -42.24
N THR E 125 -5.94 26.29 -43.34
CA THR E 125 -5.34 25.15 -44.03
C THR E 125 -3.99 25.53 -44.60
N ALA E 126 -3.87 26.73 -45.17
CA ALA E 126 -2.57 27.17 -45.67
C ALA E 126 -1.55 27.25 -44.54
N GLU E 127 -1.96 27.72 -43.36
CA GLU E 127 -1.05 27.77 -42.23
C GLU E 127 -0.54 26.38 -41.88
N ILE E 128 -1.43 25.39 -41.87
CA ILE E 128 -1.03 24.03 -41.52
C ILE E 128 -0.08 23.46 -42.55
N ILE E 129 -0.36 23.70 -43.83
CA ILE E 129 0.50 23.16 -44.89
C ILE E 129 1.91 23.75 -44.78
N ASN E 130 2.00 25.07 -44.63
CA ASN E 130 3.31 25.69 -44.50
C ASN E 130 4.06 25.15 -43.29
N TYR E 131 3.37 25.03 -42.16
CA TYR E 131 4.02 24.60 -40.92
C TYR E 131 4.47 23.15 -41.05
N ALA E 132 3.67 22.30 -41.68
CA ALA E 132 4.08 20.91 -41.88
C ALA E 132 5.33 20.81 -42.73
N ALA E 133 5.42 21.62 -43.79
CA ALA E 133 6.59 21.58 -44.65
C ALA E 133 7.86 21.86 -43.85
N GLU E 134 7.83 22.90 -43.01
CA GLU E 134 9.03 23.28 -42.27
C GLU E 134 9.29 22.36 -41.09
N GLU E 135 8.25 21.85 -40.45
CA GLU E 135 8.45 20.87 -39.39
C GLU E 135 9.10 19.61 -39.95
N GLY E 136 8.59 19.13 -41.08
CA GLY E 136 9.02 17.85 -41.58
C GLY E 136 10.40 17.87 -42.19
N LEU E 137 10.81 18.99 -42.77
CA LEU E 137 12.05 19.01 -43.55
C LEU E 137 13.28 18.95 -42.66
N ARG E 138 13.14 19.27 -41.38
CA ARG E 138 14.26 19.27 -40.45
C ARG E 138 14.16 18.14 -39.44
N MET E 139 13.30 17.16 -39.70
CA MET E 139 13.30 15.93 -38.91
CA MET E 139 13.30 15.94 -38.91
C MET E 139 14.67 15.27 -39.05
N GLU E 140 15.05 14.54 -38.01
CA GLU E 140 16.35 13.91 -37.95
C GLU E 140 16.23 12.41 -37.70
N GLY E 141 17.30 11.70 -38.05
CA GLY E 141 17.51 10.36 -37.56
C GLY E 141 18.35 10.35 -36.30
N GLU E 142 18.80 9.16 -35.93
CA GLU E 142 19.58 9.03 -34.72
C GLU E 142 20.62 7.94 -34.88
N VAL E 143 21.65 8.00 -34.04
CA VAL E 143 22.68 6.98 -34.03
C VAL E 143 22.73 6.42 -32.61
N LEU E 144 22.58 5.11 -32.51
CA LEU E 144 22.52 4.40 -31.25
C LEU E 144 23.79 3.57 -31.04
N GLU E 145 24.17 3.43 -29.78
CA GLU E 145 25.43 2.79 -29.40
C GLU E 145 25.15 1.38 -28.87
N GLY E 146 25.84 0.38 -29.44
CA GLY E 146 25.72 -0.97 -28.92
C GLY E 146 26.17 -1.06 -27.48
N GLY E 147 27.15 -0.25 -27.11
CA GLY E 147 27.73 -0.25 -25.78
C GLY E 147 26.84 0.34 -24.72
N SER E 148 25.73 0.94 -25.13
CA SER E 148 24.71 1.32 -24.16
CA SER E 148 24.71 1.33 -24.17
C SER E 148 24.06 0.10 -23.53
N PHE E 149 24.05 -1.02 -24.25
CA PHE E 149 23.34 -2.21 -23.84
C PHE E 149 24.25 -3.36 -23.50
N GLU E 150 25.33 -3.54 -24.26
CA GLU E 150 26.16 -4.73 -24.15
C GLU E 150 27.61 -4.34 -24.39
N ALA E 151 28.48 -4.63 -23.42
CA ALA E 151 29.88 -4.23 -23.52
C ALA E 151 30.51 -4.79 -24.78
N ALA E 152 30.19 -6.03 -25.13
CA ALA E 152 30.82 -6.69 -26.26
C ALA E 152 30.43 -6.06 -27.60
N SER E 153 29.36 -5.28 -27.64
CA SER E 153 28.90 -4.61 -28.86
C SER E 153 29.24 -3.13 -28.87
N LYS E 154 30.24 -2.69 -28.10
CA LYS E 154 30.56 -1.28 -27.99
C LYS E 154 31.00 -0.65 -29.31
N LYS E 155 31.50 -1.45 -30.26
CA LYS E 155 31.89 -0.94 -31.57
C LYS E 155 30.78 -1.04 -32.61
N LYS E 156 29.60 -1.54 -32.23
CA LYS E 156 28.47 -1.64 -33.14
C LYS E 156 27.58 -0.42 -32.98
N ILE E 157 27.29 0.25 -34.08
CA ILE E 157 26.38 1.38 -34.05
C ILE E 157 25.25 1.20 -35.06
N ALA E 158 24.11 1.79 -34.75
CA ALA E 158 22.94 1.76 -35.62
C ALA E 158 22.69 3.16 -36.14
N ILE E 159 22.69 3.32 -37.47
CA ILE E 159 22.40 4.59 -38.14
C ILE E 159 20.94 4.52 -38.54
N VAL E 160 20.09 5.25 -37.84
CA VAL E 160 18.65 5.15 -37.98
C VAL E 160 18.16 6.38 -38.71
N ARG E 161 17.51 6.18 -39.85
CA ARG E 161 17.01 7.27 -40.67
C ARG E 161 15.52 7.10 -40.89
N ARG E 162 14.84 8.23 -41.08
CA ARG E 162 13.40 8.21 -41.29
C ARG E 162 13.07 7.84 -42.74
N GLU E 163 11.94 7.14 -42.89
CA GLU E 163 11.40 6.82 -44.20
C GLU E 163 9.89 6.95 -44.16
N PRO E 164 9.27 7.20 -45.30
CA PRO E 164 7.81 7.22 -45.35
C PRO E 164 7.24 5.82 -45.23
N VAL E 165 5.93 5.77 -44.92
CA VAL E 165 5.23 4.49 -44.85
C VAL E 165 4.78 3.99 -46.21
N GLY E 166 4.50 4.90 -47.15
CA GLY E 166 4.11 4.53 -48.49
C GLY E 166 2.94 5.32 -49.02
N LEU E 167 1.87 4.63 -49.39
CA LEU E 167 0.63 5.27 -49.84
C LEU E 167 -0.30 5.46 -48.64
N VAL E 168 -0.62 6.72 -48.35
CA VAL E 168 -1.56 7.10 -47.32
C VAL E 168 -2.91 7.39 -47.98
N LEU E 169 -3.95 6.72 -47.51
CA LEU E 169 -5.32 7.08 -47.86
C LEU E 169 -5.82 8.06 -46.79
N ALA E 170 -6.15 9.28 -47.22
CA ALA E 170 -6.66 10.30 -46.35
C ALA E 170 -8.16 10.47 -46.62
N ILE E 171 -8.96 10.45 -45.55
CA ILE E 171 -10.41 10.61 -45.65
C ILE E 171 -10.81 11.74 -44.72
N SER E 172 -11.44 12.78 -45.27
CA SER E 172 -11.82 13.97 -44.54
C SER E 172 -13.32 14.01 -44.26
N PRO E 173 -13.75 14.82 -43.28
CA PRO E 173 -15.17 14.85 -42.91
C PRO E 173 -15.88 16.07 -43.50
N PHE E 174 -17.21 16.08 -43.45
CA PHE E 174 -17.94 17.18 -44.07
C PHE E 174 -17.73 18.50 -43.36
N ASN E 175 -17.45 18.48 -42.06
CA ASN E 175 -17.51 19.73 -41.29
C ASN E 175 -16.25 20.56 -41.43
N TYR E 176 -15.14 19.96 -41.85
CA TYR E 176 -13.90 20.68 -42.14
C TYR E 176 -13.28 20.02 -43.36
N PRO E 177 -13.95 20.11 -44.51
CA PRO E 177 -13.54 19.30 -45.67
C PRO E 177 -12.25 19.75 -46.32
N VAL E 178 -11.82 20.98 -46.07
CA VAL E 178 -10.53 21.46 -46.56
C VAL E 178 -9.45 21.38 -45.49
N ASN E 179 -9.71 21.91 -44.30
CA ASN E 179 -8.68 21.91 -43.26
C ASN E 179 -8.28 20.48 -42.86
N LEU E 180 -9.25 19.60 -42.65
CA LEU E 180 -8.96 18.23 -42.25
C LEU E 180 -8.68 17.32 -43.45
N ALA E 181 -8.53 17.89 -44.64
CA ALA E 181 -7.82 17.22 -45.71
C ALA E 181 -6.35 17.64 -45.72
N GLY E 182 -6.08 18.95 -45.62
CA GLY E 182 -4.71 19.41 -45.60
C GLY E 182 -3.93 18.96 -44.39
N SER E 183 -4.63 18.78 -43.27
CA SER E 183 -3.98 18.32 -42.05
C SER E 183 -3.40 16.92 -42.21
N LYS E 184 -3.88 16.17 -43.21
CA LYS E 184 -3.35 14.85 -43.52
C LYS E 184 -2.40 14.88 -44.70
N ILE E 185 -2.74 15.66 -45.74
CA ILE E 185 -1.96 15.66 -46.97
C ILE E 185 -0.56 16.19 -46.73
N ALA E 186 -0.45 17.35 -46.10
CA ALA E 186 0.86 18.00 -45.98
C ALA E 186 1.81 17.20 -45.10
N PRO E 187 1.44 16.78 -43.89
CA PRO E 187 2.36 15.93 -43.12
C PRO E 187 2.76 14.66 -43.86
N ALA E 188 1.83 14.05 -44.60
CA ALA E 188 2.16 12.83 -45.33
C ALA E 188 3.21 13.13 -46.40
N LEU E 189 2.98 14.20 -47.16
CA LEU E 189 3.84 14.45 -48.32
C LEU E 189 5.24 14.85 -47.92
N ILE E 190 5.39 15.68 -46.89
CA ILE E 190 6.74 16.15 -46.52
C ILE E 190 7.62 14.97 -46.16
N ALA E 191 7.03 13.94 -45.57
CA ALA E 191 7.80 12.76 -45.17
C ALA E 191 8.10 11.82 -46.33
N GLY E 192 7.61 12.10 -47.52
CA GLY E 192 7.88 11.27 -48.66
C GLY E 192 6.82 10.24 -48.98
N ASN E 193 5.65 10.29 -48.33
CA ASN E 193 4.53 9.45 -48.69
C ASN E 193 3.82 10.02 -49.92
N VAL E 194 3.13 9.14 -50.64
CA VAL E 194 2.17 9.55 -51.66
C VAL E 194 0.78 9.44 -51.04
N VAL E 195 -0.20 10.16 -51.60
CA VAL E 195 -1.49 10.37 -50.96
C VAL E 195 -2.64 10.24 -51.95
N ALA E 196 -3.70 9.58 -51.50
CA ALA E 196 -5.01 9.65 -52.14
C ALA E 196 -5.98 10.24 -51.13
N LEU E 197 -6.69 11.29 -51.52
CA LEU E 197 -7.67 11.95 -50.66
C LEU E 197 -9.07 11.55 -51.13
N LYS E 198 -9.86 10.99 -50.21
CA LYS E 198 -11.29 10.76 -50.40
C LYS E 198 -12.02 11.79 -49.56
N PRO E 199 -12.51 12.88 -50.14
CA PRO E 199 -13.28 13.84 -49.35
C PRO E 199 -14.69 13.32 -49.13
N PRO E 200 -15.43 13.93 -48.22
CA PRO E 200 -16.84 13.56 -48.05
C PRO E 200 -17.62 13.96 -49.30
N THR E 201 -18.64 13.17 -49.63
CA THR E 201 -19.45 13.51 -50.81
C THR E 201 -20.02 14.92 -50.68
N GLN E 202 -20.73 15.19 -49.59
CA GLN E 202 -21.13 16.56 -49.26
C GLN E 202 -19.87 17.24 -48.73
N GLY E 203 -19.20 18.01 -49.57
CA GLY E 203 -17.87 18.53 -49.30
C GLY E 203 -16.84 18.12 -50.33
N SER E 204 -17.19 17.26 -51.29
CA SER E 204 -16.24 16.81 -52.29
C SER E 204 -15.82 17.94 -53.22
N ILE E 205 -16.71 18.90 -53.49
CA ILE E 205 -16.31 20.03 -54.31
C ILE E 205 -15.18 20.79 -53.62
N SER E 206 -15.37 21.09 -52.33
CA SER E 206 -14.33 21.79 -51.57
C SER E 206 -13.03 20.99 -51.56
N GLY E 207 -13.12 19.67 -51.41
CA GLY E 207 -11.91 18.86 -51.42
C GLY E 207 -11.20 18.89 -52.75
N LEU E 208 -11.96 18.91 -53.86
CA LEU E 208 -11.35 19.01 -55.18
C LEU E 208 -10.80 20.41 -55.44
N LEU E 209 -11.40 21.44 -54.83
CA LEU E 209 -10.82 22.78 -54.94
C LEU E 209 -9.47 22.85 -54.23
N LEU E 210 -9.35 22.21 -53.08
CA LEU E 210 -8.05 22.08 -52.42
C LEU E 210 -7.06 21.36 -53.35
N ALA E 211 -7.50 20.27 -53.98
CA ALA E 211 -6.63 19.52 -54.87
C ALA E 211 -6.11 20.39 -56.01
N GLU E 212 -6.91 21.34 -56.49
CA GLU E 212 -6.46 22.22 -57.55
C GLU E 212 -5.22 23.00 -57.13
N ALA E 213 -5.15 23.40 -55.84
CA ALA E 213 -4.00 24.18 -55.39
C ALA E 213 -2.73 23.35 -55.44
N PHE E 214 -2.80 22.08 -55.03
CA PHE E 214 -1.63 21.23 -55.09
C PHE E 214 -1.22 20.95 -56.53
N ALA E 215 -2.20 20.75 -57.41
CA ALA E 215 -1.88 20.52 -58.82
C ALA E 215 -1.20 21.75 -59.42
N GLU E 216 -1.76 22.95 -59.19
CA GLU E 216 -1.14 24.15 -59.72
C GLU E 216 0.24 24.38 -59.15
N ALA E 217 0.46 23.97 -57.89
CA ALA E 217 1.77 24.07 -57.30
C ALA E 217 2.80 23.17 -57.97
N GLY E 218 2.36 22.25 -58.82
CA GLY E 218 3.28 21.38 -59.53
C GLY E 218 3.57 20.06 -58.86
N ILE E 219 2.79 19.65 -57.88
CA ILE E 219 2.99 18.36 -57.21
C ILE E 219 3.13 17.31 -58.29
N PRO E 220 4.16 16.47 -58.24
CA PRO E 220 4.39 15.53 -59.36
C PRO E 220 3.22 14.58 -59.56
N ALA E 221 3.03 14.15 -60.81
CA ALA E 221 1.89 13.32 -61.15
C ALA E 221 1.86 12.07 -60.29
N GLY E 222 0.71 11.82 -59.66
CA GLY E 222 0.50 10.64 -58.86
C GLY E 222 0.96 10.76 -57.42
N VAL E 223 1.72 11.80 -57.09
CA VAL E 223 2.12 11.99 -55.69
C VAL E 223 0.90 12.32 -54.82
N PHE E 224 -0.08 13.02 -55.40
CA PHE E 224 -1.30 13.36 -54.70
C PHE E 224 -2.45 13.19 -55.68
N ASN E 225 -3.48 12.47 -55.25
CA ASN E 225 -4.62 12.14 -56.10
C ASN E 225 -5.88 12.25 -55.26
N THR E 226 -7.04 12.30 -55.93
CA THR E 226 -8.32 12.37 -55.26
C THR E 226 -9.23 11.25 -55.75
N ILE E 227 -10.13 10.83 -54.85
CA ILE E 227 -11.14 9.82 -55.12
C ILE E 227 -12.48 10.40 -54.66
N THR E 228 -13.49 10.35 -55.54
CA THR E 228 -14.83 10.72 -55.12
C THR E 228 -15.81 9.59 -55.49
N GLY E 229 -16.92 9.56 -54.77
CA GLY E 229 -17.89 8.50 -54.86
C GLY E 229 -18.49 8.31 -53.48
N ARG E 230 -19.68 7.73 -53.45
CA ARG E 230 -20.42 7.61 -52.20
C ARG E 230 -19.71 6.65 -51.26
N GLY E 231 -19.35 7.12 -50.06
CA GLY E 231 -18.70 6.26 -49.09
C GLY E 231 -19.46 4.97 -48.87
N SER E 232 -20.80 5.02 -48.91
CA SER E 232 -21.61 3.82 -48.73
C SER E 232 -21.53 2.88 -49.92
N VAL E 233 -20.89 3.28 -51.01
CA VAL E 233 -20.84 2.48 -52.23
C VAL E 233 -19.42 1.97 -52.50
N ILE E 234 -18.44 2.87 -52.51
CA ILE E 234 -17.05 2.51 -52.78
C ILE E 234 -16.17 2.54 -51.54
N GLY E 235 -16.71 2.93 -50.38
CA GLY E 235 -15.86 3.17 -49.23
C GLY E 235 -15.07 1.95 -48.81
N ASP E 236 -15.75 0.81 -48.65
CA ASP E 236 -15.05 -0.41 -48.25
C ASP E 236 -13.95 -0.77 -49.25
N TYR E 237 -14.22 -0.58 -50.54
CA TYR E 237 -13.24 -0.95 -51.55
C TYR E 237 -11.97 -0.10 -51.44
N ILE E 238 -12.11 1.22 -51.27
CA ILE E 238 -10.92 2.05 -51.24
C ILE E 238 -10.09 1.74 -50.01
N VAL E 239 -10.73 1.33 -48.91
CA VAL E 239 -9.99 1.05 -47.67
C VAL E 239 -9.32 -0.31 -47.72
N GLU E 240 -10.04 -1.34 -48.21
CA GLU E 240 -9.48 -2.68 -48.22
C GLU E 240 -8.32 -2.84 -49.20
N HIS E 241 -8.26 -2.00 -50.22
CA HIS E 241 -7.31 -2.18 -51.30
C HIS E 241 -5.89 -2.35 -50.79
N GLU E 242 -5.18 -3.35 -51.33
CA GLU E 242 -3.87 -3.71 -50.82
C GLU E 242 -2.79 -2.69 -51.14
N ALA E 243 -3.04 -1.79 -52.11
CA ALA E 243 -2.06 -0.75 -52.39
C ALA E 243 -1.89 0.20 -51.20
N VAL E 244 -2.93 0.35 -50.39
CA VAL E 244 -2.92 1.30 -49.29
C VAL E 244 -2.04 0.77 -48.17
N ASN E 245 -1.09 1.59 -47.71
CA ASN E 245 -0.19 1.23 -46.61
C ASN E 245 -0.53 1.90 -45.29
N PHE E 246 -1.42 2.89 -45.29
CA PHE E 246 -1.72 3.68 -44.10
C PHE E 246 -3.06 4.37 -44.35
N ILE E 247 -3.94 4.35 -43.37
CA ILE E 247 -5.25 5.00 -43.48
C ILE E 247 -5.33 6.10 -42.43
N ASN E 248 -5.67 7.31 -42.87
CA ASN E 248 -5.79 8.47 -42.00
C ASN E 248 -7.19 9.03 -42.16
N PHE E 249 -8.04 8.80 -41.17
CA PHE E 249 -9.48 9.02 -41.30
C PHE E 249 -10.01 9.92 -40.21
N THR E 250 -10.85 10.89 -40.62
CA THR E 250 -11.66 11.69 -39.70
C THR E 250 -13.12 11.53 -40.09
N GLY E 251 -13.97 11.24 -39.12
CA GLY E 251 -15.37 11.00 -39.40
C GLY E 251 -16.07 10.43 -38.19
N SER E 252 -17.22 9.80 -38.44
CA SER E 252 -18.05 9.30 -37.36
C SER E 252 -17.46 8.01 -36.79
N THR E 253 -17.78 7.77 -35.52
CA THR E 253 -17.30 6.54 -34.87
C THR E 253 -17.74 5.27 -35.59
N PRO E 254 -18.99 5.11 -36.00
CA PRO E 254 -19.36 3.86 -36.70
C PRO E 254 -18.57 3.63 -37.99
N ILE E 255 -18.31 4.68 -38.77
CA ILE E 255 -17.52 4.48 -39.98
C ILE E 255 -16.07 4.16 -39.64
N GLY E 256 -15.52 4.84 -38.62
CA GLY E 256 -14.20 4.48 -38.13
C GLY E 256 -14.11 3.04 -37.68
N GLU E 257 -15.14 2.55 -36.99
CA GLU E 257 -15.16 1.14 -36.61
C GLU E 257 -15.11 0.27 -37.86
N GLY E 258 -15.88 0.63 -38.88
CA GLY E 258 -15.86 -0.13 -40.12
C GLY E 258 -14.49 -0.15 -40.78
N ILE E 259 -13.76 0.97 -40.68
CA ILE E 259 -12.43 1.04 -41.28
C ILE E 259 -11.43 0.17 -40.51
N GLY E 260 -11.56 0.13 -39.18
CA GLY E 260 -10.74 -0.80 -38.41
C GLY E 260 -10.98 -2.24 -38.79
N LYS E 261 -12.24 -2.59 -39.09
CA LYS E 261 -12.57 -3.94 -39.54
C LYS E 261 -11.89 -4.30 -40.86
N LEU E 262 -11.34 -3.32 -41.59
CA LEU E 262 -10.74 -3.54 -42.89
C LEU E 262 -9.27 -3.15 -42.96
N ALA E 263 -8.75 -2.47 -41.95
CA ALA E 263 -7.35 -2.02 -42.00
C ALA E 263 -6.38 -3.19 -42.03
N GLY E 264 -6.79 -4.33 -41.50
CA GLY E 264 -5.86 -5.45 -41.42
C GLY E 264 -4.65 -5.06 -40.60
N MET E 265 -3.47 -5.29 -41.17
CA MET E 265 -2.23 -4.95 -40.50
C MET E 265 -1.75 -3.54 -40.80
N ARG E 266 -2.47 -2.77 -41.60
CA ARG E 266 -2.03 -1.42 -41.94
C ARG E 266 -2.20 -0.50 -40.73
N PRO E 267 -1.21 0.35 -40.43
CA PRO E 267 -1.42 1.37 -39.41
C PRO E 267 -2.54 2.33 -39.82
N ILE E 268 -3.32 2.75 -38.84
CA ILE E 268 -4.43 3.67 -39.08
C ILE E 268 -4.41 4.76 -38.03
N MET E 269 -4.92 5.92 -38.42
CA MET E 269 -5.19 7.02 -37.49
C MET E 269 -6.66 7.37 -37.64
N LEU E 270 -7.33 7.52 -36.52
CA LEU E 270 -8.77 7.77 -36.51
C LEU E 270 -9.08 8.97 -35.63
N GLU E 271 -9.88 9.89 -36.14
CA GLU E 271 -10.40 11.02 -35.39
C GLU E 271 -11.91 10.94 -35.48
N LEU E 272 -12.56 10.55 -34.38
CA LEU E 272 -13.96 10.14 -34.43
C LEU E 272 -14.83 11.07 -33.60
N GLY E 273 -15.96 10.58 -33.13
CA GLY E 273 -16.88 11.43 -32.42
C GLY E 273 -16.35 11.88 -31.07
N GLY E 274 -17.02 12.89 -30.51
CA GLY E 274 -16.75 13.33 -29.17
C GLY E 274 -18.04 13.68 -28.45
N LYS E 275 -17.95 13.65 -27.11
CA LYS E 275 -19.02 14.16 -26.24
C LYS E 275 -18.32 14.95 -25.13
N ASP E 276 -17.61 16.00 -25.52
CA ASP E 276 -16.69 16.66 -24.60
C ASP E 276 -17.45 17.28 -23.43
N SER E 277 -16.98 17.02 -22.22
N SER E 277 -16.97 17.05 -22.21
CA SER E 277 -17.56 17.58 -21.02
CA SER E 277 -17.60 17.56 -21.01
C SER E 277 -16.92 18.93 -20.72
C SER E 277 -16.91 18.85 -20.56
N ALA E 278 -17.71 19.80 -20.10
CA ALA E 278 -17.23 21.03 -19.48
C ALA E 278 -17.56 20.91 -18.01
N ILE E 279 -16.54 20.73 -17.19
CA ILE E 279 -16.69 20.55 -15.75
C ILE E 279 -16.57 21.91 -15.08
N VAL E 280 -17.63 22.34 -14.40
CA VAL E 280 -17.67 23.66 -13.77
C VAL E 280 -17.68 23.49 -12.26
N LEU E 281 -16.62 23.97 -11.61
CA LEU E 281 -16.50 23.81 -10.17
C LEU E 281 -17.05 25.03 -9.44
N GLU E 282 -17.22 24.88 -8.12
CA GLU E 282 -17.85 25.92 -7.32
C GLU E 282 -17.08 27.24 -7.34
N ASP E 283 -15.78 27.21 -7.64
CA ASP E 283 -14.97 28.43 -7.63
C ASP E 283 -14.78 29.03 -9.02
N ALA E 284 -15.52 28.56 -10.01
CA ALA E 284 -15.37 29.06 -11.36
C ALA E 284 -15.96 30.46 -11.51
N ASP E 285 -15.39 31.22 -12.45
CA ASP E 285 -16.01 32.45 -12.93
C ASP E 285 -17.14 32.02 -13.86
N LEU E 286 -18.39 32.14 -13.39
CA LEU E 286 -19.50 31.53 -14.11
C LEU E 286 -19.82 32.27 -15.40
N ALA E 287 -19.64 33.59 -15.43
CA ALA E 287 -19.85 34.32 -16.68
C ALA E 287 -18.82 33.92 -17.73
N LEU E 288 -17.58 33.70 -17.32
CA LEU E 288 -16.54 33.27 -18.25
C LEU E 288 -16.78 31.84 -18.68
N ALA E 289 -17.17 30.97 -17.75
CA ALA E 289 -17.52 29.60 -18.12
C ALA E 289 -18.64 29.61 -19.15
N ALA E 290 -19.70 30.37 -18.88
CA ALA E 290 -20.83 30.44 -19.81
C ALA E 290 -20.37 30.90 -21.18
N LYS E 291 -19.54 31.96 -21.22
CA LYS E 291 -19.04 32.48 -22.49
C LYS E 291 -18.39 31.37 -23.31
N ASN E 292 -17.49 30.60 -22.69
CA ASN E 292 -16.73 29.60 -23.44
C ASN E 292 -17.59 28.39 -23.75
N ILE E 293 -18.47 27.99 -22.81
CA ILE E 293 -19.35 26.86 -23.02
C ILE E 293 -20.26 27.12 -24.22
N VAL E 294 -20.84 28.31 -24.29
CA VAL E 294 -21.78 28.61 -25.38
C VAL E 294 -21.02 28.75 -26.70
N ALA E 295 -19.88 29.42 -26.69
CA ALA E 295 -19.06 29.51 -27.90
C ALA E 295 -18.67 28.12 -28.42
N GLY E 296 -18.26 27.23 -27.52
CA GLY E 296 -17.83 25.92 -27.94
C GLY E 296 -18.96 24.96 -28.26
N ALA E 297 -20.10 25.10 -27.57
CA ALA E 297 -21.18 24.14 -27.77
C ALA E 297 -21.92 24.41 -29.08
N PHE E 298 -22.05 25.67 -29.47
CA PHE E 298 -22.93 26.05 -30.57
C PHE E 298 -22.19 26.52 -31.82
N GLY E 299 -20.87 26.62 -31.77
CA GLY E 299 -20.10 26.91 -32.97
C GLY E 299 -20.46 25.96 -34.09
N TYR E 300 -20.66 26.49 -35.30
CA TYR E 300 -21.06 25.68 -36.45
C TYR E 300 -22.26 24.79 -36.10
N SER E 301 -23.17 25.33 -35.30
CA SER E 301 -24.40 24.65 -34.93
C SER E 301 -24.15 23.35 -34.19
N GLY E 302 -23.02 23.26 -33.48
CA GLY E 302 -22.67 22.07 -32.75
C GLY E 302 -22.10 20.95 -33.62
N GLN E 303 -21.81 21.23 -34.88
CA GLN E 303 -21.27 20.23 -35.80
C GLN E 303 -19.75 20.17 -35.75
N ARG E 304 -19.21 20.01 -34.54
CA ARG E 304 -17.77 19.92 -34.28
C ARG E 304 -17.54 18.74 -33.35
N SER E 305 -16.49 17.99 -33.63
CA SER E 305 -16.13 16.87 -32.76
C SER E 305 -15.67 17.37 -31.39
N THR E 306 -15.05 18.55 -31.34
CA THR E 306 -14.54 19.14 -30.10
C THR E 306 -15.54 20.09 -29.46
N ALA E 307 -16.80 20.08 -29.89
CA ALA E 307 -17.78 20.95 -29.26
C ALA E 307 -17.94 20.58 -27.79
N VAL E 308 -18.16 21.59 -26.94
CA VAL E 308 -18.70 21.32 -25.62
C VAL E 308 -20.09 20.71 -25.81
N LYS E 309 -20.25 19.46 -25.34
CA LYS E 309 -21.48 18.73 -25.58
C LYS E 309 -22.21 18.31 -24.30
N ARG E 310 -21.65 18.57 -23.13
CA ARG E 310 -22.39 18.37 -21.89
C ARG E 310 -21.69 19.16 -20.79
N VAL E 311 -22.46 19.87 -19.98
CA VAL E 311 -21.96 20.60 -18.83
C VAL E 311 -22.15 19.71 -17.62
N LEU E 312 -21.09 19.51 -16.86
CA LEU E 312 -21.12 18.80 -15.57
C LEU E 312 -20.83 19.87 -14.51
N VAL E 313 -21.86 20.35 -13.83
CA VAL E 313 -21.74 21.52 -12.96
C VAL E 313 -22.08 21.15 -11.52
N MET E 314 -21.25 21.60 -10.59
CA MET E 314 -21.52 21.39 -9.18
C MET E 314 -22.86 22.03 -8.81
N ASP E 315 -23.68 21.28 -8.06
CA ASP E 315 -25.05 21.72 -7.84
CA ASP E 315 -25.05 21.69 -7.76
C ASP E 315 -25.13 23.13 -7.26
N LYS E 316 -24.19 23.51 -6.38
CA LYS E 316 -24.34 24.79 -5.69
C LYS E 316 -24.15 26.00 -6.58
N VAL E 317 -23.55 25.84 -7.76
CA VAL E 317 -23.42 26.94 -8.72
C VAL E 317 -24.21 26.68 -9.98
N ALA E 318 -24.98 25.59 -10.05
CA ALA E 318 -25.66 25.21 -11.29
C ALA E 318 -26.75 26.19 -11.69
N ASP E 319 -27.53 26.67 -10.72
CA ASP E 319 -28.63 27.57 -11.07
C ASP E 319 -28.10 28.84 -11.73
N GLN E 320 -27.09 29.47 -11.14
CA GLN E 320 -26.56 30.69 -11.73
C GLN E 320 -25.86 30.40 -13.06
N LEU E 321 -25.15 29.28 -13.15
CA LEU E 321 -24.50 28.93 -14.41
C LEU E 321 -25.53 28.79 -15.52
N ALA E 322 -26.63 28.08 -15.24
CA ALA E 322 -27.67 27.90 -16.25
C ALA E 322 -28.23 29.24 -16.70
N ALA E 323 -28.42 30.18 -15.78
CA ALA E 323 -28.89 31.50 -16.14
C ALA E 323 -27.87 32.22 -17.03
N GLU E 324 -26.59 32.14 -16.69
CA GLU E 324 -25.56 32.79 -17.50
C GLU E 324 -25.47 32.17 -18.89
N ILE E 325 -25.64 30.84 -18.98
CA ILE E 325 -25.65 30.17 -20.27
C ILE E 325 -26.87 30.58 -21.09
N LYS E 326 -28.05 30.54 -20.47
CA LYS E 326 -29.26 30.89 -21.20
C LYS E 326 -29.17 32.30 -21.79
N THR E 327 -28.62 33.24 -21.02
CA THR E 327 -28.47 34.61 -21.51
C THR E 327 -27.73 34.66 -22.84
N LEU E 328 -26.69 33.84 -23.00
CA LEU E 328 -25.88 33.89 -24.21
C LEU E 328 -26.52 33.08 -25.34
N VAL E 329 -27.22 31.99 -25.02
CA VAL E 329 -27.88 31.23 -26.06
C VAL E 329 -28.94 32.09 -26.76
N GLU E 330 -29.64 32.92 -25.98
CA GLU E 330 -30.66 33.78 -26.57
C GLU E 330 -30.08 34.77 -27.57
N LYS E 331 -28.79 35.10 -27.44
CA LYS E 331 -28.18 36.08 -28.31
C LYS E 331 -27.69 35.48 -29.63
N LEU E 332 -27.56 34.16 -29.69
CA LEU E 332 -27.04 33.53 -30.89
C LEU E 332 -27.95 33.83 -32.08
N SER E 333 -27.33 34.22 -33.19
CA SER E 333 -28.10 34.46 -34.40
C SER E 333 -28.39 33.12 -35.09
N VAL E 334 -29.59 33.01 -35.64
CA VAL E 334 -30.06 31.80 -36.29
C VAL E 334 -30.47 32.18 -37.69
N GLY E 335 -29.72 31.69 -38.68
CA GLY E 335 -30.02 32.07 -40.05
C GLY E 335 -29.14 31.40 -41.08
N MET E 336 -28.79 32.15 -42.16
CA MET E 336 -28.19 31.56 -43.34
C MET E 336 -26.68 31.73 -43.36
N PRO E 337 -25.99 30.80 -44.04
CA PRO E 337 -24.52 30.93 -44.15
C PRO E 337 -24.05 32.27 -44.71
N GLU E 338 -24.69 32.79 -45.75
CA GLU E 338 -24.22 34.03 -46.36
C GLU E 338 -24.34 35.22 -45.42
N ASP E 339 -25.14 35.09 -44.36
CA ASP E 339 -25.29 36.15 -43.36
C ASP E 339 -24.43 35.90 -42.13
N ASP E 340 -23.55 34.89 -42.17
CA ASP E 340 -22.64 34.60 -41.06
C ASP E 340 -23.40 34.35 -39.75
N ALA E 341 -24.56 33.73 -39.84
CA ALA E 341 -25.32 33.40 -38.64
C ALA E 341 -24.50 32.44 -37.78
N ASP E 342 -24.64 32.59 -36.46
CA ASP E 342 -23.99 31.65 -35.55
C ASP E 342 -24.53 30.24 -35.77
N ILE E 343 -25.84 30.09 -35.87
CA ILE E 343 -26.51 28.82 -36.04
C ILE E 343 -27.04 28.79 -37.47
N THR E 344 -26.46 27.92 -38.29
CA THR E 344 -26.87 27.70 -39.67
C THR E 344 -27.58 26.36 -39.79
N PRO E 345 -28.24 26.10 -40.92
CA PRO E 345 -28.91 24.82 -41.10
C PRO E 345 -27.92 23.66 -41.01
N LEU E 346 -28.42 22.53 -40.52
CA LEU E 346 -27.59 21.34 -40.41
C LEU E 346 -27.33 20.73 -41.79
N ILE E 347 -26.34 19.84 -41.83
CA ILE E 347 -25.80 19.38 -43.11
C ILE E 347 -26.85 18.67 -43.95
N ASP E 348 -27.79 17.97 -43.33
CA ASP E 348 -28.85 17.32 -44.10
C ASP E 348 -30.04 17.01 -43.19
N THR E 349 -31.12 16.57 -43.82
CA THR E 349 -32.37 16.33 -43.10
C THR E 349 -32.23 15.22 -42.09
N SER E 350 -31.47 14.17 -42.42
CA SER E 350 -31.26 13.08 -41.48
C SER E 350 -30.63 13.57 -40.19
N ALA E 351 -29.64 14.47 -40.29
CA ALA E 351 -28.99 15.00 -39.10
C ALA E 351 -29.97 15.79 -38.23
N ALA E 352 -30.81 16.61 -38.86
CA ALA E 352 -31.79 17.37 -38.11
C ALA E 352 -32.83 16.45 -37.48
N ASP E 353 -33.29 15.43 -38.21
CA ASP E 353 -34.23 14.48 -37.65
C ASP E 353 -33.63 13.78 -36.43
N PHE E 354 -32.35 13.43 -36.51
CA PHE E 354 -31.69 12.76 -35.40
C PHE E 354 -31.64 13.65 -34.16
N VAL E 355 -31.26 14.91 -34.35
CA VAL E 355 -31.23 15.84 -33.23
C VAL E 355 -32.63 16.02 -32.64
N GLU E 356 -33.65 16.13 -33.49
CA GLU E 356 -35.02 16.28 -32.98
C GLU E 356 -35.41 15.10 -32.10
N GLY E 357 -34.98 13.89 -32.46
CA GLY E 357 -35.31 12.72 -31.66
C GLY E 357 -34.59 12.72 -30.32
N LEU E 358 -33.32 13.12 -30.31
CA LEU E 358 -32.59 13.23 -29.05
C LEU E 358 -33.29 14.20 -28.11
N ILE E 359 -33.73 15.34 -28.64
CA ILE E 359 -34.38 16.36 -27.83
C ILE E 359 -35.71 15.86 -27.29
N LYS E 360 -36.51 15.20 -28.15
CA LYS E 360 -37.80 14.69 -27.69
C LYS E 360 -37.62 13.66 -26.59
N ASP E 361 -36.59 12.83 -26.68
CA ASP E 361 -36.30 11.86 -25.62
C ASP E 361 -36.07 12.57 -24.30
N ALA E 362 -35.31 13.66 -24.32
CA ALA E 362 -35.05 14.42 -23.09
C ALA E 362 -36.32 15.04 -22.55
N THR E 363 -37.14 15.60 -23.43
CA THR E 363 -38.42 16.18 -23.00
C THR E 363 -39.31 15.11 -22.36
N ASP E 364 -39.41 13.95 -23.02
CA ASP E 364 -40.28 12.90 -22.50
C ASP E 364 -39.82 12.41 -21.13
N LYS E 365 -38.51 12.43 -20.88
CA LYS E 365 -37.95 11.95 -19.62
C LYS E 365 -37.84 13.05 -18.57
N GLY E 366 -38.33 14.24 -18.88
CA GLY E 366 -38.53 15.26 -17.86
C GLY E 366 -37.43 16.29 -17.70
N ALA E 367 -36.56 16.44 -18.69
CA ALA E 367 -35.55 17.48 -18.63
C ALA E 367 -36.22 18.85 -18.62
N THR E 368 -35.54 19.83 -18.02
CA THR E 368 -36.01 21.20 -17.97
C THR E 368 -35.56 21.93 -19.22
N ALA E 369 -36.52 22.45 -20.00
CA ALA E 369 -36.21 23.14 -21.24
C ALA E 369 -36.02 24.63 -20.93
N LEU E 370 -34.75 25.07 -20.93
CA LEU E 370 -34.47 26.49 -20.79
C LEU E 370 -34.67 27.21 -22.12
N THR E 371 -34.28 26.57 -23.23
CA THR E 371 -34.71 26.98 -24.56
C THR E 371 -35.09 25.70 -25.30
N ALA E 372 -36.25 25.69 -25.94
CA ALA E 372 -36.84 24.46 -26.44
C ALA E 372 -36.67 24.33 -27.96
N PHE E 373 -37.18 23.21 -28.48
CA PHE E 373 -36.94 22.84 -29.87
C PHE E 373 -37.80 23.66 -30.83
N ASN E 374 -37.16 24.25 -31.82
CA ASN E 374 -37.86 24.88 -32.94
C ASN E 374 -37.07 24.56 -34.19
N ARG E 375 -37.77 24.18 -35.26
CA ARG E 375 -37.12 23.75 -36.49
C ARG E 375 -37.85 24.34 -37.68
N GLU E 376 -37.09 25.00 -38.55
CA GLU E 376 -37.59 25.48 -39.85
C GLU E 376 -36.73 24.80 -40.90
N GLY E 377 -37.31 23.87 -41.62
CA GLY E 377 -36.51 23.05 -42.52
C GLY E 377 -35.51 22.26 -41.70
N ASN E 378 -34.22 22.43 -41.99
CA ASN E 378 -33.15 21.83 -41.20
C ASN E 378 -32.44 22.84 -40.32
N LEU E 379 -33.01 24.04 -40.15
CA LEU E 379 -32.48 25.07 -39.27
C LEU E 379 -33.12 24.87 -37.89
N ILE E 380 -32.34 24.33 -36.96
CA ILE E 380 -32.79 24.08 -35.59
C ILE E 380 -32.26 25.19 -34.70
N SER E 381 -33.13 25.79 -33.92
CA SER E 381 -32.70 26.84 -33.01
C SER E 381 -31.97 26.23 -31.82
N PRO E 382 -31.10 26.99 -31.17
CA PRO E 382 -30.31 26.43 -30.07
C PRO E 382 -31.20 25.93 -28.94
N VAL E 383 -30.93 24.70 -28.50
CA VAL E 383 -31.68 24.06 -27.43
C VAL E 383 -30.78 23.93 -26.22
N LEU E 384 -31.33 24.21 -25.04
CA LEU E 384 -30.57 24.16 -23.79
C LEU E 384 -31.43 23.48 -22.74
N PHE E 385 -30.97 22.32 -22.25
CA PHE E 385 -31.70 21.55 -21.25
C PHE E 385 -30.95 21.62 -19.93
N ASP E 386 -31.70 21.65 -18.83
CA ASP E 386 -31.15 21.52 -17.50
C ASP E 386 -31.73 20.25 -16.88
N HIS E 387 -31.10 19.81 -15.78
CA HIS E 387 -31.55 18.62 -15.07
C HIS E 387 -31.56 17.39 -15.97
N VAL E 388 -30.56 17.28 -16.84
CA VAL E 388 -30.40 16.10 -17.67
C VAL E 388 -29.83 14.97 -16.82
N THR E 389 -30.36 13.77 -17.02
CA THR E 389 -29.97 12.60 -16.24
C THR E 389 -29.44 11.52 -17.15
N THR E 390 -28.83 10.49 -16.54
CA THR E 390 -28.12 9.48 -17.30
C THR E 390 -29.05 8.60 -18.14
N ASP E 391 -30.35 8.54 -17.82
CA ASP E 391 -31.27 7.74 -18.63
C ASP E 391 -31.69 8.46 -19.90
N MET E 392 -31.25 9.70 -20.10
CA MET E 392 -31.58 10.44 -21.32
C MET E 392 -30.48 10.24 -22.34
N ARG E 393 -30.90 9.99 -23.59
CA ARG E 393 -29.92 9.81 -24.66
C ARG E 393 -29.02 11.02 -24.80
N LEU E 394 -29.57 12.21 -24.59
CA LEU E 394 -28.80 13.44 -24.74
C LEU E 394 -27.63 13.52 -23.77
N ALA E 395 -27.63 12.71 -22.71
CA ALA E 395 -26.48 12.70 -21.82
C ALA E 395 -25.26 12.06 -22.47
N TRP E 396 -25.44 11.25 -23.52
CA TRP E 396 -24.38 10.40 -24.04
C TRP E 396 -24.16 10.51 -25.53
N GLU E 397 -25.21 10.54 -26.33
CA GLU E 397 -25.06 10.44 -27.78
C GLU E 397 -24.60 11.77 -28.38
N GLU E 398 -23.71 11.68 -29.36
CA GLU E 398 -23.21 12.87 -30.03
C GLU E 398 -24.29 13.42 -30.96
N PRO E 399 -24.85 14.60 -30.71
CA PRO E 399 -25.96 15.05 -31.55
C PRO E 399 -25.52 15.54 -32.92
N PHE E 400 -24.37 16.22 -32.96
CA PHE E 400 -23.98 17.01 -34.13
C PHE E 400 -25.08 17.99 -34.52
N GLY E 401 -25.55 18.72 -33.50
CA GLY E 401 -26.55 19.75 -33.67
C GLY E 401 -26.54 20.69 -32.48
N PRO E 402 -27.34 21.78 -32.56
CA PRO E 402 -27.25 22.86 -31.55
C PRO E 402 -28.08 22.62 -30.31
N VAL E 403 -27.67 21.62 -29.53
CA VAL E 403 -28.33 21.26 -28.29
C VAL E 403 -27.27 21.04 -27.22
N LEU E 404 -27.52 21.54 -26.02
CA LEU E 404 -26.56 21.44 -24.92
C LEU E 404 -27.28 20.98 -23.65
N PRO E 405 -26.93 19.82 -23.11
CA PRO E 405 -27.47 19.41 -21.81
C PRO E 405 -26.59 19.84 -20.65
N ILE E 406 -27.23 20.26 -19.57
CA ILE E 406 -26.59 20.57 -18.31
C ILE E 406 -26.93 19.45 -17.33
N ILE E 407 -25.89 18.81 -16.81
CA ILE E 407 -26.01 17.73 -15.85
C ILE E 407 -25.45 18.22 -14.52
N ARG E 408 -26.25 18.11 -13.46
CA ARG E 408 -25.82 18.55 -12.15
C ARG E 408 -25.16 17.41 -11.39
N VAL E 409 -24.08 17.72 -10.69
CA VAL E 409 -23.32 16.74 -9.91
C VAL E 409 -23.12 17.28 -8.51
N THR E 410 -22.91 16.35 -7.57
CA THR E 410 -22.77 16.72 -6.16
C THR E 410 -21.32 16.82 -5.73
N THR E 411 -20.42 16.07 -6.37
CA THR E 411 -19.01 16.09 -6.03
C THR E 411 -18.18 16.12 -7.31
N VAL E 412 -16.93 16.54 -7.16
CA VAL E 412 -15.99 16.46 -8.28
CA VAL E 412 -15.98 16.46 -8.27
C VAL E 412 -15.80 15.01 -8.70
N GLU E 413 -15.79 14.09 -7.74
CA GLU E 413 -15.64 12.67 -8.07
C GLU E 413 -16.77 12.21 -8.97
N GLU E 414 -18.00 12.69 -8.73
CA GLU E 414 -19.11 12.32 -9.58
C GLU E 414 -18.96 12.88 -10.99
N ALA E 415 -18.43 14.11 -11.09
CA ALA E 415 -18.19 14.69 -12.41
C ALA E 415 -17.19 13.85 -13.20
N ILE E 416 -16.09 13.43 -12.55
CA ILE E 416 -15.10 12.59 -13.20
C ILE E 416 -15.73 11.28 -13.64
N LYS E 417 -16.54 10.67 -12.76
CA LYS E 417 -17.16 9.40 -13.10
C LYS E 417 -18.08 9.54 -14.30
N ILE E 418 -18.97 10.54 -14.27
CA ILE E 418 -19.92 10.72 -15.37
C ILE E 418 -19.17 11.06 -16.66
N SER E 419 -18.14 11.91 -16.57
CA SER E 419 -17.37 12.25 -17.76
C SER E 419 -16.78 11.00 -18.38
N ASN E 420 -16.15 10.15 -17.56
CA ASN E 420 -15.46 8.97 -18.04
C ASN E 420 -16.40 7.84 -18.45
N GLU E 421 -17.65 7.87 -17.99
N GLU E 421 -17.65 7.87 -17.99
CA GLU E 421 -18.60 6.83 -18.37
CA GLU E 421 -18.60 6.84 -18.38
C GLU E 421 -18.96 6.89 -19.86
C GLU E 421 -18.94 6.88 -19.86
N SER E 422 -18.68 8.01 -20.51
CA SER E 422 -18.94 8.13 -21.94
C SER E 422 -18.05 7.18 -22.72
N GLU E 423 -18.57 6.65 -23.82
N GLU E 423 -18.57 6.66 -23.82
CA GLU E 423 -17.71 5.88 -24.71
CA GLU E 423 -17.75 5.88 -24.74
C GLU E 423 -16.72 6.75 -25.47
C GLU E 423 -16.74 6.75 -25.47
N TYR E 424 -16.93 8.06 -25.46
CA TYR E 424 -16.05 9.00 -26.13
C TYR E 424 -15.04 9.57 -25.13
N GLY E 425 -13.92 10.05 -25.67
CA GLY E 425 -12.87 10.60 -24.83
C GLY E 425 -11.97 11.52 -25.63
N LEU E 426 -12.56 12.55 -26.25
CA LEU E 426 -11.79 13.44 -27.10
C LEU E 426 -11.12 14.55 -26.28
N GLN E 427 -11.91 15.50 -25.77
CA GLN E 427 -11.39 16.56 -24.95
C GLN E 427 -12.35 16.86 -23.80
N ALA E 428 -11.86 17.67 -22.87
CA ALA E 428 -12.67 18.18 -21.79
C ALA E 428 -12.21 19.60 -21.46
N SER E 429 -13.13 20.38 -20.88
CA SER E 429 -12.82 21.69 -20.32
CA SER E 429 -12.80 21.68 -20.32
C SER E 429 -13.10 21.66 -18.82
N ILE E 430 -12.28 22.38 -18.06
CA ILE E 430 -12.48 22.53 -16.62
C ILE E 430 -12.46 24.01 -16.31
N PHE E 431 -13.50 24.49 -15.63
CA PHE E 431 -13.63 25.89 -15.26
C PHE E 431 -13.49 25.98 -13.75
N THR E 432 -12.47 26.72 -13.32
CA THR E 432 -12.07 26.76 -11.92
C THR E 432 -10.97 27.80 -11.79
N THR E 433 -10.78 28.26 -10.57
CA THR E 433 -9.65 29.13 -10.25
C THR E 433 -8.52 28.38 -9.54
N ASN E 434 -8.65 27.07 -9.36
CA ASN E 434 -7.63 26.24 -8.70
C ASN E 434 -6.98 25.36 -9.76
N PHE E 435 -5.87 25.86 -10.30
CA PHE E 435 -5.17 25.21 -11.39
CA PHE E 435 -5.22 25.19 -11.40
C PHE E 435 -4.51 23.91 -10.96
N PRO E 436 -3.83 23.85 -9.80
CA PRO E 436 -3.29 22.54 -9.38
C PRO E 436 -4.36 21.48 -9.20
N LYS E 437 -5.52 21.83 -8.65
CA LYS E 437 -6.60 20.86 -8.57
C LYS E 437 -7.09 20.46 -9.95
N ALA E 438 -7.20 21.44 -10.87
CA ALA E 438 -7.64 21.13 -12.22
C ALA E 438 -6.69 20.14 -12.89
N PHE E 439 -5.38 20.29 -12.67
CA PHE E 439 -4.43 19.33 -13.22
C PHE E 439 -4.69 17.93 -12.66
N GLY E 440 -5.02 17.84 -11.36
CA GLY E 440 -5.31 16.54 -10.78
C GLY E 440 -6.59 15.94 -11.31
N ILE E 441 -7.58 16.77 -11.60
CA ILE E 441 -8.77 16.28 -12.28
C ILE E 441 -8.42 15.83 -13.70
N ALA E 442 -7.65 16.65 -14.42
CA ALA E 442 -7.27 16.33 -15.79
C ALA E 442 -6.58 14.97 -15.88
N GLU E 443 -5.71 14.66 -14.91
CA GLU E 443 -5.04 13.36 -14.90
C GLU E 443 -6.02 12.21 -14.89
N GLN E 444 -7.20 12.41 -14.28
CA GLN E 444 -8.16 11.33 -14.14
C GLN E 444 -9.17 11.26 -15.28
N LEU E 445 -9.22 12.27 -16.15
CA LEU E 445 -10.18 12.29 -17.24
C LEU E 445 -9.64 11.50 -18.43
N GLU E 446 -10.48 10.63 -18.98
CA GLU E 446 -10.09 9.76 -20.09
C GLU E 446 -10.31 10.49 -21.41
N VAL E 447 -9.44 11.47 -21.65
CA VAL E 447 -9.49 12.31 -22.84
C VAL E 447 -8.07 12.56 -23.31
N GLY E 448 -7.97 13.06 -24.54
CA GLY E 448 -6.70 13.44 -25.09
C GLY E 448 -6.20 14.79 -24.59
N THR E 449 -7.11 15.79 -24.50
CA THR E 449 -6.72 17.14 -24.15
C THR E 449 -7.70 17.74 -23.16
N VAL E 450 -7.17 18.47 -22.17
CA VAL E 450 -7.99 19.23 -21.23
C VAL E 450 -7.64 20.70 -21.37
N HIS E 451 -8.67 21.53 -21.58
CA HIS E 451 -8.50 22.97 -21.67
C HIS E 451 -8.98 23.60 -20.37
N LEU E 452 -8.16 24.49 -19.81
CA LEU E 452 -8.48 25.14 -18.54
C LEU E 452 -9.07 26.51 -18.82
N ASN E 453 -10.28 26.76 -18.32
CA ASN E 453 -10.95 28.05 -18.46
C ASN E 453 -11.05 28.45 -19.93
N ASN E 454 -11.31 27.47 -20.79
CA ASN E 454 -11.50 27.73 -22.21
CA ASN E 454 -11.48 27.71 -22.21
C ASN E 454 -12.29 26.57 -22.80
N LYS E 455 -12.95 26.86 -23.93
CA LYS E 455 -13.67 25.83 -24.65
C LYS E 455 -12.67 24.78 -25.18
N THR E 456 -13.17 23.59 -25.43
CA THR E 456 -12.35 22.58 -26.11
C THR E 456 -12.19 22.95 -27.57
N GLN E 457 -11.04 22.59 -28.14
CA GLN E 457 -10.69 22.98 -29.50
C GLN E 457 -9.47 22.19 -29.94
N ARG E 458 -9.30 22.12 -31.25
CA ARG E 458 -8.18 21.39 -31.82
C ARG E 458 -6.87 22.16 -31.77
N GLY E 459 -6.92 23.49 -31.89
CA GLY E 459 -5.72 24.30 -32.05
C GLY E 459 -5.01 24.62 -30.75
N THR E 460 -3.88 25.32 -30.90
CA THR E 460 -3.24 25.62 -32.17
C THR E 460 -2.71 24.34 -32.79
N ASP E 461 -2.56 24.32 -34.11
CA ASP E 461 -2.40 23.05 -34.83
C ASP E 461 -1.03 22.42 -34.65
N ASN E 462 -0.09 23.09 -33.98
CA ASN E 462 1.14 22.44 -33.56
C ASN E 462 0.96 21.58 -32.31
N PHE E 463 -0.10 21.80 -31.53
CA PHE E 463 -0.33 21.05 -30.33
C PHE E 463 -0.84 19.64 -30.67
N PRO E 464 -0.65 18.68 -29.79
CA PRO E 464 -1.20 17.34 -30.05
C PRO E 464 -2.71 17.38 -30.05
N PHE E 465 -3.31 16.58 -30.92
CA PHE E 465 -4.76 16.41 -30.97
C PHE E 465 -5.03 14.92 -31.06
N LEU E 466 -5.82 14.40 -30.13
CA LEU E 466 -6.05 12.97 -30.07
C LEU E 466 -7.29 12.68 -29.25
N GLY E 467 -7.92 11.56 -29.56
CA GLY E 467 -9.09 11.10 -28.84
C GLY E 467 -8.87 9.70 -28.30
N ALA E 468 -9.28 9.50 -27.06
CA ALA E 468 -9.23 8.20 -26.40
C ALA E 468 -10.51 7.42 -26.69
N LYS E 469 -10.49 6.14 -26.33
CA LYS E 469 -11.68 5.28 -26.37
C LYS E 469 -12.28 5.32 -27.78
N LYS E 470 -13.58 5.52 -27.92
CA LYS E 470 -14.22 5.53 -29.24
C LYS E 470 -14.03 6.84 -29.99
N SER E 471 -13.25 7.79 -29.45
CA SER E 471 -12.95 9.03 -30.15
C SER E 471 -11.79 8.91 -31.12
N GLY E 472 -11.08 7.78 -31.16
CA GLY E 472 -10.14 7.56 -32.24
C GLY E 472 -8.89 6.83 -31.76
N ALA E 473 -7.83 7.00 -32.54
CA ALA E 473 -6.56 6.34 -32.33
C ALA E 473 -5.45 7.14 -33.01
N GLY E 474 -4.29 7.19 -32.36
CA GLY E 474 -3.18 7.95 -32.89
C GLY E 474 -3.21 9.39 -32.41
N VAL E 475 -2.13 10.09 -32.71
CA VAL E 475 -1.92 11.47 -32.25
C VAL E 475 -1.67 12.34 -33.46
N GLN E 476 -2.45 13.41 -33.60
CA GLN E 476 -2.22 14.40 -34.65
C GLN E 476 -1.86 15.74 -34.04
N GLY E 477 -2.11 16.83 -34.76
CA GLY E 477 -1.20 18.00 -34.65
C GLY E 477 0.04 17.75 -35.48
N VAL E 478 0.63 18.85 -35.93
CA VAL E 478 1.51 18.76 -37.11
C VAL E 478 2.64 17.74 -36.91
N LYS E 479 3.52 17.97 -35.93
CA LYS E 479 4.68 17.08 -35.82
C LYS E 479 4.25 15.65 -35.48
N TYR E 480 3.17 15.49 -34.71
CA TYR E 480 2.68 14.18 -34.33
C TYR E 480 2.15 13.44 -35.55
N SER E 481 1.48 14.15 -36.46
CA SER E 481 0.99 13.51 -37.67
C SER E 481 2.14 13.08 -38.59
N ILE E 482 3.22 13.89 -38.64
CA ILE E 482 4.39 13.49 -39.42
C ILE E 482 5.01 12.23 -38.83
N GLU E 483 5.20 12.20 -37.52
CA GLU E 483 5.74 11.02 -36.85
C GLU E 483 4.89 9.79 -37.14
N ALA E 484 3.56 9.94 -37.12
CA ALA E 484 2.68 8.82 -37.32
C ALA E 484 2.82 8.22 -38.71
N MET E 485 3.13 9.04 -39.71
CA MET E 485 3.20 8.61 -41.10
C MET E 485 4.64 8.43 -41.56
N THR E 486 5.55 8.20 -40.61
CA THR E 486 6.94 7.87 -40.92
C THR E 486 7.31 6.62 -40.14
N THR E 487 8.23 5.85 -40.71
CA THR E 487 8.84 4.73 -40.02
C THR E 487 10.35 4.97 -40.05
N VAL E 488 11.14 3.92 -39.83
CA VAL E 488 12.58 4.08 -39.85
C VAL E 488 13.22 2.95 -40.63
N LYS E 489 14.46 3.20 -41.05
CA LYS E 489 15.33 2.18 -41.61
CA LYS E 489 15.35 2.22 -41.66
C LYS E 489 16.67 2.33 -40.92
N SER E 490 17.15 1.24 -40.33
CA SER E 490 18.40 1.23 -39.58
CA SER E 490 18.41 1.26 -39.59
C SER E 490 19.47 0.51 -40.37
N VAL E 491 20.67 1.08 -40.41
CA VAL E 491 21.83 0.45 -41.01
C VAL E 491 22.86 0.26 -39.89
N VAL E 492 23.21 -1.00 -39.61
CA VAL E 492 24.03 -1.37 -38.46
C VAL E 492 25.38 -1.87 -39.00
N PHE E 493 26.46 -1.39 -38.39
CA PHE E 493 27.79 -1.85 -38.76
C PHE E 493 28.72 -1.78 -37.56
N ASP E 494 29.86 -2.45 -37.70
CA ASP E 494 30.86 -2.53 -36.65
C ASP E 494 32.06 -1.67 -37.03
N ILE E 495 32.41 -0.76 -36.15
CA ILE E 495 33.58 0.08 -36.33
C ILE E 495 34.83 -0.76 -36.13
N GLN E 496 35.85 -0.51 -36.96
CA GLN E 496 37.10 -1.25 -36.89
C GLN E 496 38.26 -0.32 -36.60
N LEU F 22 2.07 -36.70 -11.11
CA LEU F 22 3.55 -36.94 -11.12
C LEU F 22 4.25 -35.73 -11.73
N ALA F 23 4.01 -35.47 -13.01
CA ALA F 23 4.55 -34.28 -13.65
C ALA F 23 3.86 -33.03 -13.10
N LYS F 24 4.61 -31.93 -13.05
CA LYS F 24 4.10 -30.72 -12.43
C LYS F 24 2.98 -30.11 -13.26
N GLN F 25 1.91 -29.71 -12.58
CA GLN F 25 0.86 -28.91 -13.21
C GLN F 25 1.19 -27.44 -12.95
N TYR F 26 1.60 -26.73 -13.99
CA TYR F 26 1.89 -25.31 -13.85
C TYR F 26 0.60 -24.51 -13.84
N LYS F 27 0.67 -23.31 -13.28
CA LYS F 27 -0.51 -22.51 -13.02
CA LYS F 27 -0.51 -22.51 -13.03
C LYS F 27 -0.33 -21.11 -13.59
N ASN F 28 -1.46 -20.50 -13.98
CA ASN F 28 -1.44 -19.12 -14.43
C ASN F 28 -1.46 -18.16 -13.25
N LEU F 29 -0.85 -17.01 -13.45
CA LEU F 29 -0.90 -15.90 -12.52
C LEU F 29 -2.14 -15.08 -12.86
N VAL F 30 -3.11 -15.06 -11.97
CA VAL F 30 -4.37 -14.35 -12.21
C VAL F 30 -4.66 -13.54 -10.95
N ASN F 31 -4.55 -12.22 -11.06
CA ASN F 31 -4.86 -11.31 -9.95
C ASN F 31 -4.11 -11.72 -8.68
N GLY F 32 -2.82 -11.99 -8.82
CA GLY F 32 -1.99 -12.31 -7.67
C GLY F 32 -2.09 -13.73 -7.16
N GLU F 33 -2.94 -14.57 -7.74
CA GLU F 33 -3.12 -15.94 -7.31
C GLU F 33 -2.71 -16.88 -8.44
N TRP F 34 -2.36 -18.12 -8.09
CA TRP F 34 -1.93 -19.13 -9.04
C TRP F 34 -3.08 -20.11 -9.26
N LYS F 35 -3.52 -20.23 -10.52
CA LYS F 35 -4.74 -20.95 -10.84
C LYS F 35 -4.51 -22.02 -11.92
N LEU F 36 -4.91 -23.23 -11.60
CA LEU F 36 -5.14 -24.24 -12.61
C LEU F 36 -6.47 -23.95 -13.32
N SER F 37 -6.67 -24.64 -14.44
CA SER F 37 -7.96 -24.68 -15.12
C SER F 37 -8.52 -26.11 -15.09
N GLU F 38 -9.78 -26.23 -15.51
N GLU F 38 -9.77 -26.24 -15.52
CA GLU F 38 -10.40 -27.56 -15.56
CA GLU F 38 -10.39 -27.57 -15.55
C GLU F 38 -9.60 -28.48 -16.48
C GLU F 38 -9.64 -28.49 -16.49
N ASN F 39 -9.29 -28.01 -17.68
CA ASN F 39 -8.53 -28.76 -18.66
C ASN F 39 -7.09 -28.25 -18.70
N GLU F 40 -6.20 -29.14 -19.14
N GLU F 40 -6.19 -29.12 -19.15
CA GLU F 40 -4.79 -28.82 -19.20
CA GLU F 40 -4.78 -28.79 -19.20
C GLU F 40 -4.21 -29.33 -20.51
C GLU F 40 -4.13 -29.45 -20.41
N ILE F 41 -3.00 -28.88 -20.81
CA ILE F 41 -2.24 -29.29 -22.00
C ILE F 41 -0.91 -29.83 -21.51
N THR F 42 -0.66 -31.11 -21.76
CA THR F 42 0.62 -31.72 -21.43
C THR F 42 1.69 -31.29 -22.43
N ILE F 43 2.83 -30.85 -21.90
CA ILE F 43 3.95 -30.35 -22.69
C ILE F 43 5.07 -31.38 -22.65
N TYR F 44 5.55 -31.75 -23.83
CA TYR F 44 6.65 -32.70 -23.98
C TYR F 44 7.85 -32.00 -24.59
N ALA F 45 9.04 -32.47 -24.23
CA ALA F 45 10.29 -31.95 -24.78
C ALA F 45 10.41 -32.38 -26.24
N PRO F 46 10.50 -31.45 -27.19
CA PRO F 46 10.49 -31.87 -28.61
C PRO F 46 11.68 -32.74 -29.01
N ALA F 47 12.82 -32.64 -28.32
CA ALA F 47 13.99 -33.39 -28.75
C ALA F 47 13.98 -34.83 -28.21
N THR F 48 13.31 -35.07 -27.08
CA THR F 48 13.40 -36.34 -26.38
C THR F 48 12.07 -36.99 -26.04
N GLY F 49 10.96 -36.24 -26.03
CA GLY F 49 9.68 -36.78 -25.64
C GLY F 49 9.38 -36.73 -24.16
N GLU F 50 10.33 -36.24 -23.36
CA GLU F 50 10.16 -36.19 -21.91
C GLU F 50 8.93 -35.36 -21.58
N GLU F 51 8.08 -35.89 -20.70
CA GLU F 51 6.96 -35.10 -20.18
C GLU F 51 7.49 -34.06 -19.22
N LEU F 52 7.25 -32.77 -19.53
CA LEU F 52 7.75 -31.69 -18.69
C LEU F 52 6.73 -31.20 -17.67
N GLY F 53 5.45 -31.46 -17.90
CA GLY F 53 4.38 -30.96 -17.06
C GLY F 53 3.22 -30.54 -17.93
N SER F 54 2.26 -29.86 -17.31
CA SER F 54 1.09 -29.36 -18.03
C SER F 54 0.93 -27.87 -17.76
N VAL F 55 0.20 -27.21 -18.65
CA VAL F 55 -0.24 -25.82 -18.45
C VAL F 55 -1.75 -25.77 -18.63
N PRO F 56 -2.40 -24.75 -18.06
CA PRO F 56 -3.86 -24.71 -18.14
C PRO F 56 -4.34 -24.43 -19.55
N ALA F 57 -5.50 -25.00 -19.89
CA ALA F 57 -6.23 -24.65 -21.11
C ALA F 57 -7.37 -23.74 -20.69
N MET F 58 -7.10 -22.43 -20.66
N MET F 58 -7.13 -22.43 -20.69
CA MET F 58 -8.09 -21.49 -20.15
CA MET F 58 -8.08 -21.50 -20.11
C MET F 58 -9.34 -21.47 -21.01
C MET F 58 -9.29 -21.28 -21.00
N THR F 59 -10.46 -21.19 -20.37
CA THR F 59 -11.70 -20.92 -21.05
C THR F 59 -11.82 -19.42 -21.37
N GLN F 60 -12.81 -19.08 -22.19
CA GLN F 60 -13.08 -17.69 -22.48
C GLN F 60 -13.43 -16.91 -21.23
N ALA F 61 -14.19 -17.51 -20.30
CA ALA F 61 -14.54 -16.81 -19.07
C ALA F 61 -13.34 -16.59 -18.19
N GLU F 62 -12.39 -17.53 -18.19
CA GLU F 62 -11.16 -17.33 -17.43
C GLU F 62 -10.31 -16.20 -18.02
N VAL F 63 -10.33 -16.04 -19.35
CA VAL F 63 -9.71 -14.87 -19.97
C VAL F 63 -10.42 -13.60 -19.52
N ASP F 64 -11.75 -13.60 -19.49
CA ASP F 64 -12.49 -12.45 -19.04
C ASP F 64 -12.04 -12.03 -17.64
N ALA F 65 -11.84 -13.01 -16.75
CA ALA F 65 -11.46 -12.70 -15.38
C ALA F 65 -10.07 -12.10 -15.30
N VAL F 66 -9.13 -12.62 -16.11
CA VAL F 66 -7.79 -12.02 -16.18
C VAL F 66 -7.92 -10.54 -16.56
N TYR F 67 -8.67 -10.25 -17.61
CA TYR F 67 -8.77 -8.89 -18.09
C TYR F 67 -9.48 -7.99 -17.10
N ALA F 68 -10.53 -8.50 -16.44
CA ALA F 68 -11.20 -7.71 -15.42
C ALA F 68 -10.25 -7.36 -14.27
N SER F 69 -9.41 -8.32 -13.88
CA SER F 69 -8.46 -8.07 -12.80
C SER F 69 -7.41 -7.04 -13.22
N ALA F 70 -6.97 -7.09 -14.47
CA ALA F 70 -6.00 -6.11 -14.95
C ALA F 70 -6.61 -4.71 -14.98
N LYS F 71 -7.82 -4.57 -15.52
CA LYS F 71 -8.46 -3.26 -15.56
CA LYS F 71 -8.42 -3.24 -15.56
C LYS F 71 -8.67 -2.70 -14.15
N LYS F 72 -9.00 -3.58 -13.19
CA LYS F 72 -9.18 -3.11 -11.81
C LYS F 72 -7.88 -2.59 -11.22
N ALA F 73 -6.75 -3.23 -11.56
CA ALA F 73 -5.45 -2.84 -11.03
C ALA F 73 -4.85 -1.62 -11.70
N LEU F 74 -5.36 -1.26 -12.88
CA LEU F 74 -4.73 -0.22 -13.68
C LEU F 74 -4.69 1.13 -12.96
N SER F 75 -5.76 1.51 -12.26
CA SER F 75 -5.82 2.86 -11.70
C SER F 75 -4.71 3.09 -10.68
N ASP F 76 -4.54 2.16 -9.75
CA ASP F 76 -3.51 2.31 -8.73
C ASP F 76 -2.10 2.09 -9.29
N TRP F 77 -1.98 1.39 -10.40
CA TRP F 77 -0.66 1.16 -11.00
C TRP F 77 -0.18 2.38 -11.78
N ARG F 78 -1.04 2.94 -12.62
CA ARG F 78 -0.64 4.09 -13.43
C ARG F 78 -0.35 5.32 -12.58
N THR F 79 -0.90 5.41 -11.36
CA THR F 79 -0.68 6.57 -10.50
C THR F 79 0.56 6.41 -9.60
N LEU F 80 1.19 5.22 -9.58
CA LEU F 80 2.48 5.10 -8.93
C LEU F 80 3.50 5.98 -9.65
N SER F 81 4.57 6.33 -8.95
CA SER F 81 5.68 7.03 -9.59
C SER F 81 6.45 6.09 -10.51
N TYR F 82 7.17 6.68 -11.47
CA TYR F 82 8.06 5.88 -12.30
C TYR F 82 9.05 5.08 -11.46
N VAL F 83 9.62 5.72 -10.43
N VAL F 83 9.66 5.71 -10.45
CA VAL F 83 10.58 5.07 -9.55
CA VAL F 83 10.70 5.03 -9.69
C VAL F 83 10.02 3.79 -8.97
C VAL F 83 10.16 3.79 -9.00
N GLU F 84 8.78 3.85 -8.48
N GLU F 84 8.91 3.86 -8.52
CA GLU F 84 8.18 2.69 -7.83
CA GLU F 84 8.32 2.68 -7.88
C GLU F 84 7.97 1.55 -8.81
C GLU F 84 8.09 1.56 -8.87
N ARG F 85 7.50 1.87 -10.03
CA ARG F 85 7.31 0.82 -11.04
C ARG F 85 8.65 0.24 -11.48
N ALA F 86 9.67 1.08 -11.66
CA ALA F 86 11.00 0.61 -12.03
C ALA F 86 11.56 -0.34 -10.99
N ALA F 87 11.26 -0.08 -9.71
CA ALA F 87 11.80 -0.92 -8.64
C ALA F 87 11.29 -2.35 -8.75
N TYR F 88 10.01 -2.52 -9.07
CA TYR F 88 9.47 -3.87 -9.24
C TYR F 88 10.17 -4.58 -10.40
N LEU F 89 10.40 -3.85 -11.50
CA LEU F 89 11.02 -4.46 -12.67
C LEU F 89 12.45 -4.88 -12.38
N HIS F 90 13.23 -4.04 -11.69
CA HIS F 90 14.60 -4.43 -11.37
C HIS F 90 14.62 -5.65 -10.44
N LYS F 91 13.68 -5.72 -9.49
CA LYS F 91 13.60 -6.88 -8.61
CA LYS F 91 13.61 -6.88 -8.61
C LYS F 91 13.28 -8.15 -9.40
N ALA F 92 12.35 -8.05 -10.35
CA ALA F 92 12.04 -9.22 -11.19
C ALA F 92 13.26 -9.65 -12.00
N ALA F 93 13.98 -8.71 -12.60
CA ALA F 93 15.18 -9.03 -13.35
C ALA F 93 16.20 -9.71 -12.45
N ASP F 94 16.37 -9.22 -11.22
CA ASP F 94 17.34 -9.82 -10.31
C ASP F 94 16.97 -11.27 -10.00
N ILE F 95 15.69 -11.55 -9.86
CA ILE F 95 15.23 -12.91 -9.60
C ILE F 95 15.49 -13.80 -10.81
N LEU F 96 15.22 -13.29 -12.02
CA LEU F 96 15.51 -14.06 -13.22
C LEU F 96 16.99 -14.42 -13.31
N VAL F 97 17.88 -13.47 -12.99
CA VAL F 97 19.31 -13.77 -13.01
C VAL F 97 19.62 -14.86 -11.99
N ARG F 98 19.08 -14.71 -10.78
CA ARG F 98 19.29 -15.71 -9.73
C ARG F 98 18.90 -17.11 -10.22
N ASP F 99 17.77 -17.21 -10.92
CA ASP F 99 17.20 -18.48 -11.32
C ASP F 99 17.49 -18.83 -12.78
N ALA F 100 18.48 -18.18 -13.39
CA ALA F 100 18.69 -18.35 -14.83
C ALA F 100 18.99 -19.81 -15.18
N GLU F 101 19.77 -20.51 -14.36
CA GLU F 101 20.07 -21.90 -14.68
C GLU F 101 18.83 -22.79 -14.55
N LYS F 102 18.03 -22.56 -13.51
CA LYS F 102 16.82 -23.36 -13.29
CA LYS F 102 16.84 -23.37 -13.30
C LYS F 102 15.84 -23.15 -14.43
N ILE F 103 15.61 -21.91 -14.80
CA ILE F 103 14.64 -21.61 -15.85
C ILE F 103 15.19 -22.03 -17.19
N GLY F 104 16.46 -21.76 -17.45
CA GLY F 104 17.03 -22.09 -18.74
C GLY F 104 17.06 -23.59 -18.99
N ALA F 105 17.26 -24.38 -17.95
CA ALA F 105 17.25 -25.83 -18.11
C ALA F 105 15.89 -26.31 -18.61
N ILE F 106 14.82 -25.73 -18.10
CA ILE F 106 13.50 -26.14 -18.54
C ILE F 106 13.20 -25.56 -19.91
N LEU F 107 13.52 -24.29 -20.14
CA LEU F 107 13.33 -23.69 -21.44
C LEU F 107 14.04 -24.50 -22.53
N SER F 108 15.26 -24.94 -22.24
CA SER F 108 16.02 -25.74 -23.21
C SER F 108 15.22 -26.96 -23.64
N LYS F 109 14.67 -27.70 -22.66
CA LYS F 109 13.88 -28.88 -22.98
C LYS F 109 12.59 -28.52 -23.71
N GLU F 110 11.95 -27.43 -23.29
CA GLU F 110 10.60 -27.16 -23.77
C GLU F 110 10.58 -26.77 -25.25
N VAL F 111 11.58 -26.01 -25.71
CA VAL F 111 11.60 -25.55 -27.09
C VAL F 111 12.82 -26.08 -27.84
N ALA F 112 13.47 -27.11 -27.29
CA ALA F 112 14.60 -27.80 -27.95
C ALA F 112 15.68 -26.79 -28.34
N LYS F 113 15.95 -25.86 -27.43
CA LYS F 113 17.02 -24.88 -27.59
C LYS F 113 18.24 -25.34 -26.81
N GLY F 114 19.42 -25.19 -27.42
CA GLY F 114 20.65 -25.51 -26.74
C GLY F 114 20.67 -25.00 -25.31
N HIS F 115 21.12 -25.83 -24.38
CA HIS F 115 21.07 -25.47 -22.97
C HIS F 115 21.76 -24.13 -22.69
N LYS F 116 22.96 -23.93 -23.23
CA LYS F 116 23.65 -22.66 -23.04
C LYS F 116 22.86 -21.50 -23.64
N ALA F 117 22.30 -21.69 -24.83
CA ALA F 117 21.53 -20.63 -25.44
C ALA F 117 20.26 -20.35 -24.66
N ALA F 118 19.67 -21.36 -24.02
CA ALA F 118 18.46 -21.13 -23.24
C ALA F 118 18.77 -20.32 -21.99
N VAL F 119 19.85 -20.67 -21.28
CA VAL F 119 20.27 -19.83 -20.17
C VAL F 119 20.57 -18.40 -20.64
N SER F 120 21.23 -18.27 -21.79
CA SER F 120 21.51 -16.94 -22.31
C SER F 120 20.22 -16.16 -22.58
N GLU F 121 19.18 -16.85 -23.06
CA GLU F 121 17.91 -16.16 -23.29
C GLU F 121 17.36 -15.57 -22.01
N VAL F 122 17.48 -16.32 -20.89
CA VAL F 122 16.98 -15.80 -19.62
C VAL F 122 17.80 -14.59 -19.17
N ILE F 123 19.12 -14.67 -19.30
CA ILE F 123 19.98 -13.54 -18.95
C ILE F 123 19.65 -12.30 -19.79
N ARG F 124 19.45 -12.51 -21.10
CA ARG F 124 19.08 -11.41 -21.98
C ARG F 124 17.76 -10.80 -21.58
N THR F 125 16.81 -11.64 -21.18
CA THR F 125 15.51 -11.13 -20.73
C THR F 125 15.69 -10.18 -19.54
N ALA F 126 16.52 -10.58 -18.57
CA ALA F 126 16.80 -9.70 -17.44
C ALA F 126 17.42 -8.39 -17.91
N GLU F 127 18.36 -8.46 -18.85
CA GLU F 127 18.96 -7.24 -19.39
C GLU F 127 17.91 -6.32 -19.98
N ILE F 128 16.97 -6.90 -20.74
CA ILE F 128 15.94 -6.09 -21.38
C ILE F 128 15.04 -5.46 -20.34
N ILE F 129 14.68 -6.24 -19.31
CA ILE F 129 13.79 -5.72 -18.27
C ILE F 129 14.45 -4.56 -17.54
N ASN F 130 15.71 -4.73 -17.16
CA ASN F 130 16.42 -3.65 -16.48
C ASN F 130 16.54 -2.42 -17.37
N TYR F 131 16.90 -2.62 -18.64
CA TYR F 131 17.05 -1.49 -19.56
C TYR F 131 15.73 -0.77 -19.77
N ALA F 132 14.63 -1.52 -19.93
CA ALA F 132 13.32 -0.89 -20.10
C ALA F 132 12.93 -0.08 -18.89
N ALA F 133 13.21 -0.60 -17.69
CA ALA F 133 12.89 0.15 -16.48
C ALA F 133 13.59 1.51 -16.48
N GLU F 134 14.89 1.53 -16.83
CA GLU F 134 15.65 2.77 -16.77
C GLU F 134 15.36 3.67 -17.96
N GLU F 135 15.11 3.10 -19.14
CA GLU F 135 14.69 3.94 -20.26
C GLU F 135 13.37 4.62 -19.96
N GLY F 136 12.40 3.87 -19.46
CA GLY F 136 11.05 4.38 -19.28
C GLY F 136 10.95 5.42 -18.19
N LEU F 137 11.72 5.27 -17.12
CA LEU F 137 11.51 6.11 -15.95
C LEU F 137 11.95 7.55 -16.18
N ARG F 138 12.78 7.80 -17.19
CA ARG F 138 13.26 9.14 -17.48
C ARG F 138 12.66 9.71 -18.76
N MET F 139 11.63 9.07 -19.31
CA MET F 139 10.87 9.66 -20.40
CA MET F 139 10.90 9.67 -20.42
C MET F 139 10.29 10.99 -19.95
N GLU F 140 10.07 11.88 -20.91
CA GLU F 140 9.64 13.23 -20.60
C GLU F 140 8.42 13.59 -21.42
N GLY F 141 7.67 14.58 -20.91
CA GLY F 141 6.69 15.29 -21.70
C GLY F 141 7.32 16.50 -22.36
N GLU F 142 6.44 17.38 -22.85
CA GLU F 142 6.92 18.56 -23.55
C GLU F 142 5.93 19.71 -23.36
N VAL F 143 6.43 20.92 -23.54
CA VAL F 143 5.63 22.13 -23.50
CA VAL F 143 5.60 22.11 -23.52
C VAL F 143 5.72 22.77 -24.88
N LEU F 144 4.58 23.03 -25.50
CA LEU F 144 4.53 23.64 -26.82
C LEU F 144 3.97 25.06 -26.75
N GLU F 145 4.45 25.89 -27.66
CA GLU F 145 4.15 27.32 -27.69
C GLU F 145 3.10 27.61 -28.77
N GLY F 146 1.98 28.23 -28.36
CA GLY F 146 1.02 28.67 -29.35
C GLY F 146 1.63 29.65 -30.34
N GLY F 147 2.57 30.46 -29.86
CA GLY F 147 3.24 31.47 -30.67
C GLY F 147 4.17 30.91 -31.72
N SER F 148 4.47 29.61 -31.66
CA SER F 148 5.19 28.99 -32.77
CA SER F 148 5.19 28.99 -32.77
C SER F 148 4.33 28.96 -34.02
N PHE F 149 3.01 28.93 -33.85
CA PHE F 149 2.08 28.74 -34.94
C PHE F 149 1.31 29.98 -35.29
N GLU F 150 0.90 30.75 -34.29
CA GLU F 150 0.00 31.89 -34.48
C GLU F 150 0.35 32.96 -33.47
N ALA F 151 0.60 34.18 -33.95
CA ALA F 151 0.92 35.27 -33.05
C ALA F 151 -0.16 35.48 -31.99
N ALA F 152 -1.41 35.40 -32.39
CA ALA F 152 -2.51 35.67 -31.46
C ALA F 152 -2.59 34.66 -30.33
N SER F 153 -1.95 33.49 -30.49
CA SER F 153 -1.97 32.46 -29.47
C SER F 153 -0.66 32.37 -28.68
N LYS F 154 0.13 33.44 -28.67
CA LYS F 154 1.45 33.37 -28.07
C LYS F 154 1.42 33.13 -26.57
N LYS F 155 0.31 33.46 -25.88
CA LYS F 155 0.20 33.20 -24.46
C LYS F 155 -0.40 31.84 -24.15
N LYS F 156 -0.79 31.07 -25.17
CA LYS F 156 -1.36 29.74 -24.96
C LYS F 156 -0.24 28.71 -25.05
N ILE F 157 -0.14 27.86 -24.04
CA ILE F 157 0.85 26.79 -24.03
C ILE F 157 0.17 25.45 -23.73
N ALA F 158 0.77 24.39 -24.25
CA ALA F 158 0.26 23.03 -24.06
C ALA F 158 1.27 22.26 -23.24
N ILE F 159 0.83 21.75 -22.09
N ILE F 159 0.83 21.75 -22.09
CA ILE F 159 1.63 20.92 -21.21
CA ILE F 159 1.65 20.92 -21.22
C ILE F 159 1.30 19.47 -21.56
C ILE F 159 1.31 19.47 -21.56
N VAL F 160 2.22 18.79 -22.22
CA VAL F 160 1.98 17.45 -22.77
C VAL F 160 2.74 16.44 -21.91
N ARG F 161 2.01 15.47 -21.35
CA ARG F 161 2.57 14.46 -20.47
C ARG F 161 2.24 13.08 -21.01
N ARG F 162 3.12 12.12 -20.72
CA ARG F 162 2.92 10.76 -21.20
C ARG F 162 1.93 10.03 -20.29
N GLU F 163 1.17 9.12 -20.90
CA GLU F 163 0.28 8.24 -20.15
C GLU F 163 0.30 6.85 -20.79
N PRO F 164 0.02 5.81 -20.02
CA PRO F 164 -0.13 4.49 -20.60
C PRO F 164 -1.35 4.41 -21.51
N VAL F 165 -1.35 3.35 -22.34
CA VAL F 165 -2.51 3.09 -23.19
C VAL F 165 -3.59 2.29 -22.46
N GLY F 166 -3.21 1.47 -21.47
CA GLY F 166 -4.16 0.73 -20.68
C GLY F 166 -3.73 -0.70 -20.46
N LEU F 167 -4.56 -1.64 -20.92
CA LEU F 167 -4.28 -3.06 -20.87
C LEU F 167 -3.60 -3.50 -22.16
N VAL F 168 -2.38 -4.00 -22.03
CA VAL F 168 -1.58 -4.54 -23.13
C VAL F 168 -1.67 -6.06 -23.09
N LEU F 169 -2.12 -6.65 -24.20
CA LEU F 169 -2.03 -8.09 -24.41
C LEU F 169 -0.71 -8.36 -25.12
N ALA F 170 0.14 -9.16 -24.50
CA ALA F 170 1.45 -9.53 -25.02
C ALA F 170 1.41 -11.00 -25.40
N ILE F 171 1.86 -11.32 -26.62
CA ILE F 171 1.84 -12.67 -27.15
C ILE F 171 3.23 -12.99 -27.69
N SER F 172 3.87 -14.03 -27.15
CA SER F 172 5.23 -14.39 -27.53
C SER F 172 5.27 -15.68 -28.32
N PRO F 173 6.39 -15.93 -29.05
CA PRO F 173 6.47 -17.09 -29.94
C PRO F 173 7.31 -18.21 -29.35
N PHE F 174 7.27 -19.39 -29.97
CA PHE F 174 7.93 -20.55 -29.35
C PHE F 174 9.45 -20.38 -29.30
N ASN F 175 10.03 -19.64 -30.21
CA ASN F 175 11.49 -19.68 -30.36
C ASN F 175 12.20 -18.72 -29.43
N TYR F 176 11.47 -17.79 -28.81
CA TYR F 176 12.01 -16.94 -27.74
C TYR F 176 10.86 -16.66 -26.78
N PRO F 177 10.36 -17.69 -26.10
CA PRO F 177 9.12 -17.54 -25.34
C PRO F 177 9.28 -16.62 -24.14
N VAL F 178 10.50 -16.50 -23.61
CA VAL F 178 10.78 -15.66 -22.46
C VAL F 178 11.31 -14.29 -22.88
N ASN F 179 12.30 -14.25 -23.77
N ASN F 179 12.32 -14.27 -23.75
CA ASN F 179 12.86 -12.95 -24.11
CA ASN F 179 12.89 -13.01 -24.19
C ASN F 179 11.85 -12.08 -24.84
C ASN F 179 11.84 -12.11 -24.82
N LEU F 180 11.04 -12.65 -25.71
CA LEU F 180 10.02 -11.90 -26.42
C LEU F 180 8.70 -11.86 -25.66
N ALA F 181 8.71 -12.30 -24.40
CA ALA F 181 7.71 -11.88 -23.43
C ALA F 181 8.22 -10.66 -22.67
N GLY F 182 9.45 -10.74 -22.14
CA GLY F 182 10.03 -9.62 -21.42
C GLY F 182 10.16 -8.36 -22.23
N SER F 183 10.43 -8.50 -23.54
CA SER F 183 10.56 -7.34 -24.41
C SER F 183 9.26 -6.57 -24.55
N LYS F 184 8.13 -7.19 -24.22
CA LYS F 184 6.83 -6.55 -24.22
C LYS F 184 6.40 -6.13 -22.83
N ILE F 185 6.61 -7.01 -21.85
CA ILE F 185 6.10 -6.79 -20.50
C ILE F 185 6.78 -5.58 -19.86
N ALA F 186 8.12 -5.54 -19.89
CA ALA F 186 8.81 -4.49 -19.15
C ALA F 186 8.53 -3.12 -19.76
N PRO F 187 8.62 -2.93 -21.08
CA PRO F 187 8.23 -1.63 -21.65
C PRO F 187 6.81 -1.21 -21.31
N ALA F 188 5.88 -2.14 -21.35
CA ALA F 188 4.49 -1.81 -21.01
C ALA F 188 4.38 -1.38 -19.55
N LEU F 189 5.00 -2.14 -18.64
CA LEU F 189 4.80 -1.90 -17.22
C LEU F 189 5.41 -0.59 -16.76
N ILE F 190 6.61 -0.25 -17.25
CA ILE F 190 7.27 0.97 -16.75
C ILE F 190 6.42 2.19 -17.06
N ALA F 191 5.73 2.18 -18.20
CA ALA F 191 4.88 3.29 -18.63
C ALA F 191 3.54 3.35 -17.90
N GLY F 192 3.25 2.39 -17.04
CA GLY F 192 1.99 2.36 -16.31
C GLY F 192 0.88 1.53 -16.93
N ASN F 193 1.16 0.77 -17.97
CA ASN F 193 0.19 -0.18 -18.49
C ASN F 193 0.11 -1.40 -17.57
N VAL F 194 -1.02 -2.12 -17.64
CA VAL F 194 -1.14 -3.46 -17.08
C VAL F 194 -1.05 -4.44 -18.24
N VAL F 195 -0.70 -5.68 -17.92
CA VAL F 195 -0.30 -6.65 -18.94
C VAL F 195 -0.92 -8.01 -18.68
N ALA F 196 -1.41 -8.64 -19.75
CA ALA F 196 -1.65 -10.07 -19.81
C ALA F 196 -0.71 -10.67 -20.84
N LEU F 197 0.03 -11.71 -20.44
CA LEU F 197 0.95 -12.40 -21.34
C LEU F 197 0.37 -13.76 -21.73
N LYS F 198 0.26 -14.00 -23.04
CA LYS F 198 -0.04 -15.31 -23.59
CA LYS F 198 -0.05 -15.32 -23.57
C LYS F 198 1.24 -15.87 -24.18
N PRO F 199 1.94 -16.78 -23.51
CA PRO F 199 3.10 -17.41 -24.13
C PRO F 199 2.62 -18.38 -25.20
N PRO F 200 3.52 -18.85 -26.06
CA PRO F 200 3.17 -19.98 -26.94
C PRO F 200 2.90 -21.21 -26.09
N THR F 201 2.05 -22.10 -26.60
CA THR F 201 1.74 -23.30 -25.82
C THR F 201 3.00 -24.13 -25.62
N GLN F 202 3.74 -24.39 -26.70
CA GLN F 202 5.06 -25.01 -26.60
C GLN F 202 6.01 -23.89 -26.19
N GLY F 203 6.24 -23.76 -24.89
CA GLY F 203 6.94 -22.64 -24.30
C GLY F 203 6.17 -21.99 -23.16
N SER F 204 4.98 -22.49 -22.87
CA SER F 204 4.16 -21.88 -21.84
C SER F 204 4.68 -22.17 -20.44
N ILE F 205 5.36 -23.31 -20.23
CA ILE F 205 5.99 -23.54 -18.95
C ILE F 205 7.03 -22.46 -18.68
N SER F 206 7.88 -22.18 -19.68
CA SER F 206 8.89 -21.13 -19.53
C SER F 206 8.25 -19.78 -19.30
N GLY F 207 7.16 -19.49 -20.01
CA GLY F 207 6.44 -18.24 -19.78
C GLY F 207 5.93 -18.13 -18.35
N LEU F 208 5.40 -19.23 -17.82
CA LEU F 208 4.90 -19.21 -16.44
C LEU F 208 6.04 -19.14 -15.42
N LEU F 209 7.21 -19.71 -15.76
CA LEU F 209 8.38 -19.51 -14.89
C LEU F 209 8.81 -18.05 -14.87
N LEU F 210 8.77 -17.38 -16.02
CA LEU F 210 9.02 -15.94 -16.04
C LEU F 210 8.02 -15.21 -15.15
N ALA F 211 6.76 -15.61 -15.21
CA ALA F 211 5.74 -14.95 -14.40
C ALA F 211 6.00 -15.12 -12.91
N GLU F 212 6.58 -16.26 -12.51
CA GLU F 212 6.93 -16.45 -11.10
C GLU F 212 7.89 -15.37 -10.60
N ALA F 213 8.84 -14.95 -11.46
CA ALA F 213 9.79 -13.92 -11.05
C ALA F 213 9.07 -12.61 -10.77
N PHE F 214 8.11 -12.24 -11.63
CA PHE F 214 7.37 -11.01 -11.42
C PHE F 214 6.50 -11.10 -10.17
N ALA F 215 5.89 -12.25 -9.91
CA ALA F 215 5.14 -12.46 -8.69
C ALA F 215 6.03 -12.35 -7.45
N GLU F 216 7.21 -12.98 -7.49
CA GLU F 216 8.11 -12.94 -6.33
C GLU F 216 8.60 -11.51 -6.10
N ALA F 217 8.77 -10.74 -7.17
CA ALA F 217 9.18 -9.35 -7.06
C ALA F 217 8.12 -8.49 -6.39
N GLY F 218 6.92 -9.00 -6.22
CA GLY F 218 5.86 -8.27 -5.57
C GLY F 218 4.99 -7.46 -6.49
N ILE F 219 5.00 -7.73 -7.79
CA ILE F 219 4.17 -6.97 -8.73
C ILE F 219 2.75 -6.99 -8.20
N PRO F 220 2.05 -5.85 -8.10
CA PRO F 220 0.73 -5.86 -7.48
C PRO F 220 -0.26 -6.75 -8.22
N ALA F 221 -1.20 -7.30 -7.46
CA ALA F 221 -2.17 -8.23 -8.03
C ALA F 221 -2.87 -7.60 -9.21
N GLY F 222 -2.93 -8.34 -10.31
CA GLY F 222 -3.62 -7.92 -11.50
C GLY F 222 -2.79 -7.05 -12.44
N VAL F 223 -1.67 -6.51 -11.98
CA VAL F 223 -0.86 -5.64 -12.84
C VAL F 223 -0.20 -6.45 -13.95
N PHE F 224 0.16 -7.70 -13.65
CA PHE F 224 0.70 -8.64 -14.61
C PHE F 224 0.02 -9.98 -14.38
N ASN F 225 -0.45 -10.59 -15.45
CA ASN F 225 -1.19 -11.84 -15.41
C ASN F 225 -0.80 -12.66 -16.62
N THR F 226 -1.06 -13.97 -16.56
CA THR F 226 -0.78 -14.86 -17.69
C THR F 226 -2.04 -15.56 -18.15
N ILE F 227 -2.04 -15.87 -19.45
CA ILE F 227 -3.07 -16.64 -20.12
C ILE F 227 -2.38 -17.79 -20.84
N THR F 228 -2.88 -19.01 -20.64
CA THR F 228 -2.42 -20.15 -21.41
C THR F 228 -3.62 -20.88 -22.00
N GLY F 229 -3.38 -21.57 -23.12
CA GLY F 229 -4.38 -22.23 -23.90
C GLY F 229 -3.95 -22.21 -25.35
N ARG F 230 -4.54 -23.08 -26.15
CA ARG F 230 -4.12 -23.19 -27.54
C ARG F 230 -4.58 -21.96 -28.32
N GLY F 231 -3.62 -21.32 -29.00
CA GLY F 231 -3.94 -20.16 -29.82
C GLY F 231 -5.04 -20.46 -30.83
N SER F 232 -5.05 -21.66 -31.39
CA SER F 232 -6.10 -22.05 -32.34
C SER F 232 -7.47 -22.18 -31.68
N VAL F 233 -7.54 -22.22 -30.36
CA VAL F 233 -8.80 -22.37 -29.62
C VAL F 233 -9.26 -21.05 -29.01
N ILE F 234 -8.39 -20.37 -28.26
CA ILE F 234 -8.75 -19.12 -27.58
C ILE F 234 -8.12 -17.88 -28.18
N GLY F 235 -7.25 -18.03 -29.18
CA GLY F 235 -6.47 -16.91 -29.65
C GLY F 235 -7.32 -15.77 -30.19
N ASP F 236 -8.31 -16.10 -31.02
CA ASP F 236 -9.19 -15.06 -31.53
C ASP F 236 -9.91 -14.35 -30.38
N TYR F 237 -10.35 -15.11 -29.38
CA TYR F 237 -11.11 -14.51 -28.28
C TYR F 237 -10.27 -13.51 -27.50
N ILE F 238 -9.02 -13.87 -27.18
CA ILE F 238 -8.21 -13.00 -26.34
C ILE F 238 -7.88 -11.70 -27.06
N VAL F 239 -7.79 -11.74 -28.40
CA VAL F 239 -7.41 -10.56 -29.18
C VAL F 239 -8.61 -9.65 -29.39
N GLU F 240 -9.77 -10.24 -29.68
CA GLU F 240 -10.96 -9.44 -30.00
C GLU F 240 -11.58 -8.80 -28.77
N HIS F 241 -11.21 -9.24 -27.57
CA HIS F 241 -11.85 -8.79 -26.35
C HIS F 241 -11.75 -7.28 -26.17
N GLU F 242 -12.88 -6.64 -25.87
CA GLU F 242 -12.92 -5.19 -25.81
C GLU F 242 -12.12 -4.61 -24.65
N ALA F 243 -11.80 -5.42 -23.64
CA ALA F 243 -11.00 -4.90 -22.54
C ALA F 243 -9.57 -4.55 -22.98
N VAL F 244 -9.07 -5.24 -24.01
CA VAL F 244 -7.70 -5.05 -24.46
C VAL F 244 -7.57 -3.72 -25.18
N ASN F 245 -6.60 -2.90 -24.77
CA ASN F 245 -6.37 -1.61 -25.39
C ASN F 245 -5.22 -1.61 -26.39
N PHE F 246 -4.38 -2.63 -26.40
CA PHE F 246 -3.19 -2.68 -27.23
C PHE F 246 -2.79 -4.13 -27.37
N ILE F 247 -2.46 -4.56 -28.59
CA ILE F 247 -2.04 -5.93 -28.84
C ILE F 247 -0.61 -5.89 -29.35
N ASN F 248 0.28 -6.60 -28.67
CA ASN F 248 1.72 -6.61 -28.97
C ASN F 248 2.04 -8.07 -29.27
N PHE F 249 2.22 -8.42 -30.55
CA PHE F 249 2.25 -9.80 -31.00
C PHE F 249 3.53 -10.11 -31.76
N THR F 250 4.12 -11.25 -31.46
CA THR F 250 5.24 -11.80 -32.22
C THR F 250 4.88 -13.23 -32.61
N GLY F 251 5.01 -13.53 -33.90
CA GLY F 251 4.61 -14.83 -34.38
C GLY F 251 4.58 -14.86 -35.91
N SER F 252 3.84 -15.83 -36.44
CA SER F 252 3.82 -16.02 -37.89
C SER F 252 2.97 -14.97 -38.58
N THR F 253 3.29 -14.70 -39.84
CA THR F 253 2.51 -13.76 -40.63
C THR F 253 1.04 -14.13 -40.74
N PRO F 254 0.67 -15.39 -40.99
CA PRO F 254 -0.79 -15.68 -41.06
C PRO F 254 -1.52 -15.37 -39.77
N ILE F 255 -0.93 -15.68 -38.61
CA ILE F 255 -1.60 -15.34 -37.35
C ILE F 255 -1.63 -13.82 -37.17
N GLY F 256 -0.55 -13.14 -37.55
CA GLY F 256 -0.55 -11.69 -37.49
C GLY F 256 -1.65 -11.08 -38.35
N GLU F 257 -1.87 -11.64 -39.55
CA GLU F 257 -2.96 -11.18 -40.41
C GLU F 257 -4.30 -11.32 -39.72
N GLY F 258 -4.53 -12.46 -39.06
CA GLY F 258 -5.77 -12.67 -38.35
C GLY F 258 -5.97 -11.71 -37.20
N ILE F 259 -4.87 -11.36 -36.52
CA ILE F 259 -4.94 -10.36 -35.46
C ILE F 259 -5.35 -9.01 -36.03
N GLY F 260 -4.80 -8.66 -37.19
CA GLY F 260 -5.22 -7.42 -37.84
C GLY F 260 -6.70 -7.38 -38.15
N LYS F 261 -7.28 -8.53 -38.52
CA LYS F 261 -8.71 -8.60 -38.79
C LYS F 261 -9.57 -8.47 -37.53
N LEU F 262 -8.97 -8.58 -36.34
CA LEU F 262 -9.70 -8.48 -35.08
C LEU F 262 -9.29 -7.31 -34.21
N ALA F 263 -8.21 -6.61 -34.55
CA ALA F 263 -7.74 -5.51 -33.72
C ALA F 263 -8.69 -4.32 -33.78
N GLY F 264 -9.47 -4.19 -34.84
CA GLY F 264 -10.36 -3.06 -34.93
C GLY F 264 -9.57 -1.77 -34.96
N MET F 265 -9.97 -0.81 -34.15
N MET F 265 -9.99 -0.80 -34.14
CA MET F 265 -9.34 0.50 -34.11
CA MET F 265 -9.36 0.51 -34.07
C MET F 265 -8.14 0.57 -33.19
C MET F 265 -8.31 0.60 -32.96
N ARG F 266 -7.87 -0.50 -32.45
CA ARG F 266 -6.87 -0.44 -31.38
C ARG F 266 -5.45 -0.52 -31.92
N PRO F 267 -4.53 0.17 -31.25
CA PRO F 267 -3.13 0.10 -31.68
C PRO F 267 -2.56 -1.29 -31.49
N ILE F 268 -1.75 -1.72 -32.45
CA ILE F 268 -1.11 -3.03 -32.41
C ILE F 268 0.34 -2.89 -32.81
N MET F 269 1.12 -3.88 -32.40
CA MET F 269 2.47 -4.09 -32.89
C MET F 269 2.54 -5.54 -33.34
N LEU F 270 3.14 -5.78 -34.51
CA LEU F 270 3.23 -7.10 -35.07
C LEU F 270 4.68 -7.34 -35.46
N GLU F 271 5.26 -8.44 -35.02
CA GLU F 271 6.59 -8.89 -35.44
C GLU F 271 6.37 -10.26 -36.03
N LEU F 272 6.45 -10.33 -37.36
CA LEU F 272 5.97 -11.51 -38.09
C LEU F 272 7.12 -12.21 -38.79
N GLY F 273 6.84 -12.93 -39.86
CA GLY F 273 7.85 -13.74 -40.51
C GLY F 273 8.90 -12.93 -41.22
N GLY F 274 9.97 -13.62 -41.55
CA GLY F 274 11.06 -13.05 -42.32
C GLY F 274 11.61 -14.04 -43.31
N LYS F 275 12.18 -13.50 -44.39
CA LYS F 275 12.93 -14.28 -45.35
C LYS F 275 14.16 -13.43 -45.69
N ASP F 276 14.97 -13.16 -44.68
CA ASP F 276 16.00 -12.15 -44.80
C ASP F 276 17.05 -12.55 -45.84
N SER F 277 17.35 -11.64 -46.74
N SER F 277 17.36 -11.63 -46.74
CA SER F 277 18.36 -11.88 -47.76
CA SER F 277 18.38 -11.84 -47.75
C SER F 277 19.75 -11.48 -47.27
C SER F 277 19.76 -11.53 -47.20
N ALA F 278 20.76 -12.22 -47.75
CA ALA F 278 22.17 -11.89 -47.58
C ALA F 278 22.71 -11.59 -48.98
N ILE F 279 22.99 -10.33 -49.27
CA ILE F 279 23.43 -9.91 -50.60
C ILE F 279 24.95 -9.88 -50.58
N VAL F 280 25.57 -10.68 -51.43
CA VAL F 280 27.02 -10.84 -51.46
C VAL F 280 27.55 -10.28 -52.77
N LEU F 281 28.36 -9.22 -52.69
CA LEU F 281 28.85 -8.52 -53.86
C LEU F 281 30.23 -9.05 -54.25
N GLU F 282 30.67 -8.66 -55.46
CA GLU F 282 31.91 -9.20 -56.00
C GLU F 282 33.12 -8.86 -55.14
N ASP F 283 33.07 -7.75 -54.40
CA ASP F 283 34.19 -7.30 -53.59
C ASP F 283 34.11 -7.75 -52.13
N ALA F 284 33.23 -8.70 -51.81
CA ALA F 284 33.08 -9.13 -50.43
C ALA F 284 34.24 -10.02 -49.97
N ASP F 285 34.53 -9.95 -48.68
N ASP F 285 34.52 -9.97 -48.67
CA ASP F 285 35.38 -10.94 -48.00
CA ASP F 285 35.40 -10.94 -48.02
C ASP F 285 34.58 -12.22 -47.85
C ASP F 285 34.60 -12.21 -47.83
N LEU F 286 34.86 -13.22 -48.67
CA LEU F 286 34.01 -14.40 -48.71
C LEU F 286 34.13 -15.24 -47.45
N ALA F 287 35.29 -15.26 -46.81
CA ALA F 287 35.43 -16.06 -45.59
C ALA F 287 34.56 -15.50 -44.48
N LEU F 288 34.55 -14.18 -44.32
CA LEU F 288 33.71 -13.58 -43.31
C LEU F 288 32.25 -13.67 -43.69
N ALA F 289 31.94 -13.52 -44.97
CA ALA F 289 30.56 -13.65 -45.41
C ALA F 289 30.05 -15.06 -45.12
N ALA F 290 30.84 -16.07 -45.46
CA ALA F 290 30.43 -17.44 -45.21
C ALA F 290 30.24 -17.69 -43.72
N LYS F 291 31.17 -17.20 -42.89
CA LYS F 291 31.05 -17.38 -41.44
C LYS F 291 29.74 -16.81 -40.93
N ASN F 292 29.43 -15.56 -41.32
CA ASN F 292 28.23 -14.89 -40.79
C ASN F 292 26.96 -15.47 -41.39
N ILE F 293 27.00 -15.86 -42.67
CA ILE F 293 25.82 -16.48 -43.30
C ILE F 293 25.48 -17.80 -42.61
N VAL F 294 26.50 -18.60 -42.30
CA VAL F 294 26.23 -19.89 -41.67
C VAL F 294 25.72 -19.69 -40.25
N ALA F 295 26.36 -18.79 -39.49
CA ALA F 295 25.90 -18.51 -38.14
C ALA F 295 24.45 -18.05 -38.15
N GLY F 296 24.11 -17.16 -39.09
CA GLY F 296 22.78 -16.59 -39.09
C GLY F 296 21.73 -17.50 -39.70
N ALA F 297 22.11 -18.33 -40.67
CA ALA F 297 21.16 -19.20 -41.33
C ALA F 297 20.81 -20.41 -40.49
N PHE F 298 21.77 -20.95 -39.76
CA PHE F 298 21.60 -22.21 -39.06
C PHE F 298 21.55 -22.10 -37.55
N GLY F 299 21.72 -20.91 -36.98
CA GLY F 299 21.49 -20.74 -35.55
C GLY F 299 20.11 -21.21 -35.17
N TYR F 300 20.01 -21.99 -34.09
CA TYR F 300 18.74 -22.56 -33.63
C TYR F 300 18.02 -23.29 -34.77
N SER F 301 18.80 -23.95 -35.63
CA SER F 301 18.26 -24.75 -36.72
C SER F 301 17.42 -23.92 -37.68
N GLY F 302 17.74 -22.63 -37.81
CA GLY F 302 16.99 -21.77 -38.70
C GLY F 302 15.69 -21.26 -38.14
N GLN F 303 15.41 -21.52 -36.87
CA GLN F 303 14.17 -21.12 -36.22
C GLN F 303 14.30 -19.72 -35.62
N ARG F 304 14.67 -18.76 -36.48
CA ARG F 304 14.80 -17.35 -36.11
C ARG F 304 14.11 -16.51 -37.18
N SER F 305 13.34 -15.51 -36.76
CA SER F 305 12.71 -14.61 -37.71
C SER F 305 13.75 -13.83 -38.49
N THR F 306 14.89 -13.52 -37.86
CA THR F 306 16.00 -12.80 -38.44
C THR F 306 17.07 -13.71 -39.04
N ALA F 307 16.79 -14.99 -39.21
CA ALA F 307 17.76 -15.88 -39.82
C ALA F 307 18.10 -15.39 -41.23
N VAL F 308 19.37 -15.54 -41.62
CA VAL F 308 19.67 -15.45 -43.04
C VAL F 308 18.92 -16.58 -43.72
N LYS F 309 17.99 -16.23 -44.59
CA LYS F 309 17.16 -17.26 -45.23
C LYS F 309 17.32 -17.38 -46.75
N ARG F 310 18.09 -16.52 -47.37
CA ARG F 310 18.41 -16.69 -48.78
C ARG F 310 19.65 -15.88 -49.07
N VAL F 311 20.58 -16.47 -49.80
CA VAL F 311 21.77 -15.79 -50.26
C VAL F 311 21.53 -15.32 -51.68
N LEU F 312 21.76 -14.03 -51.93
CA LEU F 312 21.67 -13.46 -53.28
C LEU F 312 23.10 -13.04 -53.62
N VAL F 313 23.78 -13.85 -54.42
CA VAL F 313 25.22 -13.70 -54.63
C VAL F 313 25.52 -13.43 -56.09
N MET F 314 26.37 -12.44 -56.33
CA MET F 314 26.85 -12.14 -57.66
C MET F 314 27.55 -13.35 -58.28
N ASP F 315 27.24 -13.60 -59.55
CA ASP F 315 27.73 -14.79 -60.24
C ASP F 315 29.21 -15.06 -60.01
N LYS F 316 30.04 -14.02 -60.13
CA LYS F 316 31.49 -14.23 -60.21
C LYS F 316 32.10 -14.71 -58.91
N VAL F 317 31.42 -14.55 -57.77
CA VAL F 317 31.93 -15.05 -56.49
C VAL F 317 31.05 -16.18 -55.93
N ALA F 318 30.07 -16.65 -56.69
CA ALA F 318 29.10 -17.60 -56.16
C ALA F 318 29.72 -18.97 -55.90
N ASP F 319 30.55 -19.45 -56.82
CA ASP F 319 31.12 -20.79 -56.66
C ASP F 319 31.96 -20.86 -55.39
N GLN F 320 32.82 -19.86 -55.19
CA GLN F 320 33.69 -19.90 -54.02
C GLN F 320 32.91 -19.63 -52.75
N LEU F 321 31.94 -18.70 -52.77
CA LEU F 321 31.11 -18.49 -51.59
C LEU F 321 30.38 -19.76 -51.19
N ALA F 322 29.73 -20.42 -52.15
CA ALA F 322 29.02 -21.65 -51.84
C ALA F 322 29.96 -22.70 -51.23
N ALA F 323 31.18 -22.80 -51.77
CA ALA F 323 32.12 -23.78 -51.22
C ALA F 323 32.51 -23.45 -49.79
N GLU F 324 32.73 -22.18 -49.49
CA GLU F 324 33.12 -21.81 -48.13
C GLU F 324 31.96 -21.97 -47.16
N ILE F 325 30.73 -21.70 -47.61
CA ILE F 325 29.56 -21.99 -46.79
C ILE F 325 29.45 -23.48 -46.55
N LYS F 326 29.62 -24.28 -47.61
CA LYS F 326 29.48 -25.73 -47.49
C LYS F 326 30.41 -26.30 -46.42
N THR F 327 31.69 -25.91 -46.44
CA THR F 327 32.63 -26.47 -45.48
C THR F 327 32.17 -26.19 -44.05
N LEU F 328 31.70 -24.97 -43.78
CA LEU F 328 31.24 -24.65 -42.45
C LEU F 328 29.98 -25.43 -42.09
N VAL F 329 29.05 -25.56 -43.03
CA VAL F 329 27.83 -26.31 -42.76
C VAL F 329 28.15 -27.74 -42.38
N GLU F 330 29.13 -28.35 -43.04
CA GLU F 330 29.45 -29.75 -42.78
C GLU F 330 30.07 -29.95 -41.41
N LYS F 331 30.58 -28.91 -40.77
CA LYS F 331 31.17 -29.02 -39.44
C LYS F 331 30.19 -28.69 -38.32
N LEU F 332 28.99 -28.22 -38.64
CA LEU F 332 28.00 -27.99 -37.60
C LEU F 332 27.67 -29.31 -36.91
N SER F 333 27.52 -29.24 -35.58
CA SER F 333 27.09 -30.42 -34.85
C SER F 333 25.59 -30.60 -34.99
N VAL F 334 25.16 -31.85 -35.05
CA VAL F 334 23.77 -32.21 -35.26
C VAL F 334 23.39 -33.16 -34.14
N GLY F 335 22.51 -32.73 -33.26
CA GLY F 335 22.23 -33.51 -32.08
C GLY F 335 21.24 -32.89 -31.13
N MET F 336 21.46 -33.07 -29.83
CA MET F 336 20.44 -32.75 -28.83
C MET F 336 20.69 -31.40 -28.17
N PRO F 337 19.61 -30.73 -27.75
CA PRO F 337 19.78 -29.45 -27.04
C PRO F 337 20.62 -29.53 -25.78
N GLU F 338 20.49 -30.62 -25.03
CA GLU F 338 21.26 -30.73 -23.79
C GLU F 338 22.76 -30.72 -24.08
N ASP F 339 23.15 -31.07 -25.30
CA ASP F 339 24.55 -31.10 -25.69
C ASP F 339 24.98 -29.86 -26.46
N ASP F 340 24.15 -28.82 -26.49
CA ASP F 340 24.47 -27.57 -27.18
C ASP F 340 24.80 -27.78 -28.65
N ALA F 341 24.15 -28.77 -29.28
CA ALA F 341 24.39 -29.00 -30.68
C ALA F 341 23.97 -27.76 -31.49
N ASP F 342 24.68 -27.50 -32.58
CA ASP F 342 24.30 -26.39 -33.47
C ASP F 342 22.92 -26.63 -34.05
N ILE F 343 22.69 -27.83 -34.56
CA ILE F 343 21.42 -28.20 -35.21
C ILE F 343 20.71 -29.14 -34.25
N THR F 344 19.55 -28.72 -33.77
CA THR F 344 18.72 -29.48 -32.86
C THR F 344 17.40 -29.87 -33.53
N PRO F 345 16.65 -30.80 -32.95
CA PRO F 345 15.37 -31.18 -33.54
C PRO F 345 14.40 -30.01 -33.58
N LEU F 346 13.61 -29.92 -34.63
CA LEU F 346 12.69 -28.83 -34.78
C LEU F 346 11.56 -28.93 -33.79
N ILE F 347 10.82 -27.83 -33.66
CA ILE F 347 9.89 -27.67 -32.54
C ILE F 347 8.79 -28.71 -32.55
N ASP F 348 8.36 -29.17 -33.72
CA ASP F 348 7.34 -30.20 -33.79
C ASP F 348 7.42 -30.90 -35.15
N THR F 349 6.63 -31.97 -35.28
CA THR F 349 6.66 -32.78 -36.49
C THR F 349 6.16 -32.00 -37.69
N SER F 350 5.11 -31.19 -37.50
CA SER F 350 4.60 -30.39 -38.61
CA SER F 350 4.59 -30.39 -38.61
C SER F 350 5.67 -29.48 -39.18
N ALA F 351 6.49 -28.88 -38.31
CA ALA F 351 7.55 -28.00 -38.79
C ALA F 351 8.53 -28.79 -39.66
N ALA F 352 8.93 -29.97 -39.20
CA ALA F 352 9.89 -30.75 -39.96
C ALA F 352 9.30 -31.24 -41.27
N ASP F 353 8.02 -31.65 -41.25
CA ASP F 353 7.34 -32.03 -42.47
C ASP F 353 7.31 -30.88 -43.48
N PHE F 354 7.04 -29.66 -43.01
CA PHE F 354 6.98 -28.51 -43.89
C PHE F 354 8.34 -28.25 -44.55
N VAL F 355 9.40 -28.32 -43.74
CA VAL F 355 10.75 -28.12 -44.27
C VAL F 355 11.08 -29.20 -45.28
N GLU F 356 10.74 -30.46 -44.98
CA GLU F 356 10.99 -31.55 -45.92
C GLU F 356 10.30 -31.29 -47.25
N GLY F 357 9.07 -30.78 -47.22
CA GLY F 357 8.35 -30.51 -48.46
C GLY F 357 8.96 -29.40 -49.28
N LEU F 358 9.50 -28.38 -48.61
CA LEU F 358 10.20 -27.32 -49.33
C LEU F 358 11.44 -27.87 -50.01
N ILE F 359 12.16 -28.76 -49.30
CA ILE F 359 13.36 -29.37 -49.85
C ILE F 359 13.04 -30.21 -51.08
N LYS F 360 11.95 -30.99 -51.00
CA LYS F 360 11.54 -31.81 -52.13
C LYS F 360 11.22 -30.95 -53.35
N ASP F 361 10.49 -29.84 -53.14
CA ASP F 361 10.14 -28.97 -54.25
C ASP F 361 11.39 -28.42 -54.91
N ALA F 362 12.37 -28.00 -54.12
CA ALA F 362 13.58 -27.41 -54.67
C ALA F 362 14.36 -28.47 -55.46
N THR F 363 14.46 -29.67 -54.90
CA THR F 363 15.20 -30.74 -55.58
C THR F 363 14.54 -31.10 -56.89
N ASP F 364 13.21 -31.27 -56.87
CA ASP F 364 12.49 -31.67 -58.09
C ASP F 364 12.56 -30.61 -59.18
N LYS F 365 12.79 -29.36 -58.81
CA LYS F 365 12.93 -28.26 -59.77
C LYS F 365 14.37 -28.00 -60.19
N GLY F 366 15.35 -28.76 -59.67
CA GLY F 366 16.71 -28.73 -60.17
C GLY F 366 17.76 -28.15 -59.25
N ALA F 367 17.42 -27.74 -58.04
CA ALA F 367 18.43 -27.19 -57.14
C ALA F 367 19.48 -28.25 -56.82
N THR F 368 20.72 -27.79 -56.61
CA THR F 368 21.81 -28.70 -56.29
C THR F 368 21.98 -28.82 -54.78
N ALA F 369 21.98 -30.05 -54.27
CA ALA F 369 22.10 -30.30 -52.85
C ALA F 369 23.58 -30.40 -52.48
N LEU F 370 24.15 -29.28 -52.02
CA LEU F 370 25.55 -29.27 -51.62
C LEU F 370 25.75 -30.08 -50.35
N THR F 371 24.77 -30.06 -49.45
CA THR F 371 24.67 -31.02 -48.35
C THR F 371 23.34 -31.76 -48.48
N ALA F 372 23.28 -32.97 -47.95
CA ALA F 372 22.19 -33.89 -48.22
C ALA F 372 21.11 -33.80 -47.14
N PHE F 373 19.86 -33.83 -47.57
CA PHE F 373 18.78 -33.95 -46.62
C PHE F 373 18.80 -35.32 -45.96
N ASN F 374 18.84 -35.33 -44.63
CA ASN F 374 18.63 -36.54 -43.84
C ASN F 374 17.77 -36.12 -42.65
N ARG F 375 16.96 -37.06 -42.16
CA ARG F 375 16.02 -36.75 -41.08
C ARG F 375 15.85 -37.96 -40.17
N GLU F 376 15.99 -37.73 -38.87
CA GLU F 376 15.77 -38.76 -37.85
C GLU F 376 14.85 -38.13 -36.82
N GLY F 377 13.63 -38.65 -36.70
CA GLY F 377 12.63 -37.95 -35.91
C GLY F 377 12.33 -36.62 -36.57
N ASN F 378 12.45 -35.53 -35.80
CA ASN F 378 12.36 -34.18 -36.33
C ASN F 378 13.71 -33.49 -36.39
N LEU F 379 14.78 -34.27 -36.31
CA LEU F 379 16.14 -33.76 -36.46
C LEU F 379 16.51 -33.82 -37.92
N ILE F 380 16.46 -32.66 -38.59
CA ILE F 380 16.84 -32.54 -39.98
C ILE F 380 18.27 -32.04 -40.05
N SER F 381 19.11 -32.75 -40.82
CA SER F 381 20.48 -32.33 -41.03
C SER F 381 20.49 -31.04 -41.85
N PRO F 382 21.50 -30.19 -41.66
CA PRO F 382 21.49 -28.88 -42.33
C PRO F 382 21.70 -29.04 -43.84
N VAL F 383 20.80 -28.44 -44.61
CA VAL F 383 20.72 -28.60 -46.05
C VAL F 383 21.10 -27.27 -46.70
N LEU F 384 22.10 -27.31 -47.59
CA LEU F 384 22.53 -26.16 -48.36
C LEU F 384 22.24 -26.44 -49.83
N PHE F 385 21.44 -25.59 -50.46
CA PHE F 385 21.10 -25.69 -51.86
C PHE F 385 21.74 -24.56 -52.64
N ASP F 386 22.29 -24.89 -53.81
CA ASP F 386 22.74 -23.89 -54.78
C ASP F 386 21.83 -23.96 -56.00
N HIS F 387 21.95 -22.95 -56.84
CA HIS F 387 21.20 -22.88 -58.09
C HIS F 387 19.70 -22.90 -57.85
N VAL F 388 19.28 -22.21 -56.80
CA VAL F 388 17.85 -22.05 -56.52
C VAL F 388 17.31 -20.95 -57.41
N THR F 389 16.09 -21.16 -57.91
CA THR F 389 15.46 -20.22 -58.83
C THR F 389 14.15 -19.73 -58.24
N THR F 390 13.62 -18.66 -58.82
CA THR F 390 12.43 -18.03 -58.26
C THR F 390 11.17 -18.84 -58.48
N ASP F 391 11.21 -19.92 -59.27
CA ASP F 391 10.06 -20.80 -59.37
C ASP F 391 9.99 -21.80 -58.22
N MET F 392 11.01 -21.83 -57.34
CA MET F 392 11.02 -22.76 -56.21
C MET F 392 10.42 -22.11 -54.97
N ARG F 393 9.61 -22.90 -54.26
CA ARG F 393 9.01 -22.42 -53.03
C ARG F 393 10.06 -21.94 -52.05
N LEU F 394 11.21 -22.63 -52.01
CA LEU F 394 12.28 -22.29 -51.08
C LEU F 394 12.89 -20.93 -51.33
N ALA F 395 12.68 -20.35 -52.51
CA ALA F 395 13.12 -18.98 -52.73
C ALA F 395 12.33 -17.97 -51.91
N TRP F 396 11.13 -18.33 -51.46
CA TRP F 396 10.21 -17.36 -50.92
C TRP F 396 9.64 -17.72 -49.55
N GLU F 397 9.24 -18.97 -49.34
CA GLU F 397 8.53 -19.32 -48.12
C GLU F 397 9.47 -19.47 -46.94
N GLU F 398 9.04 -19.01 -45.78
CA GLU F 398 9.83 -19.09 -44.55
C GLU F 398 9.83 -20.53 -44.06
N PRO F 399 10.98 -21.24 -44.06
CA PRO F 399 10.97 -22.66 -43.68
C PRO F 399 10.86 -22.86 -42.16
N PHE F 400 11.56 -22.01 -41.40
CA PHE F 400 11.78 -22.26 -39.99
C PHE F 400 12.40 -23.65 -39.78
N GLY F 401 13.47 -23.89 -40.51
CA GLY F 401 14.23 -25.11 -40.42
C GLY F 401 15.58 -24.91 -41.07
N PRO F 402 16.46 -25.91 -40.96
CA PRO F 402 17.87 -25.73 -41.32
C PRO F 402 18.13 -26.00 -42.80
N VAL F 403 17.59 -25.11 -43.63
CA VAL F 403 17.76 -25.18 -45.08
C VAL F 403 18.04 -23.79 -45.60
N LEU F 404 19.08 -23.68 -46.43
CA LEU F 404 19.51 -22.37 -46.93
C LEU F 404 19.65 -22.41 -48.44
N PRO F 405 18.86 -21.61 -49.18
CA PRO F 405 19.06 -21.52 -50.63
C PRO F 405 20.05 -20.44 -51.01
N ILE F 406 20.85 -20.76 -52.04
CA ILE F 406 21.74 -19.81 -52.69
C ILE F 406 21.16 -19.49 -54.06
N ILE F 407 20.92 -18.21 -54.32
CA ILE F 407 20.36 -17.71 -55.57
C ILE F 407 21.41 -16.83 -56.24
N ARG F 408 21.79 -17.19 -57.46
CA ARG F 408 22.79 -16.44 -58.19
C ARG F 408 22.16 -15.29 -58.96
N VAL F 409 22.81 -14.12 -58.92
CA VAL F 409 22.32 -12.95 -59.64
C VAL F 409 23.47 -12.40 -60.48
N THR F 410 23.10 -11.66 -61.53
CA THR F 410 24.10 -11.11 -62.45
C THR F 410 24.43 -9.66 -62.16
N THR F 411 23.54 -8.93 -61.49
CA THR F 411 23.74 -7.52 -61.19
C THR F 411 23.22 -7.20 -59.80
N VAL F 412 23.72 -6.10 -59.23
CA VAL F 412 23.19 -5.62 -57.95
C VAL F 412 21.71 -5.29 -58.08
N GLU F 413 21.32 -4.72 -59.22
CA GLU F 413 19.93 -4.34 -59.41
C GLU F 413 19.03 -5.57 -59.35
N GLU F 414 19.49 -6.70 -59.90
CA GLU F 414 18.73 -7.93 -59.81
C GLU F 414 18.63 -8.42 -58.36
N ALA F 415 19.71 -8.30 -57.58
CA ALA F 415 19.62 -8.69 -56.18
C ALA F 415 18.58 -7.87 -55.43
N ILE F 416 18.57 -6.54 -55.66
CA ILE F 416 17.58 -5.68 -55.02
C ILE F 416 16.16 -6.07 -55.45
N LYS F 417 15.96 -6.30 -56.74
CA LYS F 417 14.65 -6.69 -57.25
C LYS F 417 14.16 -7.98 -56.60
N ILE F 418 15.01 -9.01 -56.59
CA ILE F 418 14.59 -10.28 -56.00
C ILE F 418 14.38 -10.14 -54.50
N SER F 419 15.27 -9.43 -53.81
CA SER F 419 15.09 -9.21 -52.39
C SER F 419 13.72 -8.60 -52.13
N ASN F 420 13.39 -7.53 -52.88
CA ASN F 420 12.15 -6.79 -52.64
C ASN F 420 10.90 -7.49 -53.18
N GLU F 421 11.06 -8.51 -54.04
N GLU F 421 11.05 -8.49 -54.04
CA GLU F 421 9.90 -9.25 -54.53
CA GLU F 421 9.91 -9.25 -54.52
C GLU F 421 9.27 -10.12 -53.43
C GLU F 421 9.25 -10.04 -53.39
N SER F 422 9.99 -10.35 -52.34
CA SER F 422 9.42 -11.07 -51.21
C SER F 422 8.32 -10.26 -50.54
N GLU F 423 7.28 -10.94 -50.05
CA GLU F 423 6.30 -10.26 -49.21
C GLU F 423 6.88 -9.91 -47.84
N TYR F 424 8.00 -10.53 -47.48
CA TYR F 424 8.66 -10.26 -46.22
C TYR F 424 9.69 -9.15 -46.39
N GLY F 425 9.93 -8.43 -45.30
CA GLY F 425 10.88 -7.35 -45.31
C GLY F 425 11.38 -7.04 -43.91
N LEU F 426 11.89 -8.04 -43.20
CA LEU F 426 12.35 -7.85 -41.83
C LEU F 426 13.74 -7.20 -41.82
N GLN F 427 14.77 -7.97 -42.22
CA GLN F 427 16.12 -7.43 -42.32
C GLN F 427 16.80 -7.95 -43.58
N ALA F 428 17.97 -7.39 -43.85
CA ALA F 428 18.86 -7.86 -44.88
C ALA F 428 20.30 -7.64 -44.40
N SER F 429 21.21 -8.44 -44.96
CA SER F 429 22.64 -8.26 -44.79
CA SER F 429 22.63 -8.24 -44.79
C SER F 429 23.25 -7.97 -46.15
N ILE F 430 24.29 -7.13 -46.15
CA ILE F 430 25.06 -6.84 -47.36
C ILE F 430 26.52 -7.08 -47.04
N PHE F 431 27.17 -7.90 -47.85
CA PHE F 431 28.57 -8.25 -47.70
C PHE F 431 29.35 -7.61 -48.85
N THR F 432 30.22 -6.66 -48.50
CA THR F 432 30.91 -5.84 -49.48
C THR F 432 31.98 -5.07 -48.74
N THR F 433 32.94 -4.55 -49.48
CA THR F 433 33.94 -3.67 -48.92
C THR F 433 33.70 -2.21 -49.29
N ASN F 434 32.59 -1.90 -49.98
CA ASN F 434 32.23 -0.54 -50.40
C ASN F 434 31.01 -0.10 -49.61
N PHE F 435 31.24 0.55 -48.48
CA PHE F 435 30.13 0.89 -47.60
C PHE F 435 29.25 1.99 -48.17
N PRO F 436 29.80 3.03 -48.81
CA PRO F 436 28.91 4.01 -49.43
C PRO F 436 27.94 3.38 -50.42
N LYS F 437 28.40 2.44 -51.23
CA LYS F 437 27.51 1.72 -52.11
C LYS F 437 26.52 0.88 -51.31
N ALA F 438 26.99 0.23 -50.24
CA ALA F 438 26.09 -0.57 -49.40
C ALA F 438 24.97 0.28 -48.82
N PHE F 439 25.27 1.50 -48.36
CA PHE F 439 24.21 2.37 -47.85
C PHE F 439 23.20 2.70 -48.95
N GLY F 440 23.68 2.90 -50.17
CA GLY F 440 22.78 3.18 -51.27
C GLY F 440 21.90 2.00 -51.61
N ILE F 441 22.43 0.79 -51.51
CA ILE F 441 21.61 -0.40 -51.65
C ILE F 441 20.59 -0.50 -50.52
N ALA F 442 21.04 -0.26 -49.29
CA ALA F 442 20.13 -0.33 -48.15
C ALA F 442 18.93 0.58 -48.33
N GLU F 443 19.14 1.78 -48.87
CA GLU F 443 18.02 2.70 -49.07
C GLU F 443 16.93 2.08 -49.94
N GLN F 444 17.31 1.24 -50.89
CA GLN F 444 16.37 0.64 -51.83
C GLN F 444 15.73 -0.64 -51.31
N LEU F 445 16.30 -1.26 -50.27
CA LEU F 445 15.79 -2.53 -49.76
C LEU F 445 14.59 -2.27 -48.86
N GLU F 446 13.50 -2.98 -49.12
CA GLU F 446 12.25 -2.81 -48.36
C GLU F 446 12.28 -3.66 -47.11
N VAL F 447 13.10 -3.21 -46.16
CA VAL F 447 13.34 -3.91 -44.90
C VAL F 447 13.42 -2.88 -43.79
N GLY F 448 13.35 -3.37 -42.54
CA GLY F 448 13.50 -2.52 -41.38
C GLY F 448 14.95 -2.19 -41.09
N THR F 449 15.83 -3.20 -41.16
CA THR F 449 17.23 -3.04 -40.76
C THR F 449 18.11 -3.74 -41.77
N VAL F 450 19.26 -3.12 -42.07
CA VAL F 450 20.31 -3.71 -42.89
C VAL F 450 21.58 -3.79 -42.07
N HIS F 451 22.17 -4.99 -42.00
CA HIS F 451 23.44 -5.23 -41.32
C HIS F 451 24.53 -5.34 -42.37
N LEU F 452 25.61 -4.58 -42.20
CA LEU F 452 26.73 -4.58 -43.14
C LEU F 452 27.80 -5.53 -42.63
N ASN F 453 28.18 -6.50 -43.45
CA ASN F 453 29.24 -7.44 -43.13
C ASN F 453 28.99 -8.16 -41.81
N ASN F 454 27.73 -8.51 -41.57
CA ASN F 454 27.37 -9.32 -40.42
CA ASN F 454 27.35 -9.28 -40.40
C ASN F 454 26.00 -9.94 -40.67
N LYS F 455 25.68 -10.95 -39.87
CA LYS F 455 24.39 -11.59 -40.00
C LYS F 455 23.30 -10.62 -39.54
N THR F 456 22.09 -10.85 -40.00
CA THR F 456 20.92 -10.16 -39.47
C THR F 456 20.63 -10.65 -38.04
N GLN F 457 20.10 -9.73 -37.23
CA GLN F 457 19.81 -10.02 -35.84
CA GLN F 457 19.83 -10.01 -35.83
C GLN F 457 18.96 -8.91 -35.26
N ARG F 458 18.24 -9.24 -34.20
CA ARG F 458 17.39 -8.24 -33.55
C ARG F 458 18.22 -7.25 -32.74
N GLY F 459 19.33 -7.69 -32.18
CA GLY F 459 20.07 -6.90 -31.20
C GLY F 459 21.01 -5.88 -31.81
N THR F 460 21.63 -5.07 -30.93
CA THR F 460 21.39 -5.01 -29.49
C THR F 460 19.99 -4.46 -29.25
N ASP F 461 19.42 -4.78 -28.09
CA ASP F 461 17.98 -4.59 -27.88
C ASP F 461 17.58 -3.14 -27.71
N ASN F 462 18.54 -2.22 -27.59
CA ASN F 462 18.24 -0.79 -27.65
C ASN F 462 18.00 -0.31 -29.07
N PHE F 463 18.50 -1.03 -30.07
CA PHE F 463 18.35 -0.62 -31.45
C PHE F 463 16.91 -0.82 -31.91
N PRO F 464 16.46 -0.07 -32.92
CA PRO F 464 15.13 -0.33 -33.46
C PRO F 464 15.09 -1.69 -34.12
N PHE F 465 13.91 -2.32 -34.02
CA PHE F 465 13.66 -3.60 -34.65
C PHE F 465 12.26 -3.54 -35.23
N LEU F 466 12.15 -3.77 -36.54
CA LEU F 466 10.87 -3.61 -37.21
C LEU F 466 10.90 -4.37 -38.53
N GLY F 467 9.72 -4.74 -38.98
CA GLY F 467 9.56 -5.39 -40.27
C GLY F 467 8.69 -4.55 -41.18
N ALA F 468 9.11 -4.43 -42.43
CA ALA F 468 8.30 -3.85 -43.48
C ALA F 468 7.38 -4.90 -44.09
N LYS F 469 6.40 -4.45 -44.86
CA LYS F 469 5.51 -5.34 -45.63
C LYS F 469 4.88 -6.37 -44.70
N LYS F 470 4.90 -7.65 -45.03
CA LYS F 470 4.21 -8.66 -44.24
C LYS F 470 5.03 -9.12 -43.04
N SER F 471 6.16 -8.47 -42.78
CA SER F 471 7.00 -8.81 -41.64
C SER F 471 6.61 -8.09 -40.37
N GLY F 472 5.70 -7.13 -40.42
CA GLY F 472 5.21 -6.56 -39.18
C GLY F 472 4.60 -5.17 -39.34
N ALA F 473 4.35 -4.58 -38.18
CA ALA F 473 3.83 -3.22 -38.06
C ALA F 473 4.33 -2.69 -36.72
N GLY F 474 4.71 -1.42 -36.70
CA GLY F 474 5.27 -0.83 -35.50
C GLY F 474 6.76 -1.09 -35.38
N VAL F 475 7.39 -0.36 -34.45
CA VAL F 475 8.82 -0.39 -34.23
C VAL F 475 9.08 -0.78 -32.79
N GLN F 476 9.90 -1.80 -32.58
CA GLN F 476 10.35 -2.23 -31.24
C GLN F 476 11.85 -1.98 -31.11
N GLY F 477 12.50 -2.74 -30.23
CA GLY F 477 13.64 -2.20 -29.49
C GLY F 477 13.13 -1.35 -28.35
N VAL F 478 13.92 -1.28 -27.29
CA VAL F 478 13.34 -0.92 -25.97
C VAL F 478 12.63 0.43 -26.00
N LYS F 479 13.33 1.51 -26.34
CA LYS F 479 12.67 2.83 -26.24
C LYS F 479 11.51 2.94 -27.24
N TYR F 480 11.66 2.33 -28.41
CA TYR F 480 10.59 2.36 -29.40
C TYR F 480 9.35 1.63 -28.90
N SER F 481 9.55 0.50 -28.20
CA SER F 481 8.42 -0.23 -27.64
CA SER F 481 8.40 -0.22 -27.67
C SER F 481 7.69 0.61 -26.61
N ILE F 482 8.43 1.34 -25.78
CA ILE F 482 7.80 2.19 -24.77
C ILE F 482 6.98 3.28 -25.45
N GLU F 483 7.55 3.93 -26.46
CA GLU F 483 6.81 4.95 -27.20
C GLU F 483 5.52 4.37 -27.77
N ALA F 484 5.57 3.16 -28.31
CA ALA F 484 4.39 2.58 -28.93
C ALA F 484 3.27 2.34 -27.93
N MET F 485 3.62 1.99 -26.68
CA MET F 485 2.66 1.65 -25.65
C MET F 485 2.40 2.81 -24.69
N THR F 486 2.66 4.04 -25.13
CA THR F 486 2.27 5.23 -24.40
C THR F 486 1.52 6.16 -25.33
N THR F 487 0.65 6.96 -24.75
CA THR F 487 -0.01 8.03 -25.48
C THR F 487 0.33 9.33 -24.74
N VAL F 488 -0.41 10.39 -25.00
CA VAL F 488 -0.17 11.64 -24.31
C VAL F 488 -1.48 12.20 -23.78
N LYS F 489 -1.34 13.04 -22.76
CA LYS F 489 -2.43 13.85 -22.22
CA LYS F 489 -2.44 13.87 -22.28
C LYS F 489 -1.93 15.30 -22.26
N SER F 490 -2.64 16.16 -22.95
N SER F 490 -2.63 16.19 -22.94
CA SER F 490 -2.29 17.58 -23.04
CA SER F 490 -2.22 17.58 -23.03
C SER F 490 -3.21 18.40 -22.15
C SER F 490 -3.18 18.45 -22.24
N VAL F 491 -2.63 19.36 -21.43
CA VAL F 491 -3.38 20.34 -20.66
C VAL F 491 -2.99 21.71 -21.19
N VAL F 492 -3.98 22.45 -21.69
CA VAL F 492 -3.74 23.69 -22.42
C VAL F 492 -4.35 24.83 -21.63
N PHE F 493 -3.58 25.91 -21.46
CA PHE F 493 -4.10 27.09 -20.77
C PHE F 493 -3.44 28.35 -21.31
N ASP F 494 -4.06 29.48 -21.00
CA ASP F 494 -3.56 30.78 -21.40
C ASP F 494 -2.87 31.45 -20.22
N ILE F 495 -1.62 31.87 -20.44
CA ILE F 495 -0.88 32.66 -19.45
C ILE F 495 -1.50 34.03 -19.36
N GLN F 496 -1.55 34.59 -18.15
CA GLN F 496 -2.17 35.88 -17.91
C GLN F 496 -1.18 36.88 -17.35
N LEU G 22 29.80 54.75 -55.82
CA LEU G 22 31.24 55.08 -55.60
C LEU G 22 31.61 54.95 -54.13
N ALA G 23 32.79 55.45 -53.77
CA ALA G 23 33.22 55.43 -52.38
C ALA G 23 32.36 56.37 -51.54
N LYS G 24 31.87 55.85 -50.43
CA LYS G 24 30.82 56.49 -49.63
C LYS G 24 31.22 56.48 -48.17
N GLN G 25 30.66 57.42 -47.40
CA GLN G 25 30.78 57.41 -45.95
C GLN G 25 29.67 56.50 -45.40
N TYR G 26 30.04 55.33 -44.91
CA TYR G 26 29.07 54.41 -44.34
C TYR G 26 28.75 54.79 -42.89
N LYS G 27 27.59 54.33 -42.43
CA LYS G 27 27.05 54.68 -41.14
C LYS G 27 26.65 53.43 -40.37
N ASN G 28 26.74 53.51 -39.05
CA ASN G 28 26.29 52.42 -38.20
C ASN G 28 24.79 52.49 -37.99
N LEU G 29 24.18 51.31 -37.87
CA LEU G 29 22.77 51.21 -37.51
C LEU G 29 22.67 51.20 -35.99
N VAL G 30 22.03 52.23 -35.43
CA VAL G 30 21.93 52.36 -33.97
C VAL G 30 20.49 52.77 -33.66
N ASN G 31 19.75 51.88 -33.01
CA ASN G 31 18.40 52.18 -32.56
C ASN G 31 17.51 52.64 -33.71
N GLY G 32 17.60 51.95 -34.85
CA GLY G 32 16.76 52.25 -35.99
C GLY G 32 17.20 53.42 -36.83
N GLU G 33 18.32 54.07 -36.49
CA GLU G 33 18.81 55.22 -37.23
C GLU G 33 20.23 54.97 -37.67
N TRP G 34 20.69 55.75 -38.64
CA TRP G 34 22.02 55.60 -39.19
C TRP G 34 22.91 56.75 -38.73
N LYS G 35 24.06 56.41 -38.13
CA LYS G 35 24.91 57.38 -37.47
C LYS G 35 26.33 57.33 -38.02
N LEU G 36 26.84 58.50 -38.42
CA LEU G 36 28.25 58.71 -38.56
C LEU G 36 28.85 58.96 -37.16
N SER G 37 30.18 58.94 -37.09
CA SER G 37 30.91 59.39 -35.91
C SER G 37 31.82 60.55 -36.33
N GLU G 38 32.48 61.18 -35.36
CA GLU G 38 33.30 62.35 -35.65
C GLU G 38 34.58 61.96 -36.39
N ASN G 39 35.13 60.77 -36.10
CA ASN G 39 36.28 60.23 -36.80
C ASN G 39 35.82 59.00 -37.59
N GLU G 40 36.60 58.65 -38.60
CA GLU G 40 36.26 57.55 -39.50
C GLU G 40 37.51 56.75 -39.83
N ILE G 41 37.30 55.58 -40.43
CA ILE G 41 38.37 54.72 -40.90
C ILE G 41 38.14 54.51 -42.39
N THR G 42 39.13 54.85 -43.21
CA THR G 42 39.03 54.63 -44.65
C THR G 42 39.40 53.18 -44.95
N ILE G 43 38.59 52.54 -45.79
CA ILE G 43 38.75 51.14 -46.16
C ILE G 43 39.25 51.08 -47.60
N TYR G 44 40.32 50.32 -47.83
CA TYR G 44 40.93 50.15 -49.14
C TYR G 44 40.89 48.68 -49.57
N ALA G 45 40.78 48.47 -50.87
CA ALA G 45 40.76 47.12 -51.43
C ALA G 45 42.13 46.48 -51.33
N PRO G 46 42.25 45.30 -50.69
CA PRO G 46 43.59 44.72 -50.54
C PRO G 46 44.27 44.35 -51.84
N ALA G 47 43.50 44.08 -52.90
CA ALA G 47 44.14 43.67 -54.15
C ALA G 47 44.67 44.84 -54.97
N THR G 48 44.09 46.04 -54.79
CA THR G 48 44.39 47.17 -55.68
C THR G 48 44.72 48.47 -54.98
N GLY G 49 44.36 48.63 -53.71
CA GLY G 49 44.47 49.92 -53.06
C GLY G 49 43.30 50.86 -53.28
N GLU G 50 42.30 50.44 -54.06
CA GLU G 50 41.17 51.30 -54.35
C GLU G 50 40.47 51.72 -53.07
N GLU G 51 40.15 53.01 -52.97
CA GLU G 51 39.41 53.52 -51.81
C GLU G 51 37.95 53.11 -51.96
N LEU G 52 37.44 52.37 -50.98
CA LEU G 52 36.09 51.84 -51.03
C LEU G 52 35.07 52.68 -50.28
N GLY G 53 35.53 53.55 -49.38
CA GLY G 53 34.66 54.35 -48.54
C GLY G 53 35.23 54.36 -47.14
N SER G 54 34.42 54.79 -46.19
CA SER G 54 34.85 54.87 -44.80
C SER G 54 33.75 54.31 -43.91
N VAL G 55 34.14 53.88 -42.72
CA VAL G 55 33.19 53.49 -41.68
C VAL G 55 33.51 54.30 -40.44
N PRO G 56 32.54 54.46 -39.54
CA PRO G 56 32.80 55.28 -38.36
C PRO G 56 33.80 54.66 -37.40
N ALA G 57 34.56 55.54 -36.74
CA ALA G 57 35.44 55.11 -35.65
C ALA G 57 34.73 55.48 -34.34
N MET G 58 33.88 54.57 -33.86
CA MET G 58 33.04 54.88 -32.72
C MET G 58 33.86 55.10 -31.46
N THR G 59 33.35 55.95 -30.59
CA THR G 59 33.90 56.14 -29.25
C THR G 59 33.24 55.17 -28.28
N GLN G 60 33.83 55.05 -27.09
CA GLN G 60 33.26 54.19 -26.07
C GLN G 60 31.86 54.65 -25.68
N ALA G 61 31.63 55.97 -25.64
CA ALA G 61 30.32 56.48 -25.31
C ALA G 61 29.30 56.11 -26.39
N GLU G 62 29.72 56.07 -27.65
CA GLU G 62 28.84 55.64 -28.73
C GLU G 62 28.52 54.16 -28.63
N VAL G 63 29.48 53.34 -28.19
CA VAL G 63 29.20 51.95 -27.88
C VAL G 63 28.17 51.86 -26.75
N ASP G 64 28.32 52.67 -25.71
CA ASP G 64 27.34 52.69 -24.63
C ASP G 64 25.93 52.94 -25.16
N ALA G 65 25.80 53.84 -26.14
CA ALA G 65 24.48 54.15 -26.67
C ALA G 65 23.92 52.98 -27.48
N VAL G 66 24.77 52.27 -28.23
CA VAL G 66 24.33 51.07 -28.94
C VAL G 66 23.78 50.07 -27.95
N TYR G 67 24.52 49.77 -26.89
CA TYR G 67 24.10 48.74 -25.94
C TYR G 67 22.84 49.17 -25.19
N ALA G 68 22.75 50.45 -24.79
CA ALA G 68 21.54 50.92 -24.13
C ALA G 68 20.32 50.75 -25.04
N SER G 69 20.47 51.10 -26.32
CA SER G 69 19.39 50.93 -27.26
C SER G 69 18.97 49.46 -27.34
N ALA G 70 19.94 48.55 -27.39
CA ALA G 70 19.64 47.14 -27.49
C ALA G 70 18.89 46.65 -26.26
N LYS G 71 19.37 46.99 -25.06
CA LYS G 71 18.71 46.50 -23.87
C LYS G 71 17.30 47.05 -23.73
N LYS G 72 17.07 48.29 -24.19
CA LYS G 72 15.72 48.85 -24.16
C LYS G 72 14.79 48.10 -25.12
N ALA G 73 15.30 47.67 -26.26
CA ALA G 73 14.49 46.96 -27.24
C ALA G 73 14.21 45.53 -26.84
N LEU G 74 15.00 44.97 -25.92
CA LEU G 74 14.92 43.53 -25.64
C LEU G 74 13.58 43.14 -25.06
N SER G 75 13.03 43.93 -24.14
CA SER G 75 11.81 43.52 -23.47
C SER G 75 10.66 43.28 -24.45
N ASP G 76 10.46 44.23 -25.38
N ASP G 76 10.43 44.24 -25.36
CA ASP G 76 9.39 44.10 -26.36
CA ASP G 76 9.37 44.07 -26.34
C ASP G 76 9.70 43.04 -27.41
C ASP G 76 9.72 42.95 -27.33
N TRP G 77 10.98 42.89 -27.77
CA TRP G 77 11.36 41.91 -28.79
C TRP G 77 11.15 40.50 -28.28
N ARG G 78 11.56 40.22 -27.04
CA ARG G 78 11.47 38.87 -26.53
C ARG G 78 10.04 38.45 -26.25
N THR G 79 9.11 39.41 -26.10
CA THR G 79 7.72 39.09 -25.86
C THR G 79 6.89 38.99 -27.14
N LEU G 80 7.49 39.28 -28.30
CA LEU G 80 6.80 38.96 -29.53
C LEU G 80 6.68 37.44 -29.66
N SER G 81 5.77 37.00 -30.52
CA SER G 81 5.67 35.59 -30.84
C SER G 81 6.85 35.16 -31.71
N TYR G 82 7.16 33.87 -31.68
CA TYR G 82 8.19 33.36 -32.57
C TYR G 82 7.86 33.63 -34.03
N VAL G 83 6.60 33.49 -34.41
CA VAL G 83 6.23 33.67 -35.81
C VAL G 83 6.50 35.10 -36.26
N GLU G 84 6.22 36.08 -35.39
CA GLU G 84 6.50 37.46 -35.75
C GLU G 84 8.00 37.69 -35.93
N ARG G 85 8.82 37.13 -35.06
CA ARG G 85 10.26 37.30 -35.23
C ARG G 85 10.75 36.61 -36.49
N ALA G 86 10.23 35.43 -36.79
CA ALA G 86 10.62 34.72 -37.99
C ALA G 86 10.30 35.52 -39.25
N ALA G 87 9.21 36.27 -39.23
CA ALA G 87 8.81 36.99 -40.44
C ALA G 87 9.81 38.07 -40.79
N TYR G 88 10.34 38.77 -39.78
CA TYR G 88 11.37 39.77 -40.03
C TYR G 88 12.59 39.12 -40.67
N LEU G 89 12.98 37.93 -40.18
CA LEU G 89 14.19 37.28 -40.69
CA LEU G 89 14.19 37.29 -40.69
C LEU G 89 14.01 36.84 -42.14
N HIS G 90 12.83 36.28 -42.47
CA HIS G 90 12.56 35.91 -43.84
C HIS G 90 12.61 37.12 -44.77
N LYS G 91 12.04 38.25 -44.34
CA LYS G 91 12.09 39.46 -45.15
C LYS G 91 13.52 39.93 -45.35
N ALA G 92 14.35 39.87 -44.30
CA ALA G 92 15.75 40.26 -44.46
C ALA G 92 16.48 39.35 -45.44
N ALA G 93 16.22 38.04 -45.38
CA ALA G 93 16.85 37.13 -46.30
C ALA G 93 16.43 37.42 -47.73
N ASP G 94 15.14 37.71 -47.94
CA ASP G 94 14.67 38.06 -49.28
C ASP G 94 15.42 39.27 -49.82
N ILE G 95 15.65 40.27 -48.98
CA ILE G 95 16.34 41.47 -49.42
C ILE G 95 17.79 41.15 -49.78
N LEU G 96 18.44 40.29 -49.00
CA LEU G 96 19.82 39.93 -49.31
C LEU G 96 19.92 39.23 -50.66
N VAL G 97 18.97 38.36 -50.96
CA VAL G 97 18.95 37.71 -52.27
C VAL G 97 18.78 38.75 -53.36
N ARG G 98 17.87 39.70 -53.16
CA ARG G 98 17.65 40.75 -54.15
C ARG G 98 18.93 41.52 -54.42
N ASP G 99 19.69 41.82 -53.38
CA ASP G 99 20.86 42.68 -53.47
C ASP G 99 22.16 41.89 -53.47
N ALA G 100 22.13 40.59 -53.77
CA ALA G 100 23.32 39.78 -53.63
C ALA G 100 24.44 40.26 -54.55
N GLU G 101 24.10 40.63 -55.79
N GLU G 101 24.09 40.62 -55.79
CA GLU G 101 25.12 41.11 -56.70
CA GLU G 101 25.09 41.12 -56.72
C GLU G 101 25.70 42.44 -56.24
C GLU G 101 25.70 42.43 -56.23
N LYS G 102 24.84 43.36 -55.81
CA LYS G 102 25.32 44.66 -55.34
C LYS G 102 26.22 44.52 -54.12
N ILE G 103 25.83 43.66 -53.16
CA ILE G 103 26.62 43.48 -51.95
C ILE G 103 27.89 42.71 -52.26
N GLY G 104 27.77 41.61 -53.00
CA GLY G 104 28.95 40.82 -53.34
C GLY G 104 30.01 41.59 -54.10
N ALA G 105 29.60 42.52 -54.95
CA ALA G 105 30.58 43.30 -55.71
C ALA G 105 31.48 44.09 -54.77
N ILE G 106 30.92 44.60 -53.69
CA ILE G 106 31.71 45.38 -52.72
C ILE G 106 32.49 44.47 -51.80
N LEU G 107 31.85 43.39 -51.30
CA LEU G 107 32.53 42.41 -50.48
C LEU G 107 33.78 41.91 -51.18
N SER G 108 33.66 41.60 -52.47
CA SER G 108 34.79 41.12 -53.25
C SER G 108 35.98 42.07 -53.16
N LYS G 109 35.73 43.37 -53.33
CA LYS G 109 36.81 44.34 -53.25
C LYS G 109 37.36 44.47 -51.84
N GLU G 110 36.49 44.43 -50.84
CA GLU G 110 36.90 44.74 -49.48
C GLU G 110 37.84 43.70 -48.90
N VAL G 111 37.64 42.43 -49.26
CA VAL G 111 38.46 41.37 -48.69
C VAL G 111 39.17 40.56 -49.77
N ALA G 112 39.24 41.10 -50.98
CA ALA G 112 39.97 40.46 -52.08
C ALA G 112 39.51 39.03 -52.30
N LYS G 113 38.20 38.83 -52.25
CA LYS G 113 37.59 37.54 -52.57
C LYS G 113 37.07 37.61 -53.99
N GLY G 114 37.17 36.48 -54.70
CA GLY G 114 36.66 36.41 -56.06
C GLY G 114 35.25 36.96 -56.14
N HIS G 115 34.96 37.68 -57.22
N HIS G 115 34.95 37.68 -57.22
CA HIS G 115 33.67 38.33 -57.35
CA HIS G 115 33.65 38.32 -57.31
C HIS G 115 32.52 37.33 -57.24
C HIS G 115 32.51 37.31 -57.22
N LYS G 116 32.57 36.25 -58.04
CA LYS G 116 31.51 35.25 -58.00
C LYS G 116 31.43 34.59 -56.63
N ALA G 117 32.59 34.37 -55.99
CA ALA G 117 32.60 33.77 -54.66
C ALA G 117 31.96 34.68 -53.63
N ALA G 118 32.16 35.99 -53.77
CA ALA G 118 31.53 36.95 -52.86
C ALA G 118 30.02 36.97 -53.00
N VAL G 119 29.52 36.95 -54.24
CA VAL G 119 28.07 36.89 -54.44
C VAL G 119 27.51 35.62 -53.83
N SER G 120 28.21 34.50 -54.02
CA SER G 120 27.76 33.24 -53.45
C SER G 120 27.69 33.31 -51.93
N GLU G 121 28.64 34.03 -51.32
CA GLU G 121 28.62 34.18 -49.86
C GLU G 121 27.32 34.85 -49.41
N VAL G 122 26.90 35.91 -50.10
CA VAL G 122 25.66 36.59 -49.74
C VAL G 122 24.47 35.64 -49.88
N ILE G 123 24.43 34.88 -50.98
CA ILE G 123 23.32 33.95 -51.20
C ILE G 123 23.27 32.89 -50.10
N ARG G 124 24.43 32.37 -49.70
CA ARG G 124 24.45 31.39 -48.62
C ARG G 124 23.99 32.00 -47.31
N THR G 125 24.26 33.30 -47.09
CA THR G 125 23.82 33.96 -45.88
C THR G 125 22.30 34.00 -45.81
N ALA G 126 21.64 34.31 -46.93
CA ALA G 126 20.19 34.28 -46.95
C ALA G 126 19.66 32.88 -46.64
N GLU G 127 20.32 31.84 -47.15
CA GLU G 127 19.92 30.48 -46.84
C GLU G 127 19.97 30.21 -45.35
N ILE G 128 21.04 30.66 -44.69
CA ILE G 128 21.18 30.40 -43.25
C ILE G 128 20.14 31.18 -42.47
N ILE G 129 19.90 32.43 -42.86
CA ILE G 129 18.93 33.25 -42.14
C ILE G 129 17.55 32.62 -42.22
N ASN G 130 17.14 32.19 -43.41
CA ASN G 130 15.83 31.55 -43.56
C ASN G 130 15.72 30.27 -42.74
N TYR G 131 16.76 29.44 -42.76
CA TYR G 131 16.73 28.17 -42.04
C TYR G 131 16.70 28.41 -40.55
N ALA G 132 17.45 29.40 -40.07
CA ALA G 132 17.44 29.70 -38.65
C ALA G 132 16.07 30.18 -38.19
N ALA G 133 15.40 30.98 -39.03
CA ALA G 133 14.08 31.47 -38.67
C ALA G 133 13.13 30.31 -38.39
N GLU G 134 13.13 29.30 -39.24
CA GLU G 134 12.20 28.19 -39.10
C GLU G 134 12.66 27.18 -38.07
N GLU G 135 13.97 27.01 -37.91
CA GLU G 135 14.46 26.15 -36.84
C GLU G 135 14.07 26.73 -35.47
N GLY G 136 14.24 28.03 -35.30
CA GLY G 136 14.13 28.65 -34.00
C GLY G 136 12.72 28.85 -33.49
N LEU G 137 11.73 28.80 -34.37
CA LEU G 137 10.35 28.99 -33.94
C LEU G 137 9.72 27.71 -33.43
N ARG G 138 10.44 26.60 -33.45
CA ARG G 138 9.92 25.31 -32.99
C ARG G 138 10.94 24.58 -32.10
N MET G 139 11.65 25.34 -31.26
N MET G 139 11.65 25.34 -31.26
CA MET G 139 12.57 24.75 -30.31
CA MET G 139 12.59 24.73 -30.33
C MET G 139 11.80 23.88 -29.32
C MET G 139 11.83 23.92 -29.27
N GLU G 140 12.53 22.95 -28.70
CA GLU G 140 11.89 22.05 -27.74
C GLU G 140 11.55 22.77 -26.43
N GLY G 141 10.44 22.37 -25.82
CA GLY G 141 10.18 22.64 -24.41
C GLY G 141 9.94 21.33 -23.71
N GLU G 142 10.37 21.24 -22.46
CA GLU G 142 10.38 19.98 -21.72
C GLU G 142 9.41 20.03 -20.54
N VAL G 143 8.75 18.91 -20.27
CA VAL G 143 8.00 18.72 -19.03
C VAL G 143 8.63 17.52 -18.34
N LEU G 144 9.18 17.73 -17.15
CA LEU G 144 9.89 16.71 -16.41
C LEU G 144 9.09 16.29 -15.19
N GLU G 145 9.15 14.99 -14.90
CA GLU G 145 8.36 14.36 -13.84
C GLU G 145 9.22 14.22 -12.60
N GLY G 146 8.77 14.78 -11.47
CA GLY G 146 9.46 14.54 -10.22
C GLY G 146 9.57 13.07 -9.89
N GLY G 147 8.56 12.29 -10.24
CA GLY G 147 8.54 10.86 -9.97
C GLY G 147 9.52 10.04 -10.79
N SER G 148 10.18 10.65 -11.77
CA SER G 148 11.32 9.99 -12.40
C SER G 148 12.46 9.83 -11.42
N PHE G 149 12.54 10.71 -10.43
CA PHE G 149 13.65 10.73 -9.48
C PHE G 149 13.29 10.30 -8.07
N GLU G 150 12.12 10.70 -7.58
CA GLU G 150 11.78 10.53 -6.17
C GLU G 150 10.28 10.27 -6.10
N ALA G 151 9.90 9.14 -5.48
CA ALA G 151 8.49 8.78 -5.39
C ALA G 151 7.68 9.86 -4.69
N ALA G 152 8.25 10.47 -3.64
CA ALA G 152 7.53 11.49 -2.88
C ALA G 152 7.24 12.75 -3.69
N SER G 153 7.97 12.95 -4.79
CA SER G 153 7.78 14.11 -5.64
C SER G 153 6.99 13.79 -6.92
N LYS G 154 6.23 12.68 -6.92
CA LYS G 154 5.56 12.28 -8.15
C LYS G 154 4.50 13.26 -8.64
N LYS G 155 3.97 14.11 -7.77
CA LYS G 155 3.03 15.14 -8.19
C LYS G 155 3.72 16.44 -8.60
N LYS G 156 5.04 16.51 -8.52
CA LYS G 156 5.79 17.71 -8.88
C LYS G 156 6.26 17.62 -10.32
N ILE G 157 5.98 18.65 -11.11
CA ILE G 157 6.44 18.70 -12.50
C ILE G 157 7.16 20.01 -12.76
N ALA G 158 8.12 19.98 -13.68
CA ALA G 158 8.84 21.14 -14.13
C ALA G 158 8.49 21.43 -15.59
N ILE G 159 8.02 22.63 -15.86
CA ILE G 159 7.68 23.11 -17.19
C ILE G 159 8.85 23.98 -17.65
N VAL G 160 9.60 23.51 -18.65
CA VAL G 160 10.89 24.10 -19.01
C VAL G 160 10.79 24.65 -20.42
N ARG G 161 10.84 25.98 -20.53
CA ARG G 161 10.71 26.68 -21.81
C ARG G 161 11.98 27.48 -22.09
N ARG G 162 12.31 27.63 -23.36
CA ARG G 162 13.52 28.33 -23.73
C ARG G 162 13.28 29.85 -23.70
N GLU G 163 14.34 30.59 -23.37
CA GLU G 163 14.36 32.03 -23.34
C GLU G 163 15.67 32.53 -23.94
N PRO G 164 15.69 33.76 -24.45
CA PRO G 164 16.94 34.33 -24.93
C PRO G 164 17.90 34.58 -23.78
N VAL G 165 19.18 34.68 -24.12
CA VAL G 165 20.18 35.05 -23.14
C VAL G 165 20.23 36.57 -22.92
N GLY G 166 19.87 37.37 -23.91
CA GLY G 166 19.85 38.81 -23.78
C GLY G 166 20.47 39.53 -24.96
N LEU G 167 21.51 40.31 -24.71
CA LEU G 167 22.26 40.99 -25.75
C LEU G 167 23.43 40.12 -26.18
N VAL G 168 23.46 39.80 -27.45
CA VAL G 168 24.55 39.02 -28.06
C VAL G 168 25.45 39.98 -28.81
N LEU G 169 26.75 39.95 -28.50
CA LEU G 169 27.75 40.65 -29.30
C LEU G 169 28.28 39.66 -30.33
N ALA G 170 28.03 39.94 -31.60
CA ALA G 170 28.47 39.09 -32.70
C ALA G 170 29.65 39.77 -33.35
N ILE G 171 30.75 39.04 -33.51
CA ILE G 171 32.00 39.58 -34.08
C ILE G 171 32.33 38.71 -35.28
N SER G 172 32.23 39.29 -36.48
CA SER G 172 32.42 38.55 -37.71
C SER G 172 33.88 38.61 -38.15
N PRO G 173 34.27 37.70 -39.04
CA PRO G 173 35.66 37.66 -39.50
C PRO G 173 35.84 38.26 -40.89
N PHE G 174 37.07 38.63 -41.23
CA PHE G 174 37.31 39.28 -42.53
C PHE G 174 37.01 38.32 -43.67
N ASN G 175 37.20 37.01 -43.46
CA ASN G 175 37.15 36.08 -44.58
C ASN G 175 35.75 35.63 -44.94
N TYR G 176 34.76 35.92 -44.10
CA TYR G 176 33.35 35.67 -44.35
C TYR G 176 32.57 36.77 -43.64
N PRO G 177 32.77 38.02 -44.07
CA PRO G 177 32.22 39.15 -43.31
C PRO G 177 30.70 39.26 -43.37
N VAL G 178 30.04 38.61 -44.32
CA VAL G 178 28.60 38.56 -44.38
C VAL G 178 28.07 37.21 -43.86
N ASN G 179 28.58 36.10 -44.39
N ASN G 179 28.57 36.10 -44.39
CA ASN G 179 28.11 34.77 -44.02
CA ASN G 179 28.05 34.80 -43.98
C ASN G 179 28.29 34.51 -42.53
C ASN G 179 28.24 34.56 -42.49
N LEU G 180 29.45 34.85 -41.97
CA LEU G 180 29.72 34.63 -40.56
C LEU G 180 29.40 35.84 -39.70
N ALA G 181 28.67 36.80 -40.25
CA ALA G 181 27.82 37.71 -39.50
C ALA G 181 26.42 37.12 -39.39
N GLY G 182 25.84 36.75 -40.53
CA GLY G 182 24.48 36.20 -40.54
C GLY G 182 24.33 34.91 -39.74
N SER G 183 25.38 34.09 -39.70
CA SER G 183 25.34 32.83 -38.98
C SER G 183 25.20 33.04 -37.47
N LYS G 184 25.48 34.24 -36.99
CA LYS G 184 25.34 34.61 -35.60
C LYS G 184 24.06 35.40 -35.36
N ILE G 185 23.77 36.35 -36.26
CA ILE G 185 22.66 37.27 -36.07
C ILE G 185 21.32 36.54 -36.09
N ALA G 186 21.11 35.69 -37.11
CA ALA G 186 19.77 35.12 -37.28
C ALA G 186 19.44 34.11 -36.18
N PRO G 187 20.31 33.19 -35.81
CA PRO G 187 20.01 32.32 -34.67
C PRO G 187 19.77 33.07 -33.38
N ALA G 188 20.52 34.15 -33.14
CA ALA G 188 20.29 34.96 -31.95
C ALA G 188 18.90 35.62 -31.98
N LEU G 189 18.55 36.26 -33.10
CA LEU G 189 17.31 37.03 -33.18
C LEU G 189 16.07 36.16 -33.07
N ILE G 190 16.06 35.01 -33.73
CA ILE G 190 14.82 34.21 -33.72
C ILE G 190 14.45 33.81 -32.30
N ALA G 191 15.45 33.59 -31.45
CA ALA G 191 15.23 33.17 -30.08
C ALA G 191 14.80 34.32 -29.17
N GLY G 192 14.76 35.54 -29.66
CA GLY G 192 14.41 36.69 -28.84
C GLY G 192 15.57 37.47 -28.27
N ASN G 193 16.81 37.16 -28.69
CA ASN G 193 17.93 38.01 -28.31
C ASN G 193 17.94 39.29 -29.14
N VAL G 194 18.61 40.30 -28.61
CA VAL G 194 18.98 41.48 -29.36
C VAL G 194 20.46 41.35 -29.69
N VAL G 195 20.92 42.07 -30.71
CA VAL G 195 22.25 41.83 -31.28
C VAL G 195 22.96 43.13 -31.59
N ALA G 196 24.27 43.17 -31.30
CA ALA G 196 25.18 44.17 -31.82
C ALA G 196 26.24 43.44 -32.64
N LEU G 197 26.39 43.82 -33.90
CA LEU G 197 27.40 43.24 -34.78
C LEU G 197 28.61 44.16 -34.81
N LYS G 198 29.78 43.62 -34.45
CA LYS G 198 31.06 44.29 -34.62
C LYS G 198 31.78 43.59 -35.76
N PRO G 199 31.80 44.15 -36.97
CA PRO G 199 32.62 43.58 -38.03
C PRO G 199 34.08 43.88 -37.78
N PRO G 200 34.99 43.12 -38.39
CA PRO G 200 36.39 43.56 -38.41
C PRO G 200 36.48 44.81 -39.28
N THR G 201 37.47 45.63 -39.00
CA THR G 201 37.63 46.84 -39.81
C THR G 201 37.69 46.51 -41.29
N GLN G 202 38.53 45.56 -41.68
CA GLN G 202 38.55 45.07 -43.05
C GLN G 202 37.42 44.07 -43.22
N GLY G 203 36.30 44.53 -43.75
CA GLY G 203 35.04 43.79 -43.70
C GLY G 203 33.91 44.57 -43.06
N SER G 204 34.14 45.79 -42.58
CA SER G 204 33.08 46.56 -41.94
C SER G 204 32.08 47.10 -42.95
N ILE G 205 32.51 47.43 -44.16
CA ILE G 205 31.55 47.88 -45.16
C ILE G 205 30.56 46.77 -45.46
N SER G 206 31.08 45.56 -45.69
CA SER G 206 30.21 44.41 -45.98
CA SER G 206 30.20 44.43 -45.99
C SER G 206 29.24 44.16 -44.82
N GLY G 207 29.73 44.27 -43.59
CA GLY G 207 28.85 44.09 -42.44
C GLY G 207 27.76 45.14 -42.37
N LEU G 208 28.10 46.40 -42.69
CA LEU G 208 27.08 47.46 -42.68
C LEU G 208 26.11 47.29 -43.85
N LEU G 209 26.57 46.73 -44.97
CA LEU G 209 25.65 46.42 -46.06
C LEU G 209 24.65 45.35 -45.65
N LEU G 210 25.12 44.32 -44.93
CA LEU G 210 24.19 43.35 -44.37
C LEU G 210 23.21 44.03 -43.43
N ALA G 211 23.69 44.98 -42.62
CA ALA G 211 22.79 45.67 -41.69
C ALA G 211 21.67 46.38 -42.43
N GLU G 212 21.97 46.94 -43.61
CA GLU G 212 20.94 47.61 -44.40
C GLU G 212 19.76 46.69 -44.69
N ALA G 213 20.03 45.42 -45.00
CA ALA G 213 18.96 44.49 -45.31
C ALA G 213 18.05 44.28 -44.10
N PHE G 214 18.63 44.10 -42.91
CA PHE G 214 17.83 43.94 -41.71
C PHE G 214 17.02 45.20 -41.42
N ALA G 215 17.61 46.38 -41.62
CA ALA G 215 16.85 47.60 -41.39
C ALA G 215 15.70 47.74 -42.38
N GLU G 216 15.95 47.45 -43.66
CA GLU G 216 14.88 47.54 -44.65
C GLU G 216 13.76 46.56 -44.32
N ALA G 217 14.11 45.39 -43.77
CA ALA G 217 13.11 44.40 -43.40
C ALA G 217 12.25 44.86 -42.24
N GLY G 218 12.58 45.98 -41.61
CA GLY G 218 11.79 46.51 -40.53
C GLY G 218 12.16 46.00 -39.16
N ILE G 219 13.34 45.41 -39.00
CA ILE G 219 13.77 44.93 -37.69
C ILE G 219 13.54 46.08 -36.70
N PRO G 220 12.88 45.83 -35.58
CA PRO G 220 12.56 46.95 -34.67
C PRO G 220 13.79 47.68 -34.18
N ALA G 221 13.64 48.98 -33.98
CA ALA G 221 14.76 49.82 -33.57
C ALA G 221 15.43 49.23 -32.32
N GLY G 222 16.75 49.08 -32.40
CA GLY G 222 17.55 48.59 -31.31
C GLY G 222 17.66 47.08 -31.22
N VAL G 223 16.79 46.34 -31.92
CA VAL G 223 16.88 44.89 -31.88
C VAL G 223 18.16 44.42 -32.56
N PHE G 224 18.61 45.11 -33.59
CA PHE G 224 19.87 44.82 -34.28
C PHE G 224 20.58 46.13 -34.50
N ASN G 225 21.86 46.18 -34.13
N ASN G 225 21.85 46.19 -34.10
CA ASN G 225 22.68 47.38 -34.27
CA ASN G 225 22.68 47.38 -34.27
C ASN G 225 24.08 46.97 -34.68
C ASN G 225 24.04 46.96 -34.77
N THR G 226 24.85 47.93 -35.18
CA THR G 226 26.23 47.70 -35.58
C THR G 226 27.17 48.62 -34.82
N ILE G 227 28.41 48.15 -34.69
CA ILE G 227 29.48 48.89 -34.07
C ILE G 227 30.69 48.77 -34.98
N THR G 228 31.33 49.89 -35.31
CA THR G 228 32.60 49.89 -36.00
C THR G 228 33.55 50.83 -35.27
N GLY G 229 34.84 50.54 -35.36
CA GLY G 229 35.82 51.40 -34.76
C GLY G 229 37.17 50.72 -34.62
N ARG G 230 38.09 51.45 -34.00
CA ARG G 230 39.47 51.02 -33.84
C ARG G 230 39.63 50.16 -32.59
N GLY G 231 40.37 49.06 -32.74
CA GLY G 231 40.67 48.23 -31.58
C GLY G 231 41.30 49.02 -30.44
N SER G 232 42.14 50.00 -30.77
CA SER G 232 42.82 50.76 -29.73
C SER G 232 41.85 51.62 -28.93
N VAL G 233 40.67 51.91 -29.46
CA VAL G 233 39.71 52.77 -28.79
C VAL G 233 38.62 51.97 -28.09
N ILE G 234 38.12 50.92 -28.75
CA ILE G 234 36.93 50.22 -28.28
C ILE G 234 37.10 48.70 -28.23
N GLY G 235 38.25 48.17 -28.65
CA GLY G 235 38.38 46.73 -28.80
C GLY G 235 38.03 45.92 -27.56
N ASP G 236 38.72 46.18 -26.45
CA ASP G 236 38.38 45.49 -25.22
C ASP G 236 37.05 46.01 -24.66
N TYR G 237 36.77 47.31 -24.86
CA TYR G 237 35.59 47.91 -24.25
C TYR G 237 34.30 47.21 -24.67
N ILE G 238 34.19 46.84 -25.95
CA ILE G 238 32.94 46.26 -26.42
C ILE G 238 32.70 44.90 -25.78
N VAL G 239 33.76 44.18 -25.45
CA VAL G 239 33.65 42.83 -24.89
C VAL G 239 33.45 42.87 -23.38
N GLU G 240 34.15 43.77 -22.69
CA GLU G 240 34.06 43.82 -21.24
C GLU G 240 32.77 44.45 -20.75
N HIS G 241 32.02 45.11 -21.62
CA HIS G 241 30.86 45.87 -21.19
C HIS G 241 29.83 44.98 -20.51
N GLU G 242 29.31 45.42 -19.37
CA GLU G 242 28.37 44.61 -18.61
C GLU G 242 27.04 44.42 -19.30
N ALA G 243 26.70 45.25 -20.30
CA ALA G 243 25.45 45.04 -21.00
C ALA G 243 25.45 43.74 -21.81
N VAL G 244 26.62 43.29 -22.22
CA VAL G 244 26.74 42.14 -23.11
C VAL G 244 26.54 40.86 -22.31
N ASN G 245 25.63 40.03 -22.78
CA ASN G 245 25.30 38.78 -22.10
C ASN G 245 25.91 37.55 -22.77
N PHE G 246 26.47 37.70 -23.97
CA PHE G 246 26.94 36.56 -24.75
C PHE G 246 27.85 37.12 -25.83
N ILE G 247 28.98 36.46 -26.06
CA ILE G 247 29.92 36.89 -27.09
C ILE G 247 30.11 35.74 -28.08
N ASN G 248 29.85 36.01 -29.35
CA ASN G 248 29.92 35.03 -30.44
C ASN G 248 30.94 35.53 -31.45
N PHE G 249 32.10 34.88 -31.52
CA PHE G 249 33.26 35.43 -32.21
C PHE G 249 33.86 34.42 -33.19
N THR G 250 34.24 34.91 -34.36
CA THR G 250 35.03 34.17 -35.32
C THR G 250 36.26 35.01 -35.63
N GLY G 251 37.45 34.42 -35.58
CA GLY G 251 38.64 35.19 -35.89
C GLY G 251 39.90 34.49 -35.45
N SER G 252 40.93 35.30 -35.18
CA SER G 252 42.24 34.78 -34.86
C SER G 252 42.26 34.16 -33.46
N THR G 253 43.04 33.10 -33.33
CA THR G 253 43.25 32.46 -32.03
C THR G 253 43.72 33.44 -30.95
N PRO G 254 44.73 34.28 -31.18
CA PRO G 254 45.13 35.22 -30.12
C PRO G 254 44.00 36.13 -29.66
N ILE G 255 43.25 36.71 -30.59
CA ILE G 255 42.13 37.56 -30.21
C ILE G 255 41.06 36.74 -29.50
N GLY G 256 40.79 35.54 -30.01
CA GLY G 256 39.82 34.68 -29.35
C GLY G 256 40.20 34.36 -27.92
N GLU G 257 41.48 34.06 -27.69
N GLU G 257 41.49 34.09 -27.68
CA GLU G 257 41.94 33.81 -26.32
CA GLU G 257 41.93 33.80 -26.31
C GLU G 257 41.71 35.03 -25.44
C GLU G 257 41.75 35.03 -25.41
N GLY G 258 42.02 36.21 -25.94
CA GLY G 258 41.77 37.42 -25.17
C GLY G 258 40.30 37.58 -24.82
N ILE G 259 39.43 37.22 -25.76
CA ILE G 259 37.99 37.34 -25.49
C ILE G 259 37.58 36.38 -24.38
N GLY G 260 38.12 35.16 -24.38
CA GLY G 260 37.78 34.22 -23.33
C GLY G 260 38.09 34.77 -21.96
N LYS G 261 39.24 35.43 -21.82
CA LYS G 261 39.59 36.05 -20.55
C LYS G 261 38.59 37.14 -20.18
N LEU G 262 38.31 38.05 -21.11
CA LEU G 262 37.45 39.18 -20.82
C LEU G 262 35.99 38.79 -20.67
N ALA G 263 35.60 37.61 -21.15
CA ALA G 263 34.21 37.20 -21.03
C ALA G 263 33.82 36.98 -19.59
N GLY G 264 34.80 36.66 -18.73
CA GLY G 264 34.49 36.38 -17.33
C GLY G 264 33.67 35.12 -17.20
N MET G 265 32.47 35.23 -16.63
CA MET G 265 31.57 34.09 -16.50
CA MET G 265 31.55 34.11 -16.49
C MET G 265 30.51 34.07 -17.58
N ARG G 266 30.56 34.99 -18.53
CA ARG G 266 29.53 35.04 -19.55
C ARG G 266 29.78 34.00 -20.64
N PRO G 267 28.72 33.45 -21.22
CA PRO G 267 28.89 32.40 -22.23
C PRO G 267 29.48 32.99 -23.50
N ILE G 268 30.31 32.18 -24.17
CA ILE G 268 30.98 32.60 -25.38
C ILE G 268 30.99 31.45 -26.38
N MET G 269 31.08 31.83 -27.64
CA MET G 269 31.38 30.90 -28.72
C MET G 269 32.57 31.48 -29.46
N LEU G 270 33.54 30.61 -29.77
CA LEU G 270 34.76 31.00 -30.44
C LEU G 270 34.98 30.06 -31.62
N GLU G 271 35.14 30.63 -32.80
CA GLU G 271 35.50 29.90 -34.00
C GLU G 271 36.89 30.40 -34.40
N LEU G 272 37.91 29.57 -34.17
CA LEU G 272 39.28 30.04 -34.29
C LEU G 272 39.98 29.29 -35.41
N GLY G 273 41.25 29.00 -35.26
CA GLY G 273 42.03 28.48 -36.35
C GLY G 273 41.92 26.97 -36.53
N GLY G 274 42.50 26.52 -37.65
CA GLY G 274 42.54 25.11 -37.95
C GLY G 274 43.84 24.72 -38.65
N LYS G 275 44.17 23.45 -38.55
CA LYS G 275 45.27 22.87 -39.31
C LYS G 275 44.78 21.48 -39.76
N ASP G 276 43.70 21.47 -40.53
CA ASP G 276 42.99 20.23 -40.83
C ASP G 276 43.90 19.26 -41.59
N SER G 277 43.95 18.02 -41.12
CA SER G 277 44.72 17.00 -41.82
CA SER G 277 44.70 16.96 -41.79
C SER G 277 43.83 16.29 -42.85
N ALA G 278 44.46 15.88 -43.94
CA ALA G 278 43.89 14.96 -44.92
C ALA G 278 44.74 13.69 -44.84
N ILE G 279 44.16 12.65 -44.29
CA ILE G 279 44.83 11.36 -44.13
C ILE G 279 44.49 10.51 -45.35
N VAL G 280 45.51 10.08 -46.07
CA VAL G 280 45.34 9.35 -47.33
C VAL G 280 45.97 7.97 -47.15
N LEU G 281 45.15 6.95 -47.19
CA LEU G 281 45.61 5.57 -46.98
C LEU G 281 45.89 4.89 -48.32
N GLU G 282 46.47 3.70 -48.25
CA GLU G 282 46.97 3.05 -49.45
C GLU G 282 45.87 2.64 -50.42
N ASP G 283 44.64 2.46 -49.96
CA ASP G 283 43.54 2.05 -50.83
C ASP G 283 42.71 3.22 -51.32
N ALA G 284 43.16 4.46 -51.10
CA ALA G 284 42.36 5.61 -51.49
C ALA G 284 42.29 5.75 -53.01
N ASP G 285 41.21 6.37 -53.47
CA ASP G 285 41.13 6.89 -54.84
C ASP G 285 41.98 8.15 -54.88
N LEU G 286 43.20 8.03 -55.42
CA LEU G 286 44.17 9.12 -55.29
C LEU G 286 43.79 10.35 -56.11
N ALA G 287 43.22 10.15 -57.29
CA ALA G 287 42.80 11.30 -58.09
C ALA G 287 41.71 12.09 -57.38
N LEU G 288 40.73 11.38 -56.81
CA LEU G 288 39.67 12.05 -56.06
C LEU G 288 40.24 12.75 -54.82
N ALA G 289 41.14 12.07 -54.09
CA ALA G 289 41.78 12.70 -52.95
C ALA G 289 42.49 13.98 -53.38
N ALA G 290 43.27 13.91 -54.46
CA ALA G 290 43.99 15.09 -54.90
C ALA G 290 43.03 16.23 -55.25
N LYS G 291 41.94 15.94 -55.96
CA LYS G 291 40.97 16.97 -56.32
C LYS G 291 40.42 17.65 -55.08
N ASN G 292 39.97 16.87 -54.12
N ASN G 292 39.99 16.87 -54.09
CA ASN G 292 39.41 17.41 -52.88
CA ASN G 292 39.40 17.45 -52.90
C ASN G 292 40.45 18.19 -52.10
C ASN G 292 40.43 18.16 -52.04
N ILE G 293 41.65 17.63 -51.97
CA ILE G 293 42.71 18.28 -51.20
C ILE G 293 43.02 19.67 -51.77
N VAL G 294 43.16 19.76 -53.10
CA VAL G 294 43.51 21.05 -53.71
C VAL G 294 42.36 22.05 -53.61
N ALA G 295 41.14 21.60 -53.89
CA ALA G 295 39.99 22.49 -53.75
C ALA G 295 39.89 23.02 -52.34
N GLY G 296 40.05 22.15 -51.34
CA GLY G 296 39.90 22.57 -49.96
C GLY G 296 41.05 23.43 -49.47
N ALA G 297 42.28 23.09 -49.86
CA ALA G 297 43.45 23.76 -49.30
C ALA G 297 43.58 25.17 -49.86
N PHE G 298 43.26 25.36 -51.13
CA PHE G 298 43.59 26.60 -51.82
C PHE G 298 42.40 27.52 -52.07
N GLY G 299 41.19 27.13 -51.68
CA GLY G 299 40.05 28.02 -51.72
C GLY G 299 40.31 29.33 -51.00
N TYR G 300 39.96 30.47 -51.61
CA TYR G 300 40.23 31.78 -51.02
C TYR G 300 41.69 31.90 -50.57
N SER G 301 42.59 31.35 -51.39
CA SER G 301 44.04 31.41 -51.17
C SER G 301 44.46 30.79 -49.83
N GLY G 302 43.67 29.87 -49.30
CA GLY G 302 43.99 29.25 -48.02
C GLY G 302 43.57 30.02 -46.81
N GLN G 303 42.82 31.12 -47.00
CA GLN G 303 42.44 32.00 -45.89
C GLN G 303 41.11 31.55 -45.26
N ARG G 304 41.12 30.30 -44.81
CA ARG G 304 39.96 29.68 -44.18
CA ARG G 304 39.97 29.67 -44.19
C ARG G 304 40.46 28.79 -43.05
N SER G 305 39.75 28.84 -41.93
CA SER G 305 40.07 27.96 -40.82
CA SER G 305 40.07 27.96 -40.82
C SER G 305 39.76 26.52 -41.15
N THR G 306 38.66 26.29 -41.90
CA THR G 306 38.23 24.96 -42.35
C THR G 306 38.79 24.78 -43.75
N ALA G 307 39.81 23.96 -43.88
CA ALA G 307 40.54 23.82 -45.13
C ALA G 307 41.64 22.81 -44.92
N VAL G 308 41.85 21.92 -45.87
CA VAL G 308 42.96 20.99 -45.77
C VAL G 308 44.23 21.82 -45.68
N LYS G 309 45.00 21.61 -44.62
CA LYS G 309 46.26 22.34 -44.42
C LYS G 309 47.48 21.43 -44.27
N ARG G 310 47.32 20.12 -44.26
CA ARG G 310 48.45 19.23 -44.27
C ARG G 310 47.96 17.86 -44.74
N VAL G 311 48.72 17.25 -45.65
CA VAL G 311 48.43 15.91 -46.15
C VAL G 311 49.30 14.94 -45.38
N LEU G 312 48.68 13.93 -44.78
CA LEU G 312 49.38 12.84 -44.08
C LEU G 312 49.12 11.58 -44.92
N VAL G 313 50.11 11.17 -45.69
CA VAL G 313 49.91 10.14 -46.71
C VAL G 313 50.83 8.94 -46.47
N MET G 314 50.25 7.75 -46.56
CA MET G 314 51.04 6.52 -46.50
C MET G 314 52.10 6.51 -47.60
N ASP G 315 53.33 6.14 -47.23
N ASP G 315 53.33 6.17 -47.20
CA ASP G 315 54.44 6.35 -48.15
CA ASP G 315 54.47 6.27 -48.11
C ASP G 315 54.27 5.59 -49.46
C ASP G 315 54.20 5.62 -49.46
N LYS G 316 53.59 4.43 -49.44
CA LYS G 316 53.48 3.64 -50.67
C LYS G 316 52.70 4.36 -51.76
N VAL G 317 51.79 5.27 -51.41
CA VAL G 317 51.02 6.01 -52.41
C VAL G 317 51.46 7.47 -52.51
N ALA G 318 52.49 7.88 -51.75
CA ALA G 318 52.81 9.29 -51.64
C ALA G 318 53.32 9.87 -52.95
N ASP G 319 54.21 9.15 -53.64
CA ASP G 319 54.75 9.70 -54.88
C ASP G 319 53.63 9.98 -55.87
N GLN G 320 52.70 9.02 -56.01
CA GLN G 320 51.62 9.19 -56.98
C GLN G 320 50.66 10.29 -56.54
N LEU G 321 50.30 10.32 -55.25
CA LEU G 321 49.43 11.40 -54.77
C LEU G 321 50.08 12.75 -55.01
N ALA G 322 51.37 12.87 -54.70
CA ALA G 322 52.02 14.18 -54.81
C ALA G 322 52.04 14.66 -56.25
N ALA G 323 52.25 13.75 -57.21
CA ALA G 323 52.18 14.14 -58.62
C ALA G 323 50.78 14.58 -59.00
N GLU G 324 49.76 13.89 -58.50
N GLU G 324 49.76 13.87 -58.54
CA GLU G 324 48.38 14.27 -58.82
CA GLU G 324 48.39 14.27 -58.80
C GLU G 324 48.03 15.62 -58.21
C GLU G 324 48.12 15.67 -58.25
N ILE G 325 48.52 15.90 -57.00
CA ILE G 325 48.27 17.19 -56.38
C ILE G 325 49.04 18.27 -57.12
N LYS G 326 50.30 17.99 -57.47
CA LYS G 326 51.14 18.98 -58.14
C LYS G 326 50.51 19.47 -59.43
N THR G 327 50.02 18.56 -60.27
CA THR G 327 49.44 18.99 -61.55
CA THR G 327 49.42 18.97 -61.55
C THR G 327 48.23 19.89 -61.33
N LEU G 328 47.41 19.60 -60.31
CA LEU G 328 46.26 20.46 -60.05
C LEU G 328 46.69 21.83 -59.54
N VAL G 329 47.68 21.89 -58.64
CA VAL G 329 48.14 23.18 -58.12
C VAL G 329 48.70 24.04 -59.24
N GLU G 330 49.41 23.42 -60.19
CA GLU G 330 49.99 24.15 -61.30
C GLU G 330 48.95 24.83 -62.16
N LYS G 331 47.70 24.37 -62.12
CA LYS G 331 46.66 24.93 -62.98
C LYS G 331 45.88 26.05 -62.29
N LEU G 332 46.05 26.23 -60.98
CA LEU G 332 45.30 27.26 -60.28
C LEU G 332 45.65 28.63 -60.86
N SER G 333 44.62 29.44 -61.09
CA SER G 333 44.83 30.79 -61.56
C SER G 333 45.24 31.69 -60.41
N VAL G 334 46.11 32.64 -60.72
CA VAL G 334 46.70 33.54 -59.74
C VAL G 334 46.49 34.95 -60.29
N GLY G 335 45.71 35.75 -59.58
CA GLY G 335 45.40 37.08 -60.08
C GLY G 335 44.36 37.79 -59.23
N MET G 336 43.53 38.58 -59.88
CA MET G 336 42.73 39.57 -59.20
C MET G 336 41.33 39.05 -58.89
N PRO G 337 40.76 39.54 -57.78
CA PRO G 337 39.36 39.18 -57.46
C PRO G 337 38.36 39.43 -58.58
N GLU G 338 38.48 40.55 -59.28
CA GLU G 338 37.51 40.83 -60.34
C GLU G 338 37.59 39.83 -61.48
N ASP G 339 38.70 39.10 -61.61
CA ASP G 339 38.88 38.08 -62.63
C ASP G 339 38.56 36.68 -62.10
N ASP G 340 38.06 36.59 -60.86
CA ASP G 340 37.67 35.31 -60.29
C ASP G 340 38.84 34.33 -60.24
N ALA G 341 40.04 34.86 -59.98
CA ALA G 341 41.20 34.00 -59.86
C ALA G 341 41.05 33.06 -58.65
N ASP G 342 41.62 31.86 -58.78
CA ASP G 342 41.63 30.92 -57.66
C ASP G 342 42.41 31.50 -56.49
N ILE G 343 43.58 32.05 -56.78
CA ILE G 343 44.50 32.59 -55.80
C ILE G 343 44.50 34.11 -56.01
N THR G 344 44.01 34.84 -55.01
CA THR G 344 43.94 36.28 -54.99
C THR G 344 44.93 36.82 -53.96
N PRO G 345 45.18 38.12 -53.97
CA PRO G 345 46.13 38.68 -52.98
C PRO G 345 45.61 38.47 -51.57
N LEU G 346 46.54 38.26 -50.64
CA LEU G 346 46.17 38.05 -49.25
C LEU G 346 45.69 39.35 -48.59
N ILE G 347 45.08 39.20 -47.41
CA ILE G 347 44.30 40.29 -46.84
C ILE G 347 45.17 41.51 -46.54
N ASP G 348 46.42 41.31 -46.15
CA ASP G 348 47.32 42.45 -45.92
C ASP G 348 48.77 41.99 -45.97
N THR G 349 49.67 42.95 -45.83
CA THR G 349 51.09 42.67 -46.03
C THR G 349 51.62 41.76 -44.93
N SER G 350 51.22 42.00 -43.68
CA SER G 350 51.67 41.15 -42.59
CA SER G 350 51.67 41.15 -42.59
C SER G 350 51.28 39.69 -42.84
N ALA G 351 50.08 39.45 -43.35
CA ALA G 351 49.66 38.10 -43.62
C ALA G 351 50.56 37.43 -44.66
N ALA G 352 50.89 38.15 -45.74
CA ALA G 352 51.75 37.58 -46.76
C ALA G 352 53.19 37.41 -46.26
N ASP G 353 53.68 38.35 -45.44
CA ASP G 353 55.00 38.16 -44.83
C ASP G 353 55.02 36.86 -44.01
N PHE G 354 53.96 36.60 -43.26
CA PHE G 354 53.92 35.41 -42.42
C PHE G 354 53.98 34.15 -43.26
N VAL G 355 53.19 34.09 -44.34
CA VAL G 355 53.20 32.95 -45.25
C VAL G 355 54.58 32.75 -45.86
N GLU G 356 55.20 33.84 -46.34
CA GLU G 356 56.52 33.73 -46.94
C GLU G 356 57.52 33.12 -45.97
N GLY G 357 57.41 33.47 -44.69
CA GLY G 357 58.33 32.91 -43.69
C GLY G 357 58.16 31.43 -43.49
N LEU G 358 56.92 30.94 -43.49
CA LEU G 358 56.70 29.50 -43.42
C LEU G 358 57.27 28.79 -44.63
N ILE G 359 57.14 29.39 -45.81
CA ILE G 359 57.69 28.80 -47.02
C ILE G 359 59.21 28.76 -46.94
N LYS G 360 59.84 29.84 -46.50
CA LYS G 360 61.30 29.85 -46.44
C LYS G 360 61.83 28.84 -45.44
N ASP G 361 61.15 28.67 -44.30
CA ASP G 361 61.60 27.69 -43.31
C ASP G 361 61.56 26.29 -43.89
N ALA G 362 60.49 25.97 -44.63
CA ALA G 362 60.38 24.65 -45.22
C ALA G 362 61.44 24.43 -46.27
N THR G 363 61.69 25.45 -47.10
CA THR G 363 62.75 25.35 -48.11
C THR G 363 64.11 25.13 -47.45
N ASP G 364 64.42 25.94 -46.44
CA ASP G 364 65.73 25.87 -45.80
C ASP G 364 65.95 24.57 -45.05
N LYS G 365 64.89 23.94 -44.58
CA LYS G 365 64.99 22.64 -43.91
C LYS G 365 64.88 21.47 -44.89
N GLY G 366 64.84 21.73 -46.19
CA GLY G 366 65.01 20.70 -47.19
C GLY G 366 63.75 20.12 -47.80
N ALA G 367 62.58 20.73 -47.58
CA ALA G 367 61.38 20.27 -48.26
C ALA G 367 61.49 20.50 -49.77
N THR G 368 60.79 19.67 -50.53
CA THR G 368 60.79 19.75 -51.99
C THR G 368 59.67 20.67 -52.43
N ALA G 369 60.02 21.79 -53.05
CA ALA G 369 59.04 22.70 -53.62
C ALA G 369 58.58 22.14 -54.95
N LEU G 370 57.38 21.56 -54.98
CA LEU G 370 56.82 20.97 -56.19
C LEU G 370 56.21 22.02 -57.11
N THR G 371 55.84 23.17 -56.57
CA THR G 371 55.43 24.33 -57.35
C THR G 371 56.18 25.52 -56.79
N ALA G 372 56.38 26.54 -57.62
CA ALA G 372 57.35 27.59 -57.32
C ALA G 372 56.73 28.73 -56.52
N PHE G 373 57.48 29.19 -55.52
CA PHE G 373 57.09 30.39 -54.78
C PHE G 373 57.33 31.63 -55.63
N ASN G 374 56.32 32.51 -55.67
CA ASN G 374 56.46 33.84 -56.22
C ASN G 374 55.58 34.78 -55.39
N ARG G 375 56.03 36.02 -55.23
CA ARG G 375 55.24 37.01 -54.51
C ARG G 375 55.35 38.33 -55.25
N GLU G 376 54.20 38.90 -55.62
CA GLU G 376 54.09 40.22 -56.23
C GLU G 376 53.10 41.00 -55.38
N GLY G 377 53.58 42.05 -54.74
CA GLY G 377 52.75 42.70 -53.73
C GLY G 377 52.46 41.69 -52.63
N ASN G 378 51.17 41.48 -52.34
CA ASN G 378 50.73 40.44 -51.41
C ASN G 378 50.08 39.26 -52.11
N LEU G 379 50.32 39.12 -53.42
CA LEU G 379 49.82 37.99 -54.21
C LEU G 379 50.90 36.92 -54.22
N ILE G 380 50.70 35.88 -53.43
CA ILE G 380 51.61 34.73 -53.34
C ILE G 380 51.08 33.61 -54.22
N SER G 381 51.93 33.10 -55.09
CA SER G 381 51.56 31.96 -55.93
C SER G 381 51.50 30.71 -55.07
N PRO G 382 50.70 29.72 -55.48
CA PRO G 382 50.46 28.56 -54.61
C PRO G 382 51.66 27.63 -54.54
N VAL G 383 52.07 27.30 -53.32
CA VAL G 383 53.27 26.50 -53.10
C VAL G 383 52.89 25.16 -52.48
N LEU G 384 53.30 24.09 -53.14
CA LEU G 384 53.11 22.72 -52.68
C LEU G 384 54.48 22.17 -52.30
N PHE G 385 54.61 21.70 -51.06
CA PHE G 385 55.83 21.08 -50.60
C PHE G 385 55.60 19.58 -50.36
N ASP G 386 56.55 18.78 -50.80
CA ASP G 386 56.62 17.36 -50.46
C ASP G 386 57.81 17.16 -49.53
N HIS G 387 57.83 15.97 -48.91
CA HIS G 387 58.90 15.60 -47.97
C HIS G 387 59.00 16.61 -46.83
N VAL G 388 57.86 17.08 -46.36
CA VAL G 388 57.84 17.94 -45.20
C VAL G 388 58.05 17.07 -43.97
N THR G 389 58.87 17.54 -43.05
CA THR G 389 59.13 16.87 -41.78
C THR G 389 58.64 17.78 -40.66
N THR G 390 58.42 17.19 -39.49
CA THR G 390 57.69 17.87 -38.43
C THR G 390 58.56 18.82 -37.61
N ASP G 391 59.85 18.96 -37.95
CA ASP G 391 60.66 20.07 -37.48
C ASP G 391 60.39 21.36 -38.25
N MET G 392 59.60 21.30 -39.31
CA MET G 392 59.27 22.49 -40.09
C MET G 392 58.03 23.19 -39.56
N ARG G 393 58.08 24.52 -39.52
CA ARG G 393 56.95 25.29 -39.02
C ARG G 393 55.69 24.98 -39.80
N LEU G 394 55.82 24.78 -41.11
CA LEU G 394 54.68 24.54 -41.98
C LEU G 394 53.95 23.25 -41.63
N ALA G 395 54.59 22.31 -40.93
CA ALA G 395 53.86 21.14 -40.49
C ALA G 395 52.76 21.48 -39.50
N TRP G 396 52.88 22.63 -38.81
CA TRP G 396 52.03 22.92 -37.65
C TRP G 396 51.28 24.25 -37.69
N GLU G 397 51.91 25.32 -38.15
CA GLU G 397 51.33 26.64 -38.00
C GLU G 397 50.31 26.93 -39.08
N GLU G 398 49.21 27.57 -38.70
CA GLU G 398 48.16 27.90 -39.66
C GLU G 398 48.64 29.04 -40.55
N PRO G 399 48.83 28.83 -41.87
CA PRO G 399 49.41 29.91 -42.69
C PRO G 399 48.44 31.02 -43.01
N PHE G 400 47.17 30.67 -43.25
CA PHE G 400 46.21 31.59 -43.89
C PHE G 400 46.80 32.16 -45.19
N GLY G 401 47.34 31.25 -46.01
CA GLY G 401 47.86 31.58 -47.31
C GLY G 401 48.03 30.33 -48.14
N PRO G 402 48.41 30.48 -49.38
CA PRO G 402 48.32 29.35 -50.33
C PRO G 402 49.57 28.47 -50.35
N VAL G 403 49.73 27.71 -49.27
CA VAL G 403 50.87 26.79 -49.12
C VAL G 403 50.36 25.52 -48.46
N LEU G 404 50.82 24.36 -48.97
CA LEU G 404 50.33 23.08 -48.48
C LEU G 404 51.49 22.10 -48.36
N PRO G 405 51.69 21.52 -47.17
CA PRO G 405 52.71 20.48 -47.02
C PRO G 405 52.14 19.08 -47.16
N ILE G 406 52.95 18.20 -47.75
CA ILE G 406 52.71 16.76 -47.79
C ILE G 406 53.70 16.11 -46.84
N ILE G 407 53.18 15.36 -45.87
CA ILE G 407 53.97 14.67 -44.85
C ILE G 407 53.77 13.18 -45.05
N ARG G 408 54.87 12.45 -45.27
CA ARG G 408 54.79 11.01 -45.46
C ARG G 408 54.85 10.27 -44.13
N VAL G 409 54.01 9.25 -44.00
CA VAL G 409 53.98 8.39 -42.83
C VAL G 409 54.01 6.95 -43.30
N THR G 410 54.39 6.04 -42.40
CA THR G 410 54.42 4.62 -42.76
C THR G 410 53.33 3.79 -42.10
N THR G 411 52.63 4.32 -41.11
CA THR G 411 51.51 3.62 -40.49
C THR G 411 50.37 4.59 -40.22
N VAL G 412 49.16 4.01 -40.12
CA VAL G 412 47.99 4.77 -39.70
C VAL G 412 48.19 5.33 -38.30
N GLU G 413 48.80 4.54 -37.42
CA GLU G 413 49.04 5.01 -36.06
C GLU G 413 49.87 6.29 -36.06
N GLU G 414 50.89 6.35 -36.92
CA GLU G 414 51.72 7.54 -37.02
C GLU G 414 50.91 8.73 -37.53
N ALA G 415 50.05 8.50 -38.53
CA ALA G 415 49.20 9.58 -39.04
C ALA G 415 48.30 10.14 -37.94
N ILE G 416 47.73 9.25 -37.12
CA ILE G 416 46.86 9.71 -36.04
C ILE G 416 47.66 10.52 -35.02
N LYS G 417 48.83 10.02 -34.65
N LYS G 417 48.84 10.03 -34.65
CA LYS G 417 49.66 10.74 -33.68
CA LYS G 417 49.66 10.74 -33.68
C LYS G 417 50.02 12.13 -34.19
C LYS G 417 50.05 12.13 -34.18
N ILE G 418 50.48 12.20 -35.45
CA ILE G 418 50.86 13.50 -36.00
C ILE G 418 49.66 14.42 -36.09
N SER G 419 48.52 13.89 -36.52
CA SER G 419 47.31 14.69 -36.58
C SER G 419 46.97 15.27 -35.23
N ASN G 420 46.97 14.44 -34.19
CA ASN G 420 46.55 14.86 -32.87
C ASN G 420 47.59 15.69 -32.13
N GLU G 421 48.85 15.67 -32.60
CA GLU G 421 49.89 16.50 -31.98
C GLU G 421 49.63 18.00 -32.18
N SER G 422 48.85 18.35 -33.20
CA SER G 422 48.49 19.75 -33.44
C SER G 422 47.73 20.35 -32.26
N GLU G 423 47.96 21.65 -32.03
CA GLU G 423 47.16 22.40 -31.08
C GLU G 423 45.76 22.67 -31.63
N TYR G 424 45.57 22.49 -32.93
CA TYR G 424 44.28 22.68 -33.59
C TYR G 424 43.55 21.36 -33.74
N GLY G 425 42.23 21.45 -33.76
CA GLY G 425 41.38 20.28 -33.91
C GLY G 425 40.03 20.63 -34.49
N LEU G 426 40.04 21.24 -35.66
CA LEU G 426 38.79 21.69 -36.27
C LEU G 426 38.14 20.55 -37.03
N GLN G 427 38.70 20.19 -38.18
CA GLN G 427 38.16 19.07 -38.95
C GLN G 427 39.31 18.21 -39.46
N ALA G 428 38.94 17.08 -40.05
CA ALA G 428 39.89 16.22 -40.75
C ALA G 428 39.17 15.52 -41.89
N SER G 429 39.95 15.12 -42.91
CA SER G 429 39.46 14.29 -44.00
C SER G 429 40.19 12.96 -43.95
N ILE G 430 39.50 11.86 -44.28
CA ILE G 430 40.12 10.56 -44.43
C ILE G 430 39.75 10.01 -45.81
N PHE G 431 40.76 9.67 -46.60
CA PHE G 431 40.56 9.12 -47.94
C PHE G 431 40.97 7.65 -47.90
N THR G 432 39.99 6.78 -48.11
CA THR G 432 40.15 5.34 -48.06
C THR G 432 38.86 4.73 -48.58
N THR G 433 38.97 3.51 -49.06
CA THR G 433 37.79 2.71 -49.43
C THR G 433 37.29 1.84 -48.29
N ASN G 434 37.95 1.83 -47.13
CA ASN G 434 37.57 1.01 -45.98
C ASN G 434 36.88 1.90 -44.94
N PHE G 435 35.54 1.94 -45.03
CA PHE G 435 34.78 2.84 -44.21
CA PHE G 435 34.74 2.82 -44.20
C PHE G 435 34.78 2.42 -42.73
N PRO G 436 34.64 1.14 -42.38
CA PRO G 436 34.74 0.81 -40.94
C PRO G 436 36.07 1.17 -40.32
N LYS G 437 37.17 1.00 -41.06
CA LYS G 437 38.46 1.47 -40.57
C LYS G 437 38.48 2.98 -40.44
N ALA G 438 37.92 3.69 -41.43
CA ALA G 438 37.90 5.14 -41.38
C ALA G 438 37.13 5.64 -40.17
N PHE G 439 36.02 4.98 -39.85
CA PHE G 439 35.26 5.36 -38.65
CA PHE G 439 35.26 5.36 -38.67
C PHE G 439 36.09 5.16 -37.39
N GLY G 440 36.87 4.08 -37.34
CA GLY G 440 37.71 3.84 -36.18
C GLY G 440 38.81 4.88 -36.05
N ILE G 441 39.35 5.33 -37.18
CA ILE G 441 40.31 6.42 -37.17
C ILE G 441 39.61 7.71 -36.71
N ALA G 442 38.42 7.97 -37.26
CA ALA G 442 37.68 9.18 -36.88
C ALA G 442 37.46 9.27 -35.38
N GLU G 443 37.17 8.16 -34.73
CA GLU G 443 36.96 8.17 -33.29
C GLU G 443 38.19 8.67 -32.55
N GLN G 444 39.38 8.40 -33.08
CA GLN G 444 40.63 8.74 -32.42
C GLN G 444 41.12 10.15 -32.73
N LEU G 445 40.62 10.76 -33.79
CA LEU G 445 41.08 12.09 -34.18
C LEU G 445 40.43 13.15 -33.30
N GLU G 446 41.28 14.03 -32.77
CA GLU G 446 40.85 15.09 -31.86
C GLU G 446 40.38 16.31 -32.67
N VAL G 447 39.19 16.17 -33.25
CA VAL G 447 38.60 17.17 -34.13
C VAL G 447 37.09 17.18 -33.92
N GLY G 448 36.45 18.23 -34.44
CA GLY G 448 35.00 18.31 -34.38
C GLY G 448 34.32 17.46 -35.43
N THR G 449 34.81 17.50 -36.67
CA THR G 449 34.14 16.80 -37.76
C THR G 449 35.19 16.10 -38.61
N VAL G 450 34.86 14.87 -39.03
CA VAL G 450 35.68 14.10 -39.96
C VAL G 450 34.85 13.86 -41.21
N HIS G 451 35.40 14.23 -42.36
CA HIS G 451 34.78 14.01 -43.64
C HIS G 451 35.45 12.81 -44.33
N LEU G 452 34.64 11.85 -44.76
CA LEU G 452 35.15 10.68 -45.44
C LEU G 452 35.13 10.92 -46.96
N ASN G 453 36.29 10.75 -47.61
CA ASN G 453 36.43 10.90 -49.05
C ASN G 453 35.92 12.23 -49.57
N ASN G 454 36.13 13.27 -48.78
CA ASN G 454 35.78 14.62 -49.20
CA ASN G 454 35.73 14.63 -49.16
C ASN G 454 36.63 15.59 -48.40
N LYS G 455 36.81 16.78 -48.98
CA LYS G 455 37.51 17.87 -48.31
C LYS G 455 36.75 18.29 -47.05
N THR G 456 37.47 18.92 -46.10
CA THR G 456 36.79 19.49 -44.95
C THR G 456 35.97 20.71 -45.38
N GLN G 457 34.88 20.94 -44.67
CA GLN G 457 33.98 22.04 -44.98
C GLN G 457 33.01 22.26 -43.83
N ARG G 458 32.50 23.49 -43.74
CA ARG G 458 31.56 23.81 -42.69
C ARG G 458 30.18 23.23 -42.96
N GLY G 459 29.78 23.12 -44.21
CA GLY G 459 28.41 22.78 -44.55
C GLY G 459 28.14 21.28 -44.50
N THR G 460 26.88 20.93 -44.74
CA THR G 460 25.74 21.84 -44.86
C THR G 460 25.47 22.50 -43.51
N ASP G 461 24.86 23.68 -43.52
CA ASP G 461 24.84 24.54 -42.34
C ASP G 461 23.89 24.06 -41.26
N ASN G 462 23.10 23.02 -41.50
CA ASN G 462 22.36 22.36 -40.43
C ASN G 462 23.24 21.40 -39.63
N PHE G 463 24.39 20.97 -40.17
CA PHE G 463 25.29 20.07 -39.48
C PHE G 463 26.03 20.83 -38.39
N PRO G 464 26.51 20.13 -37.36
CA PRO G 464 27.33 20.81 -36.35
C PRO G 464 28.66 21.27 -36.92
N PHE G 465 29.11 22.42 -36.43
CA PHE G 465 30.43 22.97 -36.76
C PHE G 465 31.10 23.34 -35.46
N LEU G 466 32.20 22.65 -35.15
CA LEU G 466 32.88 22.86 -33.88
C LEU G 466 34.33 22.44 -34.01
N GLY G 467 35.14 22.96 -33.07
N GLY G 467 35.14 22.94 -33.06
CA GLY G 467 36.55 22.62 -33.03
CA GLY G 467 36.53 22.56 -32.96
C GLY G 467 37.08 22.29 -31.65
C GLY G 467 36.83 21.80 -31.68
N ALA G 468 37.83 21.19 -31.56
N ALA G 468 38.03 21.26 -31.64
CA ALA G 468 38.47 20.78 -30.32
CA ALA G 468 38.61 20.67 -30.44
C ALA G 468 39.71 21.63 -30.06
C ALA G 468 39.90 21.41 -30.15
N LYS G 469 40.29 21.43 -28.88
CA LYS G 469 41.54 22.09 -28.47
C LYS G 469 41.47 23.59 -28.78
N LYS G 470 42.48 24.17 -29.43
CA LYS G 470 42.53 25.60 -29.64
C LYS G 470 41.70 26.10 -30.82
N SER G 471 40.96 25.24 -31.48
CA SER G 471 40.16 25.64 -32.64
C SER G 471 38.86 26.32 -32.27
N GLY G 472 38.45 26.31 -31.02
CA GLY G 472 37.30 27.10 -30.65
C GLY G 472 36.61 26.57 -29.40
N ALA G 473 35.42 27.12 -29.18
CA ALA G 473 34.59 26.81 -28.03
C ALA G 473 33.15 26.90 -28.53
N GLY G 474 32.34 25.92 -28.18
CA GLY G 474 30.94 25.90 -28.55
C GLY G 474 30.71 25.21 -29.89
N VAL G 475 29.44 24.95 -30.15
CA VAL G 475 29.00 24.20 -31.33
C VAL G 475 28.09 25.11 -32.14
N GLN G 476 28.44 25.32 -33.39
CA GLN G 476 27.60 26.04 -34.33
C GLN G 476 27.00 25.07 -35.35
N GLY G 477 26.58 25.60 -36.49
CA GLY G 477 25.54 24.96 -37.26
C GLY G 477 24.21 25.48 -36.69
N VAL G 478 23.15 25.52 -37.49
CA VAL G 478 22.02 26.37 -37.14
C VAL G 478 21.41 25.98 -35.80
N LYS G 479 20.91 24.74 -35.67
CA LYS G 479 20.18 24.43 -34.44
C LYS G 479 21.09 24.52 -33.22
N TYR G 480 22.36 24.20 -33.39
CA TYR G 480 23.30 24.26 -32.29
C TYR G 480 23.58 25.69 -31.85
N SER G 481 23.65 26.61 -32.81
CA SER G 481 23.85 28.02 -32.50
CA SER G 481 23.86 28.02 -32.47
C SER G 481 22.66 28.57 -31.74
N ILE G 482 21.45 28.15 -32.11
CA ILE G 482 20.26 28.62 -31.43
C ILE G 482 20.26 28.13 -29.99
N GLU G 483 20.57 26.84 -29.80
CA GLU G 483 20.65 26.29 -28.45
CA GLU G 483 20.64 26.30 -28.44
C GLU G 483 21.69 27.04 -27.62
N ALA G 484 22.84 27.36 -28.23
CA ALA G 484 23.90 28.03 -27.47
C ALA G 484 23.46 29.40 -26.97
N MET G 485 22.68 30.12 -27.77
CA MET G 485 22.28 31.48 -27.46
C MET G 485 20.89 31.57 -26.83
N THR G 486 20.42 30.46 -26.27
CA THR G 486 19.25 30.49 -25.41
C THR G 486 19.61 29.89 -24.06
N THR G 487 18.74 30.16 -23.09
CA THR G 487 18.77 29.54 -21.78
C THR G 487 17.38 28.91 -21.57
N VAL G 488 17.13 28.42 -20.37
CA VAL G 488 15.82 27.88 -20.04
C VAL G 488 15.28 28.58 -18.81
N LYS G 489 13.94 28.62 -18.73
CA LYS G 489 13.19 29.07 -17.56
C LYS G 489 12.33 27.87 -17.17
N SER G 490 12.48 27.41 -15.94
CA SER G 490 11.72 26.30 -15.41
C SER G 490 10.68 26.84 -14.43
N VAL G 491 9.44 26.41 -14.61
CA VAL G 491 8.36 26.68 -13.66
C VAL G 491 7.90 25.36 -13.07
N VAL G 492 7.96 25.25 -11.74
CA VAL G 492 7.75 23.99 -11.03
C VAL G 492 6.51 24.17 -10.14
N PHE G 493 5.61 23.18 -10.18
CA PHE G 493 4.45 23.23 -9.30
C PHE G 493 4.03 21.82 -8.94
N ASP G 494 3.18 21.73 -7.92
CA ASP G 494 2.69 20.44 -7.42
C ASP G 494 1.24 20.26 -7.84
N ILE G 495 0.97 19.15 -8.52
CA ILE G 495 -0.41 18.81 -8.87
C ILE G 495 -1.15 18.38 -7.62
N GLN G 496 -2.41 18.80 -7.52
CA GLN G 496 -3.25 18.42 -6.38
C GLN G 496 -4.43 17.58 -6.84
N PHE H 21 35.86 9.44 20.31
CA PHE H 21 36.11 9.81 18.89
C PHE H 21 37.61 10.01 18.66
N LEU H 22 38.09 9.55 17.50
CA LEU H 22 39.50 9.61 17.16
C LEU H 22 39.67 10.32 15.84
N ALA H 23 40.48 11.38 15.83
CA ALA H 23 40.79 12.11 14.61
C ALA H 23 41.78 11.30 13.77
N LYS H 24 41.48 11.16 12.49
CA LYS H 24 42.27 10.33 11.57
C LYS H 24 43.05 11.20 10.61
N GLN H 25 44.17 10.66 10.13
CA GLN H 25 44.97 11.29 9.09
C GLN H 25 44.51 10.75 7.74
N TYR H 26 43.97 11.63 6.90
CA TYR H 26 43.41 11.21 5.62
C TYR H 26 44.41 11.41 4.49
N LYS H 27 44.13 10.77 3.37
CA LYS H 27 45.05 10.70 2.24
C LYS H 27 44.28 10.98 0.96
N ASN H 28 45.00 11.50 -0.04
CA ASN H 28 44.39 11.72 -1.36
C ASN H 28 44.48 10.47 -2.21
N LEU H 29 43.49 10.31 -3.08
CA LEU H 29 43.46 9.22 -4.06
C LEU H 29 44.18 9.73 -5.31
N VAL H 30 45.33 9.11 -5.63
CA VAL H 30 46.18 9.55 -6.73
C VAL H 30 46.60 8.31 -7.51
N ASN H 31 46.06 8.15 -8.71
CA ASN H 31 46.44 7.04 -9.59
C ASN H 31 46.31 5.70 -8.87
N GLY H 32 45.19 5.52 -8.17
CA GLY H 32 44.87 4.28 -7.51
C GLY H 32 45.60 4.05 -6.20
N GLU H 33 46.44 4.99 -5.77
CA GLU H 33 47.19 4.89 -4.53
C GLU H 33 46.73 6.00 -3.59
N TRP H 34 46.87 5.75 -2.29
CA TRP H 34 46.53 6.73 -1.27
C TRP H 34 47.81 7.39 -0.78
N LYS H 35 47.88 8.71 -0.87
CA LYS H 35 49.11 9.44 -0.68
C LYS H 35 48.98 10.53 0.37
N LEU H 36 49.91 10.55 1.31
CA LEU H 36 50.11 11.70 2.17
C LEU H 36 50.96 12.74 1.46
N SER H 37 50.95 13.95 2.01
CA SER H 37 51.88 15.01 1.64
C SER H 37 52.75 15.36 2.84
N GLU H 38 53.82 16.10 2.57
CA GLU H 38 54.73 16.48 3.65
CA GLU H 38 54.73 16.48 3.64
C GLU H 38 54.05 17.39 4.66
N ASN H 39 53.13 18.24 4.20
CA ASN H 39 52.34 19.11 5.05
C ASN H 39 50.88 18.66 4.97
N GLU H 40 50.13 19.01 6.02
CA GLU H 40 48.72 18.67 6.10
C GLU H 40 47.95 19.87 6.63
N ILE H 41 46.63 19.75 6.61
CA ILE H 41 45.70 20.74 7.13
C ILE H 41 44.83 20.03 8.16
N THR H 42 44.79 20.55 9.38
CA THR H 42 43.95 19.97 10.41
C THR H 42 42.57 20.63 10.35
N ILE H 43 41.54 19.80 10.34
CA ILE H 43 40.16 20.26 10.17
CA ILE H 43 40.15 20.23 10.16
C ILE H 43 39.44 20.13 11.50
N TYR H 44 38.73 21.18 11.88
CA TYR H 44 38.01 21.25 13.14
C TYR H 44 36.52 21.44 12.88
N ALA H 45 35.72 20.96 13.81
CA ALA H 45 34.27 21.08 13.71
C ALA H 45 33.85 22.52 13.95
N PRO H 46 33.15 23.18 13.02
CA PRO H 46 32.81 24.59 13.25
C PRO H 46 31.91 24.83 14.45
N ALA H 47 31.12 23.84 14.86
CA ALA H 47 30.16 24.06 15.94
C ALA H 47 30.78 23.88 17.32
N THR H 48 31.89 23.16 17.42
CA THR H 48 32.47 22.81 18.72
C THR H 48 33.97 23.04 18.84
N GLY H 49 34.70 23.13 17.73
CA GLY H 49 36.14 23.18 17.79
C GLY H 49 36.82 21.83 17.87
N GLU H 50 36.07 20.75 17.88
CA GLU H 50 36.67 19.43 17.96
C GLU H 50 37.56 19.16 16.75
N GLU H 51 38.75 18.60 17.00
CA GLU H 51 39.62 18.16 15.93
C GLU H 51 39.06 16.90 15.29
N LEU H 52 38.83 16.95 13.98
CA LEU H 52 38.23 15.83 13.26
C LEU H 52 39.23 14.99 12.49
N GLY H 53 40.37 15.55 12.14
CA GLY H 53 41.38 14.85 11.38
C GLY H 53 42.16 15.83 10.53
N SER H 54 43.01 15.29 9.68
CA SER H 54 43.84 16.11 8.81
C SER H 54 43.77 15.58 7.38
N VAL H 55 43.95 16.48 6.42
CA VAL H 55 44.03 16.12 5.01
C VAL H 55 45.33 16.70 4.48
N PRO H 56 45.87 16.13 3.40
CA PRO H 56 47.17 16.59 2.91
C PRO H 56 47.11 17.99 2.35
N ALA H 57 48.24 18.70 2.44
CA ALA H 57 48.37 20.04 1.84
C ALA H 57 49.26 19.85 0.61
N MET H 58 48.64 19.53 -0.53
CA MET H 58 49.43 19.15 -1.69
C MET H 58 50.23 20.32 -2.24
N THR H 59 51.40 19.99 -2.78
CA THR H 59 52.22 20.95 -3.50
C THR H 59 51.83 20.97 -4.99
N GLN H 60 52.33 21.97 -5.71
CA GLN H 60 52.10 22.02 -7.14
C GLN H 60 52.66 20.80 -7.85
N ALA H 61 53.80 20.28 -7.40
CA ALA H 61 54.36 19.08 -8.00
C ALA H 61 53.41 17.91 -7.84
N GLU H 62 52.73 17.82 -6.70
CA GLU H 62 51.81 16.72 -6.47
C GLU H 62 50.55 16.88 -7.32
N VAL H 63 50.08 18.11 -7.51
CA VAL H 63 48.99 18.37 -8.46
C VAL H 63 49.38 17.89 -9.85
N ASP H 64 50.61 18.17 -10.28
CA ASP H 64 51.06 17.72 -11.59
C ASP H 64 50.95 16.22 -11.72
N ALA H 65 51.29 15.48 -10.66
CA ALA H 65 51.22 14.02 -10.71
C ALA H 65 49.77 13.55 -10.81
N VAL H 66 48.86 14.19 -10.08
CA VAL H 66 47.45 13.87 -10.19
C VAL H 66 46.99 14.02 -11.64
N TYR H 67 47.26 15.17 -12.23
CA TYR H 67 46.78 15.46 -13.58
C TYR H 67 47.46 14.56 -14.61
N ALA H 68 48.76 14.32 -14.45
CA ALA H 68 49.44 13.40 -15.36
C ALA H 68 48.79 12.02 -15.33
N SER H 69 48.42 11.55 -14.14
CA SER H 69 47.79 10.23 -14.03
CA SER H 69 47.80 10.23 -14.04
C SER H 69 46.40 10.24 -14.65
N ALA H 70 45.67 11.34 -14.50
CA ALA H 70 44.33 11.41 -15.07
C ALA H 70 44.39 11.36 -16.60
N LYS H 71 45.28 12.17 -17.20
CA LYS H 71 45.37 12.18 -18.66
C LYS H 71 45.88 10.84 -19.19
N LYS H 72 46.68 10.12 -18.42
CA LYS H 72 47.13 8.81 -18.90
C LYS H 72 46.02 7.78 -18.84
N ALA H 73 45.09 7.93 -17.89
CA ALA H 73 43.99 6.99 -17.77
C ALA H 73 42.86 7.28 -18.75
N LEU H 74 42.84 8.45 -19.37
CA LEU H 74 41.68 8.86 -20.15
C LEU H 74 41.42 7.94 -21.33
N SER H 75 42.48 7.52 -22.05
CA SER H 75 42.27 6.73 -23.25
C SER H 75 41.53 5.43 -22.94
N ASP H 76 42.02 4.68 -21.95
CA ASP H 76 41.42 3.40 -21.65
C ASP H 76 40.05 3.55 -21.01
N TRP H 77 39.77 4.69 -20.39
CA TRP H 77 38.47 4.92 -19.76
C TRP H 77 37.43 5.28 -20.80
N ARG H 78 37.76 6.22 -21.69
CA ARG H 78 36.79 6.68 -22.69
C ARG H 78 36.47 5.60 -23.72
N THR H 79 37.31 4.58 -23.88
CA THR H 79 37.04 3.51 -24.83
C THR H 79 36.31 2.32 -24.20
N LEU H 80 36.14 2.30 -22.88
CA LEU H 80 35.22 1.34 -22.30
C LEU H 80 33.82 1.60 -22.85
N SER H 81 32.95 0.59 -22.74
CA SER H 81 31.54 0.78 -23.06
C SER H 81 30.85 1.62 -21.99
N TYR H 82 29.75 2.26 -22.39
CA TYR H 82 28.94 2.97 -21.42
C TYR H 82 28.47 2.05 -20.30
N VAL H 83 28.06 0.82 -20.63
CA VAL H 83 27.55 -0.10 -19.62
CA VAL H 83 27.54 -0.06 -19.60
C VAL H 83 28.62 -0.39 -18.58
N GLU H 84 29.88 -0.52 -19.01
CA GLU H 84 30.96 -0.79 -18.07
C GLU H 84 31.24 0.40 -17.16
N ARG H 85 31.28 1.62 -17.69
CA ARG H 85 31.44 2.78 -16.83
C ARG H 85 30.27 2.91 -15.85
N ALA H 86 29.05 2.65 -16.31
CA ALA H 86 27.89 2.71 -15.43
C ALA H 86 28.01 1.75 -14.26
N ALA H 87 28.57 0.56 -14.50
CA ALA H 87 28.65 -0.43 -13.43
C ALA H 87 29.52 0.05 -12.28
N TYR H 88 30.63 0.74 -12.57
CA TYR H 88 31.44 1.28 -11.51
C TYR H 88 30.65 2.29 -10.69
N LEU H 89 29.88 3.13 -11.36
CA LEU H 89 29.13 4.18 -10.66
C LEU H 89 28.06 3.59 -9.76
N HIS H 90 27.32 2.58 -10.26
CA HIS H 90 26.33 1.91 -9.43
C HIS H 90 26.97 1.27 -8.21
N LYS H 91 28.16 0.67 -8.38
N LYS H 91 28.16 0.67 -8.38
CA LYS H 91 28.84 0.07 -7.26
CA LYS H 91 28.83 0.07 -7.26
C LYS H 91 29.27 1.11 -6.23
C LYS H 91 29.26 1.11 -6.23
N ALA H 92 29.74 2.26 -6.71
CA ALA H 92 30.12 3.34 -5.80
C ALA H 92 28.91 3.84 -5.02
N ALA H 93 27.76 3.96 -5.68
CA ALA H 93 26.55 4.40 -5.00
C ALA H 93 26.09 3.40 -3.96
N ASP H 94 26.22 2.11 -4.24
CA ASP H 94 25.86 1.08 -3.27
C ASP H 94 26.70 1.20 -2.02
N ILE H 95 28.00 1.47 -2.19
CA ILE H 95 28.90 1.63 -1.05
C ILE H 95 28.54 2.86 -0.24
N LEU H 96 28.18 3.96 -0.92
CA LEU H 96 27.78 5.16 -0.20
C LEU H 96 26.52 4.94 0.62
N VAL H 97 25.56 4.19 0.08
CA VAL H 97 24.35 3.87 0.85
C VAL H 97 24.71 3.05 2.07
N ARG H 98 25.58 2.05 1.89
CA ARG H 98 26.00 1.22 3.00
C ARG H 98 26.61 2.05 4.11
N ASP H 99 27.41 3.05 3.74
CA ASP H 99 28.18 3.83 4.70
C ASP H 99 27.57 5.20 4.96
N ALA H 100 26.27 5.37 4.73
CA ALA H 100 25.65 6.68 4.85
C ALA H 100 25.75 7.21 6.28
N GLU H 101 25.50 6.36 7.27
CA GLU H 101 25.58 6.81 8.66
CA GLU H 101 25.58 6.80 8.66
C GLU H 101 27.03 7.14 9.04
N LYS H 102 27.97 6.27 8.67
CA LYS H 102 29.38 6.52 8.98
CA LYS H 102 29.38 6.52 8.99
C LYS H 102 29.85 7.84 8.38
N ILE H 103 29.61 8.05 7.09
CA ILE H 103 30.07 9.26 6.43
C ILE H 103 29.30 10.47 6.95
N GLY H 104 27.97 10.34 7.07
CA GLY H 104 27.16 11.45 7.50
C GLY H 104 27.52 11.95 8.89
N ALA H 105 27.93 11.03 9.77
CA ALA H 105 28.33 11.44 11.12
C ALA H 105 29.51 12.40 11.08
N ILE H 106 30.47 12.14 10.20
CA ILE H 106 31.64 13.00 10.08
C ILE H 106 31.30 14.27 9.31
N LEU H 107 30.55 14.14 8.22
N LEU H 107 30.54 14.14 8.23
CA LEU H 107 30.11 15.32 7.48
CA LEU H 107 30.11 15.32 7.48
C LEU H 107 29.37 16.30 8.39
C LEU H 107 29.37 16.30 8.38
N SER H 108 28.49 15.79 9.25
CA SER H 108 27.74 16.65 10.15
C SER H 108 28.70 17.52 10.96
N LYS H 109 29.76 16.91 11.51
CA LYS H 109 30.70 17.68 12.31
C LYS H 109 31.54 18.62 11.45
N GLU H 110 31.94 18.18 10.27
CA GLU H 110 32.89 18.98 9.48
C GLU H 110 32.28 20.28 9.01
N VAL H 111 30.99 20.31 8.70
CA VAL H 111 30.36 21.52 8.18
C VAL H 111 29.19 21.98 9.05
N ALA H 112 29.09 21.47 10.27
CA ALA H 112 28.07 21.91 11.22
C ALA H 112 26.67 21.77 10.62
N LYS H 113 26.43 20.66 9.93
CA LYS H 113 25.13 20.32 9.39
C LYS H 113 24.48 19.30 10.32
N GLY H 114 23.17 19.44 10.53
CA GLY H 114 22.44 18.51 11.37
C GLY H 114 22.76 17.08 11.02
N HIS H 115 22.91 16.21 12.03
CA HIS H 115 23.35 14.85 11.78
C HIS H 115 22.44 14.15 10.78
N LYS H 116 21.13 14.17 11.02
CA LYS H 116 20.22 13.51 10.10
C LYS H 116 20.29 14.13 8.71
N ALA H 117 20.45 15.44 8.63
CA ALA H 117 20.55 16.09 7.33
C ALA H 117 21.83 15.67 6.61
N ALA H 118 22.91 15.45 7.35
CA ALA H 118 24.17 14.99 6.75
C ALA H 118 24.02 13.58 6.19
N VAL H 119 23.39 12.70 6.95
CA VAL H 119 23.12 11.36 6.44
C VAL H 119 22.27 11.43 5.19
N SER H 120 21.23 12.26 5.20
CA SER H 120 20.38 12.43 4.03
C SER H 120 21.16 12.94 2.84
N GLU H 121 22.16 13.80 3.08
CA GLU H 121 22.99 14.29 1.97
C GLU H 121 23.70 13.12 1.28
N VAL H 122 24.26 12.20 2.06
CA VAL H 122 24.96 11.06 1.47
C VAL H 122 24.00 10.20 0.67
N ILE H 123 22.79 9.97 1.23
CA ILE H 123 21.78 9.17 0.53
C ILE H 123 21.42 9.82 -0.80
N ARG H 124 21.17 11.15 -0.77
CA ARG H 124 20.84 11.85 -2.00
C ARG H 124 21.98 11.76 -3.00
N THR H 125 23.24 11.74 -2.53
CA THR H 125 24.37 11.64 -3.42
C THR H 125 24.37 10.30 -4.16
N ALA H 126 24.05 9.22 -3.44
CA ALA H 126 23.93 7.92 -4.09
C ALA H 126 22.83 7.93 -5.14
N GLU H 127 21.71 8.58 -4.84
CA GLU H 127 20.63 8.69 -5.82
C GLU H 127 21.10 9.39 -7.07
N ILE H 128 21.85 10.49 -6.92
CA ILE H 128 22.33 11.24 -8.06
C ILE H 128 23.32 10.41 -8.88
N ILE H 129 24.21 9.68 -8.20
CA ILE H 129 25.21 8.89 -8.90
C ILE H 129 24.53 7.79 -9.72
N ASN H 130 23.57 7.08 -9.12
CA ASN H 130 22.85 6.05 -9.85
C ASN H 130 22.09 6.64 -11.04
N TYR H 131 21.41 7.77 -10.82
CA TYR H 131 20.63 8.39 -11.88
C TYR H 131 21.53 8.85 -13.02
N ALA H 132 22.70 9.44 -12.68
CA ALA H 132 23.63 9.87 -13.71
C ALA H 132 24.15 8.70 -14.53
N ALA H 133 24.42 7.57 -13.89
CA ALA H 133 24.91 6.40 -14.60
C ALA H 133 23.92 5.96 -15.67
N GLU H 134 22.62 5.95 -15.34
CA GLU H 134 21.63 5.46 -16.29
C GLU H 134 21.24 6.52 -17.31
N GLU H 135 21.26 7.81 -16.91
CA GLU H 135 21.03 8.86 -17.88
C GLU H 135 22.13 8.87 -18.94
N GLY H 136 23.38 8.75 -18.51
CA GLY H 136 24.51 8.96 -19.40
C GLY H 136 24.79 7.82 -20.35
N LEU H 137 24.28 6.63 -20.07
CA LEU H 137 24.53 5.51 -20.96
C LEU H 137 23.59 5.48 -22.15
N ARG H 138 22.64 6.41 -22.23
CA ARG H 138 21.66 6.46 -23.33
C ARG H 138 21.50 7.89 -23.85
N MET H 139 22.58 8.65 -23.94
CA MET H 139 22.53 9.98 -24.50
CA MET H 139 22.48 9.99 -24.49
C MET H 139 22.17 9.91 -25.98
N GLU H 140 21.61 11.00 -26.51
CA GLU H 140 21.22 11.03 -27.91
C GLU H 140 22.44 11.03 -28.83
N GLY H 141 22.33 10.32 -29.94
CA GLY H 141 23.17 10.57 -31.12
C GLY H 141 22.25 10.95 -32.25
N GLU H 142 22.76 11.79 -33.17
CA GLU H 142 21.94 12.38 -34.21
C GLU H 142 22.45 11.97 -35.58
N VAL H 143 21.54 11.78 -36.53
CA VAL H 143 21.89 11.62 -37.95
C VAL H 143 21.14 12.71 -38.69
N LEU H 144 21.89 13.61 -39.30
CA LEU H 144 21.36 14.80 -39.96
C LEU H 144 21.44 14.62 -41.47
N GLU H 145 20.40 15.09 -42.15
CA GLU H 145 20.28 14.95 -43.60
C GLU H 145 20.72 16.23 -44.30
N GLY H 146 21.70 16.10 -45.18
CA GLY H 146 22.08 17.24 -46.02
C GLY H 146 20.91 17.81 -46.79
N GLY H 147 19.99 16.94 -47.20
CA GLY H 147 18.82 17.37 -47.95
C GLY H 147 17.78 18.13 -47.17
N SER H 148 17.95 18.28 -45.85
CA SER H 148 17.16 19.21 -45.08
C SER H 148 17.52 20.65 -45.43
N PHE H 149 18.74 20.87 -45.92
CA PHE H 149 19.25 22.20 -46.18
C PHE H 149 19.38 22.54 -47.65
N GLU H 150 19.84 21.62 -48.48
CA GLU H 150 19.97 21.87 -49.91
C GLU H 150 19.86 20.58 -50.70
N ALA H 151 19.15 20.66 -51.84
CA ALA H 151 18.87 19.48 -52.64
C ALA H 151 20.15 18.80 -53.11
N ALA H 152 21.17 19.57 -53.49
CA ALA H 152 22.40 18.98 -54.00
C ALA H 152 23.12 18.11 -52.98
N SER H 153 22.86 18.32 -51.70
CA SER H 153 23.51 17.54 -50.63
C SER H 153 22.60 16.44 -50.07
N LYS H 154 21.61 15.99 -50.83
CA LYS H 154 20.66 15.03 -50.26
C LYS H 154 21.29 13.67 -49.97
N LYS H 155 22.42 13.34 -50.60
CA LYS H 155 23.08 12.07 -50.33
C LYS H 155 24.14 12.18 -49.24
N LYS H 156 24.31 13.37 -48.65
CA LYS H 156 25.28 13.58 -47.59
C LYS H 156 24.58 13.51 -46.24
N ILE H 157 25.14 12.73 -45.32
CA ILE H 157 24.60 12.63 -43.97
C ILE H 157 25.72 12.84 -42.96
N ALA H 158 25.34 13.34 -41.80
CA ALA H 158 26.24 13.57 -40.68
C ALA H 158 25.84 12.67 -39.54
N ILE H 159 26.79 11.86 -39.07
N ILE H 159 26.78 11.83 -39.08
CA ILE H 159 26.60 10.95 -37.93
CA ILE H 159 26.61 10.95 -37.95
C ILE H 159 27.26 11.60 -36.72
C ILE H 159 27.27 11.65 -36.75
N VAL H 160 26.45 12.04 -35.78
CA VAL H 160 26.89 12.89 -34.68
C VAL H 160 26.76 12.13 -33.36
N ARG H 161 27.90 11.82 -32.75
CA ARG H 161 27.97 11.06 -31.51
C ARG H 161 28.64 11.88 -30.42
N ARG H 162 28.24 11.64 -29.18
CA ARG H 162 28.82 12.37 -28.06
C ARG H 162 30.16 11.76 -27.65
N GLU H 163 31.04 12.62 -27.15
CA GLU H 163 32.34 12.25 -26.63
C GLU H 163 32.61 13.07 -25.37
N PRO H 164 33.48 12.57 -24.49
CA PRO H 164 33.86 13.36 -23.31
C PRO H 164 34.72 14.55 -23.71
N VAL H 165 34.82 15.50 -22.79
CA VAL H 165 35.68 16.65 -22.98
CA VAL H 165 35.68 16.65 -22.98
C VAL H 165 37.12 16.36 -22.55
N GLY H 166 37.31 15.49 -21.58
CA GLY H 166 38.64 15.12 -21.15
C GLY H 166 38.76 15.04 -19.65
N LEU H 167 39.63 15.87 -19.06
CA LEU H 167 39.79 15.96 -17.62
C LEU H 167 38.90 17.07 -17.08
N VAL H 168 37.98 16.70 -16.19
CA VAL H 168 37.10 17.62 -15.49
C VAL H 168 37.69 17.87 -14.09
N LEU H 169 37.91 19.13 -13.75
CA LEU H 169 38.22 19.52 -12.38
C LEU H 169 36.89 19.86 -11.71
N ALA H 170 36.53 19.13 -10.68
CA ALA H 170 35.30 19.33 -9.93
C ALA H 170 35.67 19.94 -8.58
N ILE H 171 35.03 21.05 -8.24
CA ILE H 171 35.28 21.78 -7.01
C ILE H 171 33.96 21.85 -6.24
N SER H 172 33.90 21.20 -5.11
CA SER H 172 32.66 21.12 -4.34
C SER H 172 32.63 22.20 -3.27
N PRO H 173 31.44 22.50 -2.73
CA PRO H 173 31.30 23.59 -1.76
C PRO H 173 31.16 23.09 -0.34
N PHE H 174 31.41 23.95 0.64
CA PHE H 174 31.36 23.50 2.03
C PHE H 174 29.96 23.05 2.42
N ASN H 175 28.93 23.62 1.80
CA ASN H 175 27.57 23.41 2.30
C ASN H 175 26.95 22.12 1.77
N TYR H 176 27.52 21.53 0.72
CA TYR H 176 27.13 20.20 0.26
C TYR H 176 28.39 19.50 -0.26
N PRO H 177 29.31 19.15 0.65
CA PRO H 177 30.63 18.66 0.21
C PRO H 177 30.60 17.28 -0.40
N VAL H 178 29.53 16.52 -0.19
CA VAL H 178 29.39 15.20 -0.82
C VAL H 178 28.41 15.26 -1.99
N ASN H 179 27.22 15.84 -1.75
CA ASN H 179 26.18 15.93 -2.78
C ASN H 179 26.66 16.71 -3.99
N LEU H 180 27.28 17.87 -3.76
CA LEU H 180 27.74 18.69 -4.88
C LEU H 180 29.19 18.39 -5.24
N ALA H 181 29.75 17.30 -4.72
CA ALA H 181 30.85 16.62 -5.38
C ALA H 181 30.32 15.53 -6.33
N GLY H 182 29.40 14.70 -5.84
CA GLY H 182 28.86 13.63 -6.68
C GLY H 182 28.06 14.14 -7.87
N SER H 183 27.39 15.29 -7.72
CA SER H 183 26.66 15.88 -8.84
C SER H 183 27.55 16.28 -9.99
N LYS H 184 28.86 16.40 -9.76
CA LYS H 184 29.82 16.68 -10.80
C LYS H 184 30.56 15.42 -11.25
N ILE H 185 30.94 14.59 -10.30
CA ILE H 185 31.79 13.44 -10.59
C ILE H 185 31.05 12.42 -11.46
N ALA H 186 29.83 12.03 -11.06
CA ALA H 186 29.15 10.95 -11.77
C ALA H 186 28.74 11.34 -13.18
N PRO H 187 28.14 12.51 -13.42
CA PRO H 187 27.87 12.91 -14.81
C PRO H 187 29.13 12.98 -15.67
N ALA H 188 30.24 13.45 -15.10
CA ALA H 188 31.48 13.50 -15.86
C ALA H 188 31.96 12.10 -16.20
N LEU H 189 31.95 11.19 -15.22
CA LEU H 189 32.56 9.88 -15.43
C LEU H 189 31.77 9.02 -16.41
N ILE H 190 30.43 9.06 -16.34
CA ILE H 190 29.65 8.18 -17.22
C ILE H 190 29.93 8.49 -18.68
N ALA H 191 30.15 9.77 -18.98
CA ALA H 191 30.38 10.24 -20.35
C ALA H 191 31.78 9.88 -20.84
N GLY H 192 32.66 9.38 -19.98
CA GLY H 192 34.01 9.07 -20.37
C GLY H 192 35.07 10.07 -19.99
N ASN H 193 34.71 11.09 -19.23
CA ASN H 193 35.72 12.01 -18.71
C ASN H 193 36.48 11.34 -17.56
N VAL H 194 37.68 11.84 -17.30
CA VAL H 194 38.39 11.58 -16.05
C VAL H 194 38.20 12.81 -15.17
N VAL H 195 38.33 12.61 -13.86
CA VAL H 195 37.92 13.62 -12.89
C VAL H 195 38.97 13.77 -11.80
N ALA H 196 39.24 15.01 -11.43
CA ALA H 196 39.96 15.35 -10.20
C ALA H 196 39.01 16.17 -9.33
N LEU H 197 38.78 15.72 -8.10
CA LEU H 197 37.92 16.42 -7.15
C LEU H 197 38.78 17.25 -6.21
N LYS H 198 38.51 18.55 -6.15
CA LYS H 198 39.10 19.44 -5.14
C LYS H 198 37.97 19.81 -4.19
N PRO H 199 37.88 19.19 -3.02
CA PRO H 199 36.89 19.61 -2.05
C PRO H 199 37.31 20.92 -1.40
N PRO H 200 36.40 21.63 -0.76
CA PRO H 200 36.81 22.78 0.03
C PRO H 200 37.57 22.26 1.23
N THR H 201 38.45 23.10 1.77
CA THR H 201 39.21 22.66 2.95
C THR H 201 38.27 22.25 4.07
N GLN H 202 37.27 23.08 4.36
CA GLN H 202 36.21 22.71 5.29
C GLN H 202 35.19 21.88 4.53
N GLY H 203 35.30 20.56 4.65
CA GLY H 203 34.62 19.64 3.77
C GLY H 203 35.55 18.68 3.05
N SER H 204 36.86 18.80 3.25
CA SER H 204 37.79 17.92 2.56
C SER H 204 37.75 16.49 3.09
N ILE H 205 37.46 16.31 4.38
CA ILE H 205 37.34 14.96 4.91
C ILE H 205 36.17 14.25 4.26
N SER H 206 35.02 14.93 4.21
CA SER H 206 33.86 14.36 3.54
C SER H 206 34.15 14.04 2.08
N GLY H 207 34.90 14.92 1.41
CA GLY H 207 35.23 14.66 0.01
C GLY H 207 36.08 13.42 -0.15
N LEU H 208 37.05 13.24 0.75
CA LEU H 208 37.90 12.05 0.69
C LEU H 208 37.14 10.80 1.10
N LEU H 209 36.15 10.93 1.97
CA LEU H 209 35.29 9.78 2.29
C LEU H 209 34.49 9.36 1.06
N LEU H 210 34.02 10.32 0.28
CA LEU H 210 33.36 9.98 -0.99
C LEU H 210 34.33 9.27 -1.93
N ALA H 211 35.56 9.78 -2.04
CA ALA H 211 36.55 9.15 -2.89
C ALA H 211 36.81 7.71 -2.48
N GLU H 212 36.78 7.42 -1.18
CA GLU H 212 37.01 6.06 -0.73
C GLU H 212 35.97 5.11 -1.31
N ALA H 213 34.73 5.58 -1.45
CA ALA H 213 33.69 4.73 -2.03
C ALA H 213 33.97 4.42 -3.48
N PHE H 214 34.41 5.42 -4.25
CA PHE H 214 34.76 5.17 -5.64
C PHE H 214 35.97 4.25 -5.76
N ALA H 215 36.94 4.38 -4.84
CA ALA H 215 38.09 3.50 -4.88
C ALA H 215 37.69 2.07 -4.56
N GLU H 216 36.85 1.87 -3.55
CA GLU H 216 36.40 0.51 -3.22
C GLU H 216 35.57 -0.09 -4.34
N ALA H 217 34.86 0.74 -5.11
CA ALA H 217 34.11 0.27 -6.27
C ALA H 217 35.02 -0.20 -7.39
N GLY H 218 36.33 0.07 -7.30
CA GLY H 218 37.26 -0.39 -8.31
C GLY H 218 37.48 0.58 -9.44
N ILE H 219 37.10 1.84 -9.30
CA ILE H 219 37.31 2.84 -10.34
C ILE H 219 38.76 2.72 -10.79
N PRO H 220 39.05 2.63 -12.09
CA PRO H 220 40.44 2.39 -12.52
C PRO H 220 41.37 3.51 -12.10
N ALA H 221 42.63 3.14 -11.88
CA ALA H 221 43.61 4.09 -11.38
C ALA H 221 43.70 5.29 -12.29
N GLY H 222 43.63 6.49 -11.70
CA GLY H 222 43.75 7.72 -12.43
C GLY H 222 42.45 8.24 -13.02
N VAL H 223 41.44 7.39 -13.11
CA VAL H 223 40.15 7.83 -13.66
C VAL H 223 39.50 8.85 -12.73
N PHE H 224 39.62 8.63 -11.42
CA PHE H 224 39.15 9.57 -10.42
C PHE H 224 40.26 9.77 -9.40
N ASN H 225 40.57 11.04 -9.12
CA ASN H 225 41.61 11.39 -8.17
C ASN H 225 41.12 12.55 -7.34
N THR H 226 41.78 12.79 -6.19
CA THR H 226 41.45 13.92 -5.33
C THR H 226 42.66 14.82 -5.14
N ILE H 227 42.37 16.10 -4.91
CA ILE H 227 43.36 17.13 -4.60
C ILE H 227 42.88 17.84 -3.35
N THR H 228 43.75 17.96 -2.34
CA THR H 228 43.48 18.80 -1.19
C THR H 228 44.68 19.70 -0.96
N GLY H 229 44.44 20.90 -0.45
CA GLY H 229 45.54 21.79 -0.19
C GLY H 229 45.07 23.20 0.05
N ARG H 230 46.04 24.08 0.27
N ARG H 230 46.05 24.07 0.28
CA ARG H 230 45.79 25.47 0.60
CA ARG H 230 45.79 25.47 0.60
C ARG H 230 45.71 26.30 -0.66
C ARG H 230 45.70 26.29 -0.68
N GLY H 231 44.70 27.17 -0.73
CA GLY H 231 44.57 28.04 -1.89
C GLY H 231 45.81 28.86 -2.16
N SER H 232 46.52 29.25 -1.09
CA SER H 232 47.73 30.05 -1.25
C SER H 232 48.85 29.27 -1.93
N VAL H 233 48.77 27.94 -1.95
CA VAL H 233 49.79 27.13 -2.58
C VAL H 233 49.36 26.65 -3.96
N ILE H 234 48.10 26.21 -4.11
CA ILE H 234 47.64 25.54 -5.31
C ILE H 234 46.34 26.10 -5.85
N GLY H 235 45.72 27.07 -5.19
CA GLY H 235 44.40 27.54 -5.55
C GLY H 235 44.23 27.90 -7.03
N ASP H 236 45.05 28.83 -7.52
CA ASP H 236 45.00 29.15 -8.95
C ASP H 236 45.67 28.08 -9.80
N TYR H 237 46.68 27.40 -9.24
CA TYR H 237 47.46 26.44 -10.02
C TYR H 237 46.56 25.33 -10.57
N ILE H 238 45.62 24.85 -9.76
CA ILE H 238 44.82 23.69 -10.17
C ILE H 238 43.88 24.08 -11.31
N VAL H 239 43.51 25.35 -11.40
CA VAL H 239 42.57 25.81 -12.44
C VAL H 239 43.29 26.19 -13.73
N GLU H 240 44.45 26.85 -13.62
N GLU H 240 44.44 26.84 -13.63
CA GLU H 240 45.15 27.29 -14.82
CA GLU H 240 45.16 27.30 -14.81
C GLU H 240 45.83 26.15 -15.56
C GLU H 240 46.01 26.22 -15.45
N HIS H 241 46.06 25.02 -14.88
CA HIS H 241 46.86 23.95 -15.45
C HIS H 241 46.30 23.51 -16.79
N GLU H 242 47.20 23.34 -17.78
CA GLU H 242 46.78 23.04 -19.14
C GLU H 242 46.19 21.63 -19.26
N ALA H 243 46.46 20.74 -18.31
CA ALA H 243 45.86 19.41 -18.40
C ALA H 243 44.34 19.46 -18.24
N VAL H 244 43.83 20.49 -17.56
CA VAL H 244 42.41 20.57 -17.23
C VAL H 244 41.62 21.05 -18.44
N ASN H 245 40.58 20.31 -18.80
CA ASN H 245 39.77 20.62 -19.98
C ASN H 245 38.40 21.19 -19.65
N PHE H 246 38.01 21.20 -18.39
CA PHE H 246 36.68 21.64 -17.98
C PHE H 246 36.74 21.90 -16.48
N ILE H 247 36.15 23.01 -16.03
CA ILE H 247 36.09 23.32 -14.61
C ILE H 247 34.63 23.44 -14.20
N ASN H 248 34.23 22.68 -13.19
CA ASN H 248 32.86 22.59 -12.72
C ASN H 248 32.91 22.96 -11.23
N PHE H 249 32.42 24.16 -10.87
CA PHE H 249 32.65 24.77 -9.57
C PHE H 249 31.35 25.21 -8.93
N THR H 250 31.22 24.94 -7.64
CA THR H 250 30.20 25.53 -6.79
C THR H 250 30.89 26.25 -5.63
N GLY H 251 30.49 27.49 -5.37
CA GLY H 251 31.08 28.20 -4.24
C GLY H 251 30.81 29.69 -4.34
N SER H 252 31.75 30.46 -3.78
CA SER H 252 31.56 31.89 -3.62
C SER H 252 31.66 32.62 -4.96
N THR H 253 30.90 33.71 -5.07
CA THR H 253 30.90 34.49 -6.31
C THR H 253 32.27 35.03 -6.66
N PRO H 254 33.02 35.68 -5.76
CA PRO H 254 34.36 36.15 -6.14
C PRO H 254 35.28 35.03 -6.61
N ILE H 255 35.24 33.87 -5.96
CA ILE H 255 36.07 32.77 -6.43
C ILE H 255 35.59 32.30 -7.79
N GLY H 256 34.27 32.23 -7.99
CA GLY H 256 33.75 31.84 -9.28
C GLY H 256 34.16 32.80 -10.39
N GLU H 257 34.11 34.11 -10.10
CA GLU H 257 34.57 35.07 -11.09
C GLU H 257 36.04 34.86 -11.46
N GLY H 258 36.88 34.59 -10.46
CA GLY H 258 38.28 34.32 -10.75
C GLY H 258 38.46 33.11 -11.65
N ILE H 259 37.69 32.04 -11.39
CA ILE H 259 37.76 30.86 -12.24
C ILE H 259 37.37 31.20 -13.67
N GLY H 260 36.36 32.03 -13.84
CA GLY H 260 35.92 32.39 -15.18
C GLY H 260 37.05 32.94 -16.03
N LYS H 261 37.85 33.82 -15.46
CA LYS H 261 38.95 34.40 -16.23
C LYS H 261 40.11 33.40 -16.38
N LEU H 262 40.43 32.65 -15.33
CA LEU H 262 41.49 31.66 -15.47
C LEU H 262 41.12 30.53 -16.42
N ALA H 263 39.83 30.33 -16.69
CA ALA H 263 39.44 29.24 -17.58
C ALA H 263 39.89 29.51 -19.01
N GLY H 264 40.02 30.79 -19.38
CA GLY H 264 40.40 31.12 -20.73
C GLY H 264 39.27 30.81 -21.69
N MET H 265 39.54 29.95 -22.67
CA MET H 265 38.49 29.50 -23.59
CA MET H 265 38.52 29.48 -23.61
C MET H 265 37.92 28.13 -23.20
N ARG H 266 38.40 27.54 -22.10
CA ARG H 266 37.91 26.23 -21.72
C ARG H 266 36.52 26.32 -21.10
N PRO H 267 35.69 25.31 -21.31
CA PRO H 267 34.32 25.35 -20.79
C PRO H 267 34.30 25.24 -19.28
N ILE H 268 33.31 25.90 -18.69
CA ILE H 268 33.16 25.91 -17.24
C ILE H 268 31.69 25.80 -16.89
N MET H 269 31.44 25.40 -15.66
CA MET H 269 30.15 25.55 -15.03
C MET H 269 30.38 26.21 -13.68
N LEU H 270 29.51 27.14 -13.32
CA LEU H 270 29.64 27.89 -12.08
C LEU H 270 28.28 27.93 -11.39
N GLU H 271 28.26 27.56 -10.13
CA GLU H 271 27.04 27.62 -9.30
C GLU H 271 27.37 28.56 -8.15
N LEU H 272 26.86 29.78 -8.21
CA LEU H 272 27.25 30.83 -7.29
C LEU H 272 26.09 31.20 -6.38
N GLY H 273 25.96 32.48 -6.02
CA GLY H 273 25.02 32.87 -5.00
C GLY H 273 23.63 33.16 -5.52
N GLY H 274 22.71 33.35 -4.57
CA GLY H 274 21.35 33.70 -4.87
C GLY H 274 20.81 34.67 -3.83
N LYS H 275 19.73 35.35 -4.22
CA LYS H 275 18.93 36.17 -3.31
C LYS H 275 17.47 35.94 -3.70
N ASP H 276 17.02 34.70 -3.58
CA ASP H 276 15.74 34.29 -4.15
C ASP H 276 14.60 35.07 -3.49
N SER H 277 13.73 35.63 -4.31
CA SER H 277 12.56 36.32 -3.81
CA SER H 277 12.55 36.34 -3.85
C SER H 277 11.40 35.36 -3.66
N ALA H 278 10.57 35.65 -2.64
CA ALA H 278 9.30 34.96 -2.40
C ALA H 278 8.23 36.05 -2.56
N ILE H 279 7.53 36.02 -3.69
CA ILE H 279 6.51 37.03 -3.99
C ILE H 279 5.17 36.50 -3.47
N VAL H 280 4.53 37.28 -2.59
CA VAL H 280 3.30 36.83 -1.93
C VAL H 280 2.20 37.80 -2.33
N LEU H 281 1.22 37.31 -3.07
CA LEU H 281 0.14 38.14 -3.57
C LEU H 281 -1.03 38.13 -2.58
N GLU H 282 -1.99 39.02 -2.83
CA GLU H 282 -3.09 39.21 -1.89
C GLU H 282 -3.96 37.96 -1.72
N ASP H 283 -3.99 37.08 -2.71
CA ASP H 283 -4.86 35.91 -2.68
C ASP H 283 -4.14 34.64 -2.22
N ALA H 284 -2.93 34.77 -1.69
CA ALA H 284 -2.19 33.59 -1.26
C ALA H 284 -2.75 33.00 0.04
N ASP H 285 -2.55 31.69 0.20
CA ASP H 285 -2.72 31.05 1.51
C ASP H 285 -1.53 31.44 2.36
N LEU H 286 -1.75 32.34 3.33
CA LEU H 286 -0.62 32.94 4.04
C LEU H 286 0.03 31.97 5.02
N ALA H 287 -0.74 31.08 5.64
CA ALA H 287 -0.13 30.11 6.54
C ALA H 287 0.78 29.15 5.79
N LEU H 288 0.34 28.70 4.62
CA LEU H 288 1.18 27.81 3.81
CA LEU H 288 1.17 27.81 3.80
C LEU H 288 2.39 28.54 3.25
N ALA H 289 2.20 29.80 2.82
CA ALA H 289 3.34 30.58 2.35
C ALA H 289 4.36 30.77 3.46
N ALA H 290 3.89 31.08 4.67
CA ALA H 290 4.81 31.25 5.78
C ALA H 290 5.57 29.97 6.09
N LYS H 291 4.87 28.82 6.07
CA LYS H 291 5.53 27.56 6.33
C LYS H 291 6.63 27.28 5.32
N ASN H 292 6.33 27.50 4.04
N ASN H 292 6.32 27.46 4.03
CA ASN H 292 7.33 27.24 3.00
CA ASN H 292 7.31 27.25 2.98
C ASN H 292 8.45 28.26 3.02
C ASN H 292 8.45 28.26 3.08
N ILE H 293 8.12 29.53 3.30
CA ILE H 293 9.14 30.57 3.37
C ILE H 293 10.12 30.28 4.50
N VAL H 294 9.63 29.89 5.67
CA VAL H 294 10.52 29.63 6.79
C VAL H 294 11.37 28.40 6.52
N ALA H 295 10.78 27.33 6.00
CA ALA H 295 11.55 26.14 5.67
C ALA H 295 12.68 26.49 4.70
N GLY H 296 12.38 27.25 3.65
CA GLY H 296 13.40 27.54 2.66
C GLY H 296 14.42 28.55 3.12
N ALA H 297 14.01 29.53 3.90
CA ALA H 297 14.93 30.61 4.27
C ALA H 297 15.91 30.18 5.35
N PHE H 298 15.50 29.31 6.26
CA PHE H 298 16.28 29.01 7.46
C PHE H 298 16.88 27.62 7.46
N GLY H 299 16.61 26.80 6.46
CA GLY H 299 17.28 25.51 6.37
C GLY H 299 18.79 25.68 6.32
N TYR H 300 19.49 24.86 7.11
CA TYR H 300 20.96 24.93 7.23
C TYR H 300 21.40 26.36 7.57
N SER H 301 20.58 27.04 8.37
CA SER H 301 20.89 28.39 8.87
C SER H 301 21.00 29.42 7.75
N GLY H 302 20.30 29.17 6.63
CA GLY H 302 20.37 30.06 5.49
C GLY H 302 21.61 29.94 4.64
N GLN H 303 22.43 28.92 4.88
CA GLN H 303 23.71 28.77 4.18
C GLN H 303 23.52 27.95 2.90
N ARG H 304 22.67 28.48 2.03
CA ARG H 304 22.36 27.82 0.77
C ARG H 304 22.10 28.87 -0.28
N SER H 305 22.63 28.65 -1.48
CA SER H 305 22.38 29.57 -2.58
CA SER H 305 22.37 29.58 -2.58
C SER H 305 20.91 29.58 -2.98
N THR H 306 20.27 28.41 -2.94
CA THR H 306 18.85 28.26 -3.22
C THR H 306 18.14 28.28 -1.88
N ALA H 307 17.50 29.40 -1.58
CA ALA H 307 16.84 29.60 -0.31
C ALA H 307 16.08 30.91 -0.41
N VAL H 308 14.86 30.95 0.12
CA VAL H 308 14.15 32.21 0.17
C VAL H 308 15.00 33.18 0.99
N LYS H 309 15.37 34.31 0.37
CA LYS H 309 16.20 35.30 1.04
C LYS H 309 15.57 36.69 1.11
N ARG H 310 14.40 36.89 0.49
CA ARG H 310 13.66 38.13 0.68
C ARG H 310 12.21 37.88 0.33
N VAL H 311 11.32 38.38 1.19
CA VAL H 311 9.88 38.29 0.99
C VAL H 311 9.43 39.61 0.38
N LEU H 312 8.79 39.54 -0.78
CA LEU H 312 8.19 40.71 -1.42
C LEU H 312 6.68 40.49 -1.34
N VAL H 313 6.03 41.17 -0.40
CA VAL H 313 4.66 40.88 -0.04
C VAL H 313 3.79 42.10 -0.26
N MET H 314 2.61 41.88 -0.85
CA MET H 314 1.65 42.95 -1.05
C MET H 314 1.21 43.52 0.29
N ASP H 315 1.14 44.86 0.35
CA ASP H 315 0.83 45.54 1.61
C ASP H 315 -0.36 44.94 2.31
N LYS H 316 -1.43 44.63 1.56
CA LYS H 316 -2.70 44.27 2.17
C LYS H 316 -2.59 43.03 3.04
N VAL H 317 -1.67 42.13 2.73
CA VAL H 317 -1.49 40.90 3.49
C VAL H 317 -0.20 40.86 4.26
N ALA H 318 0.56 41.94 4.26
CA ALA H 318 1.90 41.91 4.85
C ALA H 318 1.85 41.71 6.37
N ASP H 319 0.97 42.44 7.06
CA ASP H 319 0.89 42.29 8.51
C ASP H 319 0.57 40.85 8.89
N GLN H 320 -0.39 40.22 8.24
N GLN H 320 -0.43 40.25 8.26
CA GLN H 320 -0.76 38.86 8.60
CA GLN H 320 -0.78 38.87 8.54
C GLN H 320 0.34 37.87 8.22
C GLN H 320 0.39 37.94 8.26
N LEU H 321 0.96 38.05 7.06
CA LEU H 321 2.05 37.15 6.68
C LEU H 321 3.21 37.26 7.67
N ALA H 322 3.57 38.49 8.04
CA ALA H 322 4.68 38.70 8.97
C ALA H 322 4.41 37.97 10.28
N ALA H 323 3.16 38.04 10.78
CA ALA H 323 2.84 37.38 12.03
C ALA H 323 2.93 35.88 11.91
N GLU H 324 2.46 35.32 10.80
CA GLU H 324 2.57 33.88 10.56
C GLU H 324 4.03 33.44 10.49
N ILE H 325 4.87 34.22 9.79
CA ILE H 325 6.29 33.89 9.70
C ILE H 325 6.94 33.98 11.07
N LYS H 326 6.67 35.07 11.79
CA LYS H 326 7.24 35.29 13.12
C LYS H 326 6.99 34.09 14.02
N THR H 327 5.75 33.60 14.06
CA THR H 327 5.43 32.46 14.93
C THR H 327 6.28 31.25 14.61
N LEU H 328 6.44 30.94 13.33
CA LEU H 328 7.24 29.78 12.94
C LEU H 328 8.72 30.00 13.22
N VAL H 329 9.21 31.22 13.05
CA VAL H 329 10.63 31.49 13.30
C VAL H 329 10.93 31.30 14.79
N GLU H 330 10.01 31.73 15.66
CA GLU H 330 10.22 31.57 17.09
C GLU H 330 10.29 30.11 17.51
N LYS H 331 9.73 29.19 16.73
CA LYS H 331 9.72 27.78 17.07
C LYS H 331 10.93 27.02 16.55
N LEU H 332 11.76 27.64 15.70
CA LEU H 332 12.95 26.96 15.23
C LEU H 332 13.90 26.68 16.39
N SER H 333 14.50 25.49 16.37
CA SER H 333 15.49 25.15 17.38
C SER H 333 16.85 25.74 17.00
N VAL H 334 17.59 26.20 18.00
CA VAL H 334 18.84 26.90 17.82
C VAL H 334 19.87 26.18 18.68
N GLY H 335 20.80 25.49 18.04
CA GLY H 335 21.73 24.66 18.80
C GLY H 335 22.71 23.92 17.94
N MET H 336 22.99 22.67 18.31
CA MET H 336 24.16 21.98 17.79
C MET H 336 23.78 20.99 16.69
N PRO H 337 24.71 20.73 15.77
CA PRO H 337 24.45 19.73 14.72
C PRO H 337 24.08 18.36 15.25
N GLU H 338 24.77 17.88 16.30
N GLU H 338 24.77 17.89 16.30
CA GLU H 338 24.47 16.56 16.84
CA GLU H 338 24.48 16.57 16.85
C GLU H 338 23.04 16.46 17.34
C GLU H 338 23.06 16.47 17.38
N ASP H 339 22.42 17.60 17.68
CA ASP H 339 21.05 17.63 18.17
C ASP H 339 20.04 17.94 17.08
N ASP H 340 20.48 18.02 15.81
CA ASP H 340 19.58 18.24 14.69
C ASP H 340 18.83 19.56 14.82
N ALA H 341 19.48 20.58 15.38
CA ALA H 341 18.86 21.89 15.49
C ALA H 341 18.58 22.44 14.10
N ASP H 342 17.48 23.20 13.99
CA ASP H 342 17.17 23.89 12.74
C ASP H 342 18.26 24.90 12.41
N ILE H 343 18.69 25.67 13.42
CA ILE H 343 19.69 26.72 13.27
C ILE H 343 20.95 26.25 13.98
N THR H 344 22.01 26.03 13.24
CA THR H 344 23.31 25.59 13.73
C THR H 344 24.34 26.69 13.55
N PRO H 345 25.50 26.57 14.20
CA PRO H 345 26.53 27.60 14.05
C PRO H 345 26.99 27.70 12.60
N LEU H 346 27.29 28.93 12.19
CA LEU H 346 27.74 29.18 10.83
C LEU H 346 29.16 28.65 10.63
N ILE H 347 29.55 28.57 9.35
CA ILE H 347 30.72 27.80 8.98
C ILE H 347 32.00 28.36 9.57
N ASP H 348 32.10 29.69 9.73
CA ASP H 348 33.28 30.27 10.35
C ASP H 348 32.95 31.67 10.88
N THR H 349 33.96 32.26 11.54
CA THR H 349 33.74 33.53 12.22
C THR H 349 33.46 34.66 11.23
N SER H 350 34.20 34.70 10.13
CA SER H 350 33.98 35.74 9.12
C SER H 350 32.55 35.69 8.61
N ALA H 351 32.01 34.49 8.39
CA ALA H 351 30.64 34.36 7.93
C ALA H 351 29.66 34.99 8.91
N ALA H 352 29.82 34.68 10.21
CA ALA H 352 28.93 35.26 11.21
C ALA H 352 29.14 36.76 11.33
N ASP H 353 30.39 37.22 11.24
CA ASP H 353 30.67 38.65 11.25
C ASP H 353 29.89 39.34 10.14
N PHE H 354 29.88 38.75 8.95
CA PHE H 354 29.21 39.35 7.80
C PHE H 354 27.72 39.44 8.04
N VAL H 355 27.12 38.37 8.55
CA VAL H 355 25.70 38.38 8.84
C VAL H 355 25.36 39.40 9.92
N GLU H 356 26.18 39.48 10.97
CA GLU H 356 25.92 40.45 12.02
C GLU H 356 25.90 41.88 11.46
N GLY H 357 26.79 42.18 10.51
CA GLY H 357 26.82 43.52 9.94
C GLY H 357 25.57 43.84 9.15
N LEU H 358 25.06 42.85 8.40
CA LEU H 358 23.80 43.05 7.67
C LEU H 358 22.66 43.32 8.64
N ILE H 359 22.62 42.59 9.77
CA ILE H 359 21.58 42.79 10.76
C ILE H 359 21.66 44.18 11.36
N LYS H 360 22.88 44.65 11.64
CA LYS H 360 23.03 45.95 12.29
C LYS H 360 22.67 47.08 11.33
N ASP H 361 23.03 46.95 10.05
CA ASP H 361 22.62 47.94 9.07
C ASP H 361 21.10 48.06 9.02
N ALA H 362 20.39 46.93 9.03
CA ALA H 362 18.94 46.96 8.99
C ALA H 362 18.37 47.59 10.25
N THR H 363 18.92 47.24 11.42
CA THR H 363 18.44 47.83 12.66
C THR H 363 18.66 49.34 12.66
N ASP H 364 19.86 49.77 12.30
CA ASP H 364 20.19 51.19 12.36
C ASP H 364 19.36 51.99 11.37
N LYS H 365 18.89 51.38 10.29
CA LYS H 365 18.11 52.07 9.27
C LYS H 365 16.60 52.01 9.54
N GLY H 366 16.18 51.40 10.63
CA GLY H 366 14.79 51.46 11.05
C GLY H 366 13.96 50.23 10.77
N ALA H 367 14.55 49.13 10.33
CA ALA H 367 13.79 47.91 10.12
C ALA H 367 13.23 47.41 11.45
N THR H 368 12.08 46.75 11.38
CA THR H 368 11.41 46.24 12.57
C THR H 368 11.89 44.81 12.84
N ALA H 369 12.53 44.60 13.99
CA ALA H 369 13.00 43.27 14.35
C ALA H 369 11.85 42.51 14.99
N LEU H 370 11.30 41.56 14.25
CA LEU H 370 10.20 40.75 14.76
C LEU H 370 10.69 39.59 15.64
N THR H 371 11.95 39.18 15.49
CA THR H 371 12.56 38.17 16.35
C THR H 371 13.94 38.67 16.76
N ALA H 372 14.40 38.19 17.92
CA ALA H 372 15.56 38.79 18.56
C ALA H 372 16.86 38.35 17.90
N PHE H 373 17.81 39.27 17.78
CA PHE H 373 19.14 38.96 17.30
C PHE H 373 20.07 38.69 18.49
N ASN H 374 20.64 37.48 18.52
CA ASN H 374 21.70 37.15 19.47
C ASN H 374 22.76 36.37 18.72
N ARG H 375 24.02 36.62 19.06
CA ARG H 375 25.15 35.88 18.51
C ARG H 375 25.96 35.31 19.66
N GLU H 376 26.11 34.00 19.69
CA GLU H 376 26.91 33.28 20.67
C GLU H 376 27.98 32.53 19.89
N GLY H 377 29.21 33.01 19.96
CA GLY H 377 30.24 32.47 19.08
C GLY H 377 29.85 32.79 17.66
N ASN H 378 29.64 31.75 16.85
CA ASN H 378 29.19 31.90 15.48
C ASN H 378 27.77 31.37 15.29
N LEU H 379 27.03 31.21 16.39
CA LEU H 379 25.64 30.76 16.36
C LEU H 379 24.78 32.01 16.43
N ILE H 380 24.17 32.37 15.31
CA ILE H 380 23.27 33.51 15.21
C ILE H 380 21.84 33.00 15.26
N SER H 381 21.03 33.65 16.07
CA SER H 381 19.63 33.31 16.19
C SER H 381 18.90 33.71 14.92
N PRO H 382 17.78 33.07 14.61
CA PRO H 382 17.05 33.41 13.37
C PRO H 382 16.37 34.77 13.51
N VAL H 383 16.78 35.72 12.69
CA VAL H 383 16.32 37.10 12.78
C VAL H 383 15.38 37.37 11.61
N LEU H 384 14.18 37.82 11.93
CA LEU H 384 13.19 38.23 10.95
C LEU H 384 12.98 39.73 11.04
N PHE H 385 13.12 40.42 9.90
CA PHE H 385 12.90 41.86 9.84
C PHE H 385 11.69 42.15 8.98
N ASP H 386 10.89 43.11 9.43
CA ASP H 386 9.81 43.70 8.64
C ASP H 386 10.16 45.14 8.31
N HIS H 387 9.46 45.69 7.34
CA HIS H 387 9.68 47.07 6.89
C HIS H 387 11.10 47.29 6.42
N VAL H 388 11.63 46.32 5.69
CA VAL H 388 12.95 46.46 5.07
C VAL H 388 12.79 47.26 3.79
N THR H 389 13.73 48.19 3.55
CA THR H 389 13.70 49.08 2.40
C THR H 389 14.94 48.85 1.56
N THR H 390 14.90 49.38 0.33
CA THR H 390 15.99 49.15 -0.64
C THR H 390 17.28 49.84 -0.25
N ASP H 391 17.26 50.80 0.67
CA ASP H 391 18.51 51.38 1.15
C ASP H 391 19.24 50.48 2.13
N MET H 392 18.65 49.36 2.54
CA MET H 392 19.27 48.46 3.49
C MET H 392 20.03 47.36 2.77
N ARG H 393 21.25 47.09 3.25
CA ARG H 393 22.08 46.07 2.62
C ARG H 393 21.36 44.73 2.58
N LEU H 394 20.59 44.43 3.63
CA LEU H 394 19.90 43.14 3.71
C LEU H 394 18.86 42.96 2.61
N ALA H 395 18.43 44.04 1.95
CA ALA H 395 17.52 43.87 0.83
C ALA H 395 18.18 43.18 -0.35
N TRP H 396 19.51 43.20 -0.41
CA TRP H 396 20.23 42.83 -1.61
C TRP H 396 21.32 41.79 -1.41
N GLU H 397 22.11 41.91 -0.35
CA GLU H 397 23.33 41.11 -0.23
C GLU H 397 22.99 39.72 0.30
N GLU H 398 23.66 38.70 -0.24
CA GLU H 398 23.41 37.33 0.18
C GLU H 398 24.04 37.11 1.55
N PRO H 399 23.27 36.85 2.62
CA PRO H 399 23.88 36.77 3.96
C PRO H 399 24.63 35.46 4.19
N PHE H 400 24.10 34.35 3.69
CA PHE H 400 24.56 33.02 4.08
C PHE H 400 24.49 32.89 5.61
N GLY H 401 23.34 33.28 6.15
CA GLY H 401 23.06 33.18 7.56
C GLY H 401 21.58 33.33 7.80
N PRO H 402 21.15 33.14 9.04
CA PRO H 402 19.69 33.01 9.34
C PRO H 402 19.01 34.36 9.58
N VAL H 403 18.90 35.16 8.52
CA VAL H 403 18.24 36.45 8.59
C VAL H 403 17.39 36.62 7.34
N LEU H 404 16.14 37.04 7.54
CA LEU H 404 15.17 37.12 6.45
C LEU H 404 14.49 38.48 6.47
N PRO H 405 14.60 39.28 5.41
CA PRO H 405 13.87 40.55 5.34
C PRO H 405 12.52 40.41 4.67
N ILE H 406 11.55 41.15 5.18
CA ILE H 406 10.24 41.31 4.56
C ILE H 406 10.20 42.70 3.95
N ILE H 407 9.93 42.77 2.65
CA ILE H 407 9.85 44.00 1.90
C ILE H 407 8.42 44.12 1.41
N ARG H 408 7.74 45.20 1.81
CA ARG H 408 6.37 45.42 1.43
C ARG H 408 6.32 46.19 0.11
N VAL H 409 5.44 45.74 -0.78
CA VAL H 409 5.25 46.37 -2.07
C VAL H 409 3.78 46.70 -2.23
N THR H 410 3.50 47.62 -3.15
CA THR H 410 2.13 48.07 -3.39
C THR H 410 1.51 47.42 -4.62
N THR H 411 2.32 46.93 -5.56
CA THR H 411 1.83 46.35 -6.78
C THR H 411 2.69 45.15 -7.17
N VAL H 412 2.10 44.23 -7.93
CA VAL H 412 2.87 43.13 -8.49
C VAL H 412 3.99 43.67 -9.37
N GLU H 413 3.73 44.76 -10.09
CA GLU H 413 4.75 45.34 -10.95
C GLU H 413 5.95 45.80 -10.15
N GLU H 414 5.73 46.37 -8.97
CA GLU H 414 6.82 46.75 -8.08
C GLU H 414 7.57 45.52 -7.59
N ALA H 415 6.85 44.44 -7.27
CA ALA H 415 7.50 43.21 -6.84
C ALA H 415 8.44 42.69 -7.91
N ILE H 416 7.99 42.67 -9.17
CA ILE H 416 8.83 42.21 -10.27
C ILE H 416 10.05 43.11 -10.41
N LYS H 417 9.85 44.43 -10.34
CA LYS H 417 10.96 45.36 -10.51
C LYS H 417 12.02 45.13 -9.44
N ILE H 418 11.58 45.06 -8.18
CA ILE H 418 12.52 44.87 -7.08
C ILE H 418 13.21 43.51 -7.22
N SER H 419 12.44 42.47 -7.53
CA SER H 419 13.05 41.15 -7.70
C SER H 419 14.17 41.21 -8.72
N ASN H 420 13.88 41.79 -9.89
CA ASN H 420 14.83 41.81 -11.00
C ASN H 420 15.98 42.81 -10.80
N GLU H 421 15.86 43.75 -9.89
CA GLU H 421 16.97 44.66 -9.65
C GLU H 421 18.15 43.97 -8.99
N SER H 422 17.94 42.77 -8.44
CA SER H 422 19.05 42.02 -7.84
C SER H 422 20.08 41.64 -8.88
N GLU H 423 21.35 41.59 -8.45
CA GLU H 423 22.41 41.03 -9.28
C GLU H 423 22.34 39.51 -9.34
N TYR H 424 21.56 38.89 -8.48
CA TYR H 424 21.39 37.45 -8.48
C TYR H 424 20.08 37.09 -9.19
N GLY H 425 20.05 35.90 -9.77
CA GLY H 425 18.86 35.40 -10.43
C GLY H 425 18.80 33.89 -10.43
N LEU H 426 18.84 33.28 -9.25
CA LEU H 426 18.85 31.82 -9.17
C LEU H 426 17.43 31.27 -9.26
N GLN H 427 16.62 31.47 -8.23
CA GLN H 427 15.24 31.02 -8.22
C GLN H 427 14.34 32.07 -7.62
N ALA H 428 13.03 31.83 -7.75
CA ALA H 428 12.02 32.62 -7.08
C ALA H 428 10.84 31.74 -6.75
N SER H 429 10.06 32.16 -5.75
CA SER H 429 8.80 31.53 -5.40
C SER H 429 7.69 32.55 -5.58
N ILE H 430 6.53 32.09 -6.04
CA ILE H 430 5.34 32.93 -6.15
C ILE H 430 4.22 32.23 -5.42
N PHE H 431 3.62 32.93 -4.45
CA PHE H 431 2.52 32.41 -3.64
C PHE H 431 1.25 33.15 -4.03
N THR H 432 0.31 32.40 -4.56
CA THR H 432 -0.94 32.95 -5.09
C THR H 432 -1.83 31.78 -5.49
N THR H 433 -3.14 32.04 -5.51
CA THR H 433 -4.09 31.07 -6.01
C THR H 433 -4.37 31.24 -7.50
N ASN H 434 -3.78 32.25 -8.15
CA ASN H 434 -4.03 32.53 -9.56
C ASN H 434 -2.81 32.03 -10.35
N PHE H 435 -2.90 30.78 -10.80
CA PHE H 435 -1.77 30.19 -11.47
CA PHE H 435 -1.79 30.14 -11.50
C PHE H 435 -1.49 30.80 -12.84
N PRO H 436 -2.49 31.11 -13.68
CA PRO H 436 -2.16 31.76 -14.95
C PRO H 436 -1.45 33.09 -14.75
N LYS H 437 -1.85 33.86 -13.72
CA LYS H 437 -1.14 35.09 -13.42
C LYS H 437 0.27 34.80 -12.92
N ALA H 438 0.40 33.79 -12.05
CA ALA H 438 1.73 33.41 -11.57
C ALA H 438 2.65 33.07 -12.73
N PHE H 439 2.15 32.33 -13.72
CA PHE H 439 2.97 31.99 -14.88
C PHE H 439 3.41 33.25 -15.61
N GLY H 440 2.51 34.23 -15.75
CA GLY H 440 2.87 35.47 -16.40
C GLY H 440 3.93 36.24 -15.64
N ILE H 441 3.85 36.20 -14.32
CA ILE H 441 4.89 36.79 -13.49
C ILE H 441 6.21 36.04 -13.65
N ALA H 442 6.14 34.70 -13.64
CA ALA H 442 7.35 33.90 -13.77
C ALA H 442 8.10 34.21 -15.06
N GLU H 443 7.37 34.45 -16.15
CA GLU H 443 8.02 34.78 -17.42
C GLU H 443 8.86 36.03 -17.30
N GLN H 444 8.45 36.97 -16.44
CA GLN H 444 9.12 38.25 -16.30
C GLN H 444 10.26 38.23 -15.31
N LEU H 445 10.34 37.21 -14.46
CA LEU H 445 11.38 37.16 -13.45
C LEU H 445 12.68 36.66 -14.06
N GLU H 446 13.79 37.37 -13.77
CA GLU H 446 15.11 37.03 -14.31
C GLU H 446 15.80 36.01 -13.40
N VAL H 447 15.32 34.77 -13.49
CA VAL H 447 15.76 33.66 -12.66
C VAL H 447 15.79 32.41 -13.52
N GLY H 448 16.43 31.39 -13.00
CA GLY H 448 16.43 30.08 -13.63
C GLY H 448 15.16 29.28 -13.43
N THR H 449 14.66 29.22 -12.20
CA THR H 449 13.51 28.41 -11.84
C THR H 449 12.57 29.22 -10.96
N VAL H 450 11.27 29.10 -11.23
CA VAL H 450 10.22 29.66 -10.38
C VAL H 450 9.39 28.51 -9.83
N HIS H 451 9.23 28.49 -8.51
CA HIS H 451 8.40 27.50 -7.83
C HIS H 451 7.09 28.18 -7.42
N LEU H 452 5.97 27.55 -7.81
CA LEU H 452 4.66 28.09 -7.50
C LEU H 452 4.15 27.47 -6.21
N ASN H 453 3.86 28.31 -5.22
CA ASN H 453 3.28 27.85 -3.95
C ASN H 453 4.19 26.84 -3.26
N ASN H 454 5.49 27.08 -3.32
CA ASN H 454 6.45 26.26 -2.59
C ASN H 454 7.77 27.03 -2.49
N LYS H 455 8.61 26.60 -1.56
CA LYS H 455 9.93 27.17 -1.41
C LYS H 455 10.78 26.89 -2.64
N THR H 456 11.80 27.71 -2.84
CA THR H 456 12.79 27.40 -3.86
C THR H 456 13.62 26.21 -3.42
N GLN H 457 14.14 25.47 -4.40
CA GLN H 457 14.92 24.27 -4.12
C GLN H 457 15.59 23.81 -5.40
N ARG H 458 16.68 23.09 -5.24
CA ARG H 458 17.37 22.53 -6.39
C ARG H 458 16.66 21.32 -6.96
N GLY H 459 15.99 20.55 -6.11
CA GLY H 459 15.42 19.28 -6.56
C GLY H 459 14.14 19.44 -7.35
N THR H 460 13.66 18.32 -7.87
CA THR H 460 14.33 17.01 -7.86
C THR H 460 15.51 17.12 -8.83
N ASP H 461 16.50 16.24 -8.66
CA ASP H 461 17.80 16.44 -9.30
C ASP H 461 17.79 16.13 -10.79
N ASN H 462 16.67 15.64 -11.32
CA ASN H 462 16.52 15.53 -12.76
C ASN H 462 16.12 16.87 -13.40
N PHE H 463 15.58 17.79 -12.60
CA PHE H 463 15.13 19.06 -13.12
C PHE H 463 16.33 19.98 -13.40
N PRO H 464 16.20 20.92 -14.32
CA PRO H 464 17.31 21.86 -14.54
C PRO H 464 17.56 22.70 -13.29
N PHE H 465 18.82 23.01 -13.06
CA PHE H 465 19.25 23.93 -12.01
C PHE H 465 20.22 24.92 -12.63
N LEU H 466 19.83 26.20 -12.64
CA LEU H 466 20.66 27.22 -13.28
C LEU H 466 20.28 28.57 -12.71
N GLY H 467 21.18 29.53 -12.90
N GLY H 467 21.18 29.51 -12.90
CA GLY H 467 20.95 30.88 -12.44
CA GLY H 467 20.92 30.89 -12.52
C GLY H 467 21.35 31.93 -13.43
C GLY H 467 21.01 31.85 -13.69
N ALA H 468 20.50 32.93 -13.61
N ALA H 468 20.48 33.04 -13.48
CA ALA H 468 20.79 34.06 -14.47
CA ALA H 468 20.65 34.17 -14.38
C ALA H 468 21.74 35.02 -13.78
C ALA H 468 21.57 35.18 -13.71
N LYS H 469 22.17 36.04 -14.52
CA LYS H 469 23.01 37.13 -14.00
C LYS H 469 24.19 36.53 -13.23
N LYS H 470 24.47 36.99 -12.01
CA LYS H 470 25.66 36.57 -11.28
C LYS H 470 25.51 35.25 -10.55
N SER H 471 24.38 34.57 -10.68
CA SER H 471 24.15 33.33 -9.94
C SER H 471 24.85 32.11 -10.55
N GLY H 472 25.35 32.20 -11.78
CA GLY H 472 26.18 31.13 -12.27
C GLY H 472 26.25 31.10 -13.78
N ALA H 473 26.80 30.01 -14.28
CA ALA H 473 26.98 29.76 -15.69
C ALA H 473 26.74 28.28 -15.93
N GLY H 474 25.97 27.96 -16.95
CA GLY H 474 25.69 26.58 -17.28
C GLY H 474 24.45 26.06 -16.57
N VAL H 475 23.97 24.90 -17.06
CA VAL H 475 22.75 24.29 -16.57
C VAL H 475 23.11 22.93 -15.97
N GLN H 476 22.76 22.73 -14.70
CA GLN H 476 22.92 21.45 -14.04
C GLN H 476 21.54 20.83 -13.84
N GLY H 477 21.44 19.94 -12.89
CA GLY H 477 20.50 18.82 -13.05
C GLY H 477 21.12 17.76 -13.93
N VAL H 478 20.74 16.51 -13.68
CA VAL H 478 21.60 15.39 -14.13
C VAL H 478 21.82 15.41 -15.64
N LYS H 479 20.76 15.32 -16.43
CA LYS H 479 20.97 15.23 -17.88
C LYS H 479 21.64 16.48 -18.43
N TYR H 480 21.35 17.64 -17.87
CA TYR H 480 21.96 18.88 -18.31
C TYR H 480 23.45 18.91 -17.98
N SER H 481 23.83 18.37 -16.83
CA SER H 481 25.24 18.30 -16.46
CA SER H 481 25.24 18.32 -16.48
C SER H 481 26.01 17.37 -17.38
N ILE H 482 25.40 16.24 -17.77
CA ILE H 482 26.06 15.34 -18.71
C ILE H 482 26.25 16.04 -20.06
N GLU H 483 25.21 16.71 -20.54
CA GLU H 483 25.32 17.44 -21.80
CA GLU H 483 25.32 17.44 -21.80
C GLU H 483 26.46 18.45 -21.75
N ALA H 484 26.59 19.15 -20.62
CA ALA H 484 27.61 20.21 -20.54
C ALA H 484 29.01 19.64 -20.58
N MET H 485 29.22 18.46 -20.01
CA MET H 485 30.54 17.86 -19.91
C MET H 485 30.81 16.86 -21.02
N THR H 486 30.08 16.98 -22.12
CA THR H 486 30.35 16.24 -23.33
C THR H 486 30.44 17.23 -24.50
N THR H 487 31.09 16.80 -25.56
CA THR H 487 31.08 17.46 -26.86
C THR H 487 30.52 16.46 -27.86
N VAL H 488 30.57 16.82 -29.15
CA VAL H 488 30.14 15.92 -30.22
C VAL H 488 31.28 15.73 -31.21
N LYS H 489 31.22 14.61 -31.91
CA LYS H 489 32.13 14.25 -33.00
C LYS H 489 31.20 13.90 -34.17
N SER H 490 31.35 14.62 -35.27
CA SER H 490 30.55 14.42 -36.45
C SER H 490 31.37 13.72 -37.52
N VAL H 491 30.82 12.65 -38.10
CA VAL H 491 31.41 11.96 -39.25
C VAL H 491 30.45 12.11 -40.42
N VAL H 492 30.93 12.70 -41.50
CA VAL H 492 30.12 13.09 -42.64
C VAL H 492 30.58 12.29 -43.86
N PHE H 493 29.63 11.73 -44.60
CA PHE H 493 29.97 11.02 -45.82
C PHE H 493 28.80 11.08 -46.79
N ASP H 494 29.11 10.73 -48.05
CA ASP H 494 28.13 10.71 -49.13
C ASP H 494 27.71 9.28 -49.44
N ILE H 495 26.40 9.04 -49.43
CA ILE H 495 25.86 7.77 -49.86
C ILE H 495 25.98 7.66 -51.37
N GLN H 496 26.33 6.47 -51.84
CA GLN H 496 26.46 6.24 -53.28
C GLN H 496 25.39 5.26 -53.76
PA NAP I . 21.64 -9.12 33.30
O1A NAP I . 23.10 -9.12 33.55
O2A NAP I . 20.77 -8.20 34.06
O5B NAP I . 21.42 -8.84 31.75
C5B NAP I . 20.11 -9.01 31.17
C4B NAP I . 20.02 -8.22 29.88
O4B NAP I . 19.92 -6.80 30.16
C3B NAP I . 21.23 -8.38 28.96
O3B NAP I . 20.79 -8.35 27.59
C2B NAP I . 22.07 -7.15 29.29
O2B NAP I . 22.89 -6.77 28.17
C1B NAP I . 20.96 -6.11 29.49
N9A NAP I . 21.35 -4.96 30.29
C8A NAP I . 22.44 -4.83 31.10
N7A NAP I . 22.53 -3.67 31.69
C5A NAP I . 21.43 -2.97 31.23
C6A NAP I . 20.95 -1.67 31.47
N6A NAP I . 21.56 -0.81 32.26
N1A NAP I . 19.81 -1.28 30.86
C2A NAP I . 19.20 -2.16 30.04
N3A NAP I . 19.55 -3.40 29.74
C4A NAP I . 20.68 -3.76 30.37
O3 NAP I . 21.09 -10.62 33.44
PN NAP I . 21.61 -12.02 32.87
O1N NAP I . 22.83 -12.40 33.61
O2N NAP I . 21.64 -11.94 31.39
O5D NAP I . 20.42 -13.02 33.32
C5D NAP I . 20.48 -13.69 34.60
C4D NAP I . 19.44 -13.11 35.50
O4D NAP I . 18.18 -13.01 34.79
C3D NAP I . 19.15 -13.94 36.75
O3D NAP I . 18.85 -13.10 37.87
C2D NAP I . 17.92 -14.76 36.35
O2D NAP I . 17.14 -15.20 37.45
C1D NAP I . 17.19 -13.75 35.46
N1N NAP I . 16.31 -14.41 34.45
C2N NAP I . 14.99 -14.44 34.65
C3N NAP I . 14.16 -15.16 33.82
C7N NAP I . 12.68 -15.21 34.08
O7N NAP I . 11.93 -15.68 33.23
N7N NAP I . 12.28 -14.74 35.21
C4N NAP I . 14.72 -15.85 32.75
C5N NAP I . 16.09 -15.80 32.56
C6N NAP I . 16.88 -15.07 33.41
P2B NAP I . 24.47 -7.14 28.36
O1X NAP I . 24.58 -8.64 28.17
O2X NAP I . 25.22 -6.35 27.30
O3X NAP I . 24.81 -6.69 29.77
H51A NAP I . 19.46 -8.69 31.85
H52A NAP I . 19.97 -9.96 31.04
H4B NAP I . 19.19 -8.45 29.42
H3B NAP I . 21.74 -9.21 29.07
HO3A NAP I . 20.34 -9.07 27.54
H2B NAP I . 22.61 -7.29 30.10
H1B NAP I . 20.62 -5.77 28.63
H8A NAP I . 23.07 -5.56 31.22
H61A NAP I . 21.16 -0.03 32.33
H62A NAP I . 22.29 -1.11 32.63
H2A NAP I . 18.37 -1.83 29.61
H51N NAP I . 21.36 -13.59 35.01
H52N NAP I . 20.33 -14.65 34.50
H4D NAP I . 19.64 -12.18 35.75
H3D NAP I . 19.91 -14.50 37.02
HO3N NAP I . 19.41 -13.29 38.47
H2D NAP I . 18.16 -15.57 35.84
HO2N NAP I . 17.08 -16.03 37.37
H1D NAP I . 16.61 -13.14 35.96
H2N NAP I . 14.65 -13.93 35.42
H71N NAP I . 11.41 -14.76 35.37
H72N NAP I . 12.89 -14.41 35.76
H4N NAP I . 14.20 -16.37 32.13
H5N NAP I . 16.52 -16.28 31.81
H6N NAP I . 17.85 -15.02 33.29
PA NAP J . -3.80 17.21 42.62
O1A NAP J . -3.39 18.53 43.14
O2A NAP J . -2.81 16.41 41.85
O5B NAP J . -4.32 16.35 43.87
C5B NAP J . -4.79 15.00 43.70
C4B NAP J . -4.65 14.25 45.01
O4B NAP J . -3.26 13.92 45.26
C3B NAP J . -5.12 15.02 46.24
O3B NAP J . -5.70 14.12 47.17
C2B NAP J . -3.81 15.60 46.80
O2B NAP J . -3.94 15.82 48.22
C1B NAP J . -2.88 14.42 46.53
N9A NAP J . -1.46 14.75 46.50
C8A NAP J . -0.89 15.99 46.36
N7A NAP J . 0.42 15.97 46.34
C5A NAP J . 0.73 14.63 46.48
C6A NAP J . 1.95 13.94 46.53
N6A NAP J . 3.13 14.53 46.43
N1A NAP J . 1.92 12.60 46.67
C2A NAP J . 0.73 11.99 46.75
N3A NAP J . -0.49 12.53 46.72
C4A NAP J . -0.42 13.87 46.58
O3 NAP J . -5.14 17.40 41.76
PN NAP J . -6.58 18.01 42.12
O1N NAP J . -6.50 19.48 42.01
O2N NAP J . -7.04 17.38 43.40
O5D NAP J . -7.52 17.46 40.94
C5D NAP J . -7.57 18.15 39.66
C4D NAP J . -6.75 17.37 38.67
O4D NAP J . -7.13 15.97 38.71
C3D NAP J . -6.93 17.82 37.21
O3D NAP J . -5.68 17.80 36.52
C2D NAP J . -7.89 16.78 36.63
O2D NAP J . -7.75 16.58 35.24
C1D NAP J . -7.46 15.54 37.43
N1N NAP J . -8.55 14.53 37.52
C2N NAP J . -8.52 13.46 36.71
C3N NAP J . -9.55 12.56 36.69
C7N NAP J . -9.51 11.35 35.79
O7N NAP J . -10.30 10.44 35.95
N7N NAP J . -8.58 11.35 34.87
C4N NAP J . -10.64 12.78 37.52
C5N NAP J . -10.67 13.89 38.35
C6N NAP J . -9.60 14.75 38.34
P2B NAP J . -3.98 17.38 48.68
O1X NAP J . -2.90 18.10 47.89
O2X NAP J . -5.38 17.87 48.36
O3X NAP J . -3.70 17.35 50.17
H51A NAP J . -4.25 14.59 42.98
H52A NAP J . -5.72 15.05 43.40
H4B NAP J . -5.10 13.39 44.93
H3B NAP J . -5.77 15.74 46.07
HO3A NAP J . -6.40 13.87 46.74
H2B NAP J . -3.54 16.41 46.34
H1B NAP J . -3.00 13.72 47.20
H8A NAP J . -1.44 16.80 46.28
H61A NAP J . 3.81 13.99 46.47
H62A NAP J . 3.09 15.41 46.34
H2A NAP J . 0.75 11.01 46.85
H51N NAP J . -7.22 19.06 39.74
H52N NAP J . -8.49 18.23 39.35
H4D NAP J . -5.80 17.37 38.90
H3D NAP J . -7.29 18.73 37.14
HO3N NAP J . -5.59 18.56 36.15
H2D NAP J . -8.82 17.01 36.79
HO2N NAP J . -8.31 17.11 34.88
H1D NAP J . -6.70 15.06 37.03
H2N NAP J . -7.72 13.35 36.15
H71N NAP J . -8.55 10.64 34.34
H72N NAP J . -8.05 12.05 34.85
H4N NAP J . -11.43 12.17 37.55
H5N NAP J . -11.43 14.07 38.95
H6N NAP J . -9.59 15.55 38.92
C1 GOL K . -54.98 -13.13 44.77
O1 GOL K . -55.76 -12.04 44.32
C2 GOL K . -54.57 -13.94 43.52
O2 GOL K . -53.52 -14.80 43.78
C3 GOL K . -55.84 -14.70 43.11
O3 GOL K . -56.04 -15.71 44.07
H11 GOL K . -55.45 -13.69 45.39
H12 GOL K . -54.18 -12.84 45.23
HO1 GOL K . -55.97 -11.60 45.01
H2 GOL K . -54.29 -13.35 42.81
HO2 GOL K . -53.46 -14.89 44.63
H31 GOL K . -55.73 -15.05 42.21
H32 GOL K . -56.58 -14.09 43.06
HO3 GOL K . -55.34 -16.21 44.02
PA NAP L . -18.94 10.12 -41.74
O1A NAP L . -20.34 10.03 -42.21
O2A NAP L . -18.38 9.02 -40.90
O5B NAP L . -18.04 10.28 -43.06
C5B NAP L . -16.66 10.66 -42.93
C4B NAP L . -15.95 10.33 -44.23
O4B NAP L . -15.89 8.90 -44.41
C3B NAP L . -16.63 10.89 -45.49
O3B NAP L . -15.63 11.23 -46.45
C2B NAP L . -17.44 9.68 -45.97
O2B NAP L . -17.71 9.74 -47.39
C1B NAP L . -16.45 8.57 -45.67
N9A NAP L . -17.03 7.24 -45.61
C8A NAP L . -18.35 6.92 -45.40
N7A NAP L . -18.59 5.63 -45.43
C5A NAP L . -17.34 5.06 -45.67
C6A NAP L . -16.92 3.73 -45.80
N6A NAP L . -17.73 2.70 -45.75
N1A NAP L . -15.61 3.50 -46.02
C2A NAP L . -14.78 4.55 -46.12
N3A NAP L . -15.07 5.84 -46.00
C4A NAP L . -16.37 6.04 -45.77
O3 NAP L . -18.71 11.51 -40.97
PN NAP L . -19.21 13.01 -41.26
O1N NAP L . -20.66 13.07 -41.03
O2N NAP L . -18.66 13.43 -42.58
O5D NAP L . -18.47 13.83 -40.11
C5D NAP L . -19.07 14.03 -38.80
C4D NAP L . -18.49 13.02 -37.84
O4D NAP L . -17.05 13.10 -37.89
C3D NAP L . -18.89 13.27 -36.38
O3D NAP L . -19.05 12.02 -35.71
C2D NAP L . -17.70 14.03 -35.83
O2D NAP L . -17.53 13.90 -34.42
C1D NAP L . -16.55 13.39 -36.61
N1N NAP L . -15.38 14.32 -36.75
C2N NAP L . -14.32 14.11 -35.97
C3N NAP L . -13.27 15.02 -35.98
C7N NAP L . -12.09 14.84 -35.07
O7N NAP L . -11.07 15.50 -35.27
N7N NAP L . -12.16 13.97 -34.13
C4N NAP L . -13.35 16.12 -36.83
C5N NAP L . -14.46 16.29 -37.63
C6N NAP L . -15.47 15.37 -37.59
P2B NAP L . -19.25 10.13 -47.79
O1X NAP L . -19.41 11.60 -47.47
O2X NAP L . -19.37 9.81 -49.26
O3X NAP L . -20.14 9.24 -46.93
H51A NAP L . -16.63 11.61 -42.72
H52A NAP L . -16.28 10.16 -42.17
H4B NAP L . -15.03 10.63 -44.18
H3B NAP L . -17.19 11.67 -45.36
HO3A NAP L . -15.25 11.89 -46.07
H2B NAP L . -18.29 9.62 -45.48
H1B NAP L . -15.73 8.54 -46.34
H8A NAP L . -19.01 7.61 -45.26
H61A NAP L . -17.34 1.91 -45.85
H62A NAP L . -18.59 2.91 -45.62
H2A NAP L . -13.84 4.34 -46.28
H51N NAP L . -18.91 14.93 -38.47
H52N NAP L . -20.04 13.93 -38.85
H4D NAP L . -18.71 12.10 -38.10
H3D NAP L . -19.73 13.76 -36.29
HO3N NAP L . -19.85 12.00 -35.42
H2D NAP L . -17.75 15.00 -36.01
HO2N NAP L . -17.75 14.65 -34.10
H1D NAP L . -16.21 12.57 -36.20
H2N NAP L . -14.31 13.32 -35.39
H71N NAP L . -12.92 13.53 -34.05
H72N NAP L . -11.45 13.88 -33.61
H4N NAP L . -12.63 16.79 -36.89
H5N NAP L . -14.54 17.06 -38.24
H6N NAP L . -16.27 15.46 -38.15
O1 G3H M . 14.86 -12.43 -28.93
O1 G3H M . 13.66 -14.52 -33.82
C1 G3H M . 15.26 -12.74 -30.03
C1 G3H M . 14.75 -14.14 -33.63
C2 G3H M . 14.48 -12.53 -31.29
C2 G3H M . 15.09 -12.72 -33.22
O2 G3H M . 13.54 -13.54 -31.54
O2 G3H M . 15.90 -12.11 -34.18
C3 G3H M . 15.42 -12.30 -32.47
C3 G3H M . 15.59 -12.73 -31.78
O1P G3H M . 16.35 -13.34 -32.56
O1P G3H M . 16.76 -12.01 -31.62
O2P G3H M . 18.30 -12.10 -33.63
O2P G3H M . 18.06 -12.03 -33.79
O3P G3H M . 18.64 -14.23 -32.19
O3P G3H M . 17.96 -14.13 -32.28
O4P G3H M . 17.97 -11.99 -31.09
O4P G3H M . 19.31 -12.09 -31.54
P G3H M . 17.98 -12.86 -32.35
P G3H M . 18.16 -12.61 -32.38
H11 G3H M . 16.09 -13.13 -30.15
H11 G3H M . 15.49 -14.71 -33.71
H2 G3H M . 13.99 -11.71 -31.14
H2 G3H M . 14.28 -12.19 -33.20
HO2 G3H M . 13.24 -13.45 -32.34
HO2 G3H M . 15.56 -11.35 -34.36
H31 G3H M . 15.86 -11.44 -32.35
H31 G3H M . 15.71 -13.66 -31.52
H32 G3H M . 14.90 -12.22 -33.28
H32 G3H M . 14.88 -12.39 -31.22
C1 GOL N . 4.74 -20.63 -7.69
O1 GOL N . 4.24 -20.78 -6.40
C2 GOL N . 3.61 -21.02 -8.65
O2 GOL N . 3.91 -20.66 -9.97
C3 GOL N . 3.43 -22.53 -8.51
O3 GOL N . 2.78 -22.97 -9.67
H11 GOL N . 5.51 -21.19 -7.86
H12 GOL N . 5.02 -19.72 -7.88
HO1 GOL N . 4.86 -20.57 -5.86
H2 GOL N . 2.79 -20.54 -8.42
HO2 GOL N . 3.89 -19.81 -10.03
H31 GOL N . 2.94 -22.71 -7.69
H32 GOL N . 4.30 -22.94 -8.37
HO3 GOL N . 2.73 -23.81 -9.62
C1 GOL O . 7.16 -13.82 -55.34
O1 GOL O . 7.08 -14.36 -56.63
C2 GOL O . 6.04 -14.46 -54.49
O2 GOL O . 5.88 -15.80 -54.77
C3 GOL O . 6.47 -14.20 -53.03
O3 GOL O . 5.55 -14.88 -52.21
H11 GOL O . 7.06 -12.84 -55.33
H12 GOL O . 8.02 -13.98 -54.91
HO1 GOL O . 7.58 -13.89 -57.12
H2 GOL O . 5.18 -14.05 -54.68
HO2 GOL O . 6.16 -15.94 -55.56
H31 GOL O . 6.49 -13.25 -52.88
H32 GOL O . 7.38 -14.50 -52.92
HO3 GOL O . 5.77 -14.71 -51.41
PA NAP P . 2.58 -18.68 -34.33
O1A NAP P . 2.15 -20.07 -34.62
O2A NAP P . 2.07 -17.58 -35.19
O5B NAP P . 2.26 -18.40 -32.80
C5B NAP P . 2.74 -17.18 -32.19
C4B NAP P . 1.94 -16.91 -30.94
O4B NAP P . 0.58 -16.60 -31.29
C3B NAP P . 1.85 -18.09 -29.96
O3B NAP P . 1.76 -17.59 -28.63
C2B NAP P . 0.53 -18.75 -30.38
O2B NAP P . -0.05 -19.54 -29.32
C1B NAP P . -0.30 -17.49 -30.61
N9A NAP P . -1.47 -17.68 -31.44
C8A NAP P . -1.73 -18.73 -32.29
N7A NAP P . -2.88 -18.63 -32.91
C5A NAP P . -3.41 -17.44 -32.45
C6A NAP P . -4.60 -16.75 -32.75
N6A NAP P . -5.52 -17.20 -33.57
N1A NAP P . -4.81 -15.56 -32.14
C2A NAP P . -3.89 -15.11 -31.28
N3A NAP P . -2.74 -15.67 -30.92
C4A NAP P . -2.55 -16.85 -31.55
O3 NAP P . 4.19 -18.61 -34.39
PN NAP P . 5.36 -19.49 -33.72
O1N NAP P . 5.47 -20.77 -34.46
O2N NAP P . 5.19 -19.52 -32.23
O5D NAP P . 6.64 -18.60 -34.01
C5D NAP P . 7.42 -18.72 -35.24
C4D NAP P . 6.96 -17.66 -36.22
O4D NAP P . 7.03 -16.37 -35.56
C3D NAP P . 7.83 -17.55 -37.46
O3D NAP P . 7.03 -17.14 -38.57
C2D NAP P . 8.82 -16.45 -37.08
O2D NAP P . 9.37 -15.73 -38.17
C1D NAP P . 7.91 -15.54 -36.24
N1N NAP P . 8.70 -14.74 -35.24
C2N NAP P . 8.91 -13.43 -35.48
C3N NAP P . 9.74 -12.69 -34.66
C7N NAP P . 9.99 -11.24 -34.92
O7N NAP P . 10.56 -10.55 -34.08
N7N NAP P . 9.60 -10.79 -36.07
C4N NAP P . 10.36 -13.32 -33.58
C5N NAP P . 10.13 -14.67 -33.36
C6N NAP P . 9.29 -15.37 -34.20
P2B NAP P . 0.04 -21.16 -29.52
O1X NAP P . -0.85 -21.61 -28.38
O2X NAP P . 1.49 -21.58 -29.36
O3X NAP P . -0.53 -21.47 -30.89
H51A NAP P . 3.69 -17.31 -32.01
H52A NAP P . 2.65 -16.47 -32.85
H4B NAP P . 2.28 -16.11 -30.50
H3B NAP P . 2.60 -18.71 -29.99
HO3A NAP P . 2.57 -17.61 -28.39
H2B NAP P . 0.68 -19.31 -31.17
H1B NAP P . -0.59 -17.09 -29.77
H8A NAP P . -1.10 -19.47 -32.38
H61A NAP P . -5.35 -17.98 -33.93
H62A NAP P . -6.22 -16.67 -33.66
H2A NAP P . -4.09 -14.25 -30.85
H51N NAP P . 8.37 -18.62 -35.07
H52N NAP P . 7.30 -19.61 -35.64
H4D NAP P . 6.02 -17.78 -36.47
H3D NAP P . 8.28 -18.38 -37.70
HO3N NAP P . 7.15 -17.72 -39.18
H2D NAP P . 9.58 -16.82 -36.57
HO2N NAP P . 10.06 -16.16 -38.39
H1D NAP P . 7.43 -14.88 -36.77
H2N NAP P . 8.43 -13.05 -36.25
H71N NAP P . 9.74 -9.93 -36.24
H72N NAP P . 9.22 -11.37 -36.62
H4N NAP P . 10.95 -12.85 -32.97
H5N NAP P . 10.54 -15.14 -32.61
H6N NAP P . 9.10 -16.32 -34.06
#